data_4WA2
#
_entry.id   4WA2
#
_cell.length_a   79.541
_cell.length_b   102.327
_cell.length_c   109.666
_cell.angle_alpha   90.02
_cell.angle_beta   90.02
_cell.angle_gamma   89.51
#
_symmetry.space_group_name_H-M   'P 1'
#
loop_
_entity.id
_entity.type
_entity.pdbx_description
1 polymer Hemagglutinin
2 branched 'N-acetyl-alpha-neuraminic acid-(2-3)-beta-D-galactopyranose-(1-3)-2-acetamido-2-deoxy-beta-D-glucopyranose'
3 branched 2-acetamido-2-deoxy-beta-D-glucopyranose-(1-4)-2-acetamido-2-deoxy-beta-D-glucopyranose
4 branched beta-D-mannopyranose-(1-4)-2-acetamido-2-deoxy-beta-D-glucopyranose-(1-4)-2-acetamido-2-deoxy-beta-D-glucopyranose
5 non-polymer 2-acetamido-2-deoxy-beta-D-glucopyranose
6 water water
#
_entity_poly.entity_id   1
_entity_poly.type   'polypeptide(L)'
_entity_poly.pdbx_seq_one_letter_code
;NNTATLCLGHHAVPNGTIVKTITDDQIEVTNATELVQSSSTGKICNNPHRILDGRDCKLMDALLGDPHCDVFQDETWDLY
VERSSASSNCYPYDVPDYASLRSLVASSGTLEFITEGFTWTGVTQNGESGACKRGPANGFFSRLNWLTKSGSVYPLLNVT
MPNNDNFDKLYVWGVHHPSTNQEQTNLYVQASGRVTVSTRRSQQTIIPNIGSRPLVRGQSGRISIYWTIVKPGDILMINS
NGNLVAPRGYFKMRTGKSSIMRSNAPIDTCISECITPNGSIPNDKPFQNVNKITYGACPKYVKQSTLKLATGMRNVPEKQ
TRGLFGAIAGFIENGWEGMIDGWYGFRHKNSEGTGQAADLKSTQAAIDQINGKLNRVIEKTNEKFHQIEKEFLEVEGRIQ
DLEKYVEDTKIDLWSYNAELLVALENQHTIDLTDSEMNKLFEKTRRQLRENAEDMGNGCFKIYHKCDNACIESIRNGTYD
HDIYRDEALNNRFQIK
;
_entity_poly.pdbx_strand_id   A,B,C,D,E,F
#
loop_
_chem_comp.id
_chem_comp.type
_chem_comp.name
_chem_comp.formula
BMA D-saccharide, beta linking beta-D-mannopyranose 'C6 H12 O6'
GAL D-saccharide, beta linking beta-D-galactopyranose 'C6 H12 O6'
NAG D-saccharide, beta linking 2-acetamido-2-deoxy-beta-D-glucopyranose 'C8 H15 N O6'
SIA D-saccharide, alpha linking 'N-acetyl-alpha-neuraminic acid' 'C11 H19 N O9'
#
# COMPACT_ATOMS: atom_id res chain seq x y z
N ASN A 1 72.13 -24.10 3.98
CA ASN A 1 73.28 -25.09 3.76
C ASN A 1 72.86 -26.57 4.05
N ASN A 2 71.97 -26.74 5.05
CA ASN A 2 71.45 -28.05 5.48
C ASN A 2 69.90 -28.19 5.26
N THR A 3 69.25 -27.08 4.91
CA THR A 3 67.88 -27.07 4.48
C THR A 3 67.74 -26.11 3.28
N ALA A 4 66.55 -26.06 2.69
CA ALA A 4 66.19 -25.16 1.59
C ALA A 4 64.77 -24.67 1.80
N THR A 5 64.42 -23.62 1.08
CA THR A 5 63.07 -23.09 0.97
C THR A 5 62.67 -23.19 -0.51
N LEU A 6 61.42 -23.52 -0.75
CA LEU A 6 60.85 -23.52 -2.09
C LEU A 6 59.52 -22.83 -1.97
N CYS A 7 59.37 -21.72 -2.66
CA CYS A 7 58.13 -20.99 -2.60
C CYS A 7 57.47 -21.03 -3.91
N LEU A 8 56.16 -21.10 -3.86
CA LEU A 8 55.34 -21.00 -5.00
C LEU A 8 54.75 -19.63 -5.10
N GLY A 9 54.51 -19.19 -6.33
CA GLY A 9 53.66 -18.04 -6.54
C GLY A 9 53.39 -17.78 -8.00
N HIS A 10 52.91 -16.58 -8.30
CA HIS A 10 52.31 -16.27 -9.58
C HIS A 10 52.68 -14.85 -9.96
N HIS A 11 52.48 -14.51 -11.22
CA HIS A 11 52.98 -13.23 -11.69
C HIS A 11 52.04 -12.12 -11.29
N ALA A 12 52.49 -10.90 -11.53
CA ALA A 12 51.71 -9.69 -11.27
C ALA A 12 52.29 -8.58 -12.16
N VAL A 13 51.49 -7.59 -12.51
CA VAL A 13 51.97 -6.52 -13.35
C VAL A 13 51.80 -5.19 -12.58
N PRO A 14 52.61 -4.16 -12.89
CA PRO A 14 52.49 -2.92 -12.10
C PRO A 14 51.11 -2.27 -12.24
N ASN A 15 50.63 -2.12 -13.47
CA ASN A 15 49.27 -1.62 -13.68
C ASN A 15 48.37 -2.65 -14.42
N GLY A 16 47.46 -3.24 -13.64
CA GLY A 16 46.45 -4.10 -14.22
C GLY A 16 45.21 -3.32 -14.58
N THR A 17 44.13 -4.06 -14.82
CA THR A 17 42.85 -3.50 -15.23
C THR A 17 41.72 -3.87 -14.26
N ILE A 18 40.80 -2.93 -14.05
CA ILE A 18 39.62 -3.14 -13.22
C ILE A 18 38.52 -3.85 -14.03
N VAL A 19 38.00 -4.98 -13.57
CA VAL A 19 36.87 -5.61 -14.24
C VAL A 19 35.74 -5.77 -13.23
N LYS A 20 34.64 -6.28 -13.71
CA LYS A 20 33.43 -6.52 -12.96
C LYS A 20 33.25 -8.06 -12.88
N THR A 21 32.82 -8.56 -11.72
CA THR A 21 32.57 -9.96 -11.54
C THR A 21 31.20 -10.15 -10.92
N ILE A 22 30.81 -11.41 -10.76
CA ILE A 22 29.58 -11.75 -10.06
C ILE A 22 29.51 -11.10 -8.65
N THR A 23 30.64 -11.06 -7.94
CA THR A 23 30.71 -10.64 -6.55
C THR A 23 31.30 -9.24 -6.28
N ASP A 24 32.11 -8.72 -7.19
CA ASP A 24 32.69 -7.39 -7.09
C ASP A 24 32.39 -6.54 -8.30
N ASP A 25 31.98 -5.31 -8.06
CA ASP A 25 31.82 -4.33 -9.11
C ASP A 25 33.21 -3.90 -9.63
N GLN A 26 34.25 -4.07 -8.84
CA GLN A 26 35.56 -3.56 -9.23
C GLN A 26 36.67 -4.40 -8.66
N ILE A 27 37.38 -5.09 -9.52
CA ILE A 27 38.42 -5.98 -9.05
C ILE A 27 39.46 -6.09 -10.15
N GLU A 28 40.72 -6.06 -9.74
CA GLU A 28 41.82 -5.84 -10.63
C GLU A 28 42.42 -7.15 -11.14
N VAL A 29 42.52 -7.30 -12.46
CA VAL A 29 43.21 -8.46 -13.06
C VAL A 29 44.35 -8.02 -14.00
N THR A 30 45.25 -8.95 -14.28
CA THR A 30 46.50 -8.64 -14.95
C THR A 30 46.31 -8.12 -16.36
N ASN A 31 45.35 -8.69 -17.07
CA ASN A 31 45.06 -8.34 -18.45
C ASN A 31 43.53 -8.50 -18.70
N ALA A 32 43.00 -7.65 -19.56
CA ALA A 32 41.61 -7.73 -19.96
C ALA A 32 41.46 -7.27 -21.39
N THR A 33 40.27 -7.49 -21.96
CA THR A 33 40.01 -7.10 -23.34
C THR A 33 38.61 -6.49 -23.43
N GLU A 34 38.40 -5.55 -24.37
CA GLU A 34 37.13 -4.85 -24.53
C GLU A 34 36.22 -5.63 -25.46
N LEU A 35 34.99 -5.82 -25.07
CA LEU A 35 34.02 -6.54 -25.90
C LEU A 35 32.95 -5.65 -26.57
N VAL A 36 32.99 -4.34 -26.33
CA VAL A 36 32.05 -3.39 -26.94
C VAL A 36 32.84 -2.57 -27.99
N GLN A 37 32.42 -2.64 -29.25
CA GLN A 37 32.94 -1.74 -30.27
C GLN A 37 32.24 -0.38 -30.14
N SER A 38 32.96 0.69 -29.88
CA SER A 38 32.26 1.97 -29.66
C SER A 38 32.73 3.11 -30.51
N SER A 39 33.55 2.82 -31.50
CA SER A 39 34.05 3.86 -32.38
C SER A 39 33.92 3.46 -33.83
N SER A 40 34.02 4.49 -34.67
CA SER A 40 33.92 4.30 -36.11
C SER A 40 34.69 5.43 -36.82
N THR A 41 35.19 5.09 -38.01
CA THR A 41 35.94 6.00 -38.85
C THR A 41 35.10 7.18 -39.32
N GLY A 42 33.79 7.01 -39.35
CA GLY A 42 32.88 8.04 -39.86
C GLY A 42 32.49 7.83 -41.33
N LYS A 43 33.03 6.78 -41.92
CA LYS A 43 33.04 6.57 -43.34
C LYS A 43 32.68 5.15 -43.66
N ILE A 44 31.97 4.94 -44.77
CA ILE A 44 31.46 3.66 -45.21
C ILE A 44 32.40 3.04 -46.26
N CYS A 45 33.03 1.93 -45.93
CA CYS A 45 33.90 1.26 -46.89
C CYS A 45 33.13 0.64 -48.03
N ASN A 46 33.70 0.77 -49.22
CA ASN A 46 33.10 0.37 -50.49
C ASN A 46 33.30 -1.11 -50.87
N ASN A 47 34.01 -1.88 -50.04
CA ASN A 47 33.99 -3.35 -50.12
C ASN A 47 33.80 -3.99 -48.78
N PRO A 48 33.43 -5.28 -48.77
CA PRO A 48 33.13 -6.15 -49.90
C PRO A 48 31.73 -6.05 -50.43
N HIS A 49 30.91 -5.17 -49.86
CA HIS A 49 29.50 -5.04 -50.23
C HIS A 49 29.37 -4.04 -51.35
N ARG A 50 28.40 -4.23 -52.24
CA ARG A 50 28.20 -3.28 -53.32
C ARG A 50 27.43 -2.08 -52.82
N ILE A 51 28.10 -0.94 -52.69
CA ILE A 51 27.52 0.23 -52.08
C ILE A 51 27.14 1.19 -53.17
N LEU A 52 25.87 1.61 -53.20
CA LEU A 52 25.41 2.58 -54.18
C LEU A 52 24.98 3.83 -53.42
N ASP A 53 25.62 4.95 -53.71
CA ASP A 53 25.36 6.22 -53.06
C ASP A 53 24.20 6.87 -53.81
N GLY A 54 23.05 7.00 -53.17
CA GLY A 54 21.88 7.53 -53.82
C GLY A 54 21.96 9.00 -54.07
N ARG A 55 22.87 9.64 -53.37
CA ARG A 55 23.07 11.08 -53.51
C ARG A 55 21.75 11.77 -53.34
N ASP A 56 21.34 12.54 -54.33
CA ASP A 56 20.15 13.36 -54.16
C ASP A 56 18.90 12.68 -54.66
N CYS A 57 18.99 11.36 -54.90
CA CYS A 57 17.85 10.55 -55.30
C CYS A 57 17.44 9.56 -54.21
N LYS A 58 16.23 9.74 -53.72
CA LYS A 58 15.58 8.74 -52.90
C LYS A 58 15.43 7.52 -53.78
N LEU A 59 15.46 6.33 -53.22
CA LEU A 59 15.21 5.17 -54.00
C LEU A 59 13.90 5.27 -54.76
N MET A 60 12.86 5.83 -54.13
CA MET A 60 11.57 5.97 -54.80
C MET A 60 11.67 6.75 -56.08
N ASP A 61 12.50 7.78 -56.08
CA ASP A 61 12.64 8.67 -57.23
C ASP A 61 13.52 8.04 -58.27
N ALA A 62 14.55 7.34 -57.83
CA ALA A 62 15.32 6.52 -58.72
C ALA A 62 14.44 5.44 -59.41
N LEU A 63 13.52 4.85 -58.63
CA LEU A 63 12.68 3.79 -59.10
C LEU A 63 11.71 4.30 -60.18
N LEU A 64 10.93 5.30 -59.82
CA LEU A 64 9.97 5.93 -60.70
C LEU A 64 10.60 6.62 -61.88
N GLY A 65 11.84 7.10 -61.73
CA GLY A 65 12.51 7.77 -62.86
C GLY A 65 12.34 9.28 -62.88
N ASP A 66 12.51 9.90 -61.74
CA ASP A 66 12.61 11.36 -61.67
C ASP A 66 13.75 11.74 -62.63
N PRO A 67 13.58 12.74 -63.49
CA PRO A 67 14.64 12.96 -64.49
C PRO A 67 16.03 13.20 -63.89
N HIS A 68 16.09 13.78 -62.71
CA HIS A 68 17.39 13.98 -62.04
C HIS A 68 18.01 12.69 -61.55
N CYS A 69 17.33 11.57 -61.77
CA CYS A 69 17.77 10.27 -61.22
C CYS A 69 18.04 9.23 -62.30
N ASP A 70 18.19 9.69 -63.53
CA ASP A 70 18.44 8.87 -64.68
C ASP A 70 19.68 8.03 -64.62
N VAL A 71 20.71 8.55 -63.93
CA VAL A 71 21.96 7.82 -63.78
C VAL A 71 21.77 6.51 -62.99
N PHE A 72 20.70 6.43 -62.21
CA PHE A 72 20.40 5.25 -61.42
C PHE A 72 19.63 4.15 -62.19
N GLN A 73 19.29 4.38 -63.44
CA GLN A 73 18.62 3.38 -64.25
C GLN A 73 19.36 2.05 -64.26
N ASP A 74 18.67 0.97 -63.98
CA ASP A 74 19.22 -0.41 -64.01
C ASP A 74 20.36 -0.67 -63.02
N GLU A 75 20.45 0.17 -62.00
CA GLU A 75 21.49 0.01 -60.99
C GLU A 75 21.23 -1.15 -60.08
N THR A 76 22.30 -1.59 -59.43
CA THR A 76 22.20 -2.67 -58.46
C THR A 76 22.97 -2.30 -57.23
N TRP A 77 22.70 -3.05 -56.16
CA TRP A 77 23.36 -2.78 -54.90
C TRP A 77 23.15 -3.86 -53.89
N ASP A 78 24.10 -3.93 -52.97
CA ASP A 78 23.89 -4.69 -51.76
C ASP A 78 23.33 -3.74 -50.75
N LEU A 79 23.86 -2.51 -50.72
CA LEU A 79 23.29 -1.46 -49.88
C LEU A 79 23.16 -0.12 -50.61
N TYR A 80 21.91 0.31 -50.79
CA TYR A 80 21.60 1.65 -51.30
C TYR A 80 21.66 2.60 -50.12
N VAL A 81 22.50 3.63 -50.21
CA VAL A 81 22.62 4.61 -49.15
C VAL A 81 21.75 5.79 -49.56
N GLU A 82 20.83 6.16 -48.69
CA GLU A 82 19.92 7.21 -49.03
C GLU A 82 20.32 8.45 -48.19
N ARG A 83 20.53 9.59 -48.87
CA ARG A 83 20.90 10.85 -48.19
C ARG A 83 19.69 11.67 -47.80
N SER A 84 19.86 12.45 -46.74
CA SER A 84 18.80 13.31 -46.24
C SER A 84 18.59 14.54 -47.12
N SER A 85 19.59 14.94 -47.88
CA SER A 85 19.42 16.12 -48.72
C SER A 85 18.68 15.80 -50.00
N ALA A 86 18.49 14.50 -50.26
CA ALA A 86 17.79 14.01 -51.46
C ALA A 86 16.40 14.58 -51.52
N SER A 87 15.99 14.99 -52.71
CA SER A 87 14.66 15.55 -52.90
C SER A 87 14.10 15.16 -54.26
N SER A 88 12.82 15.46 -54.41
CA SER A 88 12.08 14.96 -55.54
C SER A 88 11.79 16.14 -56.43
N ASN A 89 11.94 15.98 -57.75
CA ASN A 89 11.73 17.10 -58.68
C ASN A 89 10.91 16.72 -59.90
N CYS A 90 9.85 15.97 -59.68
CA CYS A 90 9.02 15.55 -60.78
C CYS A 90 7.57 15.83 -60.38
N TYR A 91 6.61 15.18 -61.03
CA TYR A 91 5.19 15.45 -60.74
C TYR A 91 4.88 15.10 -59.29
N PRO A 92 4.14 15.94 -58.58
CA PRO A 92 3.99 15.57 -57.18
C PRO A 92 3.13 14.31 -56.97
N TYR A 93 3.54 13.52 -56.02
CA TYR A 93 2.97 12.20 -55.85
C TYR A 93 3.02 11.75 -54.39
N ASP A 94 2.16 10.76 -54.10
CA ASP A 94 2.14 10.07 -52.82
C ASP A 94 2.14 8.56 -53.17
N VAL A 95 2.67 7.75 -52.25
CA VAL A 95 2.67 6.28 -52.41
C VAL A 95 2.05 5.68 -51.16
N PRO A 96 0.77 5.30 -51.23
CA PRO A 96 0.22 4.59 -50.05
C PRO A 96 1.11 3.39 -49.79
N ASP A 97 1.48 3.18 -48.55
CA ASP A 97 2.42 2.08 -48.23
C ASP A 97 3.81 2.27 -48.86
N TYR A 98 4.20 3.53 -48.98
CA TYR A 98 5.54 3.95 -49.36
C TYR A 98 6.63 3.00 -48.84
N ALA A 99 6.60 2.74 -47.55
CA ALA A 99 7.67 2.01 -46.90
C ALA A 99 7.72 0.50 -47.35
N SER A 100 6.61 -0.07 -47.74
CA SER A 100 6.62 -1.43 -48.28
C SER A 100 7.24 -1.47 -49.66
N LEU A 101 6.89 -0.49 -50.49
CA LEU A 101 7.46 -0.43 -51.81
C LEU A 101 8.98 -0.19 -51.72
N ARG A 102 9.35 0.73 -50.84
CA ARG A 102 10.76 1.06 -50.62
C ARG A 102 11.50 -0.13 -50.05
N SER A 103 10.86 -0.82 -49.12
CA SER A 103 11.51 -1.97 -48.51
C SER A 103 11.74 -3.10 -49.52
N LEU A 104 10.70 -3.46 -50.23
CA LEU A 104 10.83 -4.63 -51.08
C LEU A 104 11.76 -4.37 -52.27
N VAL A 105 11.82 -3.14 -52.76
CA VAL A 105 12.80 -2.79 -53.79
C VAL A 105 14.20 -2.78 -53.18
N ALA A 106 14.34 -2.16 -52.03
CA ALA A 106 15.64 -2.14 -51.36
C ALA A 106 16.17 -3.56 -51.21
N SER A 107 15.30 -4.45 -50.76
CA SER A 107 15.65 -5.87 -50.51
C SER A 107 15.95 -6.65 -51.75
N SER A 108 15.23 -6.36 -52.82
CA SER A 108 15.44 -6.97 -54.13
C SER A 108 16.82 -6.61 -54.70
N GLY A 109 17.34 -5.42 -54.39
CA GLY A 109 18.71 -5.08 -54.75
C GLY A 109 18.98 -4.55 -56.16
N THR A 110 17.96 -4.12 -56.84
CA THR A 110 18.07 -3.84 -58.27
C THR A 110 16.95 -3.00 -58.84
N LEU A 111 17.31 -2.18 -59.81
CA LEU A 111 16.37 -1.38 -60.57
C LEU A 111 16.28 -1.83 -62.02
N GLU A 112 16.80 -3.03 -62.33
CA GLU A 112 16.75 -3.56 -63.71
C GLU A 112 15.32 -3.51 -64.18
N PHE A 113 15.09 -2.69 -65.21
CA PHE A 113 13.75 -2.40 -65.70
C PHE A 113 13.59 -2.89 -67.14
N ILE A 114 12.57 -3.66 -67.42
CA ILE A 114 12.39 -4.23 -68.74
C ILE A 114 11.15 -3.60 -69.33
N THR A 115 11.33 -3.01 -70.48
CA THR A 115 10.27 -2.28 -71.13
C THR A 115 9.48 -3.24 -71.99
N GLU A 116 8.15 -3.22 -71.89
CA GLU A 116 7.33 -4.20 -72.60
C GLU A 116 6.39 -3.54 -73.57
N GLY A 117 5.93 -4.37 -74.51
CA GLY A 117 5.17 -3.86 -75.65
C GLY A 117 3.71 -3.70 -75.29
N PHE A 118 3.42 -2.84 -74.31
CA PHE A 118 2.05 -2.49 -73.99
C PHE A 118 1.42 -1.80 -75.20
N THR A 119 0.15 -2.14 -75.42
CA THR A 119 -0.66 -1.50 -76.42
C THR A 119 -1.72 -0.68 -75.72
N TRP A 120 -1.61 0.58 -76.01
CA TRP A 120 -2.61 1.52 -75.59
C TRP A 120 -3.39 2.10 -76.75
N THR A 121 -4.49 1.46 -77.09
CA THR A 121 -5.24 1.86 -78.26
C THR A 121 -6.22 2.96 -77.95
N GLY A 122 -6.19 4.00 -78.79
CA GLY A 122 -7.10 5.12 -78.72
C GLY A 122 -6.74 6.23 -77.74
N VAL A 123 -5.59 6.10 -77.10
CA VAL A 123 -5.12 7.11 -76.17
C VAL A 123 -3.83 7.80 -76.67
N THR A 124 -3.64 9.07 -76.25
CA THR A 124 -2.37 9.81 -76.40
C THR A 124 -1.44 9.34 -75.27
N GLN A 125 -0.19 8.98 -75.58
CA GLN A 125 0.81 8.54 -74.61
C GLN A 125 1.81 9.67 -74.25
N ASN A 126 2.66 9.42 -73.27
CA ASN A 126 3.79 10.28 -72.94
C ASN A 126 3.38 11.71 -72.50
N GLY A 127 2.27 11.82 -71.78
CA GLY A 127 1.92 13.09 -71.20
C GLY A 127 3.04 13.64 -70.32
N GLU A 128 3.17 14.96 -70.28
CA GLU A 128 4.26 15.60 -69.56
C GLU A 128 3.83 16.79 -68.74
N SER A 129 4.75 17.31 -67.94
CA SER A 129 4.42 18.36 -67.02
C SER A 129 5.56 19.29 -66.70
N GLY A 130 5.18 20.54 -66.44
CA GLY A 130 6.09 21.57 -65.98
C GLY A 130 6.64 21.26 -64.62
N ALA A 131 6.01 20.36 -63.89
CA ALA A 131 6.50 19.98 -62.58
C ALA A 131 7.67 19.03 -62.62
N CYS A 132 8.02 18.50 -63.80
CA CYS A 132 9.00 17.42 -63.95
C CYS A 132 9.77 17.70 -65.22
N LYS A 133 10.54 18.78 -65.19
CA LYS A 133 11.23 19.26 -66.40
C LYS A 133 12.40 18.39 -66.77
N ARG A 134 12.62 18.24 -68.05
CA ARG A 134 13.78 17.54 -68.55
C ARG A 134 14.52 18.54 -69.44
N GLY A 135 15.46 19.22 -68.80
CA GLY A 135 16.10 20.36 -69.38
C GLY A 135 15.08 21.47 -69.52
N PRO A 136 14.92 22.00 -70.72
CA PRO A 136 13.98 23.09 -70.85
C PRO A 136 12.58 22.60 -71.10
N ALA A 137 12.45 21.33 -71.48
CA ALA A 137 11.16 20.78 -71.86
C ALA A 137 10.38 20.22 -70.66
N ASN A 138 9.06 20.31 -70.76
CA ASN A 138 8.23 19.55 -69.87
C ASN A 138 8.55 18.05 -70.01
N GLY A 139 8.39 17.31 -68.93
CA GLY A 139 8.72 15.90 -68.92
C GLY A 139 7.92 15.12 -67.91
N PHE A 140 8.35 13.88 -67.66
CA PHE A 140 7.66 13.04 -66.70
C PHE A 140 8.60 11.90 -66.22
N PHE A 141 8.16 11.17 -65.19
CA PHE A 141 8.77 9.90 -64.76
C PHE A 141 9.11 9.02 -65.96
N SER A 142 10.33 8.55 -66.05
CA SER A 142 10.80 7.80 -67.21
C SER A 142 10.09 6.44 -67.28
N ARG A 143 9.76 5.91 -66.12
CA ARG A 143 9.22 4.61 -65.99
C ARG A 143 7.70 4.56 -66.08
N LEU A 144 7.06 5.73 -66.21
CA LEU A 144 5.60 5.72 -66.30
C LEU A 144 5.16 6.43 -67.55
N ASN A 145 3.95 6.09 -68.01
CA ASN A 145 3.42 6.57 -69.29
C ASN A 145 2.02 7.17 -69.05
N TRP A 146 1.99 8.51 -69.01
CA TRP A 146 0.79 9.26 -68.72
C TRP A 146 -0.10 9.29 -69.95
N LEU A 147 -1.24 8.65 -69.86
CA LEU A 147 -2.18 8.54 -70.97
C LEU A 147 -3.31 9.55 -70.86
N THR A 148 -3.65 10.18 -71.97
CA THR A 148 -4.76 11.12 -72.05
C THR A 148 -5.58 10.79 -73.31
N LYS A 149 -6.71 11.47 -73.44
CA LYS A 149 -7.60 11.35 -74.59
C LYS A 149 -6.95 11.42 -75.94
N SER A 150 -7.55 10.75 -76.93
CA SER A 150 -7.16 10.96 -78.31
C SER A 150 -8.33 11.57 -79.03
N GLY A 151 -8.14 12.72 -79.65
CA GLY A 151 -9.24 13.50 -80.17
C GLY A 151 -10.26 13.80 -79.08
N SER A 152 -11.48 13.30 -79.28
CA SER A 152 -12.59 13.56 -78.37
C SER A 152 -12.99 12.29 -77.57
N VAL A 153 -12.19 11.23 -77.68
CA VAL A 153 -12.49 9.97 -76.98
C VAL A 153 -11.37 9.49 -76.06
N TYR A 154 -11.77 8.97 -74.91
CA TYR A 154 -10.92 8.09 -74.12
C TYR A 154 -11.70 6.76 -73.94
N PRO A 155 -11.24 5.70 -74.57
CA PRO A 155 -11.91 4.41 -74.56
C PRO A 155 -11.73 3.65 -73.25
N LEU A 156 -12.60 2.69 -72.98
CA LEU A 156 -12.32 1.70 -71.96
C LEU A 156 -11.06 0.94 -72.39
N LEU A 157 -10.00 1.10 -71.62
CA LEU A 157 -8.74 0.41 -71.88
C LEU A 157 -8.80 -0.94 -71.20
N ASN A 158 -8.35 -1.94 -71.94
CA ASN A 158 -8.30 -3.33 -71.49
C ASN A 158 -7.08 -4.00 -72.14
N VAL A 159 -5.97 -4.04 -71.38
CA VAL A 159 -4.69 -4.47 -71.92
C VAL A 159 -4.08 -5.52 -70.98
N THR A 160 -3.37 -6.51 -71.51
CA THR A 160 -2.84 -7.60 -70.69
C THR A 160 -1.38 -7.87 -71.02
N MET A 161 -0.66 -8.38 -70.04
CA MET A 161 0.75 -8.74 -70.24
C MET A 161 1.06 -10.00 -69.41
N PRO A 162 1.22 -11.12 -70.12
CA PRO A 162 1.53 -12.37 -69.47
C PRO A 162 2.93 -12.41 -68.89
N ASN A 163 3.06 -13.10 -67.77
CA ASN A 163 4.37 -13.42 -67.30
C ASN A 163 4.69 -14.87 -67.67
N ASN A 164 5.48 -15.02 -68.71
CA ASN A 164 5.89 -16.33 -69.21
C ASN A 164 7.29 -16.70 -68.73
N ASP A 165 7.80 -15.95 -67.77
CA ASP A 165 9.11 -16.15 -67.23
C ASP A 165 9.00 -16.92 -65.96
N ASN A 166 10.14 -17.20 -65.35
CA ASN A 166 10.21 -18.01 -64.15
C ASN A 166 10.61 -17.18 -62.94
N PHE A 167 10.49 -15.87 -63.07
CA PHE A 167 10.75 -14.92 -61.99
C PHE A 167 9.55 -14.00 -61.80
N ASP A 168 9.49 -13.37 -60.64
CA ASP A 168 8.45 -12.42 -60.34
C ASP A 168 8.75 -11.06 -60.98
N LYS A 169 7.70 -10.40 -61.52
CA LYS A 169 7.80 -9.07 -62.12
C LYS A 169 7.12 -8.04 -61.25
N LEU A 170 7.76 -6.91 -61.03
CA LEU A 170 7.13 -5.86 -60.24
C LEU A 170 6.72 -4.74 -61.18
N TYR A 171 5.43 -4.48 -61.22
CA TYR A 171 4.84 -3.39 -61.98
C TYR A 171 4.54 -2.21 -61.06
N VAL A 172 5.06 -1.03 -61.38
CA VAL A 172 4.77 0.21 -60.64
C VAL A 172 3.89 1.06 -61.55
N TRP A 173 2.71 1.43 -61.07
CA TRP A 173 1.78 2.20 -61.89
C TRP A 173 1.16 3.26 -61.00
N GLY A 174 0.38 4.14 -61.57
CA GLY A 174 -0.21 5.23 -60.83
C GLY A 174 -1.61 5.61 -61.27
N VAL A 175 -2.15 6.59 -60.56
CA VAL A 175 -3.47 7.14 -60.80
C VAL A 175 -3.44 8.62 -60.64
N HIS A 176 -3.99 9.32 -61.62
CA HIS A 176 -3.88 10.75 -61.61
C HIS A 176 -5.15 11.36 -61.07
N HIS A 177 -5.02 12.28 -60.11
CA HIS A 177 -6.11 13.03 -59.54
C HIS A 177 -6.06 14.46 -60.08
N PRO A 178 -6.99 14.80 -60.98
CA PRO A 178 -7.01 16.18 -61.49
C PRO A 178 -7.48 17.25 -60.49
N SER A 179 -7.23 18.50 -60.81
CA SER A 179 -7.41 19.73 -59.96
C SER A 179 -8.90 20.13 -59.89
N THR A 180 -9.49 20.16 -61.06
CA THR A 180 -10.88 20.58 -61.28
C THR A 180 -11.60 19.60 -62.20
N ASN A 181 -12.91 19.79 -62.33
CA ASN A 181 -13.73 18.99 -63.25
C ASN A 181 -13.34 19.27 -64.69
N GLN A 182 -13.08 20.53 -64.98
CA GLN A 182 -12.64 20.97 -66.29
C GLN A 182 -11.41 20.16 -66.69
N GLU A 183 -10.40 20.11 -65.81
CA GLU A 183 -9.19 19.36 -66.11
C GLU A 183 -9.47 17.86 -66.32
N GLN A 184 -10.24 17.24 -65.42
CA GLN A 184 -10.61 15.81 -65.58
C GLN A 184 -11.15 15.52 -66.97
N THR A 185 -12.08 16.35 -67.48
CA THR A 185 -12.67 16.13 -68.80
C THR A 185 -11.78 16.55 -69.96
N ASN A 186 -11.01 17.62 -69.83
CA ASN A 186 -10.02 17.95 -70.87
C ASN A 186 -9.09 16.80 -71.14
N LEU A 187 -8.70 16.09 -70.08
CA LEU A 187 -7.71 15.07 -70.19
C LEU A 187 -8.27 13.73 -70.60
N TYR A 188 -9.31 13.33 -69.88
CA TYR A 188 -9.81 11.98 -69.97
C TYR A 188 -11.23 11.88 -70.51
N VAL A 189 -11.85 13.03 -70.78
CA VAL A 189 -13.21 13.14 -71.24
C VAL A 189 -14.26 12.73 -70.20
N GLN A 190 -14.16 11.49 -69.68
CA GLN A 190 -15.03 11.02 -68.61
C GLN A 190 -14.98 11.89 -67.38
N ALA A 191 -16.12 12.03 -66.72
CA ALA A 191 -16.23 12.87 -65.54
C ALA A 191 -15.63 12.21 -64.30
N SER A 192 -15.55 10.87 -64.33
CA SER A 192 -14.95 10.13 -63.24
C SER A 192 -14.20 8.93 -63.84
N GLY A 193 -12.91 8.83 -63.55
CA GLY A 193 -12.09 7.71 -64.04
C GLY A 193 -11.86 6.67 -62.97
N ARG A 194 -10.88 5.82 -63.18
CA ARG A 194 -10.89 4.51 -62.53
C ARG A 194 -9.79 3.63 -63.10
N VAL A 195 -9.04 2.97 -62.23
CA VAL A 195 -8.10 1.96 -62.63
C VAL A 195 -8.25 0.70 -61.84
N THR A 196 -8.21 -0.37 -62.58
CA THR A 196 -8.24 -1.68 -62.00
C THR A 196 -7.10 -2.48 -62.63
N VAL A 197 -6.20 -2.92 -61.78
CA VAL A 197 -5.09 -3.76 -62.17
C VAL A 197 -5.24 -5.07 -61.44
N SER A 198 -5.30 -6.15 -62.21
CA SER A 198 -5.62 -7.46 -61.71
C SER A 198 -4.71 -8.54 -62.25
N THR A 199 -4.67 -9.65 -61.54
CA THR A 199 -4.05 -10.90 -61.95
C THR A 199 -5.10 -11.96 -61.69
N ARG A 200 -4.73 -13.24 -61.80
CA ARG A 200 -5.62 -14.31 -61.41
C ARG A 200 -5.88 -14.32 -59.89
N ARG A 201 -4.93 -13.85 -59.12
CA ARG A 201 -5.05 -13.95 -57.67
C ARG A 201 -5.23 -12.62 -56.96
N SER A 202 -5.29 -11.50 -57.65
CA SER A 202 -5.30 -10.22 -56.97
C SER A 202 -6.02 -9.20 -57.81
N GLN A 203 -6.55 -8.17 -57.17
CA GLN A 203 -7.09 -7.07 -57.89
C GLN A 203 -7.04 -5.80 -57.07
N GLN A 204 -6.74 -4.69 -57.72
CA GLN A 204 -6.71 -3.41 -57.09
C GLN A 204 -7.52 -2.47 -57.92
N THR A 205 -8.38 -1.69 -57.26
CA THR A 205 -9.11 -0.61 -57.91
C THR A 205 -8.92 0.67 -57.19
N ILE A 206 -8.47 1.67 -57.92
CA ILE A 206 -8.39 3.00 -57.38
C ILE A 206 -9.31 3.95 -58.12
N ILE A 207 -10.11 4.73 -57.38
CA ILE A 207 -10.98 5.76 -57.95
C ILE A 207 -10.31 7.07 -57.61
N PRO A 208 -9.89 7.87 -58.60
CA PRO A 208 -9.30 9.19 -58.25
C PRO A 208 -10.31 10.15 -57.70
N ASN A 209 -9.85 11.07 -56.87
CA ASN A 209 -10.66 12.16 -56.38
C ASN A 209 -10.12 13.45 -56.93
N ILE A 210 -10.93 14.08 -57.79
CA ILE A 210 -10.66 15.37 -58.35
C ILE A 210 -10.62 16.44 -57.27
N GLY A 211 -9.71 17.39 -57.44
CA GLY A 211 -9.65 18.53 -56.57
C GLY A 211 -8.28 19.11 -56.41
N SER A 212 -8.27 20.31 -55.83
CA SER A 212 -7.04 21.03 -55.60
C SER A 212 -6.28 20.45 -54.42
N ARG A 213 -4.98 20.22 -54.62
CA ARG A 213 -4.00 20.03 -53.56
C ARG A 213 -3.03 21.23 -53.64
N PRO A 214 -2.19 21.43 -52.61
CA PRO A 214 -1.22 22.52 -52.63
C PRO A 214 -0.31 22.49 -53.85
N LEU A 215 -0.08 23.68 -54.42
CA LEU A 215 0.86 23.89 -55.53
C LEU A 215 2.23 23.30 -55.19
N VAL A 216 2.67 22.31 -55.99
CA VAL A 216 4.07 21.85 -55.99
C VAL A 216 4.58 21.97 -57.43
N ARG A 217 5.73 22.63 -57.58
CA ARG A 217 6.32 22.95 -58.90
C ARG A 217 5.26 23.28 -59.96
N GLY A 218 4.36 24.18 -59.58
CA GLY A 218 3.38 24.76 -60.47
C GLY A 218 2.06 24.00 -60.61
N GLN A 219 1.93 22.88 -59.88
CA GLN A 219 0.85 21.90 -60.11
C GLN A 219 0.03 21.56 -58.89
N SER A 220 -1.28 21.52 -59.08
CA SER A 220 -2.29 21.28 -58.06
C SER A 220 -2.73 19.83 -58.02
N GLY A 221 -2.57 19.15 -59.14
CA GLY A 221 -2.95 17.75 -59.24
C GLY A 221 -1.92 16.88 -58.56
N ARG A 222 -2.26 15.60 -58.44
CA ARG A 222 -1.38 14.60 -57.90
C ARG A 222 -1.49 13.27 -58.62
N ILE A 223 -0.47 12.45 -58.41
CA ILE A 223 -0.42 11.07 -58.88
C ILE A 223 -0.14 10.19 -57.66
N SER A 224 -0.86 9.07 -57.58
CA SER A 224 -0.66 8.12 -56.49
C SER A 224 -0.10 6.84 -57.07
N ILE A 225 0.93 6.30 -56.44
CA ILE A 225 1.68 5.18 -56.95
C ILE A 225 1.28 3.87 -56.24
N TYR A 226 1.08 2.83 -57.01
CA TYR A 226 0.64 1.51 -56.56
C TYR A 226 1.52 0.50 -57.21
N TRP A 227 1.49 -0.72 -56.73
CA TRP A 227 2.34 -1.73 -57.30
C TRP A 227 1.65 -3.08 -57.37
N THR A 228 2.08 -3.92 -58.30
CA THR A 228 1.56 -5.24 -58.47
C THR A 228 2.74 -6.14 -58.80
N ILE A 229 2.84 -7.28 -58.09
CA ILE A 229 3.86 -8.30 -58.38
C ILE A 229 3.15 -9.42 -59.09
N VAL A 230 3.64 -9.78 -60.28
CA VAL A 230 3.03 -10.84 -61.08
C VAL A 230 3.95 -12.05 -61.06
N LYS A 231 3.38 -13.15 -60.59
CA LYS A 231 4.09 -14.41 -60.41
C LYS A 231 4.25 -15.08 -61.79
N PRO A 232 5.25 -15.96 -61.93
CA PRO A 232 5.41 -16.73 -63.14
C PRO A 232 4.12 -17.49 -63.50
N GLY A 233 3.69 -17.44 -64.75
CA GLY A 233 2.46 -18.15 -65.19
C GLY A 233 1.22 -17.28 -65.08
N ASP A 234 1.33 -16.20 -64.30
CA ASP A 234 0.20 -15.34 -64.03
C ASP A 234 0.17 -14.25 -65.13
N ILE A 235 -0.93 -13.49 -65.18
CA ILE A 235 -1.14 -12.46 -66.19
C ILE A 235 -1.48 -11.10 -65.53
N LEU A 236 -0.86 -10.03 -65.98
CA LEU A 236 -1.22 -8.67 -65.58
C LEU A 236 -2.34 -8.23 -66.49
N MET A 237 -3.40 -7.63 -65.94
CA MET A 237 -4.43 -7.04 -66.77
C MET A 237 -4.76 -5.66 -66.25
N ILE A 238 -4.99 -4.74 -67.13
CA ILE A 238 -5.23 -3.37 -66.73
C ILE A 238 -6.47 -2.86 -67.39
N ASN A 239 -7.27 -2.22 -66.58
CA ASN A 239 -8.55 -1.74 -66.98
C ASN A 239 -8.71 -0.30 -66.55
N SER A 240 -9.08 0.56 -67.47
CA SER A 240 -9.21 1.94 -67.12
C SER A 240 -10.06 2.70 -68.11
N ASN A 241 -10.89 3.60 -67.57
CA ASN A 241 -11.76 4.44 -68.37
C ASN A 241 -11.33 5.90 -68.19
N GLY A 242 -10.09 6.10 -67.71
CA GLY A 242 -9.48 7.40 -67.46
C GLY A 242 -8.57 7.37 -66.24
N ASN A 243 -7.62 8.30 -66.23
CA ASN A 243 -6.84 8.63 -65.06
C ASN A 243 -5.70 7.67 -64.77
N LEU A 244 -5.46 6.78 -65.72
CA LEU A 244 -4.40 5.80 -65.60
C LEU A 244 -3.08 6.42 -65.92
N VAL A 245 -2.09 6.12 -65.08
CA VAL A 245 -0.70 6.44 -65.38
C VAL A 245 0.01 5.13 -65.49
N ALA A 246 0.27 4.71 -66.71
CA ALA A 246 0.56 3.30 -66.98
C ALA A 246 2.03 2.92 -66.73
N PRO A 247 2.28 1.65 -66.43
CA PRO A 247 3.66 1.17 -66.36
C PRO A 247 4.16 1.04 -67.77
N ARG A 248 5.46 1.26 -67.99
CA ARG A 248 6.02 1.01 -69.32
C ARG A 248 6.58 -0.39 -69.41
N GLY A 249 6.59 -1.08 -68.29
CA GLY A 249 7.40 -2.26 -68.16
C GLY A 249 7.40 -2.74 -66.72
N TYR A 250 8.36 -3.58 -66.37
CA TYR A 250 8.48 -4.04 -65.00
C TYR A 250 9.93 -4.03 -64.48
N PHE A 251 10.09 -4.17 -63.19
CA PHE A 251 11.41 -4.31 -62.62
C PHE A 251 11.62 -5.80 -62.28
N LYS A 252 12.82 -6.31 -62.60
CA LYS A 252 13.21 -7.66 -62.20
C LYS A 252 13.21 -7.70 -60.69
N MET A 253 12.82 -8.82 -60.14
CA MET A 253 12.92 -9.03 -58.72
C MET A 253 14.01 -10.07 -58.44
N ARG A 254 14.82 -9.79 -57.42
CA ARG A 254 15.80 -10.71 -56.90
C ARG A 254 15.50 -10.92 -55.44
N THR A 255 16.09 -11.97 -54.89
CA THR A 255 16.19 -12.14 -53.48
C THR A 255 17.70 -12.15 -53.21
N GLY A 256 18.12 -11.79 -52.01
CA GLY A 256 19.54 -11.93 -51.62
C GLY A 256 19.84 -11.10 -50.40
N LYS A 257 21.03 -10.54 -50.35
CA LYS A 257 21.48 -9.81 -49.16
C LYS A 257 21.21 -8.29 -49.24
N SER A 258 20.41 -7.79 -50.17
CA SER A 258 20.38 -6.34 -50.41
C SER A 258 19.56 -5.54 -49.39
N SER A 259 19.88 -4.26 -49.21
CA SER A 259 19.11 -3.45 -48.31
C SER A 259 19.31 -1.98 -48.58
N ILE A 260 18.87 -1.14 -47.64
CA ILE A 260 18.89 0.33 -47.80
C ILE A 260 19.20 0.94 -46.46
N MET A 261 19.99 1.98 -46.45
CA MET A 261 20.26 2.63 -45.19
C MET A 261 20.25 4.13 -45.38
N ARG A 262 19.72 4.83 -44.40
CA ARG A 262 19.85 6.29 -44.34
C ARG A 262 21.15 6.67 -43.66
N SER A 263 21.96 7.42 -44.36
CA SER A 263 23.22 7.92 -43.80
C SER A 263 23.82 9.03 -44.62
N ASN A 264 24.49 9.94 -43.92
CA ASN A 264 25.26 11.00 -44.60
C ASN A 264 26.77 10.78 -44.55
N ALA A 265 27.19 9.55 -44.19
CA ALA A 265 28.59 9.24 -44.10
C ALA A 265 29.20 9.12 -45.48
N PRO A 266 30.40 9.70 -45.67
CA PRO A 266 30.95 9.46 -47.00
C PRO A 266 31.39 8.05 -47.21
N ILE A 267 31.57 7.73 -48.47
CA ILE A 267 32.03 6.45 -48.90
C ILE A 267 33.53 6.56 -49.04
N ASP A 268 34.21 5.45 -48.82
CA ASP A 268 35.65 5.42 -48.88
C ASP A 268 36.05 4.08 -49.46
N THR A 269 37.27 3.99 -50.00
CA THR A 269 37.83 2.74 -50.50
C THR A 269 38.46 1.99 -49.32
N CYS A 270 37.82 0.93 -48.84
CA CYS A 270 38.40 0.11 -47.79
C CYS A 270 37.55 -1.15 -47.68
N ILE A 271 37.91 -2.02 -46.77
CA ILE A 271 37.18 -3.24 -46.53
C ILE A 271 36.59 -3.19 -45.11
N SER A 272 35.25 -3.23 -45.00
CA SER A 272 34.56 -3.53 -43.72
C SER A 272 33.33 -4.37 -43.94
N GLU A 273 33.21 -5.49 -43.23
CA GLU A 273 32.02 -6.34 -43.22
C GLU A 273 30.78 -5.59 -42.80
N CYS A 274 30.98 -4.78 -41.78
CA CYS A 274 29.91 -4.20 -41.01
C CYS A 274 29.73 -2.74 -41.29
N ILE A 275 28.51 -2.34 -41.68
CA ILE A 275 28.19 -0.94 -41.94
C ILE A 275 27.17 -0.41 -40.97
N THR A 276 27.39 0.78 -40.45
CA THR A 276 26.35 1.53 -39.69
C THR A 276 26.11 2.88 -40.34
N PRO A 277 25.02 3.53 -39.96
CA PRO A 277 24.81 4.87 -40.45
C PRO A 277 25.96 5.85 -40.10
N ASN A 278 26.68 5.55 -39.04
CA ASN A 278 27.74 6.41 -38.59
C ASN A 278 29.02 6.13 -39.38
N GLY A 279 29.05 5.07 -40.16
CA GLY A 279 30.30 4.65 -40.82
C GLY A 279 30.48 3.17 -40.59
N SER A 280 31.47 2.59 -41.25
CA SER A 280 31.79 1.18 -41.05
C SER A 280 32.43 1.04 -39.71
N ILE A 281 32.38 -0.17 -39.17
CA ILE A 281 33.00 -0.48 -37.88
C ILE A 281 33.70 -1.83 -37.94
N PRO A 282 34.79 -1.97 -37.16
CA PRO A 282 35.37 -3.30 -37.08
C PRO A 282 34.41 -4.25 -36.42
N ASN A 283 34.54 -5.54 -36.69
CA ASN A 283 33.68 -6.54 -36.11
C ASN A 283 34.47 -7.63 -35.40
N ASP A 284 35.61 -7.28 -34.83
CA ASP A 284 36.38 -8.27 -34.06
C ASP A 284 35.72 -8.47 -32.69
N LYS A 285 35.04 -7.46 -32.17
CA LYS A 285 34.34 -7.61 -30.91
C LYS A 285 32.93 -8.11 -31.14
N PRO A 286 32.34 -8.74 -30.13
CA PRO A 286 31.05 -9.39 -30.23
C PRO A 286 29.86 -8.45 -29.99
N PHE A 287 30.10 -7.30 -29.37
CA PHE A 287 29.08 -6.28 -29.14
C PHE A 287 29.52 -4.93 -29.70
N GLN A 288 28.56 -4.00 -29.82
CA GLN A 288 28.83 -2.59 -30.17
C GLN A 288 27.78 -1.62 -29.67
N ASN A 289 28.19 -0.37 -29.52
CA ASN A 289 27.36 0.67 -28.96
C ASN A 289 27.14 1.82 -29.97
N VAL A 290 27.63 1.64 -31.20
CA VAL A 290 27.65 2.70 -32.20
C VAL A 290 26.24 3.02 -32.77
N ASN A 291 25.53 2.01 -33.22
CA ASN A 291 24.18 2.20 -33.73
C ASN A 291 23.43 0.88 -33.83
N LYS A 292 22.16 0.89 -33.39
CA LYS A 292 21.26 -0.26 -33.55
C LYS A 292 20.97 -0.63 -35.01
N ILE A 293 21.18 0.34 -35.91
CA ILE A 293 21.02 0.11 -37.32
C ILE A 293 22.36 -0.32 -37.84
N THR A 294 22.40 -1.57 -38.34
CA THR A 294 23.60 -2.14 -38.98
C THR A 294 23.30 -2.93 -40.25
N TYR A 295 24.31 -3.12 -41.09
CA TYR A 295 24.22 -4.01 -42.23
C TYR A 295 25.48 -4.87 -42.29
N GLY A 296 25.29 -6.19 -42.45
CA GLY A 296 26.40 -7.11 -42.66
C GLY A 296 26.77 -7.85 -41.39
N ALA A 297 28.00 -8.42 -41.38
CA ALA A 297 28.50 -9.18 -40.23
C ALA A 297 28.95 -8.20 -39.17
N CYS A 298 28.09 -8.02 -38.17
CA CYS A 298 28.22 -6.98 -37.19
C CYS A 298 28.17 -7.52 -35.76
N PRO A 299 28.89 -6.87 -34.88
CA PRO A 299 28.64 -7.03 -33.48
C PRO A 299 27.20 -6.66 -33.17
N LYS A 300 26.69 -7.22 -32.09
CA LYS A 300 25.30 -7.01 -31.75
C LYS A 300 25.23 -5.72 -30.91
N TYR A 301 24.28 -4.86 -31.21
CA TYR A 301 24.07 -3.62 -30.46
C TYR A 301 23.67 -3.95 -29.06
N VAL A 302 24.31 -3.30 -28.11
CA VAL A 302 24.01 -3.37 -26.68
C VAL A 302 24.05 -1.94 -26.13
N LYS A 303 23.46 -1.72 -24.95
CA LYS A 303 23.40 -0.36 -24.40
C LYS A 303 24.71 0.08 -23.76
N GLN A 304 25.55 -0.86 -23.36
CA GLN A 304 26.78 -0.56 -22.63
C GLN A 304 27.82 -0.01 -23.56
N SER A 305 28.60 0.95 -23.09
CA SER A 305 29.69 1.52 -23.91
C SER A 305 31.03 0.80 -23.69
N THR A 306 31.15 0.08 -22.59
CA THR A 306 32.35 -0.75 -22.35
C THR A 306 32.00 -1.96 -21.51
N LEU A 307 32.61 -3.10 -21.84
CA LEU A 307 32.51 -4.35 -21.07
C LEU A 307 33.82 -5.10 -21.16
N LYS A 308 34.55 -5.13 -20.07
CA LYS A 308 35.89 -5.68 -20.11
C LYS A 308 35.87 -7.13 -19.64
N LEU A 309 36.31 -8.02 -20.52
CA LEU A 309 36.50 -9.40 -20.20
C LEU A 309 37.93 -9.67 -19.71
N ALA A 310 38.08 -10.27 -18.53
CA ALA A 310 39.40 -10.53 -17.96
C ALA A 310 40.07 -11.68 -18.72
N THR A 311 41.33 -11.43 -19.04
CA THR A 311 42.14 -12.35 -19.83
C THR A 311 43.37 -12.80 -19.05
N GLY A 312 43.34 -12.60 -17.73
CA GLY A 312 44.43 -12.97 -16.85
C GLY A 312 43.94 -13.11 -15.43
N MET A 313 44.82 -13.57 -14.56
CA MET A 313 44.48 -13.75 -13.16
C MET A 313 44.38 -12.44 -12.43
N ARG A 314 43.88 -12.53 -11.21
CA ARG A 314 43.81 -11.40 -10.33
C ARG A 314 45.19 -10.78 -10.12
N ASN A 315 45.25 -9.47 -10.09
CA ASN A 315 46.53 -8.78 -9.94
C ASN A 315 46.80 -8.37 -8.52
N VAL A 316 47.86 -8.93 -7.91
CA VAL A 316 48.22 -8.66 -6.51
C VAL A 316 49.68 -8.20 -6.47
N PRO A 317 49.90 -6.87 -6.49
CA PRO A 317 51.27 -6.32 -6.56
C PRO A 317 52.06 -6.39 -5.25
N GLY A 323 39.86 -15.65 -4.21
CA GLY A 323 39.18 -16.66 -5.03
C GLY A 323 38.67 -17.83 -4.20
N LEU A 324 37.88 -18.70 -4.82
CA LEU A 324 37.37 -19.87 -4.11
C LEU A 324 38.45 -20.75 -3.52
N PHE A 325 39.65 -20.69 -4.05
CA PHE A 325 40.72 -21.58 -3.59
C PHE A 325 41.66 -21.01 -2.54
N GLY A 326 41.71 -19.70 -2.38
CA GLY A 326 42.41 -19.13 -1.23
C GLY A 326 43.91 -19.02 -1.35
N ALA A 327 44.41 -19.20 -2.58
CA ALA A 327 45.82 -19.24 -2.89
C ALA A 327 46.24 -17.86 -3.31
N ILE A 328 45.77 -17.42 -4.47
CA ILE A 328 46.05 -16.09 -4.99
C ILE A 328 45.29 -15.08 -4.16
N ALA A 329 45.92 -14.00 -3.75
CA ALA A 329 45.35 -13.07 -2.80
C ALA A 329 44.83 -13.78 -1.58
N GLY A 330 45.57 -14.79 -1.15
CA GLY A 330 45.16 -15.65 -0.07
C GLY A 330 46.44 -16.04 0.64
N PHE A 331 46.68 -17.34 0.79
CA PHE A 331 47.88 -17.75 1.52
C PHE A 331 49.18 -17.47 0.78
N ILE A 332 49.12 -17.27 -0.54
CA ILE A 332 50.20 -16.64 -1.24
C ILE A 332 49.91 -15.16 -1.16
N GLU A 333 50.70 -14.45 -0.37
CA GLU A 333 50.38 -13.10 -0.04
C GLU A 333 50.04 -12.20 -1.27
N ASN A 334 50.71 -12.49 -2.38
CA ASN A 334 51.31 -11.44 -3.15
C ASN A 334 51.98 -11.97 -4.43
N GLY A 335 51.72 -11.32 -5.56
CA GLY A 335 52.30 -11.77 -6.81
C GLY A 335 53.73 -11.30 -7.04
N TRP A 336 54.38 -11.88 -8.07
CA TRP A 336 55.78 -11.60 -8.43
C TRP A 336 55.88 -10.80 -9.72
N GLU A 337 56.15 -9.49 -9.63
CA GLU A 337 56.36 -8.67 -10.86
C GLU A 337 57.58 -9.15 -11.61
N GLY A 338 58.55 -9.69 -10.87
CA GLY A 338 59.78 -10.20 -11.46
C GLY A 338 59.65 -11.48 -12.25
N MET A 339 58.49 -12.14 -12.19
CA MET A 339 58.24 -13.32 -13.00
C MET A 339 57.60 -12.95 -14.37
N ILE A 340 58.41 -12.90 -15.40
CA ILE A 340 57.94 -12.39 -16.66
C ILE A 340 57.74 -13.49 -17.74
N ASP A 341 58.21 -14.72 -17.50
CA ASP A 341 58.21 -15.80 -18.51
C ASP A 341 57.22 -16.95 -18.17
N GLY A 342 56.29 -16.68 -17.25
CA GLY A 342 55.29 -17.65 -16.85
C GLY A 342 54.30 -17.00 -15.89
N TRP A 343 53.16 -17.65 -15.70
CA TRP A 343 52.14 -17.11 -14.83
C TRP A 343 52.31 -17.65 -13.41
N TYR A 344 52.84 -18.87 -13.33
CA TYR A 344 53.07 -19.59 -12.10
C TYR A 344 54.49 -20.10 -12.10
N GLY A 345 55.06 -20.22 -10.91
CA GLY A 345 56.40 -20.74 -10.79
C GLY A 345 56.86 -21.05 -9.38
N PHE A 346 58.20 -21.16 -9.30
CA PHE A 346 58.91 -21.50 -8.09
C PHE A 346 60.07 -20.52 -7.85
N ARG A 347 60.27 -20.09 -6.61
CA ARG A 347 61.54 -19.52 -6.16
C ARG A 347 62.13 -20.33 -5.03
N HIS A 348 63.44 -20.41 -4.96
CA HIS A 348 64.13 -21.14 -3.90
C HIS A 348 65.30 -20.37 -3.33
N LYS A 349 65.62 -20.70 -2.06
CA LYS A 349 66.87 -20.37 -1.35
C LYS A 349 67.52 -21.69 -0.99
N ASN A 350 68.76 -21.90 -1.38
CA ASN A 350 69.44 -23.13 -1.00
C ASN A 350 70.92 -22.92 -0.82
N SER A 351 71.62 -24.04 -0.65
CA SER A 351 73.07 -24.11 -0.57
C SER A 351 73.82 -23.31 -1.68
N GLU A 352 73.40 -23.46 -2.92
CA GLU A 352 74.10 -22.84 -4.05
C GLU A 352 73.57 -21.46 -4.40
N GLY A 353 72.81 -20.83 -3.50
CA GLY A 353 72.22 -19.48 -3.78
C GLY A 353 70.69 -19.50 -3.88
N THR A 354 70.12 -18.60 -4.67
CA THR A 354 68.67 -18.47 -4.93
C THR A 354 68.35 -18.63 -6.41
N GLY A 355 67.07 -18.68 -6.75
CA GLY A 355 66.62 -18.81 -8.17
C GLY A 355 65.11 -18.76 -8.37
N GLN A 356 64.70 -18.63 -9.62
CA GLN A 356 63.30 -18.60 -9.99
C GLN A 356 63.06 -19.45 -11.27
N ALA A 357 61.95 -20.16 -11.34
CA ALA A 357 61.56 -20.74 -12.65
C ALA A 357 60.08 -20.83 -12.82
N ALA A 358 59.65 -20.48 -14.02
CA ALA A 358 58.31 -20.64 -14.46
C ALA A 358 57.95 -22.12 -14.47
N ASP A 359 56.73 -22.46 -14.01
CA ASP A 359 56.12 -23.73 -14.30
C ASP A 359 55.27 -23.61 -15.58
N LEU A 360 55.61 -24.42 -16.57
CA LEU A 360 55.04 -24.35 -17.90
C LEU A 360 53.66 -24.97 -17.93
N LYS A 361 53.51 -26.18 -17.36
CA LYS A 361 52.26 -26.95 -17.41
C LYS A 361 51.08 -26.10 -16.89
N SER A 362 51.27 -25.52 -15.71
CA SER A 362 50.24 -24.73 -15.05
C SER A 362 50.00 -23.41 -15.74
N THR A 363 51.06 -22.82 -16.29
CA THR A 363 50.92 -21.55 -17.03
C THR A 363 50.08 -21.76 -18.28
N GLN A 364 50.41 -22.82 -19.02
CA GLN A 364 49.71 -23.21 -20.24
C GLN A 364 48.23 -23.53 -19.97
N ALA A 365 47.96 -24.23 -18.87
CA ALA A 365 46.60 -24.69 -18.60
C ALA A 365 45.69 -23.49 -18.33
N ALA A 366 46.18 -22.51 -17.60
CA ALA A 366 45.42 -21.28 -17.41
C ALA A 366 45.26 -20.51 -18.73
N ILE A 367 46.34 -20.35 -19.48
CA ILE A 367 46.28 -19.69 -20.76
C ILE A 367 45.31 -20.37 -21.73
N ASP A 368 45.48 -21.68 -21.91
CA ASP A 368 44.57 -22.45 -22.75
C ASP A 368 43.11 -22.25 -22.38
N GLN A 369 42.80 -22.29 -21.09
CA GLN A 369 41.41 -22.14 -20.64
C GLN A 369 40.83 -20.79 -20.99
N ILE A 370 41.64 -19.76 -20.82
CA ILE A 370 41.23 -18.39 -21.12
C ILE A 370 41.11 -18.20 -22.61
N ASN A 371 42.02 -18.80 -23.37
CA ASN A 371 41.88 -18.74 -24.84
C ASN A 371 40.64 -19.43 -25.31
N GLY A 372 40.25 -20.50 -24.62
CA GLY A 372 39.03 -21.26 -24.94
C GLY A 372 37.78 -20.40 -24.84
N LYS A 373 37.65 -19.69 -23.73
CA LYS A 373 36.53 -18.80 -23.57
C LYS A 373 36.64 -17.60 -24.46
N LEU A 374 37.85 -17.14 -24.70
CA LEU A 374 38.06 -16.08 -25.71
C LEU A 374 37.53 -16.46 -27.07
N ASN A 375 37.86 -17.68 -27.52
CA ASN A 375 37.38 -18.15 -28.81
C ASN A 375 35.85 -18.20 -28.83
N ARG A 376 35.24 -18.72 -27.77
CA ARG A 376 33.79 -18.75 -27.69
C ARG A 376 33.17 -17.38 -27.83
N VAL A 377 33.70 -16.44 -27.07
CA VAL A 377 33.08 -15.13 -26.94
C VAL A 377 33.26 -14.25 -28.18
N ILE A 378 34.46 -14.22 -28.78
CA ILE A 378 34.66 -13.32 -29.92
C ILE A 378 34.39 -13.96 -31.27
N GLU A 379 34.06 -15.23 -31.26
CA GLU A 379 33.66 -15.95 -32.46
C GLU A 379 32.45 -15.27 -33.14
N LYS A 380 32.74 -14.50 -34.20
CA LYS A 380 31.73 -13.74 -34.99
C LYS A 380 30.66 -14.63 -35.60
N THR A 381 29.41 -14.46 -35.16
CA THR A 381 28.29 -15.35 -35.50
C THR A 381 27.09 -14.61 -36.12
N ASN A 382 27.11 -13.26 -36.08
CA ASN A 382 26.01 -12.38 -36.43
C ASN A 382 26.25 -11.70 -37.81
N GLU A 383 25.51 -12.17 -38.80
CA GLU A 383 25.43 -11.52 -40.11
C GLU A 383 23.98 -11.31 -40.51
N LYS A 384 23.59 -10.04 -40.53
CA LYS A 384 22.21 -9.61 -40.75
C LYS A 384 22.20 -8.56 -41.84
N PHE A 385 21.20 -8.62 -42.71
CA PHE A 385 21.17 -7.82 -43.90
C PHE A 385 19.96 -6.89 -43.92
N HIS A 386 18.94 -7.16 -44.68
CA HIS A 386 17.76 -6.32 -44.62
C HIS A 386 16.91 -6.66 -43.39
N GLN A 387 16.55 -5.63 -42.61
CA GLN A 387 15.81 -5.84 -41.38
C GLN A 387 14.57 -4.97 -41.38
N ILE A 388 14.24 -4.45 -40.22
CA ILE A 388 13.20 -3.47 -40.10
C ILE A 388 13.84 -2.12 -39.95
N GLU A 389 13.15 -1.08 -40.41
CA GLU A 389 13.55 0.28 -40.08
C GLU A 389 13.49 0.44 -38.57
N LYS A 390 14.42 1.21 -38.03
CA LYS A 390 14.52 1.48 -36.61
C LYS A 390 14.48 2.95 -36.19
N GLU A 391 14.35 3.84 -37.17
CA GLU A 391 14.25 5.28 -36.96
C GLU A 391 13.16 5.81 -37.91
N PHE A 392 12.37 6.80 -37.48
CA PHE A 392 11.20 7.22 -38.27
C PHE A 392 11.04 8.72 -38.20
N LEU A 393 10.56 9.24 -39.32
CA LEU A 393 10.47 10.67 -39.52
C LEU A 393 9.09 11.20 -39.27
N GLU A 394 8.07 10.33 -39.35
CA GLU A 394 6.72 10.77 -39.08
C GLU A 394 6.14 9.84 -38.07
N VAL A 395 5.16 10.41 -37.36
CA VAL A 395 4.31 9.74 -36.43
C VAL A 395 3.32 8.89 -37.21
N GLU A 396 3.08 7.65 -36.75
CA GLU A 396 2.17 6.72 -37.46
C GLU A 396 1.25 5.88 -36.60
N GLY A 397 1.67 5.59 -35.39
CA GLY A 397 0.82 4.90 -34.47
C GLY A 397 1.19 3.46 -34.39
N ARG A 398 0.17 2.61 -34.51
CA ARG A 398 0.20 1.22 -34.10
C ARG A 398 1.42 0.45 -34.58
N ILE A 399 1.69 0.59 -35.87
CA ILE A 399 2.70 -0.24 -36.52
C ILE A 399 4.09 0.18 -36.12
N GLN A 400 4.32 1.50 -36.09
CA GLN A 400 5.59 2.06 -35.64
C GLN A 400 5.83 1.72 -34.19
N ASP A 401 4.78 1.81 -33.37
CA ASP A 401 4.89 1.48 -31.95
C ASP A 401 5.48 0.08 -31.79
N LEU A 402 4.96 -0.83 -32.61
CA LEU A 402 5.38 -2.22 -32.58
C LEU A 402 6.79 -2.39 -33.04
N GLU A 403 7.15 -1.73 -34.11
CA GLU A 403 8.53 -1.80 -34.58
C GLU A 403 9.52 -1.27 -33.54
N LYS A 404 9.20 -0.16 -32.88
CA LYS A 404 10.11 0.38 -31.88
C LYS A 404 10.23 -0.56 -30.72
N TYR A 405 9.10 -1.16 -30.36
CA TYR A 405 9.04 -2.06 -29.17
C TYR A 405 9.82 -3.33 -29.41
N VAL A 406 9.70 -3.87 -30.62
CA VAL A 406 10.47 -5.04 -30.96
C VAL A 406 11.97 -4.78 -30.82
N GLU A 407 12.47 -3.65 -31.36
CA GLU A 407 13.91 -3.39 -31.29
C GLU A 407 14.33 -3.15 -29.86
N ASP A 408 13.56 -2.36 -29.14
CA ASP A 408 13.93 -1.98 -27.79
C ASP A 408 13.95 -3.25 -26.90
N THR A 409 12.96 -4.14 -27.07
CA THR A 409 12.96 -5.46 -26.41
C THR A 409 14.25 -6.25 -26.67
N LYS A 410 14.62 -6.34 -27.93
CA LYS A 410 15.80 -7.07 -28.37
C LYS A 410 17.08 -6.50 -27.75
N ILE A 411 17.22 -5.19 -27.78
CA ILE A 411 18.45 -4.54 -27.25
C ILE A 411 18.62 -4.84 -25.76
N ASP A 412 17.52 -4.74 -25.01
CA ASP A 412 17.53 -4.95 -23.58
C ASP A 412 17.94 -6.40 -23.29
N LEU A 413 17.41 -7.34 -24.07
CA LEU A 413 17.77 -8.72 -23.89
C LEU A 413 19.25 -8.96 -24.23
N TRP A 414 19.76 -8.43 -25.33
CA TRP A 414 21.18 -8.59 -25.59
C TRP A 414 22.06 -7.89 -24.58
N SER A 415 21.66 -6.67 -24.15
CA SER A 415 22.52 -5.92 -23.17
C SER A 415 22.63 -6.76 -21.94
N TYR A 416 21.56 -7.47 -21.59
CA TYR A 416 21.58 -8.31 -20.40
C TYR A 416 22.55 -9.47 -20.57
N ASN A 417 22.41 -10.17 -21.69
CA ASN A 417 23.25 -11.30 -21.98
C ASN A 417 24.69 -10.87 -21.87
N ALA A 418 25.03 -9.74 -22.49
CA ALA A 418 26.43 -9.26 -22.43
C ALA A 418 26.91 -9.00 -21.04
N GLU A 419 26.06 -8.32 -20.24
CA GLU A 419 26.38 -7.95 -18.90
C GLU A 419 26.68 -9.21 -18.08
N LEU A 420 25.75 -10.16 -18.13
CA LEU A 420 25.92 -11.38 -17.35
C LEU A 420 27.14 -12.18 -17.78
N LEU A 421 27.35 -12.29 -19.08
CA LEU A 421 28.42 -13.09 -19.62
C LEU A 421 29.76 -12.71 -19.07
N VAL A 422 30.05 -11.41 -19.09
CA VAL A 422 31.32 -10.88 -18.64
C VAL A 422 31.44 -11.10 -17.14
N ALA A 423 30.37 -10.85 -16.42
CA ALA A 423 30.35 -11.04 -14.99
C ALA A 423 30.65 -12.47 -14.64
N LEU A 424 29.97 -13.39 -15.32
CA LEU A 424 30.24 -14.83 -15.11
C LEU A 424 31.63 -15.23 -15.50
N GLU A 425 32.03 -14.86 -16.72
CA GLU A 425 33.33 -15.26 -17.24
C GLU A 425 34.41 -14.74 -16.31
N ASN A 426 34.25 -13.51 -15.86
CA ASN A 426 35.28 -12.90 -15.01
C ASN A 426 35.40 -13.58 -13.66
N GLN A 427 34.29 -13.92 -13.03
CA GLN A 427 34.34 -14.62 -11.74
C GLN A 427 35.06 -15.93 -11.93
N HIS A 428 34.68 -16.62 -13.00
CA HIS A 428 35.24 -17.93 -13.24
C HIS A 428 36.74 -17.87 -13.62
N THR A 429 37.19 -16.81 -14.30
CA THR A 429 38.60 -16.67 -14.70
C THR A 429 39.49 -16.46 -13.47
N ILE A 430 39.04 -15.56 -12.61
CA ILE A 430 39.67 -15.34 -11.33
C ILE A 430 39.82 -16.66 -10.56
N ASP A 431 38.73 -17.41 -10.52
CA ASP A 431 38.70 -18.63 -9.77
C ASP A 431 39.53 -19.78 -10.38
N LEU A 432 39.48 -19.93 -11.68
CA LEU A 432 40.28 -20.92 -12.33
C LEU A 432 41.77 -20.59 -12.26
N THR A 433 42.13 -19.32 -12.28
CA THR A 433 43.57 -18.95 -12.12
C THR A 433 44.06 -19.24 -10.67
N ASP A 434 43.21 -18.94 -9.69
CA ASP A 434 43.42 -19.35 -8.30
C ASP A 434 43.64 -20.86 -8.18
N SER A 435 42.74 -21.64 -8.81
CA SER A 435 42.79 -23.10 -8.76
C SER A 435 44.12 -23.64 -9.29
N GLU A 436 44.58 -23.09 -10.41
CA GLU A 436 45.83 -23.54 -10.98
C GLU A 436 47.01 -23.39 -10.04
N MET A 437 47.02 -22.28 -9.33
CA MET A 437 48.07 -22.03 -8.32
C MET A 437 47.97 -23.07 -7.23
N ASN A 438 46.77 -23.25 -6.72
CA ASN A 438 46.55 -24.24 -5.70
C ASN A 438 46.96 -25.62 -6.15
N LYS A 439 46.56 -26.00 -7.35
CA LYS A 439 46.88 -27.33 -7.83
C LYS A 439 48.37 -27.55 -7.87
N LEU A 440 49.13 -26.52 -8.21
CA LEU A 440 50.57 -26.68 -8.34
C LEU A 440 51.22 -26.84 -6.95
N PHE A 441 50.77 -26.01 -6.00
CA PHE A 441 51.24 -26.12 -4.65
C PHE A 441 50.96 -27.53 -4.15
N GLU A 442 49.79 -28.08 -4.39
CA GLU A 442 49.46 -29.38 -3.85
C GLU A 442 50.30 -30.48 -4.52
N LYS A 443 50.56 -30.30 -5.80
CA LYS A 443 51.42 -31.17 -6.55
C LYS A 443 52.78 -31.22 -5.86
N THR A 444 53.27 -30.06 -5.47
CA THR A 444 54.58 -29.99 -4.88
C THR A 444 54.63 -30.57 -3.50
N ARG A 445 53.67 -30.18 -2.66
CA ARG A 445 53.56 -30.80 -1.36
C ARG A 445 53.61 -32.34 -1.52
N ARG A 446 52.84 -32.89 -2.45
CA ARG A 446 52.76 -34.30 -2.55
C ARG A 446 54.09 -34.92 -2.87
N GLN A 447 54.88 -34.30 -3.71
CA GLN A 447 56.18 -34.89 -4.03
C GLN A 447 57.10 -34.91 -2.84
N LEU A 448 57.00 -33.87 -2.00
CA LEU A 448 57.94 -33.74 -0.92
C LEU A 448 57.73 -34.75 0.19
N ARG A 449 56.55 -35.33 0.26
CA ARG A 449 56.23 -36.28 1.34
C ARG A 449 56.58 -35.66 2.68
N GLU A 450 57.33 -36.40 3.49
CA GLU A 450 57.76 -36.00 4.82
C GLU A 450 59.08 -35.22 4.82
N ASN A 451 59.56 -34.79 3.67
CA ASN A 451 60.85 -34.13 3.63
C ASN A 451 60.79 -32.64 3.75
N ALA A 452 59.58 -32.11 3.73
CA ALA A 452 59.41 -30.68 3.94
C ALA A 452 58.17 -30.37 4.76
N GLU A 453 58.05 -29.13 5.24
CA GLU A 453 56.86 -28.66 5.94
C GLU A 453 56.31 -27.39 5.28
N ASP A 454 54.99 -27.27 5.20
CA ASP A 454 54.34 -26.08 4.64
C ASP A 454 54.51 -24.91 5.65
N MET A 455 55.16 -23.83 5.23
CA MET A 455 55.38 -22.66 6.14
C MET A 455 54.14 -21.81 6.27
N GLY A 456 53.14 -22.06 5.43
CA GLY A 456 51.84 -21.41 5.52
C GLY A 456 51.65 -20.20 4.60
N ASN A 457 52.69 -19.88 3.84
CA ASN A 457 52.70 -18.69 3.01
C ASN A 457 53.03 -19.04 1.58
N GLY A 458 52.74 -20.27 1.17
CA GLY A 458 53.00 -20.68 -0.18
C GLY A 458 54.37 -21.30 -0.36
N CYS A 459 55.16 -21.32 0.72
CA CYS A 459 56.53 -21.85 0.74
C CYS A 459 56.64 -23.11 1.54
N PHE A 460 57.54 -24.00 1.11
CA PHE A 460 57.96 -25.16 1.90
C PHE A 460 59.37 -24.99 2.46
N LYS A 461 59.55 -25.29 3.73
CA LYS A 461 60.86 -25.52 4.29
C LYS A 461 61.19 -26.98 4.00
N ILE A 462 62.23 -27.20 3.20
CA ILE A 462 62.74 -28.50 2.86
C ILE A 462 63.81 -28.86 3.87
N TYR A 463 63.58 -29.90 4.67
CA TYR A 463 64.46 -30.24 5.77
C TYR A 463 65.70 -31.10 5.36
N HIS A 464 66.36 -30.71 4.27
CA HIS A 464 67.58 -31.39 3.81
C HIS A 464 68.37 -30.56 2.84
N LYS A 465 69.66 -30.90 2.70
CA LYS A 465 70.48 -30.22 1.70
C LYS A 465 69.81 -30.48 0.35
N CYS A 466 69.43 -29.41 -0.33
CA CYS A 466 68.77 -29.53 -1.63
C CYS A 466 69.38 -28.55 -2.62
N ASP A 467 70.40 -29.01 -3.33
CA ASP A 467 71.17 -28.17 -4.28
C ASP A 467 70.34 -27.87 -5.53
N ASN A 468 70.92 -27.11 -6.46
CA ASN A 468 70.16 -26.69 -7.63
C ASN A 468 69.56 -27.87 -8.39
N ALA A 469 70.35 -28.92 -8.60
CA ALA A 469 69.86 -30.17 -9.24
C ALA A 469 68.66 -30.78 -8.50
N CYS A 470 68.81 -30.88 -7.17
CA CYS A 470 67.74 -31.36 -6.29
C CYS A 470 66.47 -30.53 -6.52
N ILE A 471 66.63 -29.20 -6.46
CA ILE A 471 65.53 -28.26 -6.68
C ILE A 471 64.88 -28.49 -8.05
N GLU A 472 65.71 -28.57 -9.08
CA GLU A 472 65.21 -28.87 -10.41
C GLU A 472 64.42 -30.16 -10.43
N SER A 473 64.85 -31.17 -9.69
CA SER A 473 64.13 -32.46 -9.72
C SER A 473 62.72 -32.30 -9.18
N ILE A 474 62.53 -31.32 -8.28
CA ILE A 474 61.21 -30.99 -7.76
C ILE A 474 60.38 -30.26 -8.84
N ARG A 475 60.98 -29.27 -9.48
CA ARG A 475 60.30 -28.54 -10.55
C ARG A 475 59.98 -29.39 -11.75
N ASN A 476 60.78 -30.40 -12.09
CA ASN A 476 60.42 -31.26 -13.22
C ASN A 476 59.67 -32.52 -12.81
N GLY A 477 59.38 -32.67 -11.52
CA GLY A 477 58.55 -33.78 -11.01
C GLY A 477 59.23 -35.15 -10.88
N THR A 478 60.55 -35.15 -10.73
CA THR A 478 61.31 -36.39 -10.58
C THR A 478 62.04 -36.51 -9.22
N TYR A 479 61.82 -35.57 -8.32
CA TYR A 479 62.34 -35.63 -6.95
C TYR A 479 62.01 -36.98 -6.35
N ASP A 480 63.01 -37.64 -5.77
CA ASP A 480 62.86 -38.96 -5.15
C ASP A 480 62.95 -38.76 -3.65
N HIS A 481 61.85 -38.90 -2.93
CA HIS A 481 61.83 -38.49 -1.53
C HIS A 481 62.52 -39.51 -0.62
N ASP A 482 62.73 -40.73 -1.11
CA ASP A 482 63.42 -41.78 -0.28
C ASP A 482 64.90 -41.44 -0.14
N ILE A 483 65.48 -40.84 -1.18
CA ILE A 483 66.87 -40.42 -1.16
C ILE A 483 67.14 -39.52 0.05
N TYR A 484 66.18 -38.61 0.35
CA TYR A 484 66.41 -37.60 1.40
C TYR A 484 65.71 -37.88 2.74
N ARG A 485 64.92 -38.94 2.82
CA ARG A 485 63.97 -39.08 3.92
C ARG A 485 64.61 -39.15 5.26
N ASP A 486 65.64 -39.97 5.42
CA ASP A 486 66.24 -40.13 6.74
C ASP A 486 66.79 -38.83 7.22
N GLU A 487 67.53 -38.16 6.34
CA GLU A 487 68.09 -36.84 6.62
C GLU A 487 67.00 -35.89 7.11
N ALA A 488 65.88 -35.85 6.40
CA ALA A 488 64.78 -34.96 6.66
C ALA A 488 64.07 -35.26 7.97
N LEU A 489 63.75 -36.53 8.18
CA LEU A 489 63.08 -36.93 9.38
C LEU A 489 63.99 -36.64 10.59
N ASN A 490 65.29 -36.79 10.41
CA ASN A 490 66.22 -36.47 11.49
C ASN A 490 66.20 -34.99 11.83
N ASN A 491 66.11 -34.11 10.84
CA ASN A 491 66.10 -32.65 11.15
C ASN A 491 64.73 -32.20 11.69
N ARG A 492 63.64 -32.87 11.27
CA ARG A 492 62.30 -32.51 11.74
C ARG A 492 62.08 -33.03 13.17
N PHE A 493 62.49 -34.27 13.39
CA PHE A 493 62.10 -35.09 14.53
C PHE A 493 63.23 -35.67 15.37
N GLN A 494 64.49 -35.36 15.04
CA GLN A 494 65.66 -35.88 15.76
C GLN A 494 65.75 -37.44 15.85
N ILE A 495 65.31 -38.14 14.81
CA ILE A 495 65.20 -39.62 14.81
C ILE A 495 66.52 -40.34 15.13
N LYS A 496 67.60 -40.05 14.40
CA LYS A 496 68.90 -40.63 14.72
C LYS A 496 69.39 -40.18 16.09
N ASN B 1 -44.95 28.11 -30.30
CA ASN B 1 -44.61 29.36 -31.10
C ASN B 1 -45.10 30.68 -30.44
N ASN B 2 -46.28 30.59 -29.81
CA ASN B 2 -46.93 31.71 -29.10
C ASN B 2 -46.79 31.60 -27.54
N THR B 3 -46.21 30.50 -27.09
CA THR B 3 -45.88 30.24 -25.71
C THR B 3 -44.56 29.47 -25.66
N ALA B 4 -44.08 29.26 -24.44
CA ALA B 4 -42.87 28.48 -24.16
C ALA B 4 -43.03 27.78 -22.81
N THR B 5 -42.15 26.82 -22.57
CA THR B 5 -42.02 26.11 -21.32
C THR B 5 -40.57 26.35 -20.82
N LEU B 6 -40.41 26.54 -19.52
CA LEU B 6 -39.09 26.61 -18.90
C LEU B 6 -39.17 25.72 -17.68
N CYS B 7 -38.33 24.71 -17.62
CA CYS B 7 -38.30 23.85 -16.46
C CYS B 7 -37.01 23.98 -15.77
N LEU B 8 -37.08 23.91 -14.45
CA LEU B 8 -35.94 23.92 -13.61
C LEU B 8 -35.60 22.53 -13.19
N GLY B 9 -34.32 22.26 -13.01
CA GLY B 9 -33.94 20.98 -12.46
C GLY B 9 -32.52 20.92 -12.01
N HIS B 10 -32.01 19.71 -11.82
CA HIS B 10 -30.75 19.47 -11.16
C HIS B 10 -30.16 18.17 -11.69
N HIS B 11 -28.86 17.97 -11.48
CA HIS B 11 -28.24 16.82 -12.10
C HIS B 11 -28.53 15.55 -11.37
N ALA B 12 -28.04 14.46 -11.92
CA ALA B 12 -28.13 13.13 -11.34
C ALA B 12 -27.08 12.26 -12.04
N VAL B 13 -26.69 11.15 -11.42
CA VAL B 13 -25.70 10.27 -12.04
C VAL B 13 -26.20 8.84 -11.99
N PRO B 14 -25.71 7.97 -12.88
CA PRO B 14 -26.32 6.62 -12.96
C PRO B 14 -26.09 5.80 -11.68
N ASN B 15 -24.84 5.77 -11.19
CA ASN B 15 -24.56 5.19 -9.86
C ASN B 15 -24.07 6.25 -8.87
N GLY B 16 -24.95 6.57 -7.94
CA GLY B 16 -24.56 7.38 -6.79
C GLY B 16 -24.08 6.49 -5.67
N THR B 17 -23.97 7.07 -4.49
CA THR B 17 -23.50 6.39 -3.29
C THR B 17 -24.52 6.50 -2.15
N ILE B 18 -24.64 5.40 -1.42
CA ILE B 18 -25.52 5.27 -0.27
C ILE B 18 -24.87 5.89 0.97
N VAL B 19 -25.57 6.78 1.66
CA VAL B 19 -25.05 7.33 2.92
C VAL B 19 -26.10 7.21 4.00
N LYS B 20 -25.69 7.49 5.23
CA LYS B 20 -26.56 7.53 6.42
C LYS B 20 -26.84 8.98 6.75
N THR B 21 -28.05 9.23 7.24
CA THR B 21 -28.43 10.54 7.69
C THR B 21 -29.12 10.42 9.02
N ILE B 22 -29.50 11.56 9.59
CA ILE B 22 -30.31 11.58 10.80
C ILE B 22 -31.61 10.75 10.69
N THR B 23 -32.25 10.82 9.52
CA THR B 23 -33.59 10.22 9.28
C THR B 23 -33.59 8.89 8.49
N ASP B 24 -32.55 8.63 7.70
CA ASP B 24 -32.43 7.42 6.94
C ASP B 24 -31.13 6.69 7.20
N ASP B 25 -31.24 5.38 7.40
CA ASP B 25 -30.10 4.48 7.46
C ASP B 25 -29.46 4.38 6.05
N GLN B 26 -30.20 4.71 4.99
CA GLN B 26 -29.70 4.48 3.64
C GLN B 26 -30.36 5.37 2.61
N ILE B 27 -29.64 6.32 2.09
CA ILE B 27 -30.18 7.22 1.12
C ILE B 27 -29.09 7.63 0.15
N GLU B 28 -29.47 7.68 -1.12
CA GLU B 28 -28.52 7.78 -2.18
C GLU B 28 -28.22 9.21 -2.56
N VAL B 29 -26.94 9.52 -2.66
CA VAL B 29 -26.50 10.84 -3.11
C VAL B 29 -25.53 10.76 -4.28
N THR B 30 -25.32 11.86 -4.98
CA THR B 30 -24.53 11.83 -6.20
C THR B 30 -23.07 11.48 -5.98
N ASN B 31 -22.51 11.96 -4.89
CA ASN B 31 -21.09 11.74 -4.59
C ASN B 31 -20.90 11.69 -3.04
N ALA B 32 -19.94 10.88 -2.61
CA ALA B 32 -19.58 10.79 -1.20
C ALA B 32 -18.06 10.65 -1.06
N THR B 33 -17.50 10.95 0.12
CA THR B 33 -16.09 10.70 0.40
C THR B 33 -16.00 9.86 1.69
N GLU B 34 -14.94 9.05 1.80
CA GLU B 34 -14.77 8.12 2.92
C GLU B 34 -13.91 8.78 3.99
N LEU B 35 -14.40 8.82 5.22
CA LEU B 35 -13.77 9.47 6.35
C LEU B 35 -12.99 8.54 7.32
N VAL B 36 -13.08 7.24 7.13
CA VAL B 36 -12.35 6.27 7.94
C VAL B 36 -11.22 5.68 7.11
N GLN B 37 -9.99 5.87 7.54
CA GLN B 37 -8.85 5.19 6.91
C GLN B 37 -8.76 3.77 7.44
N SER B 38 -8.85 2.77 6.56
CA SER B 38 -8.88 1.42 7.06
C SER B 38 -7.79 0.51 6.56
N SER B 39 -6.81 1.07 5.86
CA SER B 39 -5.73 0.26 5.29
C SER B 39 -4.37 0.84 5.56
N SER B 40 -3.37 -0.03 5.38
CA SER B 40 -1.97 0.35 5.53
C SER B 40 -1.15 -0.43 4.53
N THR B 41 -0.03 0.13 4.10
CA THR B 41 0.93 -0.55 3.24
C THR B 41 1.54 -1.77 3.95
N GLY B 42 1.53 -1.76 5.28
CA GLY B 42 2.16 -2.85 6.05
C GLY B 42 3.58 -2.53 6.49
N LYS B 43 4.06 -1.33 6.17
CA LYS B 43 5.44 -0.99 6.36
C LYS B 43 5.55 0.41 6.93
N ILE B 44 6.63 0.66 7.66
CA ILE B 44 6.82 1.87 8.39
C ILE B 44 7.79 2.79 7.66
N CYS B 45 7.31 3.96 7.24
CA CYS B 45 8.16 4.90 6.49
C CYS B 45 9.20 5.57 7.37
N ASN B 46 10.39 5.66 6.84
CA ASN B 46 11.54 6.17 7.56
C ASN B 46 11.70 7.68 7.55
N ASN B 47 10.82 8.40 6.87
CA ASN B 47 10.68 9.85 7.13
C ASN B 47 9.23 10.22 7.40
N PRO B 48 9.02 11.41 7.95
CA PRO B 48 9.97 12.43 8.41
C PRO B 48 10.48 12.21 9.83
N HIS B 49 10.06 11.16 10.49
CA HIS B 49 10.45 10.85 11.87
C HIS B 49 11.69 9.99 11.88
N ARG B 50 12.56 10.19 12.86
CA ARG B 50 13.76 9.38 13.00
C ARG B 50 13.39 8.02 13.59
N ILE B 51 13.43 6.98 12.77
CA ILE B 51 13.04 5.66 13.19
C ILE B 51 14.30 4.87 13.51
N LEU B 52 14.34 4.26 14.69
CA LEU B 52 15.43 3.37 15.05
C LEU B 52 14.84 1.99 15.25
N ASP B 53 15.28 1.03 14.45
CA ASP B 53 14.84 -0.36 14.49
C ASP B 53 15.64 -1.08 15.56
N GLY B 54 15.00 -1.47 16.65
CA GLY B 54 15.73 -2.05 17.74
C GLY B 54 16.16 -3.46 17.48
N ARG B 55 15.59 -4.05 16.46
CA ARG B 55 15.96 -5.39 16.07
C ARG B 55 15.79 -6.29 17.26
N ASP B 56 16.84 -7.03 17.62
CA ASP B 56 16.74 -8.01 18.69
C ASP B 56 17.14 -7.43 20.05
N CYS B 57 17.16 -6.11 20.14
CA CYS B 57 17.43 -5.40 21.39
C CYS B 57 16.19 -4.67 21.90
N LYS B 58 15.69 -5.06 23.05
CA LYS B 58 14.70 -4.30 23.76
C LYS B 58 15.40 -3.01 24.16
N LEU B 59 14.68 -1.90 24.25
CA LEU B 59 15.30 -0.64 24.73
C LEU B 59 16.02 -0.88 26.04
N MET B 60 15.46 -1.69 26.93
CA MET B 60 16.10 -1.93 28.24
C MET B 60 17.49 -2.52 28.07
N ASP B 61 17.65 -3.40 27.09
CA ASP B 61 18.93 -4.09 26.87
C ASP B 61 19.91 -3.21 26.15
N ALA B 62 19.38 -2.42 25.23
CA ALA B 62 20.13 -1.31 24.62
C ALA B 62 20.63 -0.33 25.68
N LEU B 63 19.76 -0.02 26.64
CA LEU B 63 20.02 0.98 27.66
C LEU B 63 21.12 0.50 28.62
N LEU B 64 20.90 -0.65 29.22
CA LEU B 64 21.84 -1.26 30.14
C LEU B 64 23.14 -1.70 29.44
N GLY B 65 23.10 -2.02 28.15
CA GLY B 65 24.34 -2.39 27.45
C GLY B 65 24.59 -3.91 27.34
N ASP B 66 23.59 -4.66 26.98
CA ASP B 66 23.72 -6.10 26.72
C ASP B 66 24.73 -6.22 25.58
N PRO B 67 25.73 -7.10 25.63
CA PRO B 67 26.75 -7.01 24.58
C PRO B 67 26.24 -7.15 23.15
N HIS B 68 25.14 -7.86 22.97
CA HIS B 68 24.48 -7.95 21.66
C HIS B 68 23.92 -6.65 21.18
N CYS B 69 23.98 -5.63 22.03
CA CYS B 69 23.28 -4.38 21.79
C CYS B 69 24.20 -3.18 21.71
N ASP B 70 25.51 -3.43 21.58
CA ASP B 70 26.52 -2.37 21.52
C ASP B 70 26.34 -1.40 20.37
N VAL B 71 25.75 -1.86 19.25
CA VAL B 71 25.53 -0.98 18.11
C VAL B 71 24.53 0.15 18.43
N PHE B 72 23.71 -0.03 19.47
CA PHE B 72 22.77 0.99 19.88
C PHE B 72 23.34 2.02 20.88
N GLN B 73 24.61 1.92 21.22
CA GLN B 73 25.19 2.92 22.09
C GLN B 73 25.04 4.32 21.55
N ASP B 74 24.61 5.23 22.41
CA ASP B 74 24.47 6.65 22.06
C ASP B 74 23.48 6.97 20.97
N GLU B 75 22.59 6.02 20.65
CA GLU B 75 21.61 6.27 19.59
C GLU B 75 20.52 7.24 19.96
N THR B 76 19.89 7.81 18.93
CA THR B 76 18.78 8.70 19.15
C THR B 76 17.62 8.23 18.28
N TRP B 77 16.42 8.69 18.61
CA TRP B 77 15.24 8.35 17.83
C TRP B 77 14.09 9.27 18.13
N ASP B 78 13.20 9.34 17.16
CA ASP B 78 11.88 9.86 17.40
C ASP B 78 11.00 8.69 17.76
N LEU B 79 11.19 7.60 17.07
CA LEU B 79 10.46 6.34 17.39
C LEU B 79 11.38 5.13 17.41
N TYR B 80 11.53 4.53 18.57
CA TYR B 80 12.27 3.29 18.72
C TYR B 80 11.25 2.16 18.42
N VAL B 81 11.51 1.31 17.43
CA VAL B 81 10.64 0.16 17.15
C VAL B 81 11.20 -1.03 17.86
N GLU B 82 10.37 -1.66 18.65
CA GLU B 82 10.80 -2.77 19.46
C GLU B 82 10.16 -4.05 18.90
N ARG B 83 10.99 -5.03 18.54
CA ARG B 83 10.53 -6.30 17.94
C ARG B 83 10.23 -7.36 19.00
N SER B 84 9.30 -8.25 18.67
CA SER B 84 8.91 -9.34 19.58
C SER B 84 9.98 -10.44 19.66
N SER B 85 10.80 -10.55 18.65
CA SER B 85 11.83 -11.58 18.66
C SER B 85 13.01 -11.19 19.54
N ALA B 86 13.07 -9.94 19.97
CA ALA B 86 14.16 -9.45 20.77
C ALA B 86 14.28 -10.22 22.05
N SER B 87 15.51 -10.45 22.49
CA SER B 87 15.78 -11.18 23.71
C SER B 87 17.05 -10.69 24.39
N SER B 88 17.19 -11.18 25.62
CA SER B 88 18.23 -10.76 26.51
C SER B 88 19.29 -11.80 26.60
N ASN B 89 20.54 -11.34 26.61
CA ASN B 89 21.68 -12.25 26.64
C ASN B 89 22.78 -11.89 27.55
N CYS B 90 22.43 -11.34 28.69
CA CYS B 90 23.45 -10.90 29.64
C CYS B 90 23.01 -11.41 30.99
N TYR B 91 23.45 -10.78 32.07
CA TYR B 91 23.14 -11.32 33.38
C TYR B 91 21.62 -11.27 33.62
N PRO B 92 21.08 -12.31 34.25
CA PRO B 92 19.65 -12.18 34.42
C PRO B 92 19.24 -11.09 35.42
N TYR B 93 18.18 -10.39 35.10
CA TYR B 93 17.81 -9.18 35.82
C TYR B 93 16.33 -8.91 35.76
N ASP B 94 15.86 -8.13 36.73
CA ASP B 94 14.49 -7.63 36.75
C ASP B 94 14.59 -6.12 36.97
N VAL B 95 13.58 -5.40 36.50
CA VAL B 95 13.48 -3.96 36.76
C VAL B 95 12.15 -3.67 37.39
N PRO B 96 12.13 -3.53 38.72
CA PRO B 96 10.86 -3.08 39.36
C PRO B 96 10.46 -1.79 38.66
N ASP B 97 9.19 -1.69 38.25
CA ASP B 97 8.72 -0.50 37.50
C ASP B 97 9.39 -0.37 36.12
N TYR B 98 9.67 -1.55 35.55
CA TYR B 98 10.17 -1.71 34.22
C TYR B 98 9.54 -0.69 33.24
N ALA B 99 8.24 -0.63 33.24
CA ALA B 99 7.56 0.16 32.24
C ALA B 99 7.78 1.68 32.42
N SER B 100 8.02 2.14 33.63
CA SER B 100 8.38 3.56 33.83
C SER B 100 9.73 3.89 33.27
N LEU B 101 10.68 3.00 33.50
CA LEU B 101 11.99 3.24 32.99
C LEU B 101 11.98 3.20 31.46
N ARG B 102 11.28 2.22 30.92
CA ARG B 102 11.22 2.12 29.46
C ARG B 102 10.43 3.29 28.91
N SER B 103 9.38 3.72 29.59
CA SER B 103 8.64 4.86 29.09
C SER B 103 9.47 6.14 29.11
N LEU B 104 10.09 6.43 30.22
CA LEU B 104 10.75 7.72 30.34
C LEU B 104 11.99 7.79 29.42
N VAL B 105 12.66 6.64 29.19
CA VAL B 105 13.78 6.61 28.22
C VAL B 105 13.20 6.77 26.84
N ALA B 106 12.17 6.00 26.53
CA ALA B 106 11.64 6.06 25.17
C ALA B 106 11.26 7.50 24.86
N SER B 107 10.62 8.19 25.83
CA SER B 107 10.18 9.58 25.69
C SER B 107 11.31 10.58 25.59
N SER B 108 12.39 10.33 26.31
CA SER B 108 13.60 11.18 26.22
C SER B 108 14.24 11.10 24.84
N GLY B 109 14.14 9.96 24.18
CA GLY B 109 14.57 9.86 22.79
C GLY B 109 16.05 9.55 22.56
N THR B 110 16.75 9.10 23.59
CA THR B 110 18.20 9.05 23.48
C THR B 110 18.89 8.16 24.47
N LEU B 111 19.96 7.54 23.97
CA LEU B 111 20.84 6.73 24.80
C LEU B 111 22.19 7.38 25.01
N GLU B 112 22.33 8.67 24.66
CA GLU B 112 23.58 9.38 24.90
C GLU B 112 23.99 9.18 26.33
N PHE B 113 25.14 8.52 26.50
CA PHE B 113 25.71 8.11 27.79
C PHE B 113 27.02 8.84 28.05
N ILE B 114 27.17 9.33 29.22
CA ILE B 114 28.37 10.07 29.54
C ILE B 114 29.01 9.35 30.71
N THR B 115 30.21 8.83 30.51
CA THR B 115 30.98 8.10 31.52
C THR B 115 31.64 9.12 32.43
N GLU B 116 31.49 8.95 33.76
CA GLU B 116 32.04 9.87 34.78
C GLU B 116 33.07 9.23 35.65
N GLY B 117 33.90 10.09 36.22
CA GLY B 117 35.07 9.62 36.91
C GLY B 117 34.79 9.29 38.34
N PHE B 118 33.91 8.30 38.54
CA PHE B 118 33.63 7.75 39.85
C PHE B 118 34.91 7.19 40.44
N THR B 119 35.05 7.39 41.74
CA THR B 119 36.10 6.75 42.47
C THR B 119 35.48 5.76 43.43
N TRP B 120 35.79 4.50 43.13
CA TRP B 120 35.46 3.35 43.96
C TRP B 120 36.71 2.82 44.69
N THR B 121 36.96 3.33 45.89
CA THR B 121 38.16 2.99 46.64
C THR B 121 38.02 1.69 47.40
N GLY B 122 38.99 0.79 47.19
CA GLY B 122 39.10 -0.45 47.93
C GLY B 122 38.28 -1.61 47.40
N VAL B 123 37.72 -1.44 46.20
CA VAL B 123 36.95 -2.53 45.57
C VAL B 123 37.53 -2.95 44.21
N THR B 124 37.29 -4.21 43.84
CA THR B 124 37.60 -4.73 42.51
C THR B 124 36.43 -4.33 41.59
N GLN B 125 36.70 -3.75 40.42
CA GLN B 125 35.67 -3.33 39.46
C GLN B 125 35.55 -4.30 38.29
N ASN B 126 34.56 -4.05 37.44
CA ASN B 126 34.41 -4.79 36.20
C ASN B 126 34.18 -6.29 36.37
N GLY B 127 33.42 -6.65 37.39
CA GLY B 127 33.00 -8.02 37.54
C GLY B 127 32.29 -8.55 36.32
N GLU B 128 32.49 -9.81 36.01
CA GLU B 128 32.03 -10.36 34.78
C GLU B 128 31.40 -11.76 34.95
N SER B 129 30.64 -12.21 33.95
CA SER B 129 29.87 -13.42 34.08
C SER B 129 29.72 -14.20 32.79
N GLY B 130 29.65 -15.53 32.95
CA GLY B 130 29.32 -16.44 31.90
C GLY B 130 27.96 -16.20 31.33
N ALA B 131 27.11 -15.54 32.08
CA ALA B 131 25.76 -15.24 31.64
C ALA B 131 25.69 -14.14 30.62
N CYS B 132 26.79 -13.43 30.38
CA CYS B 132 26.80 -12.19 29.60
C CYS B 132 28.12 -12.17 28.84
N LYS B 133 28.27 -13.09 27.90
CA LYS B 133 29.55 -13.28 27.23
C LYS B 133 29.85 -12.19 26.22
N ARG B 134 31.12 -11.85 26.10
CA ARG B 134 31.57 -10.96 25.04
C ARG B 134 32.60 -11.74 24.25
N GLY B 135 32.09 -12.35 23.19
CA GLY B 135 32.88 -13.25 22.41
C GLY B 135 33.13 -14.49 23.22
N PRO B 136 34.39 -14.87 23.37
CA PRO B 136 34.64 -16.08 24.11
C PRO B 136 34.75 -15.80 25.63
N ALA B 137 34.93 -14.51 25.98
CA ALA B 137 35.18 -14.10 27.35
C ALA B 137 33.89 -13.84 28.13
N ASN B 138 33.95 -14.12 29.43
CA ASN B 138 32.98 -13.60 30.36
C ASN B 138 32.90 -12.08 30.21
N GLY B 139 31.70 -11.50 30.39
CA GLY B 139 31.49 -10.06 30.30
C GLY B 139 30.34 -9.57 31.15
N PHE B 140 29.87 -8.35 30.89
CA PHE B 140 28.78 -7.81 31.69
C PHE B 140 28.11 -6.61 30.96
N PHE B 141 27.02 -6.07 31.51
CA PHE B 141 26.36 -4.87 30.96
C PHE B 141 27.41 -3.75 30.79
N SER B 142 27.50 -3.10 29.64
CA SER B 142 28.57 -2.14 29.36
C SER B 142 28.42 -0.87 30.23
N ARG B 143 27.20 -0.54 30.57
CA ARG B 143 26.93 0.67 31.27
C ARG B 143 26.94 0.51 32.79
N LEU B 144 27.14 -0.71 33.27
CA LEU B 144 27.15 -0.93 34.73
C LEU B 144 28.45 -1.58 35.13
N ASN B 145 28.75 -1.49 36.41
CA ASN B 145 30.10 -1.79 36.93
C ASN B 145 29.96 -2.62 38.20
N TRP B 146 30.16 -3.92 38.04
CA TRP B 146 30.00 -4.85 39.11
C TRP B 146 31.20 -4.81 40.02
N LEU B 147 31.02 -4.36 41.24
CA LEU B 147 32.09 -4.29 42.20
C LEU B 147 32.06 -5.45 43.17
N THR B 148 33.23 -5.93 43.50
CA THR B 148 33.40 -6.98 44.50
C THR B 148 34.58 -6.59 45.40
N LYS B 149 34.80 -7.38 46.44
CA LYS B 149 35.88 -7.11 47.39
C LYS B 149 37.27 -6.99 46.77
N SER B 150 38.15 -6.28 47.49
CA SER B 150 39.57 -6.26 47.19
C SER B 150 40.33 -6.92 48.33
N GLY B 151 41.14 -7.91 48.02
CA GLY B 151 41.72 -8.76 49.02
C GLY B 151 40.64 -9.38 49.91
N SER B 152 40.70 -9.04 51.19
CA SER B 152 39.77 -9.59 52.20
C SER B 152 38.81 -8.53 52.76
N VAL B 153 38.79 -7.37 52.11
CA VAL B 153 37.87 -6.33 52.55
C VAL B 153 36.94 -5.85 51.41
N TYR B 154 35.71 -5.56 51.78
CA TYR B 154 34.86 -4.65 51.04
C TYR B 154 34.49 -3.50 51.99
N PRO B 155 34.99 -2.30 51.70
CA PRO B 155 34.75 -1.14 52.54
C PRO B 155 33.35 -0.56 52.39
N LEU B 156 32.92 0.21 53.39
CA LEU B 156 31.77 1.08 53.26
C LEU B 156 32.08 2.10 52.16
N LEU B 157 31.38 2.02 51.04
CA LEU B 157 31.54 2.91 49.91
C LEU B 157 30.69 4.13 50.11
N ASN B 158 31.30 5.27 49.84
CA ASN B 158 30.67 6.59 49.99
C ASN B 158 31.25 7.52 48.93
N VAL B 159 30.53 7.62 47.80
CA VAL B 159 31.00 8.39 46.69
C VAL B 159 29.93 9.32 46.16
N THR B 160 30.35 10.45 45.59
CA THR B 160 29.43 11.47 45.12
C THR B 160 29.76 11.95 43.75
N MET B 161 28.75 12.49 43.10
CA MET B 161 28.92 13.06 41.75
C MET B 161 27.89 14.21 41.59
N PRO B 162 28.35 15.46 41.75
CA PRO B 162 27.50 16.61 41.57
C PRO B 162 27.06 16.82 40.14
N ASN B 163 25.85 17.30 40.01
CA ASN B 163 25.35 17.77 38.73
C ASN B 163 25.52 19.27 38.64
N ASN B 164 26.55 19.71 37.92
CA ASN B 164 26.78 21.13 37.72
C ASN B 164 26.29 21.60 36.36
N ASP B 165 25.51 20.78 35.67
CA ASP B 165 24.99 21.11 34.36
C ASP B 165 23.61 21.67 34.53
N ASN B 166 23.02 22.05 33.42
CA ASN B 166 21.68 22.62 33.41
C ASN B 166 20.66 21.65 32.82
N PHE B 167 21.02 20.38 32.69
CA PHE B 167 20.10 19.34 32.28
C PHE B 167 19.97 18.32 33.43
N ASP B 168 18.87 17.57 33.41
CA ASP B 168 18.70 16.40 34.26
C ASP B 168 19.56 15.23 33.76
N LYS B 169 20.15 14.49 34.72
CA LYS B 169 20.99 13.30 34.46
C LYS B 169 20.27 12.03 34.93
N LEU B 170 20.25 11.00 34.11
CA LEU B 170 19.61 9.75 34.53
C LEU B 170 20.67 8.74 34.84
N TYR B 171 20.66 8.27 36.08
CA TYR B 171 21.56 7.23 36.56
C TYR B 171 20.81 5.89 36.63
N VAL B 172 21.34 4.87 35.97
CA VAL B 172 20.80 3.52 36.08
C VAL B 172 21.81 2.71 36.84
N TRP B 173 21.35 2.07 37.92
CA TRP B 173 22.25 1.29 38.77
C TRP B 173 21.50 0.06 39.26
N GLY B 174 22.17 -0.82 39.95
CA GLY B 174 21.59 -2.11 40.31
C GLY B 174 22.04 -2.66 41.65
N VAL B 175 21.40 -3.77 42.03
CA VAL B 175 21.72 -4.47 43.24
C VAL B 175 21.79 -5.96 42.95
N HIS B 176 22.85 -6.59 43.44
CA HIS B 176 23.07 -7.97 43.11
C HIS B 176 22.61 -8.85 44.24
N HIS B 177 21.82 -9.88 43.90
CA HIS B 177 21.30 -10.85 44.84
C HIS B 177 22.05 -12.17 44.62
N PRO B 178 22.96 -12.53 45.52
CA PRO B 178 23.67 -13.81 45.39
C PRO B 178 22.83 -15.06 45.67
N SER B 179 23.30 -16.24 45.25
CA SER B 179 22.48 -17.51 45.32
C SER B 179 22.59 -18.19 46.69
N THR B 180 23.76 -18.11 47.30
CA THR B 180 24.00 -18.66 48.63
C THR B 180 24.74 -17.66 49.51
N ASN B 181 24.83 -18.00 50.79
CA ASN B 181 25.63 -17.24 51.78
C ASN B 181 27.07 -17.23 51.45
N GLN B 182 27.56 -18.39 51.03
CA GLN B 182 28.94 -18.59 50.65
C GLN B 182 29.27 -17.56 49.56
N GLU B 183 28.44 -17.51 48.51
CA GLU B 183 28.64 -16.56 47.43
C GLU B 183 28.65 -15.10 47.92
N GLN B 184 27.65 -14.72 48.71
CA GLN B 184 27.57 -13.35 49.28
C GLN B 184 28.88 -12.94 49.94
N THR B 185 29.47 -13.81 50.75
CA THR B 185 30.73 -13.48 51.45
C THR B 185 31.98 -13.61 50.56
N ASN B 186 32.04 -14.56 49.66
CA ASN B 186 33.13 -14.59 48.71
C ASN B 186 33.28 -13.27 47.98
N LEU B 187 32.14 -12.68 47.59
CA LEU B 187 32.15 -11.50 46.73
C LEU B 187 32.29 -10.23 47.50
N TYR B 188 31.54 -10.09 48.59
CA TYR B 188 31.45 -8.83 49.31
C TYR B 188 31.89 -8.93 50.76
N VAL B 189 32.21 -10.13 51.24
CA VAL B 189 32.66 -10.35 52.62
C VAL B 189 31.55 -10.18 53.65
N GLN B 190 30.88 -9.00 53.66
CA GLN B 190 29.73 -8.83 54.54
C GLN B 190 28.65 -9.86 54.28
N ALA B 191 27.96 -10.23 55.36
CA ALA B 191 26.94 -11.27 55.31
C ALA B 191 25.65 -10.77 54.69
N SER B 192 25.44 -9.46 54.76
CA SER B 192 24.25 -8.81 54.26
C SER B 192 24.70 -7.44 53.70
N GLY B 193 24.43 -7.17 52.43
CA GLY B 193 24.80 -5.87 51.84
C GLY B 193 23.59 -4.96 51.73
N ARG B 194 23.76 -3.92 50.94
CA ARG B 194 22.88 -2.77 51.01
C ARG B 194 23.37 -1.66 50.07
N VAL B 195 22.43 -1.06 49.34
CA VAL B 195 22.69 0.06 48.48
C VAL B 195 21.75 1.20 48.81
N THR B 196 22.32 2.37 48.98
CA THR B 196 21.54 3.54 49.23
C THR B 196 22.04 4.66 48.30
N VAL B 197 21.19 5.05 47.38
CA VAL B 197 21.47 6.11 46.45
C VAL B 197 20.52 7.24 46.76
N SER B 198 21.10 8.43 47.00
CA SER B 198 20.36 9.58 47.42
C SER B 198 20.78 10.85 46.67
N THR B 199 19.88 11.83 46.69
CA THR B 199 20.07 13.19 46.27
C THR B 199 19.70 14.03 47.47
N ARG B 200 19.67 15.37 47.30
CA ARG B 200 19.15 16.26 48.34
C ARG B 200 17.63 16.04 48.57
N ARG B 201 16.93 15.60 47.54
CA ARG B 201 15.50 15.49 47.57
C ARG B 201 14.95 14.05 47.52
N SER B 202 15.79 13.05 47.60
CA SER B 202 15.30 11.69 47.39
C SER B 202 16.29 10.70 47.92
N GLN B 203 15.81 9.53 48.26
CA GLN B 203 16.68 8.50 48.66
C GLN B 203 16.05 7.15 48.39
N GLN B 204 16.89 6.15 48.11
CA GLN B 204 16.45 4.81 47.79
C GLN B 204 17.37 3.84 48.48
N THR B 205 16.84 2.92 49.28
CA THR B 205 17.64 1.84 49.83
C THR B 205 17.09 0.49 49.41
N ILE B 206 17.96 -0.31 48.83
CA ILE B 206 17.62 -1.68 48.48
C ILE B 206 18.46 -2.67 49.27
N ILE B 207 17.79 -3.64 49.90
CA ILE B 207 18.47 -4.69 50.64
C ILE B 207 18.32 -5.94 49.80
N PRO B 208 19.44 -6.52 49.34
CA PRO B 208 19.28 -7.72 48.53
C PRO B 208 18.92 -8.93 49.36
N ASN B 209 18.25 -9.90 48.76
CA ASN B 209 17.98 -11.16 49.38
C ASN B 209 18.76 -12.25 48.70
N ILE B 210 19.61 -12.88 49.48
CA ILE B 210 20.38 -14.02 49.07
C ILE B 210 19.46 -15.21 48.78
N GLY B 211 19.80 -15.98 47.75
CA GLY B 211 19.04 -17.19 47.46
C GLY B 211 19.03 -17.59 46.02
N SER B 212 18.66 -18.82 45.81
CA SER B 212 18.60 -19.38 44.46
C SER B 212 17.34 -18.92 43.72
N ARG B 213 17.53 -18.46 42.49
CA ARG B 213 16.48 -18.32 41.49
C ARG B 213 16.80 -19.32 40.37
N PRO B 214 15.84 -19.56 39.44
CA PRO B 214 16.13 -20.49 38.37
C PRO B 214 17.37 -20.11 37.58
N LEU B 215 18.13 -21.14 37.19
CA LEU B 215 19.25 -21.00 36.26
C LEU B 215 18.80 -20.25 35.00
N VAL B 216 19.47 -19.11 34.73
CA VAL B 216 19.41 -18.43 33.42
C VAL B 216 20.85 -18.28 32.96
N ARG B 217 21.12 -18.73 31.73
CA ARG B 217 22.47 -18.80 31.16
C ARG B 217 23.56 -19.11 32.19
N GLY B 218 23.31 -20.16 32.96
CA GLY B 218 24.28 -20.73 33.88
C GLY B 218 24.26 -20.17 35.29
N GLN B 219 23.41 -19.17 35.54
CA GLN B 219 23.49 -18.37 36.78
C GLN B 219 22.19 -18.34 37.58
N SER B 220 22.31 -18.56 38.89
CA SER B 220 21.14 -18.63 39.75
C SER B 220 20.90 -17.33 40.53
N GLY B 221 21.92 -16.46 40.56
CA GLY B 221 21.75 -15.12 41.11
C GLY B 221 21.01 -14.20 40.16
N ARG B 222 20.76 -12.97 40.62
CA ARG B 222 20.04 -11.93 39.88
C ARG B 222 20.50 -10.54 40.23
N ILE B 223 20.20 -9.61 39.34
CA ILE B 223 20.46 -8.18 39.55
C ILE B 223 19.16 -7.44 39.33
N SER B 224 18.87 -6.46 40.19
CA SER B 224 17.66 -5.64 40.05
C SER B 224 18.08 -4.21 39.72
N ILE B 225 17.44 -3.62 38.72
CA ILE B 225 17.81 -2.33 38.23
C ILE B 225 16.86 -1.24 38.80
N TYR B 226 17.46 -0.13 39.17
CA TYR B 226 16.83 1.02 39.78
C TYR B 226 17.36 2.25 39.08
N TRP B 227 16.68 3.37 39.16
CA TRP B 227 17.19 4.57 38.52
C TRP B 227 16.96 5.79 39.41
N THR B 228 17.76 6.81 39.15
CA THR B 228 17.71 8.06 39.86
C THR B 228 17.96 9.15 38.82
N ILE B 229 17.09 10.18 38.82
CA ILE B 229 17.26 11.38 37.96
C ILE B 229 17.82 12.46 38.90
N VAL B 230 18.99 13.01 38.59
CA VAL B 230 19.59 14.09 39.39
C VAL B 230 19.43 15.40 38.67
N LYS B 231 18.77 16.33 39.33
CA LYS B 231 18.43 17.60 38.76
C LYS B 231 19.66 18.51 38.80
N PRO B 232 19.64 19.59 37.99
CA PRO B 232 20.70 20.63 38.00
C PRO B 232 20.92 21.16 39.39
N GLY B 233 22.19 21.21 39.85
CA GLY B 233 22.51 21.77 41.18
C GLY B 233 22.48 20.74 42.29
N ASP B 234 21.90 19.59 42.00
CA ASP B 234 21.74 18.52 42.93
C ASP B 234 22.96 17.59 42.83
N ILE B 235 23.04 16.61 43.74
CA ILE B 235 24.22 15.77 43.93
C ILE B 235 23.82 14.30 44.08
N LEU B 236 24.47 13.41 43.32
CA LEU B 236 24.26 11.98 43.46
C LEU B 236 25.19 11.52 44.56
N MET B 237 24.67 10.70 45.48
CA MET B 237 25.52 10.11 46.50
C MET B 237 25.21 8.63 46.57
N ILE B 238 26.23 7.81 46.66
CA ILE B 238 26.01 6.39 46.67
C ILE B 238 26.72 5.81 47.86
N ASN B 239 25.99 4.97 48.58
CA ASN B 239 26.43 4.41 49.84
C ASN B 239 26.19 2.90 49.83
N SER B 240 27.21 2.12 50.11
CA SER B 240 27.03 0.68 50.02
C SER B 240 28.14 -0.08 50.73
N ASN B 241 27.71 -1.15 51.41
CA ASN B 241 28.59 -2.00 52.18
C ASN B 241 28.67 -3.37 51.50
N GLY B 242 28.27 -3.45 50.22
CA GLY B 242 28.21 -4.71 49.44
C GLY B 242 27.01 -4.73 48.51
N ASN B 243 27.16 -5.43 47.40
CA ASN B 243 26.09 -5.85 46.49
C ASN B 243 25.68 -4.76 45.52
N LEU B 244 26.48 -3.68 45.49
CA LEU B 244 26.30 -2.60 44.53
C LEU B 244 26.75 -3.00 43.17
N VAL B 245 25.91 -2.64 42.19
CA VAL B 245 26.28 -2.68 40.80
C VAL B 245 26.22 -1.27 40.31
N ALA B 246 27.37 -0.64 40.23
CA ALA B 246 27.40 0.80 40.14
C ALA B 246 27.15 1.33 38.71
N PRO B 247 26.70 2.58 38.62
CA PRO B 247 26.63 3.20 37.30
C PRO B 247 27.98 3.63 36.91
N ARG B 248 28.22 3.68 35.60
CA ARG B 248 29.50 4.13 35.11
C ARG B 248 29.44 5.61 34.77
N GLY B 249 28.25 6.19 34.86
CA GLY B 249 27.99 7.56 34.37
C GLY B 249 26.48 7.78 34.23
N TYR B 250 26.03 8.64 33.34
CA TYR B 250 24.60 8.85 33.18
C TYR B 250 24.12 8.94 31.74
N PHE B 251 22.82 8.90 31.55
CA PHE B 251 22.25 9.15 30.23
C PHE B 251 21.68 10.58 30.21
N LYS B 252 21.93 11.30 29.12
CA LYS B 252 21.37 12.62 28.92
C LYS B 252 19.90 12.47 28.86
N MET B 253 19.20 13.47 29.38
CA MET B 253 17.75 13.51 29.24
C MET B 253 17.39 14.64 28.25
N ARG B 254 16.42 14.34 27.39
CA ARG B 254 15.81 15.33 26.53
C ARG B 254 14.31 15.27 26.72
N THR B 255 13.63 16.28 26.20
CA THR B 255 12.20 16.27 26.17
C THR B 255 11.87 16.47 24.68
N GLY B 256 10.71 16.02 24.24
CA GLY B 256 10.24 16.29 22.87
C GLY B 256 9.31 15.19 22.42
N LYS B 257 9.38 14.87 21.13
CA LYS B 257 8.40 14.02 20.45
C LYS B 257 8.73 12.54 20.44
N SER B 258 9.74 12.06 21.18
CA SER B 258 10.18 10.65 21.01
C SER B 258 9.26 9.63 21.68
N SER B 259 9.27 8.41 21.18
CA SER B 259 8.51 7.39 21.82
C SER B 259 9.01 6.02 21.44
N ILE B 260 8.21 5.01 21.73
CA ILE B 260 8.58 3.62 21.45
C ILE B 260 7.36 2.88 21.05
N MET B 261 7.48 2.02 20.03
CA MET B 261 6.35 1.26 19.58
C MET B 261 6.79 -0.19 19.41
N ARG B 262 5.88 -1.10 19.75
CA ARG B 262 6.04 -2.52 19.48
C ARG B 262 5.49 -2.83 18.10
N SER B 263 6.34 -3.33 17.21
CA SER B 263 5.86 -3.70 15.89
C SER B 263 6.81 -4.62 15.16
N ASN B 264 6.25 -5.48 14.33
CA ASN B 264 7.06 -6.32 13.42
C ASN B 264 6.93 -5.88 11.96
N ALA B 265 6.50 -4.65 11.74
CA ALA B 265 6.40 -4.11 10.39
C ALA B 265 7.80 -3.75 9.87
N PRO B 266 8.13 -4.12 8.61
CA PRO B 266 9.45 -3.68 8.21
C PRO B 266 9.49 -2.18 7.93
N ILE B 267 10.69 -1.66 7.91
CA ILE B 267 10.95 -0.25 7.70
C ILE B 267 11.18 -0.07 6.23
N ASP B 268 10.70 1.03 5.67
CA ASP B 268 10.83 1.26 4.25
C ASP B 268 11.18 2.71 4.07
N THR B 269 11.70 3.05 2.89
CA THR B 269 12.00 4.45 2.59
C THR B 269 10.76 5.07 1.98
N CYS B 270 10.13 5.95 2.71
CA CYS B 270 8.96 6.66 2.18
C CYS B 270 8.66 7.78 3.17
N ILE B 271 7.66 8.59 2.89
CA ILE B 271 7.30 9.66 3.81
C ILE B 271 5.87 9.40 4.32
N SER B 272 5.70 9.18 5.63
CA SER B 272 4.37 9.19 6.25
C SER B 272 4.43 9.79 7.64
N GLU B 273 3.59 10.80 7.90
CA GLU B 273 3.46 11.46 9.19
C GLU B 273 3.01 10.50 10.27
N CYS B 274 2.10 9.60 9.89
CA CYS B 274 1.43 8.73 10.82
C CYS B 274 1.92 7.32 10.81
N ILE B 275 2.35 6.81 11.97
CA ILE B 275 2.81 5.42 12.10
C ILE B 275 1.91 4.64 13.01
N THR B 276 1.62 3.38 12.64
CA THR B 276 0.96 2.42 13.52
C THR B 276 1.76 1.13 13.61
N PRO B 277 1.43 0.26 14.56
CA PRO B 277 2.06 -1.05 14.57
C PRO B 277 1.89 -1.86 13.29
N ASN B 278 0.84 -1.57 12.54
CA ASN B 278 0.59 -2.35 11.31
C ASN B 278 1.38 -1.74 10.15
N GLY B 279 1.99 -0.57 10.35
CA GLY B 279 2.69 0.17 9.28
C GLY B 279 2.21 1.59 9.27
N SER B 280 2.78 2.40 8.42
CA SER B 280 2.35 3.78 8.29
C SER B 280 1.05 3.81 7.55
N ILE B 281 0.30 4.90 7.72
CA ILE B 281 -0.96 5.10 7.02
C ILE B 281 -1.10 6.56 6.57
N PRO B 282 -1.89 6.77 5.50
CA PRO B 282 -2.21 8.16 5.15
C PRO B 282 -3.03 8.81 6.23
N ASN B 283 -2.99 10.11 6.25
CA ASN B 283 -3.75 10.85 7.21
C ASN B 283 -4.56 11.96 6.51
N ASP B 284 -5.02 11.69 5.29
CA ASP B 284 -5.96 12.61 4.63
C ASP B 284 -7.33 12.52 5.27
N LYS B 285 -7.67 11.36 5.83
CA LYS B 285 -8.97 11.19 6.47
C LYS B 285 -8.86 11.55 7.95
N PRO B 286 -9.99 11.99 8.56
CA PRO B 286 -10.02 12.43 9.96
C PRO B 286 -10.11 11.29 10.95
N PHE B 287 -10.56 10.11 10.50
CA PHE B 287 -10.63 8.94 11.40
C PHE B 287 -9.92 7.74 10.78
N GLN B 288 -9.68 6.71 11.60
CA GLN B 288 -9.06 5.45 11.17
C GLN B 288 -9.43 4.25 12.05
N ASN B 289 -9.35 3.09 11.45
CA ASN B 289 -9.77 1.88 12.09
C ASN B 289 -8.62 0.86 12.20
N VAL B 290 -7.42 1.29 11.81
CA VAL B 290 -6.32 0.36 11.70
C VAL B 290 -5.75 -0.06 13.07
N ASN B 291 -5.49 0.91 13.96
CA ASN B 291 -4.94 0.63 15.29
C ASN B 291 -5.04 1.82 16.21
N LYS B 292 -5.52 1.56 17.44
CA LYS B 292 -5.57 2.55 18.51
C LYS B 292 -4.18 3.10 18.92
N ILE B 293 -3.15 2.31 18.60
CA ILE B 293 -1.79 2.70 18.82
C ILE B 293 -1.31 3.41 17.58
N THR B 294 -1.03 4.69 17.72
CA THR B 294 -0.43 5.49 16.66
C THR B 294 0.75 6.37 17.17
N TYR B 295 1.56 6.86 16.26
CA TYR B 295 2.54 7.89 16.54
C TYR B 295 2.47 8.92 15.40
N GLY B 296 2.43 10.20 15.75
CA GLY B 296 2.52 11.29 14.78
C GLY B 296 1.16 11.89 14.46
N ALA B 297 1.09 12.64 13.35
CA ALA B 297 -0.14 13.34 12.92
C ALA B 297 -1.07 12.32 12.26
N CYS B 298 -2.02 11.84 13.06
CA CYS B 298 -2.81 10.69 12.76
C CYS B 298 -4.32 10.99 12.82
N PRO B 299 -5.07 10.32 11.96
CA PRO B 299 -6.48 10.24 12.17
C PRO B 299 -6.77 9.64 13.55
N LYS B 300 -7.93 9.96 14.05
CA LYS B 300 -8.34 9.50 15.34
C LYS B 300 -8.90 8.09 15.19
N TYR B 301 -8.50 7.18 16.07
CA TYR B 301 -9.07 5.83 16.08
C TYR B 301 -10.50 5.90 16.43
N VAL B 302 -11.32 5.18 15.65
CA VAL B 302 -12.75 4.98 15.92
C VAL B 302 -13.06 3.50 15.64
N LYS B 303 -14.20 3.02 16.11
CA LYS B 303 -14.54 1.59 15.95
C LYS B 303 -15.05 1.25 14.56
N GLN B 304 -15.63 2.23 13.88
CA GLN B 304 -16.28 2.03 12.58
C GLN B 304 -15.23 1.81 11.51
N SER B 305 -15.53 0.95 10.54
CA SER B 305 -14.57 0.71 9.45
C SER B 305 -14.80 1.60 8.21
N THR B 306 -15.97 2.23 8.14
CA THR B 306 -16.34 3.12 7.05
C THR B 306 -17.40 4.13 7.54
N LEU B 307 -17.27 5.36 7.05
CA LEU B 307 -18.23 6.44 7.33
C LEU B 307 -18.22 7.36 6.12
N LYS B 308 -19.29 7.32 5.35
CA LYS B 308 -19.37 8.05 4.12
C LYS B 308 -20.00 9.43 4.38
N LEU B 309 -19.27 10.46 4.01
CA LEU B 309 -19.77 11.81 4.04
C LEU B 309 -20.27 12.19 2.64
N ALA B 310 -21.51 12.66 2.56
CA ALA B 310 -22.11 13.09 1.29
C ALA B 310 -21.47 14.40 0.81
N THR B 311 -21.07 14.39 -0.46
CA THR B 311 -20.42 15.51 -1.11
C THR B 311 -21.29 16.11 -2.20
N GLY B 312 -22.47 15.55 -2.38
CA GLY B 312 -23.37 15.94 -3.45
C GLY B 312 -24.79 15.87 -2.96
N MET B 313 -25.72 16.37 -3.78
CA MET B 313 -27.13 16.31 -3.44
C MET B 313 -27.65 14.88 -3.59
N ARG B 314 -28.88 14.68 -3.13
CA ARG B 314 -29.60 13.42 -3.30
C ARG B 314 -29.67 13.01 -4.77
N ASN B 315 -29.44 11.75 -5.07
CA ASN B 315 -29.47 11.29 -6.45
C ASN B 315 -30.85 10.73 -6.81
N VAL B 316 -31.49 11.34 -7.82
CA VAL B 316 -32.79 10.89 -8.32
C VAL B 316 -32.69 10.68 -9.82
N PRO B 317 -32.45 9.41 -10.25
CA PRO B 317 -32.28 9.06 -11.66
C PRO B 317 -33.56 9.14 -12.47
N GLY B 323 -36.41 16.25 0.91
CA GLY B 323 -35.78 17.16 1.89
C GLY B 323 -36.75 18.16 2.48
N LEU B 324 -36.28 19.02 3.35
CA LEU B 324 -37.16 20.02 3.98
C LEU B 324 -37.90 20.90 2.99
N PHE B 325 -37.33 21.10 1.82
CA PHE B 325 -37.92 22.05 0.87
C PHE B 325 -38.84 21.47 -0.19
N GLY B 326 -38.77 20.16 -0.43
CA GLY B 326 -39.80 19.52 -1.29
C GLY B 326 -39.62 19.72 -2.77
N ALA B 327 -38.41 20.14 -3.16
CA ALA B 327 -38.04 20.42 -4.54
C ALA B 327 -37.42 19.16 -5.14
N ILE B 328 -36.22 18.83 -4.67
CA ILE B 328 -35.48 17.62 -5.10
C ILE B 328 -36.19 16.42 -4.52
N ALA B 329 -36.42 15.40 -5.33
CA ALA B 329 -37.25 14.24 -4.95
C ALA B 329 -38.57 14.67 -4.40
N GLY B 330 -39.14 15.70 -5.02
CA GLY B 330 -40.39 16.28 -4.57
C GLY B 330 -41.08 16.80 -5.81
N PHE B 331 -41.38 18.11 -5.88
CA PHE B 331 -42.11 18.61 -7.05
C PHE B 331 -41.33 18.58 -8.35
N ILE B 332 -39.99 18.55 -8.26
CA ILE B 332 -39.17 18.19 -9.41
C ILE B 332 -39.06 16.68 -9.32
N GLU B 333 -39.73 15.97 -10.22
CA GLU B 333 -39.86 14.51 -10.08
C GLU B 333 -38.52 13.78 -9.84
N ASN B 334 -37.47 14.34 -10.40
CA ASN B 334 -36.50 13.52 -11.10
C ASN B 334 -35.31 14.39 -11.59
N GLY B 335 -34.11 13.86 -11.37
CA GLY B 335 -32.88 14.58 -11.80
C GLY B 335 -32.54 14.39 -13.28
N TRP B 336 -31.57 15.15 -13.76
CA TRP B 336 -31.17 15.17 -15.17
C TRP B 336 -29.77 14.61 -15.35
N GLU B 337 -29.64 13.36 -15.84
CA GLU B 337 -28.28 12.78 -16.15
C GLU B 337 -27.58 13.62 -17.23
N GLY B 338 -28.36 14.20 -18.13
CA GLY B 338 -27.84 15.00 -19.22
C GLY B 338 -27.35 16.39 -18.84
N MET B 339 -27.53 16.79 -17.59
CA MET B 339 -26.93 18.01 -17.07
C MET B 339 -25.50 17.71 -16.48
N ILE B 340 -24.45 17.89 -17.27
CA ILE B 340 -23.10 17.50 -16.83
C ILE B 340 -22.19 18.68 -16.53
N ASP B 341 -22.63 19.93 -16.77
CA ASP B 341 -21.77 21.12 -16.54
C ASP B 341 -22.27 22.02 -15.41
N GLY B 342 -23.16 21.48 -14.58
CA GLY B 342 -23.69 22.22 -13.44
C GLY B 342 -24.58 21.34 -12.59
N TRP B 343 -24.92 21.81 -11.41
CA TRP B 343 -25.73 21.01 -10.52
C TRP B 343 -27.21 21.35 -10.65
N TYR B 344 -27.47 22.61 -11.01
CA TYR B 344 -28.81 23.16 -11.19
C TYR B 344 -28.88 23.91 -12.49
N GLY B 345 -30.03 23.88 -13.15
CA GLY B 345 -30.19 24.68 -14.34
C GLY B 345 -31.60 24.73 -14.90
N PHE B 346 -31.64 25.03 -16.21
CA PHE B 346 -32.86 25.28 -16.95
C PHE B 346 -32.92 24.41 -18.22
N ARG B 347 -34.09 23.90 -18.52
CA ARG B 347 -34.42 23.44 -19.85
C ARG B 347 -35.60 24.24 -20.39
N HIS B 348 -35.66 24.41 -21.71
CA HIS B 348 -36.82 25.10 -22.33
C HIS B 348 -37.22 24.45 -23.65
N LYS B 349 -38.51 24.61 -24.00
CA LYS B 349 -39.12 24.36 -25.33
C LYS B 349 -39.70 25.68 -25.80
N ASN B 350 -39.30 26.18 -26.95
CA ASN B 350 -39.86 27.42 -27.48
C ASN B 350 -39.95 27.37 -29.00
N SER B 351 -40.26 28.54 -29.57
CA SER B 351 -40.28 28.82 -31.01
C SER B 351 -39.00 28.31 -31.77
N GLU B 352 -37.81 28.59 -31.23
CA GLU B 352 -36.56 28.24 -31.92
C GLU B 352 -36.04 26.84 -31.57
N GLY B 353 -36.89 26.01 -30.94
CA GLY B 353 -36.48 24.65 -30.54
C GLY B 353 -36.46 24.44 -29.02
N THR B 354 -35.62 23.50 -28.55
CA THR B 354 -35.37 23.22 -27.13
C THR B 354 -33.93 23.54 -26.76
N GLY B 355 -33.61 23.48 -25.48
CA GLY B 355 -32.24 23.80 -24.99
C GLY B 355 -32.01 23.52 -23.51
N GLN B 356 -30.75 23.59 -23.10
CA GLN B 356 -30.43 23.37 -21.71
C GLN B 356 -29.30 24.31 -21.22
N ALA B 357 -29.40 24.84 -19.99
CA ALA B 357 -28.22 25.53 -19.47
C ALA B 357 -28.08 25.44 -17.98
N ALA B 358 -26.84 25.31 -17.55
CA ALA B 358 -26.46 25.35 -16.15
C ALA B 358 -26.77 26.72 -15.57
N ASP B 359 -27.27 26.77 -14.33
CA ASP B 359 -27.19 27.94 -13.53
C ASP B 359 -25.91 27.91 -12.65
N LEU B 360 -25.04 28.88 -12.84
CA LEU B 360 -23.76 28.88 -12.20
C LEU B 360 -23.83 29.37 -10.75
N LYS B 361 -24.59 30.43 -10.48
CA LYS B 361 -24.64 31.02 -9.14
C LYS B 361 -25.11 29.97 -8.09
N SER B 362 -26.18 29.25 -8.42
CA SER B 362 -26.75 28.24 -7.53
C SER B 362 -25.87 27.00 -7.46
N THR B 363 -25.21 26.67 -8.55
CA THR B 363 -24.28 25.54 -8.57
C THR B 363 -23.09 25.78 -7.67
N GLN B 364 -22.49 26.96 -7.79
CA GLN B 364 -21.37 27.37 -6.97
C GLN B 364 -21.73 27.41 -5.47
N ALA B 365 -22.94 27.90 -5.16
CA ALA B 365 -23.31 28.04 -3.75
C ALA B 365 -23.43 26.68 -3.08
N ALA B 366 -23.99 25.69 -3.76
CA ALA B 366 -24.01 24.34 -3.18
C ALA B 366 -22.61 23.76 -3.10
N ILE B 367 -21.80 23.90 -4.15
CA ILE B 367 -20.42 23.42 -4.10
C ILE B 367 -19.62 24.11 -2.98
N ASP B 368 -19.67 25.42 -2.93
CA ASP B 368 -18.98 26.13 -1.87
C ASP B 368 -19.39 25.66 -0.48
N GLN B 369 -20.67 25.43 -0.24
CA GLN B 369 -21.15 24.97 1.08
C GLN B 369 -20.62 23.62 1.47
N ILE B 370 -20.52 22.74 0.50
CA ILE B 370 -19.98 21.42 0.73
C ILE B 370 -18.49 21.47 0.91
N ASN B 371 -17.82 22.31 0.12
CA ASN B 371 -16.38 22.50 0.34
C ASN B 371 -16.08 23.01 1.72
N GLY B 372 -16.97 23.88 2.23
CA GLY B 372 -16.75 24.47 3.55
C GLY B 372 -16.74 23.44 4.65
N LYS B 373 -17.75 22.57 4.63
CA LYS B 373 -17.82 21.51 5.60
C LYS B 373 -16.73 20.47 5.37
N LEU B 374 -16.39 20.24 4.10
CA LEU B 374 -15.26 19.37 3.79
C LEU B 374 -13.97 19.88 4.41
N ASN B 375 -13.68 21.19 4.30
CA ASN B 375 -12.49 21.74 4.91
C ASN B 375 -12.51 21.56 6.40
N ARG B 376 -13.65 21.82 7.04
CA ARG B 376 -13.74 21.65 8.50
C ARG B 376 -13.41 20.22 8.89
N VAL B 377 -14.03 19.28 8.21
CA VAL B 377 -13.98 17.88 8.63
C VAL B 377 -12.65 17.20 8.34
N ILE B 378 -12.06 17.44 7.16
CA ILE B 378 -10.81 16.71 6.83
C ILE B 378 -9.57 17.43 7.36
N GLU B 379 -9.71 18.67 7.80
CA GLU B 379 -8.59 19.41 8.41
C GLU B 379 -7.99 18.66 9.58
N LYS B 380 -6.82 18.05 9.29
CA LYS B 380 -5.97 17.35 10.29
C LYS B 380 -5.56 18.27 11.45
N THR B 381 -6.03 17.97 12.67
CA THR B 381 -5.72 18.75 13.87
C THR B 381 -5.16 17.83 15.01
N ASN B 382 -4.78 16.59 14.67
CA ASN B 382 -4.43 15.57 15.64
C ASN B 382 -2.97 15.10 15.45
N GLU B 383 -2.09 15.57 16.36
CA GLU B 383 -0.72 15.13 16.37
C GLU B 383 -0.28 14.70 17.76
N LYS B 384 -0.17 13.38 17.97
CA LYS B 384 0.15 12.83 19.27
C LYS B 384 1.40 11.99 19.15
N PHE B 385 2.21 12.03 20.21
CA PHE B 385 3.50 11.40 20.23
C PHE B 385 3.59 10.34 21.29
N HIS B 386 4.28 10.60 22.40
CA HIS B 386 4.34 9.62 23.47
C HIS B 386 3.04 9.58 24.27
N GLN B 387 2.44 8.39 24.43
CA GLN B 387 1.13 8.28 25.05
C GLN B 387 1.20 7.22 26.16
N ILE B 388 0.13 6.48 26.29
CA ILE B 388 0.14 5.36 27.19
C ILE B 388 0.22 4.11 26.39
N GLU B 389 0.78 3.07 26.99
CA GLU B 389 0.71 1.77 26.39
C GLU B 389 -0.74 1.38 26.28
N LYS B 390 -1.05 0.64 25.22
CA LYS B 390 -2.41 0.24 24.94
C LYS B 390 -2.63 -1.27 24.78
N GLU B 391 -1.54 -2.02 24.68
CA GLU B 391 -1.54 -3.50 24.71
C GLU B 391 -0.57 -3.95 25.78
N PHE B 392 -0.89 -5.07 26.43
CA PHE B 392 -0.13 -5.57 27.56
C PHE B 392 0.01 -7.09 27.50
N LEU B 393 1.16 -7.56 27.95
CA LEU B 393 1.61 -8.93 27.81
C LEU B 393 1.45 -9.74 29.09
N GLU B 394 1.26 -9.07 30.21
CA GLU B 394 1.09 -9.69 31.51
C GLU B 394 -0.07 -9.07 32.18
N VAL B 395 -0.64 -9.86 33.08
CA VAL B 395 -1.75 -9.46 33.92
C VAL B 395 -1.16 -8.66 35.08
N GLU B 396 -1.82 -7.55 35.42
CA GLU B 396 -1.32 -6.61 36.46
C GLU B 396 -2.33 -6.12 37.44
N GLY B 397 -3.55 -5.92 36.99
CA GLY B 397 -4.56 -5.47 37.89
C GLY B 397 -4.77 -3.98 37.78
N ARG B 398 -4.79 -3.31 38.92
CA ARG B 398 -5.37 -1.98 39.07
C ARG B 398 -4.98 -0.97 38.00
N ILE B 399 -3.67 -0.91 37.75
CA ILE B 399 -3.14 0.15 36.91
C ILE B 399 -3.41 -0.12 35.44
N GLN B 400 -3.28 -1.37 35.03
CA GLN B 400 -3.65 -1.79 33.66
C GLN B 400 -5.15 -1.66 33.44
N ASP B 401 -5.96 -1.97 34.44
CA ASP B 401 -7.41 -1.82 34.30
C ASP B 401 -7.75 -0.39 33.93
N LEU B 402 -7.07 0.54 34.62
CA LEU B 402 -7.27 1.95 34.39
C LEU B 402 -6.83 2.34 33.02
N GLU B 403 -5.67 1.86 32.62
CA GLU B 403 -5.16 2.17 31.27
C GLU B 403 -6.10 1.69 30.16
N LYS B 404 -6.64 0.50 30.30
CA LYS B 404 -7.54 -0.02 29.29
C LYS B 404 -8.80 0.77 29.25
N TYR B 405 -9.28 1.14 30.44
CA TYR B 405 -10.56 1.84 30.56
C TYR B 405 -10.48 3.26 30.02
N VAL B 406 -9.37 3.93 30.29
CA VAL B 406 -9.21 5.25 29.74
C VAL B 406 -9.25 5.23 28.22
N GLU B 407 -8.51 4.30 27.61
CA GLU B 407 -8.47 4.26 26.15
C GLU B 407 -9.84 3.87 25.60
N ASP B 408 -10.48 2.90 26.22
CA ASP B 408 -11.77 2.42 25.71
C ASP B 408 -12.79 3.55 25.84
N THR B 409 -12.79 4.29 26.96
CA THR B 409 -13.60 5.52 27.08
C THR B 409 -13.43 6.47 25.92
N LYS B 410 -12.18 6.77 25.62
CA LYS B 410 -11.83 7.70 24.55
C LYS B 410 -12.38 7.23 23.19
N ILE B 411 -12.12 5.98 22.89
CA ILE B 411 -12.56 5.42 21.58
C ILE B 411 -14.08 5.49 21.40
N ASP B 412 -14.80 5.21 22.47
CA ASP B 412 -16.24 5.25 22.41
C ASP B 412 -16.76 6.65 22.20
N LEU B 413 -16.13 7.59 22.88
CA LEU B 413 -16.55 8.96 22.70
C LEU B 413 -16.22 9.45 21.31
N TRP B 414 -15.02 9.17 20.80
CA TRP B 414 -14.69 9.57 19.42
C TRP B 414 -15.56 8.87 18.41
N SER B 415 -15.83 7.57 18.62
CA SER B 415 -16.63 6.81 17.63
C SER B 415 -18.01 7.42 17.54
N TYR B 416 -18.51 7.91 18.68
CA TYR B 416 -19.82 8.56 18.69
C TYR B 416 -19.78 9.87 17.93
N ASN B 417 -18.77 10.69 18.21
CA ASN B 417 -18.63 11.96 17.53
C ASN B 417 -18.62 11.75 16.04
N ALA B 418 -17.83 10.77 15.60
CA ALA B 418 -17.76 10.40 14.17
C ALA B 418 -19.12 10.06 13.58
N GLU B 419 -19.88 9.22 14.31
CA GLU B 419 -21.18 8.73 13.87
C GLU B 419 -22.15 9.88 13.74
N LEU B 420 -22.24 10.70 14.79
CA LEU B 420 -23.17 11.85 14.75
C LEU B 420 -22.82 12.88 13.68
N LEU B 421 -21.54 13.15 13.53
CA LEU B 421 -21.10 14.18 12.60
C LEU B 421 -21.53 13.89 11.18
N VAL B 422 -21.33 12.65 10.75
CA VAL B 422 -21.68 12.24 9.38
C VAL B 422 -23.18 12.25 9.21
N ALA B 423 -23.88 11.78 10.22
CA ALA B 423 -25.32 11.74 10.16
C ALA B 423 -25.87 13.15 10.07
N LEU B 424 -25.34 14.05 10.89
CA LEU B 424 -25.73 15.48 10.84
C LEU B 424 -25.35 16.15 9.55
N GLU B 425 -24.10 16.00 9.14
CA GLU B 425 -23.63 16.67 7.94
C GLU B 425 -24.44 16.21 6.77
N ASN B 426 -24.71 14.91 6.73
CA ASN B 426 -25.45 14.37 5.61
C ASN B 426 -26.86 14.90 5.50
N GLN B 427 -27.56 14.96 6.63
CA GLN B 427 -28.92 15.46 6.62
C GLN B 427 -28.91 16.87 6.10
N HIS B 428 -27.96 17.66 6.64
CA HIS B 428 -27.86 19.08 6.28
C HIS B 428 -27.47 19.28 4.79
N THR B 429 -26.65 18.39 4.21
CA THR B 429 -26.21 18.52 2.81
C THR B 429 -27.36 18.27 1.85
N ILE B 430 -28.10 17.21 2.12
CA ILE B 430 -29.29 16.89 1.37
C ILE B 430 -30.25 18.10 1.41
N ASP B 431 -30.44 18.66 2.60
CA ASP B 431 -31.36 19.78 2.78
C ASP B 431 -30.91 21.09 2.15
N LEU B 432 -29.63 21.41 2.27
CA LEU B 432 -29.08 22.61 1.63
C LEU B 432 -29.10 22.47 0.10
N THR B 433 -28.90 21.28 -0.43
CA THR B 433 -28.96 21.09 -1.91
C THR B 433 -30.42 21.23 -2.42
N ASP B 434 -31.37 20.68 -1.66
CA ASP B 434 -32.81 20.92 -1.90
C ASP B 434 -33.15 22.41 -1.87
N SER B 435 -32.67 23.11 -0.86
CA SER B 435 -32.90 24.55 -0.68
C SER B 435 -32.43 25.36 -1.89
N GLU B 436 -31.23 25.04 -2.37
CA GLU B 436 -30.69 25.72 -3.55
C GLU B 436 -31.59 25.61 -4.76
N MET B 437 -32.15 24.42 -4.96
CA MET B 437 -33.07 24.21 -6.08
C MET B 437 -34.29 25.05 -5.86
N ASN B 438 -34.87 24.99 -4.67
CA ASN B 438 -36.03 25.76 -4.38
C ASN B 438 -35.76 27.25 -4.58
N LYS B 439 -34.62 27.74 -4.08
CA LYS B 439 -34.35 29.15 -4.22
C LYS B 439 -34.26 29.57 -5.65
N LEU B 440 -33.77 28.70 -6.52
CA LEU B 440 -33.62 29.09 -7.92
C LEU B 440 -35.00 29.12 -8.61
N PHE B 441 -35.82 28.12 -8.31
CA PHE B 441 -37.18 28.08 -8.79
C PHE B 441 -37.90 29.34 -8.41
N GLU B 442 -37.76 29.76 -7.16
CA GLU B 442 -38.52 30.89 -6.67
C GLU B 442 -37.98 32.19 -7.31
N LYS B 443 -36.68 32.22 -7.58
CA LYS B 443 -36.10 33.35 -8.23
C LYS B 443 -36.70 33.48 -9.62
N THR B 444 -36.85 32.35 -10.29
CA THR B 444 -37.37 32.36 -11.67
C THR B 444 -38.84 32.75 -11.71
N ARG B 445 -39.63 32.13 -10.85
CA ARG B 445 -41.01 32.56 -10.66
C ARG B 445 -41.10 34.09 -10.50
N ARG B 446 -40.26 34.62 -9.64
CA ARG B 446 -40.42 36.03 -9.35
C ARG B 446 -40.08 36.90 -10.52
N GLN B 447 -39.16 36.50 -11.37
CA GLN B 447 -38.90 37.30 -12.57
C GLN B 447 -40.11 37.33 -13.49
N LEU B 448 -40.80 36.19 -13.57
CA LEU B 448 -41.86 36.06 -14.55
C LEU B 448 -43.09 36.85 -14.21
N ARG B 449 -43.26 37.22 -12.96
CA ARG B 449 -44.47 37.95 -12.56
C ARG B 449 -45.70 37.27 -13.05
N GLU B 450 -46.54 38.00 -13.80
CA GLU B 450 -47.79 37.53 -14.34
C GLU B 450 -47.66 36.90 -15.73
N ASN B 451 -46.45 36.69 -16.21
CA ASN B 451 -46.28 36.26 -17.59
C ASN B 451 -46.18 34.75 -17.75
N ALA B 452 -46.10 34.06 -16.63
CA ALA B 452 -46.02 32.62 -16.64
C ALA B 452 -46.85 32.00 -15.52
N GLU B 453 -47.19 30.71 -15.65
CA GLU B 453 -47.88 29.95 -14.58
C GLU B 453 -47.06 28.73 -14.19
N ASP B 454 -47.03 28.42 -12.89
CA ASP B 454 -46.30 27.27 -12.38
C ASP B 454 -47.11 26.00 -12.75
N MET B 455 -46.51 25.10 -13.52
CA MET B 455 -47.23 23.88 -13.95
C MET B 455 -47.25 22.82 -12.86
N GLY B 456 -46.50 23.02 -11.79
CA GLY B 456 -46.52 22.15 -10.62
C GLY B 456 -45.43 21.09 -10.55
N ASN B 457 -44.57 21.05 -11.55
CA ASN B 457 -43.54 20.03 -11.67
C ASN B 457 -42.17 20.66 -11.90
N GLY B 458 -41.99 21.88 -11.43
CA GLY B 458 -40.72 22.57 -11.56
C GLY B 458 -40.60 23.35 -12.85
N CYS B 459 -41.64 23.30 -13.71
CA CYS B 459 -41.69 24.03 -14.97
C CYS B 459 -42.73 25.10 -14.96
N PHE B 460 -42.43 26.14 -15.73
CA PHE B 460 -43.32 27.27 -15.97
C PHE B 460 -43.81 27.29 -17.39
N LYS B 461 -45.11 27.47 -17.58
CA LYS B 461 -45.66 27.74 -18.87
C LYS B 461 -45.65 29.24 -19.02
N ILE B 462 -44.92 29.72 -20.02
CA ILE B 462 -44.70 31.11 -20.29
C ILE B 462 -45.70 31.49 -21.35
N TYR B 463 -46.65 32.37 -21.02
CA TYR B 463 -47.77 32.67 -21.93
C TYR B 463 -47.43 33.73 -23.00
N HIS B 464 -46.26 33.62 -23.61
CA HIS B 464 -45.89 34.56 -24.71
C HIS B 464 -44.78 33.99 -25.57
N LYS B 465 -44.68 34.49 -26.80
CA LYS B 465 -43.61 34.04 -27.65
C LYS B 465 -42.31 34.42 -26.91
N CYS B 466 -41.48 33.42 -26.68
CA CYS B 466 -40.25 33.66 -25.93
C CYS B 466 -39.09 32.96 -26.60
N ASP B 467 -38.40 33.71 -27.46
CA ASP B 467 -37.34 33.17 -28.30
C ASP B 467 -36.07 32.93 -27.44
N ASN B 468 -35.02 32.40 -28.06
CA ASN B 468 -33.84 32.05 -27.31
C ASN B 468 -33.26 33.23 -26.53
N ALA B 469 -33.21 34.41 -27.14
CA ALA B 469 -32.76 35.65 -26.42
C ALA B 469 -33.64 35.94 -25.20
N CYS B 470 -34.95 35.86 -25.39
CA CYS B 470 -35.94 36.01 -24.32
C CYS B 470 -35.65 35.03 -23.18
N ILE B 471 -35.44 33.77 -23.52
CA ILE B 471 -35.14 32.75 -22.52
C ILE B 471 -33.83 33.07 -21.81
N GLU B 472 -32.80 33.40 -22.57
CA GLU B 472 -31.54 33.73 -21.94
C GLU B 472 -31.71 34.96 -21.02
N SER B 473 -32.60 35.89 -21.33
CA SER B 473 -32.80 37.06 -20.46
C SER B 473 -33.34 36.60 -19.09
N ILE B 474 -34.07 35.48 -19.08
CA ILE B 474 -34.57 34.88 -17.85
C ILE B 474 -33.41 34.24 -17.09
N ARG B 475 -32.62 33.43 -17.78
CA ARG B 475 -31.49 32.74 -17.18
C ARG B 475 -30.44 33.71 -16.69
N ASN B 476 -30.22 34.87 -17.32
CA ASN B 476 -29.23 35.82 -16.79
C ASN B 476 -29.84 36.89 -15.88
N GLY B 477 -31.13 36.82 -15.64
CA GLY B 477 -31.79 37.69 -14.65
C GLY B 477 -32.16 39.12 -15.13
N THR B 478 -32.26 39.31 -16.44
CA THR B 478 -32.60 40.61 -17.00
C THR B 478 -33.95 40.63 -17.76
N TYR B 479 -34.67 39.51 -17.75
CA TYR B 479 -36.01 39.42 -18.39
C TYR B 479 -36.84 40.57 -17.90
N ASP B 480 -37.48 41.31 -18.83
CA ASP B 480 -38.30 42.49 -18.51
C ASP B 480 -39.73 42.14 -18.73
N HIS B 481 -40.49 42.00 -17.65
CA HIS B 481 -41.83 41.42 -17.74
C HIS B 481 -42.85 42.38 -18.34
N ASP B 482 -42.55 43.66 -18.34
CA ASP B 482 -43.49 44.66 -18.90
C ASP B 482 -43.55 44.56 -20.43
N ILE B 483 -42.42 44.22 -21.04
CA ILE B 483 -42.33 44.00 -22.47
C ILE B 483 -43.42 43.01 -22.91
N TYR B 484 -43.59 41.91 -22.14
CA TYR B 484 -44.48 40.83 -22.59
C TYR B 484 -45.85 40.76 -21.88
N ARG B 485 -46.10 41.64 -20.93
CA ARG B 485 -47.21 41.49 -20.00
C ARG B 485 -48.56 41.42 -20.67
N ASP B 486 -48.82 42.38 -21.53
CA ASP B 486 -50.12 42.44 -22.18
C ASP B 486 -50.41 41.19 -22.96
N GLU B 487 -49.43 40.78 -23.76
CA GLU B 487 -49.50 39.53 -24.51
C GLU B 487 -49.89 38.36 -23.61
N ALA B 488 -49.18 38.24 -22.48
CA ALA B 488 -49.36 37.13 -21.57
C ALA B 488 -50.71 37.13 -20.86
N LEU B 489 -51.09 38.29 -20.35
CA LEU B 489 -52.40 38.42 -19.71
C LEU B 489 -53.50 38.08 -20.72
N ASN B 490 -53.32 38.47 -21.96
CA ASN B 490 -54.29 38.19 -22.96
C ASN B 490 -54.41 36.67 -23.23
N ASN B 491 -53.32 35.92 -23.21
CA ASN B 491 -53.45 34.46 -23.43
C ASN B 491 -53.95 33.71 -22.19
N ARG B 492 -53.65 34.26 -21.01
CA ARG B 492 -54.06 33.67 -19.75
C ARG B 492 -55.56 33.92 -19.50
N PHE B 493 -55.99 35.16 -19.74
CA PHE B 493 -57.29 35.68 -19.31
C PHE B 493 -58.17 36.28 -20.43
N GLN B 494 -57.71 36.27 -21.70
CA GLN B 494 -58.44 36.89 -22.85
C GLN B 494 -58.74 38.42 -22.67
N ILE B 495 -57.85 39.15 -21.99
CA ILE B 495 -58.02 40.60 -21.70
C ILE B 495 -58.42 41.46 -22.88
N LYS B 496 -57.62 41.46 -23.96
CA LYS B 496 -58.00 42.21 -25.17
C LYS B 496 -59.24 41.60 -25.83
N ASN C 1 -73.37 26.87 -3.55
CA ASN C 1 -73.02 25.82 -4.58
C ASN C 1 -72.14 26.30 -5.74
N ASN C 2 -71.62 27.53 -5.66
CA ASN C 2 -70.75 28.09 -6.70
C ASN C 2 -69.25 27.99 -6.40
N THR C 3 -68.90 27.77 -5.14
CA THR C 3 -67.50 27.69 -4.75
C THR C 3 -67.37 26.66 -3.63
N ALA C 4 -66.11 26.34 -3.29
CA ALA C 4 -65.79 25.45 -2.16
C ALA C 4 -64.60 25.94 -1.41
N THR C 5 -64.43 25.41 -0.20
CA THR C 5 -63.27 25.66 0.63
C THR C 5 -62.55 24.35 0.89
N LEU C 6 -61.23 24.39 0.90
CA LEU C 6 -60.42 23.23 1.19
C LEU C 6 -59.30 23.70 2.08
N CYS C 7 -59.24 23.17 3.29
CA CYS C 7 -58.30 23.58 4.32
C CYS C 7 -57.38 22.40 4.58
N LEU C 8 -56.11 22.70 4.79
CA LEU C 8 -55.13 21.75 5.18
C LEU C 8 -54.84 21.91 6.66
N GLY C 9 -54.55 20.79 7.31
CA GLY C 9 -54.28 20.81 8.72
C GLY C 9 -53.53 19.57 9.18
N HIS C 10 -53.39 19.49 10.50
CA HIS C 10 -52.59 18.48 11.15
C HIS C 10 -53.20 18.12 12.47
N HIS C 11 -52.81 16.99 13.03
CA HIS C 11 -53.50 16.51 14.23
C HIS C 11 -53.01 17.27 15.46
N ALA C 12 -53.72 17.06 16.57
CA ALA C 12 -53.36 17.55 17.89
C ALA C 12 -53.97 16.57 18.91
N VAL C 13 -53.40 16.55 20.12
CA VAL C 13 -53.82 15.66 21.18
C VAL C 13 -54.26 16.49 22.39
N PRO C 14 -55.23 15.97 23.17
CA PRO C 14 -55.67 16.71 24.38
C PRO C 14 -54.51 16.91 25.38
N ASN C 15 -53.78 15.83 25.68
CA ASN C 15 -52.61 15.88 26.57
C ASN C 15 -51.30 15.61 25.83
N GLY C 16 -50.51 16.66 25.60
CA GLY C 16 -49.25 16.53 24.88
C GLY C 16 -48.14 16.33 25.87
N THR C 17 -46.92 16.25 25.36
CA THR C 17 -45.73 16.17 26.21
C THR C 17 -44.77 17.34 25.96
N ILE C 18 -44.26 17.93 27.04
CA ILE C 18 -43.28 18.99 26.95
C ILE C 18 -41.88 18.44 26.78
N VAL C 19 -41.17 19.01 25.81
CA VAL C 19 -39.81 18.60 25.49
C VAL C 19 -38.94 19.85 25.37
N LYS C 20 -37.65 19.61 25.21
CA LYS C 20 -36.62 20.59 25.14
C LYS C 20 -36.08 20.63 23.70
N THR C 21 -35.79 21.83 23.17
CA THR C 21 -35.16 21.95 21.85
C THR C 21 -33.97 22.89 21.96
N ILE C 22 -33.32 23.11 20.83
CA ILE C 22 -32.26 24.08 20.70
C ILE C 22 -32.68 25.51 21.12
N THR C 23 -33.94 25.87 20.83
CA THR C 23 -34.43 27.22 21.04
C THR C 23 -35.42 27.41 22.20
N ASP C 24 -36.12 26.34 22.61
CA ASP C 24 -37.07 26.42 23.76
C ASP C 24 -36.71 25.35 24.77
N ASP C 25 -36.66 25.68 26.05
CA ASP C 25 -36.54 24.60 27.01
C ASP C 25 -37.87 23.92 27.25
N GLN C 26 -38.96 24.52 26.78
CA GLN C 26 -40.28 23.96 27.07
C GLN C 26 -41.22 24.19 25.93
N ILE C 27 -41.56 23.09 25.24
CA ILE C 27 -42.42 23.19 24.09
C ILE C 27 -43.16 21.87 23.96
N GLU C 28 -44.47 21.95 23.67
CA GLU C 28 -45.36 20.81 23.77
C GLU C 28 -45.46 20.06 22.41
N VAL C 29 -45.19 18.76 22.43
CA VAL C 29 -45.31 17.90 21.25
C VAL C 29 -46.40 16.83 21.44
N THR C 30 -46.90 16.28 20.36
CA THR C 30 -47.99 15.29 20.47
C THR C 30 -47.55 14.03 21.20
N ASN C 31 -46.30 13.63 21.07
CA ASN C 31 -45.78 12.45 21.73
C ASN C 31 -44.27 12.50 21.90
N ALA C 32 -43.74 11.81 22.91
CA ALA C 32 -42.30 11.67 23.15
C ALA C 32 -41.97 10.31 23.76
N THR C 33 -40.71 9.93 23.81
CA THR C 33 -40.29 8.74 24.59
C THR C 33 -39.16 9.16 25.52
N GLU C 34 -39.01 8.41 26.62
CA GLU C 34 -37.99 8.61 27.63
C GLU C 34 -36.72 7.88 27.29
N LEU C 35 -35.59 8.59 27.25
CA LEU C 35 -34.29 8.00 26.93
C LEU C 35 -33.40 7.66 28.13
N VAL C 36 -33.78 8.06 29.33
CA VAL C 36 -32.99 7.73 30.50
C VAL C 36 -33.77 6.73 31.35
N GLN C 37 -33.17 5.57 31.59
CA GLN C 37 -33.65 4.64 32.60
C GLN C 37 -33.30 5.16 33.99
N SER C 38 -34.30 5.41 34.85
CA SER C 38 -34.01 5.94 36.17
C SER C 38 -34.56 5.10 37.33
N SER C 39 -35.14 3.94 37.02
CA SER C 39 -35.63 3.04 38.07
C SER C 39 -35.00 1.67 37.93
N SER C 40 -34.95 0.97 39.06
CA SER C 40 -34.54 -0.43 39.11
C SER C 40 -35.59 -1.22 39.88
N THR C 41 -35.79 -2.50 39.52
CA THR C 41 -36.64 -3.42 40.34
C THR C 41 -36.05 -3.61 41.73
N GLY C 42 -34.74 -3.37 41.88
CA GLY C 42 -34.07 -3.42 43.18
C GLY C 42 -33.37 -4.73 43.44
N LYS C 43 -33.32 -5.58 42.41
CA LYS C 43 -32.86 -6.95 42.56
C LYS C 43 -32.10 -7.38 41.33
N ILE C 44 -31.11 -8.25 41.52
CA ILE C 44 -30.17 -8.67 40.49
C ILE C 44 -30.62 -9.99 39.89
N CYS C 45 -30.98 -9.98 38.61
CA CYS C 45 -31.43 -11.15 37.92
C CYS C 45 -30.28 -12.13 37.71
N ASN C 46 -30.56 -13.39 37.97
CA ASN C 46 -29.54 -14.44 37.96
C ASN C 46 -29.31 -15.09 36.59
N ASN C 47 -30.01 -14.63 35.57
CA ASN C 47 -29.61 -14.89 34.19
C ASN C 47 -29.57 -13.57 33.41
N PRO C 48 -28.85 -13.53 32.29
CA PRO C 48 -28.14 -14.64 31.64
C PRO C 48 -26.74 -14.88 32.16
N HIS C 49 -26.24 -13.97 33.02
CA HIS C 49 -24.85 -14.06 33.53
C HIS C 49 -24.81 -14.93 34.77
N ARG C 50 -23.70 -15.61 34.95
CA ARG C 50 -23.53 -16.47 36.09
C ARG C 50 -23.18 -15.64 37.33
N ILE C 51 -24.12 -15.55 38.27
CA ILE C 51 -23.95 -14.73 39.45
C ILE C 51 -23.53 -15.59 40.61
N LEU C 52 -22.49 -15.18 41.30
CA LEU C 52 -22.06 -15.87 42.51
C LEU C 52 -22.20 -14.89 43.65
N ASP C 53 -23.00 -15.27 44.64
CA ASP C 53 -23.32 -14.39 45.77
C ASP C 53 -22.28 -14.69 46.85
N GLY C 54 -21.43 -13.72 47.13
CA GLY C 54 -20.32 -13.98 48.04
C GLY C 54 -20.75 -14.10 49.47
N ARG C 55 -21.94 -13.55 49.74
CA ARG C 55 -22.52 -13.54 51.08
C ARG C 55 -21.54 -12.97 52.05
N ASP C 56 -21.09 -13.71 53.04
CA ASP C 56 -20.22 -13.16 54.07
C ASP C 56 -18.75 -13.41 53.77
N CYS C 57 -18.46 -13.75 52.51
CA CYS C 57 -17.11 -13.95 52.03
C CYS C 57 -16.71 -12.95 50.97
N LYS C 58 -15.74 -12.11 51.31
CA LYS C 58 -15.10 -11.31 50.29
C LYS C 58 -14.40 -12.25 49.38
N LEU C 59 -14.23 -11.88 48.11
CA LEU C 59 -13.52 -12.76 47.23
C LEU C 59 -12.13 -13.09 47.73
N MET C 60 -11.44 -12.14 48.33
CA MET C 60 -10.09 -12.40 48.87
C MET C 60 -10.09 -13.54 49.88
N ASP C 61 -11.12 -13.57 50.72
CA ASP C 61 -11.27 -14.54 51.76
C ASP C 61 -11.68 -15.93 51.21
N ALA C 62 -12.53 -15.90 50.19
CA ALA C 62 -12.78 -17.08 49.39
C ALA C 62 -11.52 -17.66 48.78
N LEU C 63 -10.70 -16.75 48.26
CA LEU C 63 -9.46 -17.10 47.56
C LEU C 63 -8.48 -17.78 48.50
N LEU C 64 -8.13 -17.10 49.59
CA LEU C 64 -7.18 -17.62 50.58
C LEU C 64 -7.72 -18.87 51.25
N GLY C 65 -9.04 -18.89 51.45
CA GLY C 65 -9.70 -20.02 52.08
C GLY C 65 -9.89 -19.89 53.57
N ASP C 66 -10.44 -18.74 53.95
CA ASP C 66 -10.90 -18.51 55.29
C ASP C 66 -11.93 -19.65 55.58
N PRO C 67 -11.84 -20.34 56.74
CA PRO C 67 -12.69 -21.53 56.95
C PRO C 67 -14.17 -21.29 56.67
N HIS C 68 -14.66 -20.09 56.96
CA HIS C 68 -16.09 -19.85 56.74
C HIS C 68 -16.41 -19.66 55.26
N CYS C 69 -15.43 -19.85 54.38
CA CYS C 69 -15.63 -19.68 52.96
C CYS C 69 -15.32 -20.96 52.17
N ASP C 70 -15.27 -22.10 52.83
CA ASP C 70 -14.92 -23.37 52.15
C ASP C 70 -15.88 -23.78 51.04
N VAL C 71 -17.14 -23.37 51.16
CA VAL C 71 -18.14 -23.66 50.15
C VAL C 71 -17.84 -22.98 48.81
N PHE C 72 -17.00 -21.93 48.84
CA PHE C 72 -16.56 -21.23 47.62
C PHE C 72 -15.36 -21.86 46.91
N GLN C 73 -14.84 -22.96 47.44
CA GLN C 73 -13.77 -23.69 46.75
C GLN C 73 -14.16 -24.06 45.34
N ASP C 74 -13.26 -23.73 44.42
CA ASP C 74 -13.37 -24.07 42.98
C ASP C 74 -14.56 -23.42 42.29
N GLU C 75 -15.14 -22.39 42.89
CA GLU C 75 -16.27 -21.74 42.26
C GLU C 75 -15.88 -20.89 41.04
N THR C 76 -16.89 -20.58 40.21
CA THR C 76 -16.71 -19.77 39.01
C THR C 76 -17.81 -18.71 39.00
N TRP C 77 -17.63 -17.69 38.18
CA TRP C 77 -18.61 -16.63 38.07
C TRP C 77 -18.39 -15.76 36.85
N ASP C 78 -19.50 -15.17 36.38
CA ASP C 78 -19.41 -14.05 35.49
C ASP C 78 -19.33 -12.81 36.36
N LEU C 79 -20.18 -12.78 37.39
CA LEU C 79 -20.14 -11.74 38.35
C LEU C 79 -20.20 -12.22 39.80
N TYR C 80 -19.12 -11.98 40.56
CA TYR C 80 -19.09 -12.22 42.01
C TYR C 80 -19.70 -10.97 42.67
N VAL C 81 -20.70 -11.18 43.50
CA VAL C 81 -21.33 -10.08 44.18
C VAL C 81 -20.81 -10.05 45.62
N GLU C 82 -20.13 -8.96 46.00
CA GLU C 82 -19.50 -8.88 47.32
C GLU C 82 -20.41 -8.04 48.22
N ARG C 83 -20.79 -8.58 49.38
CA ARG C 83 -21.65 -7.85 50.32
C ARG C 83 -20.83 -7.12 51.36
N SER C 84 -21.35 -6.03 51.86
CA SER C 84 -20.65 -5.17 52.80
C SER C 84 -20.61 -5.74 54.21
N SER C 85 -21.57 -6.62 54.54
CA SER C 85 -21.59 -7.25 55.85
C SER C 85 -20.53 -8.35 55.98
N ALA C 86 -19.93 -8.74 54.85
CA ALA C 86 -18.99 -9.84 54.84
C ALA C 86 -17.77 -9.50 55.66
N SER C 87 -17.23 -10.49 56.35
CA SER C 87 -16.11 -10.24 57.21
C SER C 87 -15.09 -11.38 57.20
N SER C 88 -13.91 -11.11 57.74
CA SER C 88 -12.80 -12.06 57.79
C SER C 88 -12.76 -12.73 59.13
N ASN C 89 -12.53 -14.04 59.13
CA ASN C 89 -12.48 -14.78 60.36
C ASN C 89 -11.26 -15.70 60.45
N CYS C 90 -10.11 -15.25 59.95
CA CYS C 90 -8.92 -16.10 59.96
C CYS C 90 -7.74 -15.29 60.45
N TYR C 91 -6.52 -15.71 60.16
CA TYR C 91 -5.34 -14.97 60.71
C TYR C 91 -5.33 -13.56 60.15
N PRO C 92 -5.00 -12.59 60.95
CA PRO C 92 -5.03 -11.24 60.42
C PRO C 92 -3.98 -10.98 59.31
N TYR C 93 -4.38 -10.32 58.23
CA TYR C 93 -3.54 -10.24 57.01
C TYR C 93 -3.81 -9.02 56.22
N ASP C 94 -2.85 -8.68 55.38
CA ASP C 94 -3.01 -7.59 54.46
C ASP C 94 -2.48 -8.06 53.13
N VAL C 95 -2.86 -7.33 52.10
CA VAL C 95 -2.34 -7.56 50.79
C VAL C 95 -1.80 -6.27 50.26
N PRO C 96 -0.48 -6.13 50.22
CA PRO C 96 0.07 -5.06 49.39
C PRO C 96 -0.51 -5.21 48.00
N ASP C 97 -1.01 -4.14 47.41
CA ASP C 97 -1.71 -4.24 46.11
C ASP C 97 -3.00 -5.12 46.17
N TYR C 98 -3.65 -5.09 47.31
CA TYR C 98 -4.93 -5.78 47.50
C TYR C 98 -5.85 -5.63 46.27
N ALA C 99 -6.02 -4.40 45.81
CA ALA C 99 -6.99 -4.07 44.73
C ALA C 99 -6.66 -4.77 43.43
N SER C 100 -5.37 -4.94 43.18
CA SER C 100 -4.95 -5.63 41.96
C SER C 100 -5.22 -7.12 42.04
N LEU C 101 -4.96 -7.71 43.20
CA LEU C 101 -5.17 -9.15 43.30
C LEU C 101 -6.65 -9.47 43.28
N ARG C 102 -7.45 -8.60 43.90
CA ARG C 102 -8.89 -8.77 43.82
C ARG C 102 -9.37 -8.53 42.39
N SER C 103 -8.79 -7.57 41.69
CA SER C 103 -9.19 -7.33 40.32
C SER C 103 -8.83 -8.53 39.39
N LEU C 104 -7.58 -8.99 39.47
CA LEU C 104 -7.12 -10.03 38.57
C LEU C 104 -7.85 -11.38 38.81
N VAL C 105 -8.23 -11.65 40.04
CA VAL C 105 -9.00 -12.83 40.35
C VAL C 105 -10.45 -12.62 39.91
N ALA C 106 -11.01 -11.45 40.23
CA ALA C 106 -12.37 -11.11 39.80
C ALA C 106 -12.50 -11.35 38.30
N SER C 107 -11.52 -10.83 37.61
CA SER C 107 -11.45 -10.84 36.15
C SER C 107 -11.22 -12.23 35.55
N SER C 108 -10.45 -13.04 36.23
CA SER C 108 -10.21 -14.41 35.80
C SER C 108 -11.50 -15.26 35.87
N GLY C 109 -12.34 -14.94 36.85
CA GLY C 109 -13.65 -15.58 37.02
C GLY C 109 -13.67 -16.98 37.60
N THR C 110 -12.60 -17.40 38.29
CA THR C 110 -12.52 -18.77 38.85
C THR C 110 -11.60 -18.89 40.03
N LEU C 111 -12.00 -19.76 40.97
CA LEU C 111 -11.19 -20.19 42.11
C LEU C 111 -10.70 -21.63 41.98
N GLU C 112 -10.76 -22.21 40.79
CA GLU C 112 -10.30 -23.56 40.60
C GLU C 112 -8.88 -23.68 41.09
N PHE C 113 -8.64 -24.52 42.09
CA PHE C 113 -7.33 -24.65 42.71
C PHE C 113 -6.81 -26.10 42.64
N ILE C 114 -5.58 -26.25 42.20
CA ILE C 114 -4.98 -27.53 42.02
C ILE C 114 -3.80 -27.64 43.00
N THR C 115 -3.91 -28.56 43.96
CA THR C 115 -2.91 -28.90 44.92
C THR C 115 -1.73 -29.52 44.18
N GLU C 116 -0.53 -29.21 44.66
CA GLU C 116 0.74 -29.75 44.12
C GLU C 116 1.66 -30.22 45.25
N GLY C 117 2.46 -31.22 44.96
CA GLY C 117 3.21 -31.91 46.00
C GLY C 117 4.55 -31.24 46.19
N PHE C 118 4.49 -30.00 46.73
CA PHE C 118 5.70 -29.31 47.18
C PHE C 118 6.40 -30.14 48.26
N THR C 119 7.71 -30.23 48.16
CA THR C 119 8.43 -31.12 49.05
C THR C 119 9.08 -30.30 50.15
N TRP C 120 8.46 -30.11 51.31
CA TRP C 120 9.09 -29.37 52.39
C TRP C 120 9.65 -30.41 53.30
N THR C 121 10.89 -30.17 53.62
CA THR C 121 11.69 -31.05 54.43
C THR C 121 12.37 -30.27 55.53
N GLY C 122 12.31 -30.80 56.74
CA GLY C 122 13.01 -30.20 57.88
C GLY C 122 12.25 -29.09 58.56
N VAL C 123 10.98 -28.91 58.15
CA VAL C 123 10.03 -28.06 58.85
C VAL C 123 8.78 -28.80 59.27
N THR C 124 8.13 -28.21 60.26
CA THR C 124 6.81 -28.60 60.69
C THR C 124 5.81 -27.84 59.82
N GLN C 125 4.82 -28.55 59.31
CA GLN C 125 3.90 -27.97 58.38
C GLN C 125 2.56 -27.76 59.03
N ASN C 126 1.64 -27.14 58.30
CA ASN C 126 0.23 -27.02 58.72
C ASN C 126 0.03 -26.25 60.00
N GLY C 127 0.86 -25.22 60.20
CA GLY C 127 0.72 -24.32 61.32
C GLY C 127 -0.69 -23.77 61.36
N GLU C 128 -1.23 -23.61 62.58
CA GLU C 128 -2.54 -23.08 62.78
C GLU C 128 -2.57 -22.03 63.92
N SER C 129 -3.71 -21.37 64.08
CA SER C 129 -3.84 -20.34 65.08
C SER C 129 -5.27 -20.15 65.60
N GLY C 130 -5.32 -19.65 66.83
CA GLY C 130 -6.56 -19.30 67.54
C GLY C 130 -7.33 -18.22 66.81
N ALA C 131 -6.65 -17.46 65.92
CA ALA C 131 -7.35 -16.41 65.16
C ALA C 131 -8.11 -16.96 63.97
N CYS C 132 -7.95 -18.23 63.67
CA CYS C 132 -8.55 -18.82 62.50
C CYS C 132 -9.15 -20.14 62.88
N LYS C 133 -10.17 -20.05 63.72
CA LYS C 133 -10.73 -21.23 64.37
C LYS C 133 -11.61 -22.05 63.45
N ARG C 134 -11.49 -23.36 63.59
CA ARG C 134 -12.39 -24.35 62.97
C ARG C 134 -13.13 -25.01 64.12
N GLY C 135 -14.31 -24.47 64.39
CA GLY C 135 -15.08 -24.84 65.57
C GLY C 135 -14.33 -24.32 66.79
N PRO C 136 -13.99 -25.20 67.72
CA PRO C 136 -13.24 -24.72 68.90
C PRO C 136 -11.74 -24.71 68.66
N ALA C 137 -11.29 -25.36 67.60
CA ALA C 137 -9.87 -25.64 67.35
C ALA C 137 -9.16 -24.57 66.55
N ASN C 138 -7.87 -24.39 66.88
CA ASN C 138 -6.91 -23.67 66.04
C ASN C 138 -6.97 -24.20 64.60
N GLY C 139 -6.89 -23.29 63.61
CA GLY C 139 -6.87 -23.63 62.18
C GLY C 139 -6.17 -22.57 61.34
N PHE C 140 -6.35 -22.67 60.02
CA PHE C 140 -5.69 -21.81 59.07
C PHE C 140 -6.38 -21.74 57.72
N PHE C 141 -6.03 -20.72 56.91
CA PHE C 141 -6.37 -20.65 55.50
C PHE C 141 -6.12 -22.01 54.85
N SER C 142 -7.08 -22.48 54.07
CA SER C 142 -7.00 -23.82 53.52
C SER C 142 -5.94 -23.92 52.49
N ARG C 143 -5.69 -22.85 51.74
CA ARG C 143 -4.76 -22.94 50.60
C ARG C 143 -3.37 -22.47 50.98
N LEU C 144 -3.10 -22.31 52.25
CA LEU C 144 -1.77 -21.97 52.63
C LEU C 144 -1.28 -22.92 53.69
N ASN C 145 0.05 -23.03 53.78
CA ASN C 145 0.71 -23.99 54.61
C ASN C 145 1.81 -23.29 55.44
N TRP C 146 1.50 -23.07 56.70
CA TRP C 146 2.35 -22.32 57.56
C TRP C 146 3.44 -23.24 58.08
N LEU C 147 4.67 -22.89 57.72
CA LEU C 147 5.83 -23.66 58.07
C LEU C 147 6.54 -23.06 59.28
N THR C 148 6.96 -23.94 60.19
CA THR C 148 7.83 -23.56 61.31
C THR C 148 8.91 -24.60 61.49
N LYS C 149 9.83 -24.32 62.42
CA LYS C 149 10.94 -25.20 62.65
C LYS C 149 10.52 -26.68 62.99
N SER C 150 11.44 -27.62 62.74
CA SER C 150 11.34 -28.97 63.29
C SER C 150 12.48 -29.20 64.27
N GLY C 151 12.17 -29.59 65.50
CA GLY C 151 13.14 -29.67 66.56
C GLY C 151 13.80 -28.31 66.79
N SER C 152 15.10 -28.22 66.56
CA SER C 152 15.81 -26.97 66.77
C SER C 152 16.28 -26.32 65.44
N VAL C 153 15.85 -26.89 64.32
CA VAL C 153 16.33 -26.50 62.98
C VAL C 153 15.18 -26.02 62.07
N TYR C 154 15.39 -24.92 61.39
CA TYR C 154 14.56 -24.53 60.25
C TYR C 154 15.55 -24.32 59.12
N PRO C 155 15.51 -25.22 58.12
CA PRO C 155 16.60 -25.19 57.19
C PRO C 155 16.37 -24.23 56.07
N LEU C 156 17.37 -24.07 55.25
CA LEU C 156 17.23 -23.34 54.05
C LEU C 156 16.29 -24.11 53.12
N LEU C 157 15.12 -23.55 52.83
CA LEU C 157 14.14 -24.23 51.98
C LEU C 157 14.39 -23.84 50.56
N ASN C 158 14.29 -24.82 49.69
CA ASN C 158 14.63 -24.61 48.33
C ASN C 158 13.94 -25.59 47.46
N VAL C 159 12.80 -25.16 46.92
CA VAL C 159 11.98 -26.07 46.13
C VAL C 159 11.55 -25.43 44.86
N THR C 160 11.23 -26.28 43.89
CA THR C 160 10.89 -25.85 42.58
C THR C 160 9.52 -26.45 42.20
N MET C 161 8.86 -25.85 41.22
CA MET C 161 7.64 -26.45 40.70
C MET C 161 7.46 -25.97 39.25
N PRO C 162 7.73 -26.87 38.28
CA PRO C 162 7.61 -26.49 36.88
C PRO C 162 6.19 -26.44 36.42
N ASN C 163 5.89 -25.49 35.53
CA ASN C 163 4.60 -25.45 34.91
C ASN C 163 4.71 -26.04 33.52
N ASN C 164 4.20 -27.27 33.42
CA ASN C 164 4.23 -27.99 32.16
C ASN C 164 2.87 -28.10 31.53
N ASP C 165 1.91 -27.28 31.96
CA ASP C 165 0.61 -27.25 31.30
C ASP C 165 0.66 -26.11 30.28
N ASN C 166 -0.42 -25.86 29.57
CA ASN C 166 -0.47 -24.71 28.65
C ASN C 166 -1.52 -23.68 29.09
N PHE C 167 -1.69 -23.57 30.41
CA PHE C 167 -2.39 -22.45 30.99
C PHE C 167 -1.47 -21.75 32.03
N ASP C 168 -1.81 -20.53 32.36
CA ASP C 168 -1.06 -19.77 33.39
C ASP C 168 -1.49 -20.20 34.80
N LYS C 169 -0.53 -20.39 35.70
CA LYS C 169 -0.82 -20.73 37.07
C LYS C 169 -0.70 -19.48 37.96
N LEU C 170 -1.64 -19.31 38.86
CA LEU C 170 -1.60 -18.20 39.82
C LEU C 170 -1.22 -18.78 41.15
N TYR C 171 -0.04 -18.47 41.68
CA TYR C 171 0.27 -18.87 43.04
C TYR C 171 0.05 -17.69 43.98
N VAL C 172 -0.48 -18.04 45.14
CA VAL C 172 -0.76 -17.10 46.20
C VAL C 172 -0.15 -17.65 47.45
N TRP C 173 0.73 -16.85 48.04
CA TRP C 173 1.55 -17.30 49.16
C TRP C 173 1.64 -16.12 50.08
N GLY C 174 2.33 -16.28 51.20
CA GLY C 174 2.48 -15.15 52.13
C GLY C 174 3.79 -15.15 52.93
N VAL C 175 3.96 -14.11 53.72
CA VAL C 175 5.09 -14.00 54.64
C VAL C 175 4.55 -13.65 56.02
N HIS C 176 5.02 -14.39 57.02
CA HIS C 176 4.56 -14.17 58.37
C HIS C 176 5.45 -13.17 59.06
N HIS C 177 4.80 -12.20 59.72
CA HIS C 177 5.38 -11.07 60.46
C HIS C 177 5.22 -11.29 61.93
N PRO C 178 6.27 -11.80 62.60
CA PRO C 178 6.19 -12.01 64.04
C PRO C 178 6.07 -10.74 64.88
N SER C 179 5.64 -10.91 66.13
CA SER C 179 5.40 -9.83 67.05
C SER C 179 6.70 -9.36 67.71
N THR C 180 7.59 -10.28 68.02
CA THR C 180 8.86 -9.97 68.70
C THR C 180 9.99 -10.80 68.11
N ASN C 181 11.22 -10.47 68.49
CA ASN C 181 12.41 -11.26 68.07
C ASN C 181 12.38 -12.65 68.69
N GLN C 182 11.89 -12.73 69.92
CA GLN C 182 11.72 -13.97 70.59
C GLN C 182 10.82 -14.89 69.75
N GLU C 183 9.67 -14.39 69.32
CA GLU C 183 8.76 -15.14 68.48
C GLU C 183 9.41 -15.59 67.14
N GLN C 184 10.10 -14.67 66.46
CA GLN C 184 10.82 -14.99 65.24
C GLN C 184 11.70 -16.23 65.40
N THR C 185 12.52 -16.25 66.45
CA THR C 185 13.47 -17.38 66.69
C THR C 185 12.81 -18.63 67.24
N ASN C 186 11.80 -18.50 68.10
CA ASN C 186 11.05 -19.64 68.53
C ASN C 186 10.48 -20.43 67.37
N LEU C 187 10.01 -19.72 66.36
CA LEU C 187 9.29 -20.38 65.28
C LEU C 187 10.17 -20.79 64.12
N TYR C 188 11.10 -19.91 63.76
CA TYR C 188 11.91 -20.02 62.56
C TYR C 188 13.41 -20.17 62.83
N VAL C 189 13.83 -20.11 64.10
CA VAL C 189 15.24 -20.25 64.52
C VAL C 189 16.15 -19.09 64.04
N GLN C 190 16.22 -18.87 62.74
CA GLN C 190 17.02 -17.72 62.27
C GLN C 190 16.35 -16.39 62.63
N ALA C 191 17.19 -15.39 62.91
CA ALA C 191 16.71 -14.13 63.50
C ALA C 191 16.19 -13.19 62.45
N SER C 192 16.69 -13.34 61.23
CA SER C 192 16.11 -12.60 60.07
C SER C 192 15.74 -13.61 59.05
N GLY C 193 14.44 -13.82 58.79
CA GLY C 193 14.01 -14.71 57.74
C GLY C 193 13.93 -13.95 56.44
N ARG C 194 13.62 -14.68 55.37
CA ARG C 194 13.38 -14.07 54.10
C ARG C 194 12.69 -15.06 53.22
N VAL C 195 12.03 -14.47 52.23
CA VAL C 195 11.26 -15.24 51.28
C VAL C 195 11.52 -14.73 49.89
N THR C 196 12.06 -15.60 49.06
CA THR C 196 12.39 -15.25 47.70
C THR C 196 11.60 -16.21 46.81
N VAL C 197 10.63 -15.65 46.07
CA VAL C 197 9.83 -16.43 45.15
C VAL C 197 10.07 -15.88 43.74
N SER C 198 10.58 -16.72 42.85
CA SER C 198 11.00 -16.31 41.52
C SER C 198 10.48 -17.27 40.43
N THR C 199 10.53 -16.77 39.21
CA THR C 199 10.42 -17.53 37.97
C THR C 199 11.70 -17.18 37.22
N ARG C 200 11.84 -17.62 35.98
CA ARG C 200 12.97 -17.14 35.15
C ARG C 200 12.83 -15.66 34.83
N ARG C 201 11.60 -15.19 34.73
CA ARG C 201 11.33 -13.85 34.26
C ARG C 201 11.27 -12.80 35.39
N SER C 202 11.07 -13.24 36.64
CA SER C 202 10.53 -12.38 37.66
C SER C 202 10.95 -12.82 39.03
N GLN C 203 10.91 -11.91 39.98
CA GLN C 203 11.18 -12.27 41.34
C GLN C 203 10.43 -11.40 42.32
N GLN C 204 10.25 -11.92 43.51
CA GLN C 204 9.82 -11.14 44.65
C GLN C 204 10.61 -11.53 45.84
N THR C 205 11.08 -10.52 46.53
CA THR C 205 12.04 -10.71 47.57
C THR C 205 11.56 -9.96 48.81
N ILE C 206 11.24 -10.67 49.89
CA ILE C 206 10.50 -10.10 51.00
C ILE C 206 11.24 -10.36 52.30
N ILE C 207 11.14 -9.39 53.19
CA ILE C 207 11.74 -9.54 54.48
C ILE C 207 10.62 -9.27 55.49
N PRO C 208 10.47 -10.18 56.47
CA PRO C 208 9.38 -10.05 57.40
C PRO C 208 9.57 -8.86 58.37
N ASN C 209 8.44 -8.43 58.88
CA ASN C 209 8.27 -7.28 59.76
C ASN C 209 8.04 -7.73 61.19
N ILE C 210 8.86 -7.25 62.08
CA ILE C 210 8.74 -7.53 63.50
C ILE C 210 8.10 -6.34 64.24
N GLY C 211 7.17 -6.61 65.16
CA GLY C 211 6.69 -5.63 66.15
C GLY C 211 5.34 -6.05 66.74
N SER C 212 5.01 -5.56 67.94
CA SER C 212 3.70 -5.85 68.52
C SER C 212 2.60 -4.98 67.85
N ARG C 213 1.47 -5.62 67.53
CA ARG C 213 0.36 -4.98 66.85
C ARG C 213 -0.94 -5.20 67.61
N PRO C 214 -2.04 -4.55 67.21
CA PRO C 214 -3.24 -4.84 67.98
C PRO C 214 -3.78 -6.26 67.74
N LEU C 215 -4.20 -6.89 68.82
CA LEU C 215 -4.85 -8.18 68.78
C LEU C 215 -6.04 -8.17 67.83
N VAL C 216 -5.98 -9.01 66.78
CA VAL C 216 -7.15 -9.40 66.02
C VAL C 216 -7.36 -10.91 66.31
N ARG C 217 -8.60 -11.25 66.67
CA ARG C 217 -8.95 -12.54 67.24
C ARG C 217 -7.83 -13.20 68.05
N GLY C 218 -7.23 -12.42 68.93
CA GLY C 218 -6.23 -12.90 69.87
C GLY C 218 -4.78 -12.83 69.44
N GLN C 219 -4.53 -12.43 68.20
CA GLN C 219 -3.17 -12.47 67.66
C GLN C 219 -2.63 -11.10 67.20
N SER C 220 -1.39 -10.79 67.62
CA SER C 220 -0.68 -9.56 67.23
C SER C 220 0.20 -9.80 65.98
N GLY C 221 0.47 -11.07 65.64
CA GLY C 221 1.17 -11.40 64.42
C GLY C 221 0.32 -11.17 63.18
N ARG C 222 0.97 -11.13 62.03
CA ARG C 222 0.29 -10.88 60.77
C ARG C 222 0.92 -11.62 59.64
N ILE C 223 0.19 -11.65 58.53
CA ILE C 223 0.72 -12.21 57.32
C ILE C 223 0.46 -11.26 56.17
N SER C 224 1.46 -11.05 55.30
CA SER C 224 1.22 -10.30 54.10
C SER C 224 1.13 -11.25 52.91
N ILE C 225 0.13 -11.06 52.06
CA ILE C 225 -0.13 -11.95 50.94
C ILE C 225 0.45 -11.42 49.65
N TYR C 226 1.01 -12.35 48.87
CA TYR C 226 1.76 -12.06 47.68
C TYR C 226 1.31 -13.05 46.60
N TRP C 227 1.48 -12.70 45.34
CA TRP C 227 1.07 -13.56 44.24
C TRP C 227 2.11 -13.53 43.15
N THR C 228 2.10 -14.59 42.33
CA THR C 228 3.04 -14.83 41.26
C THR C 228 2.31 -15.66 40.17
N ILE C 229 2.41 -15.24 38.91
CA ILE C 229 1.84 -15.96 37.80
C ILE C 229 2.98 -16.69 37.08
N VAL C 230 2.84 -17.99 36.91
CA VAL C 230 3.87 -18.78 36.21
C VAL C 230 3.34 -19.21 34.87
N LYS C 231 4.03 -18.79 33.82
CA LYS C 231 3.62 -19.02 32.44
C LYS C 231 4.05 -20.44 32.02
N PRO C 232 3.42 -21.02 30.98
CA PRO C 232 3.82 -22.31 30.46
C PRO C 232 5.31 -22.38 30.14
N GLY C 233 6.00 -23.43 30.55
CA GLY C 233 7.45 -23.53 30.26
C GLY C 233 8.31 -22.90 31.36
N ASP C 234 7.67 -22.11 32.23
CA ASP C 234 8.38 -21.45 33.30
C ASP C 234 8.28 -22.33 34.54
N ILE C 235 8.97 -21.90 35.61
CA ILE C 235 8.91 -22.62 36.85
C ILE C 235 8.87 -21.70 38.08
N LEU C 236 8.24 -22.19 39.12
CA LEU C 236 8.22 -21.47 40.40
C LEU C 236 9.40 -21.95 41.18
N MET C 237 10.15 -21.04 41.78
CA MET C 237 11.15 -21.41 42.76
C MET C 237 10.85 -20.67 44.03
N ILE C 238 10.96 -21.39 45.17
CA ILE C 238 10.70 -20.79 46.47
C ILE C 238 11.85 -21.07 47.37
N ASN C 239 12.38 -20.00 47.93
CA ASN C 239 13.63 -20.09 48.66
C ASN C 239 13.45 -19.32 49.96
N SER C 240 13.70 -19.93 51.11
CA SER C 240 13.38 -19.28 52.37
C SER C 240 14.08 -19.91 53.54
N ASN C 241 14.48 -19.08 54.49
CA ASN C 241 15.15 -19.50 55.73
C ASN C 241 14.30 -19.15 56.93
N GLY C 242 13.02 -18.95 56.68
CA GLY C 242 12.07 -18.59 57.74
C GLY C 242 10.95 -17.69 57.18
N ASN C 243 9.77 -17.85 57.76
CA ASN C 243 8.63 -16.93 57.68
C ASN C 243 7.73 -17.18 56.50
N LEU C 244 8.13 -18.13 55.67
CA LEU C 244 7.29 -18.56 54.54
C LEU C 244 5.98 -19.08 55.03
N VAL C 245 4.93 -18.67 54.34
CA VAL C 245 3.62 -19.23 54.48
C VAL C 245 3.30 -19.78 53.08
N ALA C 246 3.58 -21.08 52.87
CA ALA C 246 3.70 -21.61 51.51
C ALA C 246 2.36 -21.83 50.79
N PRO C 247 2.36 -21.78 49.47
CA PRO C 247 1.21 -22.11 48.69
C PRO C 247 1.04 -23.60 48.69
N ARG C 248 -0.20 -24.06 48.55
CA ARG C 248 -0.42 -25.51 48.48
C ARG C 248 -0.56 -25.92 47.07
N GLY C 249 -0.61 -24.95 46.17
CA GLY C 249 -0.84 -25.30 44.76
C GLY C 249 -1.09 -24.07 43.94
N TYR C 250 -1.79 -24.20 42.83
CA TYR C 250 -2.12 -23.05 42.05
C TYR C 250 -3.58 -22.84 41.84
N PHE C 251 -3.92 -21.57 41.57
CA PHE C 251 -5.20 -21.26 41.01
C PHE C 251 -5.11 -21.25 39.49
N LYS C 252 -6.15 -21.69 38.85
CA LYS C 252 -6.13 -21.66 37.41
C LYS C 252 -6.59 -20.29 36.98
N MET C 253 -6.02 -19.77 35.91
CA MET C 253 -6.33 -18.47 35.38
C MET C 253 -7.03 -18.56 34.06
N ARG C 254 -8.04 -17.71 33.89
CA ARG C 254 -8.76 -17.62 32.67
C ARG C 254 -8.85 -16.18 32.24
N THR C 255 -9.20 -16.00 30.98
CA THR C 255 -9.58 -14.73 30.46
C THR C 255 -11.05 -14.87 30.09
N GLY C 256 -11.75 -13.76 30.01
CA GLY C 256 -13.16 -13.72 29.69
C GLY C 256 -13.78 -12.45 30.22
N LYS C 257 -15.09 -12.54 30.40
CA LYS C 257 -15.91 -11.40 30.78
C LYS C 257 -16.21 -11.32 32.27
N SER C 258 -15.45 -12.00 33.14
CA SER C 258 -15.81 -12.02 34.57
C SER C 258 -15.45 -10.73 35.34
N SER C 259 -16.20 -10.46 36.41
CA SER C 259 -15.96 -9.31 37.21
C SER C 259 -16.53 -9.48 38.62
N ILE C 260 -16.52 -8.36 39.38
CA ILE C 260 -16.91 -8.33 40.79
C ILE C 260 -17.64 -7.01 41.02
N MET C 261 -18.71 -7.06 41.82
CA MET C 261 -19.49 -5.85 42.13
C MET C 261 -19.91 -5.92 43.59
N ARG C 262 -19.80 -4.75 44.23
CA ARG C 262 -20.22 -4.49 45.61
C ARG C 262 -21.69 -4.07 45.65
N SER C 263 -22.53 -4.90 46.26
CA SER C 263 -23.97 -4.69 46.27
C SER C 263 -24.64 -5.49 47.35
N ASN C 264 -25.66 -4.90 47.96
CA ASN C 264 -26.51 -5.63 48.91
C ASN C 264 -27.90 -5.92 48.34
N ALA C 265 -28.01 -5.85 47.01
CA ALA C 265 -29.26 -6.14 46.39
C ALA C 265 -29.49 -7.66 46.38
N PRO C 266 -30.71 -8.10 46.65
CA PRO C 266 -30.95 -9.54 46.58
C PRO C 266 -30.85 -10.05 45.16
N ILE C 267 -30.56 -11.35 45.05
CA ILE C 267 -30.45 -12.01 43.77
C ILE C 267 -31.78 -12.66 43.52
N ASP C 268 -32.27 -12.60 42.30
CA ASP C 268 -33.59 -13.07 42.02
C ASP C 268 -33.55 -13.84 40.74
N THR C 269 -34.60 -14.64 40.49
CA THR C 269 -34.62 -15.42 39.28
C THR C 269 -35.34 -14.61 38.20
N CYS C 270 -34.59 -14.14 37.21
CA CYS C 270 -35.17 -13.37 36.11
C CYS C 270 -34.06 -13.17 35.09
N ILE C 271 -34.34 -12.48 33.99
CA ILE C 271 -33.35 -12.23 32.93
C ILE C 271 -33.14 -10.73 32.76
N SER C 272 -31.94 -10.26 33.06
CA SER C 272 -31.55 -8.92 32.67
C SER C 272 -30.08 -8.90 32.31
N GLU C 273 -29.80 -8.36 31.10
CA GLU C 273 -28.45 -8.21 30.55
C GLU C 273 -27.62 -7.27 31.41
N CYS C 274 -28.27 -6.26 31.98
CA CYS C 274 -27.55 -5.17 32.65
C CYS C 274 -27.74 -5.21 34.17
N ILE C 275 -26.63 -5.23 34.90
CA ILE C 275 -26.67 -5.28 36.35
C ILE C 275 -26.04 -4.03 36.96
N THR C 276 -26.68 -3.47 37.98
CA THR C 276 -26.10 -2.37 38.74
C THR C 276 -26.09 -2.75 40.22
N PRO C 277 -25.33 -1.98 41.04
CA PRO C 277 -25.39 -2.20 42.50
C PRO C 277 -26.80 -2.09 43.08
N ASN C 278 -27.67 -1.35 42.40
CA ASN C 278 -29.04 -1.12 42.89
C ASN C 278 -30.00 -2.16 42.35
N GLY C 279 -29.49 -3.14 41.60
CA GLY C 279 -30.36 -4.19 41.03
C GLY C 279 -30.20 -4.15 39.52
N SER C 280 -30.83 -5.09 38.83
CA SER C 280 -30.75 -5.09 37.38
C SER C 280 -31.65 -4.03 36.85
N ILE C 281 -31.38 -3.63 35.62
CA ILE C 281 -32.22 -2.67 34.95
C ILE C 281 -32.40 -3.02 33.48
N PRO C 282 -33.50 -2.56 32.89
CA PRO C 282 -33.63 -2.80 31.46
C PRO C 282 -32.65 -1.92 30.70
N ASN C 283 -32.31 -2.35 29.48
CA ASN C 283 -31.41 -1.62 28.58
C ASN C 283 -32.08 -1.29 27.25
N ASP C 284 -33.38 -1.04 27.28
CA ASP C 284 -34.08 -0.57 26.10
C ASP C 284 -33.72 0.90 25.83
N LYS C 285 -33.42 1.66 26.87
CA LYS C 285 -33.04 3.05 26.66
C LYS C 285 -31.50 3.15 26.49
N PRO C 286 -31.04 4.22 25.80
CA PRO C 286 -29.62 4.56 25.58
C PRO C 286 -28.91 5.04 26.78
N PHE C 287 -29.64 5.65 27.70
CA PHE C 287 -29.04 6.20 28.92
C PHE C 287 -29.69 5.72 30.19
N GLN C 288 -28.97 5.97 31.28
CA GLN C 288 -29.46 5.64 32.62
C GLN C 288 -28.83 6.52 33.70
N ASN C 289 -29.61 6.75 34.75
CA ASN C 289 -29.27 7.58 35.89
C ASN C 289 -29.23 6.75 37.18
N VAL C 290 -29.25 5.41 37.05
CA VAL C 290 -29.32 4.54 38.23
C VAL C 290 -27.99 4.49 38.97
N ASN C 291 -26.91 4.23 38.23
CA ASN C 291 -25.58 4.07 38.79
C ASN C 291 -24.51 4.01 37.72
N LYS C 292 -23.42 4.74 37.95
CA LYS C 292 -22.21 4.68 37.11
C LYS C 292 -21.50 3.31 37.12
N ILE C 293 -21.80 2.51 38.15
CA ILE C 293 -21.25 1.15 38.25
C ILE C 293 -22.26 0.26 37.59
N THR C 294 -21.85 -0.35 36.50
CA THR C 294 -22.71 -1.34 35.82
C THR C 294 -21.93 -2.52 35.24
N TYR C 295 -22.61 -3.63 35.05
CA TYR C 295 -22.01 -4.83 34.42
C TYR C 295 -22.95 -5.32 33.33
N GLY C 296 -22.43 -5.54 32.13
CA GLY C 296 -23.24 -6.07 31.04
C GLY C 296 -23.62 -5.05 30.01
N ALA C 297 -24.55 -5.41 29.15
CA ALA C 297 -25.09 -4.55 28.08
C ALA C 297 -26.02 -3.55 28.70
N CYS C 298 -25.53 -2.34 28.91
CA CYS C 298 -26.24 -1.36 29.70
C CYS C 298 -26.35 -0.03 29.03
N PRO C 299 -27.38 0.73 29.39
CA PRO C 299 -27.36 2.10 28.93
C PRO C 299 -26.18 2.84 29.55
N LYS C 300 -25.78 3.91 28.90
CA LYS C 300 -24.66 4.76 29.34
C LYS C 300 -25.13 5.64 30.45
N TYR C 301 -24.36 5.69 31.52
CA TYR C 301 -24.66 6.55 32.65
C TYR C 301 -24.51 7.98 32.20
N VAL C 302 -25.51 8.79 32.56
CA VAL C 302 -25.56 10.24 32.34
C VAL C 302 -26.07 10.90 33.61
N LYS C 303 -25.84 12.18 33.85
CA LYS C 303 -26.28 12.78 35.10
C LYS C 303 -27.75 13.17 35.12
N GLN C 304 -28.38 13.32 33.97
CA GLN C 304 -29.78 13.80 33.90
C GLN C 304 -30.70 12.67 34.29
N SER C 305 -31.81 13.04 34.93
CA SER C 305 -32.78 12.04 35.36
C SER C 305 -33.90 11.80 34.35
N THR C 306 -34.06 12.68 33.37
CA THR C 306 -35.00 12.46 32.24
C THR C 306 -34.51 13.23 31.01
N LEU C 307 -34.71 12.60 29.85
CA LEU C 307 -34.45 13.22 28.58
C LEU C 307 -35.45 12.74 27.56
N LYS C 308 -36.32 13.65 27.17
CA LYS C 308 -37.48 13.29 26.38
C LYS C 308 -37.19 13.51 24.91
N LEU C 309 -37.30 12.44 24.14
CA LEU C 309 -37.16 12.51 22.71
C LEU C 309 -38.49 12.64 22.03
N ALA C 310 -38.59 13.64 21.14
CA ALA C 310 -39.87 13.96 20.50
C ALA C 310 -40.20 12.91 19.45
N THR C 311 -41.43 12.41 19.49
CA THR C 311 -41.85 11.42 18.49
C THR C 311 -43.03 11.89 17.67
N GLY C 312 -43.36 13.17 17.79
CA GLY C 312 -44.45 13.73 17.00
C GLY C 312 -44.23 15.18 16.69
N MET C 313 -45.19 15.76 16.00
CA MET C 313 -45.11 17.18 15.71
C MET C 313 -45.46 18.01 16.95
N ARG C 314 -45.28 19.31 16.82
CA ARG C 314 -45.72 20.18 17.86
C ARG C 314 -47.23 20.07 18.09
N ASN C 315 -47.65 20.15 19.34
CA ASN C 315 -49.06 20.13 19.72
C ASN C 315 -49.63 21.53 19.80
N VAL C 316 -50.63 21.82 18.96
CA VAL C 316 -51.37 23.10 18.97
C VAL C 316 -52.85 22.80 19.06
N PRO C 317 -53.42 22.79 20.28
CA PRO C 317 -54.84 22.40 20.40
C PRO C 317 -55.81 23.52 20.04
N GLY C 323 -41.99 26.74 13.63
CA GLY C 323 -40.78 26.17 13.04
C GLY C 323 -40.31 26.95 11.81
N LEU C 324 -39.29 26.45 11.14
CA LEU C 324 -38.70 27.22 10.05
C LEU C 324 -39.68 27.51 8.94
N PHE C 325 -40.71 26.68 8.76
CA PHE C 325 -41.62 26.92 7.62
C PHE C 325 -42.88 27.72 7.92
N GLY C 326 -43.26 27.88 9.19
CA GLY C 326 -44.31 28.87 9.53
C GLY C 326 -45.74 28.35 9.25
N ALA C 327 -45.88 27.04 9.07
CA ALA C 327 -47.16 26.43 8.83
C ALA C 327 -47.80 26.01 10.15
N ILE C 328 -47.18 25.05 10.83
CA ILE C 328 -47.68 24.56 12.12
C ILE C 328 -47.41 25.65 13.15
N ALA C 329 -48.40 25.93 14.00
CA ALA C 329 -48.32 27.08 14.92
C ALA C 329 -47.90 28.31 14.16
N GLY C 330 -48.47 28.43 12.98
CA GLY C 330 -48.15 29.46 12.04
C GLY C 330 -49.43 29.77 11.32
N PHE C 331 -49.36 29.83 10.01
CA PHE C 331 -50.57 30.19 9.25
C PHE C 331 -51.67 29.09 9.31
N ILE C 332 -51.33 27.86 9.70
CA ILE C 332 -52.34 26.94 10.20
C ILE C 332 -52.48 27.24 11.65
N GLU C 333 -53.61 27.82 12.05
CA GLU C 333 -53.86 28.28 13.43
C GLU C 333 -53.56 27.30 14.55
N ASN C 334 -53.61 26.03 14.22
CA ASN C 334 -54.35 25.13 15.04
C ASN C 334 -54.35 23.71 14.57
N GLY C 335 -54.09 22.75 15.43
CA GLY C 335 -54.30 21.34 15.09
C GLY C 335 -55.74 20.87 15.26
N TRP C 336 -56.04 19.70 14.67
CA TRP C 336 -57.38 19.10 14.70
C TRP C 336 -57.39 17.85 15.60
N GLU C 337 -57.97 17.96 16.79
CA GLU C 337 -58.01 16.79 17.73
C GLU C 337 -58.83 15.65 17.16
N GLY C 338 -59.83 16.00 16.36
CA GLY C 338 -60.73 15.02 15.75
C GLY C 338 -60.13 14.24 14.60
N MET C 339 -58.93 14.60 14.16
CA MET C 339 -58.23 13.77 13.16
C MET C 339 -57.41 12.68 13.84
N ILE C 340 -57.95 11.48 13.85
CA ILE C 340 -57.33 10.42 14.59
C ILE C 340 -56.76 9.30 13.71
N ASP C 341 -56.88 9.40 12.39
CA ASP C 341 -56.32 8.37 11.50
C ASP C 341 -55.17 8.89 10.59
N GLY C 342 -54.59 9.98 11.00
CA GLY C 342 -53.45 10.50 10.27
C GLY C 342 -52.92 11.77 10.90
N TRP C 343 -51.74 12.17 10.46
CA TRP C 343 -51.04 13.30 11.08
C TRP C 343 -51.36 14.61 10.37
N TYR C 344 -51.57 14.49 9.07
CA TYR C 344 -51.85 15.60 8.16
C TYR C 344 -53.07 15.22 7.33
N GLY C 345 -53.93 16.20 7.01
CA GLY C 345 -54.97 15.97 6.03
C GLY C 345 -55.75 17.19 5.60
N PHE C 346 -56.95 16.95 5.09
CA PHE C 346 -57.83 17.92 4.41
C PHE C 346 -59.21 18.01 5.10
N ARG C 347 -59.72 19.22 5.26
CA ARG C 347 -61.14 19.43 5.54
C ARG C 347 -61.75 20.25 4.42
N HIS C 348 -62.94 19.85 3.97
CA HIS C 348 -63.64 20.58 2.94
C HIS C 348 -65.05 20.97 3.35
N LYS C 349 -65.60 21.88 2.53
CA LYS C 349 -66.96 22.41 2.63
C LYS C 349 -67.43 22.71 1.22
N ASN C 350 -68.50 22.04 0.78
CA ASN C 350 -69.06 22.23 -0.56
C ASN C 350 -70.59 22.06 -0.54
N SER C 351 -71.20 22.03 -1.72
CA SER C 351 -72.66 21.73 -1.90
C SER C 351 -73.17 20.52 -1.13
N GLU C 352 -72.43 19.40 -1.23
CA GLU C 352 -72.82 18.11 -0.64
C GLU C 352 -72.53 18.00 0.87
N GLY C 353 -72.01 19.08 1.48
CA GLY C 353 -71.68 19.13 2.92
C GLY C 353 -70.18 19.02 3.20
N THR C 354 -69.83 19.03 4.48
CA THR C 354 -68.43 19.09 4.90
C THR C 354 -67.87 17.71 5.23
N GLY C 355 -66.54 17.62 5.35
CA GLY C 355 -65.85 16.33 5.54
C GLY C 355 -64.35 16.45 5.88
N GLN C 356 -63.69 15.32 6.10
CA GLN C 356 -62.27 15.30 6.50
C GLN C 356 -61.55 14.08 6.01
N ALA C 357 -60.29 14.24 5.61
CA ALA C 357 -59.52 13.06 5.20
C ALA C 357 -58.06 13.19 5.50
N ALA C 358 -57.50 12.14 6.05
CA ALA C 358 -56.09 12.08 6.30
C ALA C 358 -55.36 11.94 4.99
N ASP C 359 -54.19 12.59 4.91
CA ASP C 359 -53.22 12.29 3.88
C ASP C 359 -52.21 11.26 4.36
N LEU C 360 -52.13 10.17 3.61
CA LEU C 360 -51.32 9.01 3.95
C LEU C 360 -49.85 9.27 3.71
N LYS C 361 -49.54 9.70 2.50
CA LYS C 361 -48.17 9.82 2.09
C LYS C 361 -47.37 10.75 3.01
N SER C 362 -47.94 11.91 3.31
CA SER C 362 -47.27 12.89 4.15
C SER C 362 -47.18 12.43 5.61
N THR C 363 -48.19 11.71 6.06
CA THR C 363 -48.20 11.17 7.41
C THR C 363 -47.06 10.14 7.56
N GLN C 364 -46.97 9.24 6.60
CA GLN C 364 -45.92 8.21 6.57
C GLN C 364 -44.49 8.79 6.46
N ALA C 365 -44.35 9.86 5.70
CA ALA C 365 -43.06 10.48 5.47
C ALA C 365 -42.50 11.06 6.77
N ALA C 366 -43.37 11.74 7.52
CA ALA C 366 -43.02 12.23 8.86
C ALA C 366 -42.68 11.07 9.82
N ILE C 367 -43.58 10.09 9.88
CA ILE C 367 -43.40 8.95 10.78
C ILE C 367 -42.13 8.16 10.39
N ASP C 368 -41.92 7.87 9.10
CA ASP C 368 -40.69 7.18 8.70
C ASP C 368 -39.43 7.89 9.19
N GLN C 369 -39.40 9.21 8.98
CA GLN C 369 -38.25 9.99 9.34
C GLN C 369 -37.95 9.92 10.83
N ILE C 370 -39.02 9.96 11.62
CA ILE C 370 -38.87 9.88 13.04
C ILE C 370 -38.50 8.51 13.48
N ASN C 371 -39.06 7.48 12.85
CA ASN C 371 -38.59 6.12 13.09
C ASN C 371 -37.12 5.97 12.84
N GLY C 372 -36.62 6.65 11.82
CA GLY C 372 -35.17 6.62 11.46
C GLY C 372 -34.28 7.10 12.61
N LYS C 373 -34.62 8.26 13.17
CA LYS C 373 -33.87 8.79 14.32
C LYS C 373 -34.12 7.94 15.58
N LEU C 374 -35.32 7.40 15.69
CA LEU C 374 -35.56 6.42 16.77
C LEU C 374 -34.69 5.17 16.67
N ASN C 375 -34.54 4.61 15.48
CA ASN C 375 -33.71 3.43 15.30
C ASN C 375 -32.24 3.72 15.62
N ARG C 376 -31.75 4.88 15.15
CA ARG C 376 -30.39 5.26 15.42
C ARG C 376 -30.18 5.36 16.94
N VAL C 377 -31.10 6.05 17.61
CA VAL C 377 -30.92 6.39 19.01
C VAL C 377 -31.14 5.23 19.98
N ILE C 378 -32.13 4.39 19.74
CA ILE C 378 -32.50 3.26 20.60
C ILE C 378 -31.54 2.07 20.45
N GLU C 379 -30.90 1.98 19.28
CA GLU C 379 -29.97 0.90 19.01
C GLU C 379 -28.81 0.89 20.02
N LYS C 380 -28.92 -0.06 20.98
CA LYS C 380 -27.91 -0.30 22.04
C LYS C 380 -26.54 -0.67 21.48
N THR C 381 -25.54 0.11 21.85
CA THR C 381 -24.15 -0.15 21.41
C THR C 381 -23.15 -0.06 22.61
N ASN C 382 -23.60 -0.52 23.77
CA ASN C 382 -22.76 -0.45 24.97
C ASN C 382 -22.79 -1.72 25.81
N GLU C 383 -21.73 -2.52 25.68
CA GLU C 383 -21.58 -3.73 26.49
C GLU C 383 -20.18 -3.74 27.12
N LYS C 384 -20.17 -3.65 28.44
CA LYS C 384 -18.92 -3.57 29.21
C LYS C 384 -19.00 -4.51 30.37
N PHE C 385 -17.86 -5.04 30.72
CA PHE C 385 -17.79 -6.05 31.71
C PHE C 385 -16.90 -5.55 32.86
N HIS C 386 -15.71 -6.13 33.00
CA HIS C 386 -14.79 -5.69 34.03
C HIS C 386 -14.21 -4.32 33.68
N GLN C 387 -14.29 -3.40 34.63
CA GLN C 387 -13.89 -2.01 34.35
C GLN C 387 -13.03 -1.52 35.49
N ILE C 388 -13.29 -0.35 36.01
CA ILE C 388 -12.49 0.10 37.10
C ILE C 388 -13.33 0.22 38.31
N GLU C 389 -12.67 0.30 39.47
CA GLU C 389 -13.44 0.63 40.68
C GLU C 389 -13.93 2.07 40.52
N LYS C 390 -15.11 2.37 41.05
CA LYS C 390 -15.72 3.71 40.97
C LYS C 390 -16.24 4.25 42.30
N GLU C 391 -16.31 3.38 43.33
CA GLU C 391 -16.51 3.79 44.71
C GLU C 391 -15.37 3.17 45.54
N PHE C 392 -15.11 3.73 46.71
CA PHE C 392 -13.89 3.46 47.46
C PHE C 392 -14.17 3.54 48.95
N LEU C 393 -13.59 2.62 49.71
CA LEU C 393 -13.82 2.56 51.14
C LEU C 393 -12.72 3.25 51.94
N GLU C 394 -11.53 3.39 51.37
CA GLU C 394 -10.43 4.01 52.09
C GLU C 394 -9.92 5.15 51.25
N VAL C 395 -9.34 6.12 51.91
CA VAL C 395 -8.67 7.22 51.26
C VAL C 395 -7.30 6.78 50.84
N GLU C 396 -6.88 7.23 49.66
CA GLU C 396 -5.68 6.70 49.00
C GLU C 396 -4.80 7.73 48.29
N GLY C 397 -5.39 8.80 47.76
CA GLY C 397 -4.60 9.84 47.12
C GLY C 397 -4.51 9.64 45.63
N ARG C 398 -3.31 9.71 45.10
CA ARG C 398 -3.05 9.91 43.70
C ARG C 398 -3.82 8.96 42.78
N ILE C 399 -3.84 7.68 43.11
CA ILE C 399 -4.40 6.71 42.18
C ILE C 399 -5.94 6.72 42.21
N GLN C 400 -6.52 6.88 43.38
CA GLN C 400 -7.97 7.07 43.51
C GLN C 400 -8.41 8.41 42.87
N ASP C 401 -7.59 9.48 43.03
CA ASP C 401 -7.91 10.77 42.42
C ASP C 401 -8.09 10.58 40.90
N LEU C 402 -7.18 9.82 40.32
CA LEU C 402 -7.17 9.65 38.88
C LEU C 402 -8.34 8.77 38.47
N GLU C 403 -8.62 7.72 39.25
CA GLU C 403 -9.77 6.84 38.91
C GLU C 403 -11.11 7.63 38.96
N LYS C 404 -11.29 8.48 39.97
CA LYS C 404 -12.53 9.22 40.03
C LYS C 404 -12.59 10.20 38.92
N TYR C 405 -11.46 10.81 38.58
CA TYR C 405 -11.41 11.85 37.52
C TYR C 405 -11.66 11.29 36.15
N VAL C 406 -11.14 10.11 35.90
CA VAL C 406 -11.45 9.42 34.68
C VAL C 406 -12.95 9.17 34.52
N GLU C 407 -13.59 8.68 35.55
CA GLU C 407 -14.99 8.39 35.40
C GLU C 407 -15.84 9.66 35.39
N ASP C 408 -15.45 10.64 36.16
CA ASP C 408 -16.14 11.92 36.18
C ASP C 408 -16.06 12.57 34.83
N THR C 409 -14.88 12.54 34.24
CA THR C 409 -14.69 13.08 32.89
C THR C 409 -15.66 12.40 31.90
N LYS C 410 -15.71 11.07 31.95
CA LYS C 410 -16.55 10.30 31.06
C LYS C 410 -18.01 10.63 31.20
N ILE C 411 -18.47 10.68 32.43
CA ILE C 411 -19.89 10.93 32.69
C ILE C 411 -20.31 12.31 32.13
N ASP C 412 -19.47 13.32 32.34
CA ASP C 412 -19.78 14.65 31.86
C ASP C 412 -19.83 14.68 30.33
N LEU C 413 -18.90 14.00 29.69
CA LEU C 413 -18.94 13.95 28.23
C LEU C 413 -20.18 13.20 27.73
N TRP C 414 -20.52 12.04 28.28
CA TRP C 414 -21.76 11.36 27.81
C TRP C 414 -23.03 12.19 28.15
N SER C 415 -23.04 12.83 29.34
CA SER C 415 -24.20 13.63 29.72
C SER C 415 -24.41 14.69 28.68
N TYR C 416 -23.32 15.26 28.24
CA TYR C 416 -23.41 16.37 27.30
C TYR C 416 -23.94 15.87 25.94
N ASN C 417 -23.39 14.78 25.45
CA ASN C 417 -23.84 14.20 24.18
C ASN C 417 -25.34 13.93 24.27
N ALA C 418 -25.79 13.36 25.39
CA ALA C 418 -27.23 13.13 25.61
C ALA C 418 -28.06 14.39 25.50
N GLU C 419 -27.57 15.45 26.16
CA GLU C 419 -28.31 16.70 26.21
C GLU C 419 -28.37 17.32 24.84
N LEU C 420 -27.25 17.38 24.16
CA LEU C 420 -27.22 17.93 22.79
C LEU C 420 -28.11 17.18 21.82
N LEU C 421 -28.03 15.86 21.90
CA LEU C 421 -28.70 15.01 20.95
C LEU C 421 -30.22 15.24 20.97
N VAL C 422 -30.79 15.31 22.16
CA VAL C 422 -32.22 15.47 22.33
C VAL C 422 -32.62 16.86 21.90
N ALA C 423 -31.81 17.85 22.27
CA ALA C 423 -32.14 19.24 21.93
C ALA C 423 -32.08 19.41 20.42
N LEU C 424 -31.07 18.84 19.79
CA LEU C 424 -31.01 18.89 18.31
C LEU C 424 -32.10 18.12 17.65
N GLU C 425 -32.26 16.86 18.06
CA GLU C 425 -33.21 15.97 17.40
C GLU C 425 -34.61 16.57 17.57
N ASN C 426 -34.87 17.18 18.71
CA ASN C 426 -36.19 17.75 18.91
C ASN C 426 -36.46 18.97 18.04
N GLN C 427 -35.48 19.86 17.92
CA GLN C 427 -35.63 20.98 17.01
C GLN C 427 -35.93 20.47 15.64
N HIS C 428 -35.15 19.50 15.21
CA HIS C 428 -35.29 19.00 13.86
C HIS C 428 -36.65 18.26 13.64
N THR C 429 -37.18 17.58 14.68
CA THR C 429 -38.47 16.86 14.55
C THR C 429 -39.63 17.84 14.35
N ILE C 430 -39.63 18.85 15.17
CA ILE C 430 -40.60 19.96 15.03
C ILE C 430 -40.50 20.55 13.61
N ASP C 431 -39.29 20.79 13.14
CA ASP C 431 -39.10 21.41 11.83
C ASP C 431 -39.42 20.53 10.64
N LEU C 432 -39.04 19.27 10.71
CA LEU C 432 -39.40 18.37 9.65
C LEU C 432 -40.89 18.13 9.62
N THR C 433 -41.55 18.11 10.77
CA THR C 433 -42.99 17.94 10.77
C THR C 433 -43.75 19.16 10.23
N ASP C 434 -43.23 20.35 10.57
CA ASP C 434 -43.68 21.60 9.94
C ASP C 434 -43.52 21.53 8.43
N SER C 435 -42.35 21.11 7.97
CA SER C 435 -42.04 21.04 6.56
C SER C 435 -43.02 20.17 5.84
N GLU C 436 -43.31 18.99 6.39
CA GLU C 436 -44.22 18.08 5.66
C GLU C 436 -45.57 18.69 5.45
N MET C 437 -46.03 19.44 6.46
CA MET C 437 -47.30 20.14 6.41
C MET C 437 -47.24 21.12 5.25
N ASN C 438 -46.22 21.96 5.30
CA ASN C 438 -46.02 22.92 4.24
C ASN C 438 -45.95 22.30 2.90
N LYS C 439 -45.16 21.24 2.78
CA LYS C 439 -45.01 20.63 1.46
C LYS C 439 -46.31 20.15 0.91
N LEU C 440 -47.22 19.68 1.78
CA LEU C 440 -48.53 19.20 1.31
C LEU C 440 -49.41 20.35 0.86
N PHE C 441 -49.38 21.44 1.61
CA PHE C 441 -50.08 22.63 1.21
C PHE C 441 -49.62 23.11 -0.12
N GLU C 442 -48.32 23.12 -0.34
CA GLU C 442 -47.80 23.62 -1.61
C GLU C 442 -48.17 22.70 -2.74
N LYS C 443 -48.19 21.40 -2.47
CA LYS C 443 -48.56 20.45 -3.47
C LYS C 443 -50.02 20.74 -3.89
N THR C 444 -50.85 21.10 -2.93
CA THR C 444 -52.24 21.38 -3.20
C THR C 444 -52.37 22.70 -3.98
N ARG C 445 -51.71 23.76 -3.51
CA ARG C 445 -51.66 25.01 -4.28
C ARG C 445 -51.31 24.73 -5.75
N ARG C 446 -50.31 23.91 -5.96
CA ARG C 446 -49.82 23.72 -7.33
C ARG C 446 -50.85 22.98 -8.16
N GLN C 447 -51.63 22.10 -7.57
CA GLN C 447 -52.69 21.45 -8.29
C GLN C 447 -53.80 22.39 -8.72
N LEU C 448 -54.09 23.38 -7.87
CA LEU C 448 -55.22 24.26 -8.10
C LEU C 448 -54.97 25.27 -9.19
N ARG C 449 -53.69 25.49 -9.55
CA ARG C 449 -53.35 26.51 -10.54
C ARG C 449 -54.09 27.82 -10.23
N GLU C 450 -54.83 28.31 -11.22
CA GLU C 450 -55.57 29.58 -11.13
C GLU C 450 -57.03 29.39 -10.74
N ASN C 451 -57.40 28.21 -10.27
CA ASN C 451 -58.80 27.95 -9.91
C ASN C 451 -59.06 28.22 -8.42
N ALA C 452 -58.05 28.64 -7.68
CA ALA C 452 -58.22 28.89 -6.27
C ALA C 452 -57.33 29.98 -5.74
N GLU C 453 -57.70 30.53 -4.57
CA GLU C 453 -56.86 31.46 -3.89
C GLU C 453 -56.57 31.02 -2.48
N ASP C 454 -55.32 31.23 -2.03
CA ASP C 454 -54.91 30.96 -0.68
C ASP C 454 -55.56 31.96 0.23
N MET C 455 -56.37 31.49 1.19
CA MET C 455 -57.10 32.42 2.06
C MET C 455 -56.22 32.93 3.18
N GLY C 456 -55.05 32.32 3.38
CA GLY C 456 -54.06 32.79 4.38
C GLY C 456 -54.07 32.02 5.70
N ASN C 457 -55.01 31.08 5.83
CA ASN C 457 -55.21 30.33 7.07
C ASN C 457 -55.11 28.84 6.85
N GLY C 458 -54.41 28.42 5.80
CA GLY C 458 -54.25 27.01 5.48
C GLY C 458 -55.31 26.49 4.54
N CYS C 459 -56.30 27.35 4.24
CA CYS C 459 -57.40 27.05 3.35
C CYS C 459 -57.33 27.74 2.03
N PHE C 460 -57.85 27.08 1.02
CA PHE C 460 -58.06 27.61 -0.30
C PHE C 460 -59.53 27.82 -0.60
N LYS C 461 -59.88 28.94 -1.22
CA LYS C 461 -61.20 29.10 -1.77
C LYS C 461 -61.09 28.74 -3.22
N ILE C 462 -61.78 27.65 -3.57
CA ILE C 462 -61.82 27.15 -4.93
C ILE C 462 -62.97 27.87 -5.61
N TYR C 463 -62.68 28.59 -6.68
CA TYR C 463 -63.67 29.45 -7.35
C TYR C 463 -64.58 28.69 -8.34
N HIS C 464 -65.02 27.47 -8.00
CA HIS C 464 -65.93 26.72 -8.84
C HIS C 464 -66.66 25.61 -8.08
N LYS C 465 -67.80 25.17 -8.61
CA LYS C 465 -68.54 24.06 -8.06
C LYS C 465 -67.58 22.90 -7.93
N CYS C 466 -67.35 22.43 -6.70
CA CYS C 466 -66.42 21.32 -6.48
C CYS C 466 -67.02 20.33 -5.52
N ASP C 467 -67.66 19.31 -6.12
CA ASP C 467 -68.37 18.30 -5.34
C ASP C 467 -67.38 17.30 -4.69
N ASN C 468 -67.90 16.31 -3.99
CA ASN C 468 -67.07 15.37 -3.25
C ASN C 468 -66.04 14.65 -4.19
N ALA C 469 -66.45 14.25 -5.37
CA ALA C 469 -65.51 13.65 -6.34
C ALA C 469 -64.42 14.63 -6.81
N CYS C 470 -64.80 15.88 -7.07
CA CYS C 470 -63.84 16.92 -7.41
C CYS C 470 -62.82 17.08 -6.26
N ILE C 471 -63.33 17.14 -5.03
CA ILE C 471 -62.48 17.24 -3.86
C ILE C 471 -61.54 16.03 -3.76
N GLU C 472 -62.07 14.84 -3.93
CA GLU C 472 -61.28 13.63 -3.90
C GLU C 472 -60.18 13.73 -4.94
N SER C 473 -60.48 14.28 -6.11
CA SER C 473 -59.44 14.35 -7.17
C SER C 473 -58.24 15.18 -6.69
N ILE C 474 -58.53 16.16 -5.83
CA ILE C 474 -57.49 17.01 -5.27
C ILE C 474 -56.68 16.22 -4.25
N ARG C 475 -57.37 15.53 -3.34
CA ARG C 475 -56.71 14.72 -2.35
C ARG C 475 -55.85 13.64 -2.95
N ASN C 476 -56.29 12.97 -4.02
CA ASN C 476 -55.48 11.87 -4.60
C ASN C 476 -54.53 12.33 -5.69
N GLY C 477 -54.49 13.65 -5.97
CA GLY C 477 -53.48 14.21 -6.87
C GLY C 477 -53.80 14.13 -8.36
N THR C 478 -55.07 13.93 -8.73
CA THR C 478 -55.45 13.81 -10.15
C THR C 478 -56.32 14.95 -10.66
N TYR C 479 -56.64 15.92 -9.81
CA TYR C 479 -57.42 17.11 -10.19
C TYR C 479 -56.92 17.63 -11.48
N ASP C 480 -57.84 17.91 -12.41
CA ASP C 480 -57.46 18.43 -13.72
C ASP C 480 -57.98 19.87 -13.81
N HIS C 481 -57.06 20.84 -13.75
CA HIS C 481 -57.47 22.22 -13.53
C HIS C 481 -58.07 22.83 -14.78
N ASP C 482 -57.76 22.25 -15.96
CA ASP C 482 -58.29 22.81 -17.20
C ASP C 482 -59.78 22.63 -17.31
N ILE C 483 -60.28 21.52 -16.79
CA ILE C 483 -61.69 21.26 -16.81
C ILE C 483 -62.47 22.43 -16.19
N TYR C 484 -61.94 22.99 -15.09
CA TYR C 484 -62.63 24.01 -14.32
C TYR C 484 -62.19 25.46 -14.55
N ARG C 485 -61.15 25.66 -15.36
CA ARG C 485 -60.46 26.95 -15.41
C ARG C 485 -61.35 28.10 -15.80
N ASP C 486 -62.12 27.92 -16.87
CA ASP C 486 -62.94 28.99 -17.40
C ASP C 486 -63.93 29.43 -16.33
N GLU C 487 -64.61 28.46 -15.73
CA GLU C 487 -65.58 28.74 -14.68
C GLU C 487 -64.96 29.55 -13.54
N ALA C 488 -63.80 29.07 -13.08
CA ALA C 488 -63.08 29.63 -11.96
C ALA C 488 -62.62 31.05 -12.22
N LEU C 489 -61.97 31.24 -13.37
CA LEU C 489 -61.47 32.54 -13.73
C LEU C 489 -62.62 33.54 -13.85
N ASN C 490 -63.78 33.06 -14.31
CA ASN C 490 -64.95 33.91 -14.36
C ASN C 490 -65.40 34.38 -13.00
N ASN C 491 -65.45 33.47 -12.03
CA ASN C 491 -65.88 33.85 -10.66
C ASN C 491 -64.86 34.70 -9.92
N ARG C 492 -63.60 34.42 -10.20
CA ARG C 492 -62.48 35.00 -9.56
C ARG C 492 -62.28 36.44 -10.02
N PHE C 493 -62.33 36.63 -11.35
CA PHE C 493 -61.95 37.89 -11.95
C PHE C 493 -63.05 38.57 -12.78
N GLN C 494 -64.17 37.89 -13.06
CA GLN C 494 -65.23 38.42 -13.96
C GLN C 494 -64.80 38.51 -15.45
N ILE C 495 -64.21 37.42 -15.94
CA ILE C 495 -63.69 37.31 -17.30
C ILE C 495 -64.76 37.29 -18.44
N LYS C 496 -65.46 36.17 -18.57
CA LYS C 496 -66.48 36.03 -19.65
C LYS C 496 -67.92 36.34 -19.10
N ASN D 1 -50.17 57.85 -7.82
CA ASN D 1 -51.33 57.97 -6.86
C ASN D 1 -52.46 56.96 -7.12
N ASN D 2 -52.26 56.06 -8.07
CA ASN D 2 -53.17 54.97 -8.26
C ASN D 2 -52.73 53.69 -7.53
N THR D 3 -51.46 53.64 -7.08
CA THR D 3 -50.85 52.46 -6.48
C THR D 3 -49.92 52.87 -5.37
N ALA D 4 -49.41 51.86 -4.67
CA ALA D 4 -48.45 52.05 -3.60
C ALA D 4 -47.44 50.90 -3.62
N THR D 5 -46.34 51.07 -2.91
CA THR D 5 -45.28 50.08 -2.82
C THR D 5 -45.04 49.78 -1.34
N LEU D 6 -44.94 48.51 -0.96
CA LEU D 6 -44.67 48.14 0.41
C LEU D 6 -43.51 47.17 0.36
N CYS D 7 -42.37 47.55 0.98
CA CYS D 7 -41.18 46.70 0.95
C CYS D 7 -40.96 46.14 2.31
N LEU D 8 -40.63 44.86 2.36
CA LEU D 8 -40.23 44.24 3.63
C LEU D 8 -38.75 44.16 3.66
N GLY D 9 -38.23 44.14 4.86
CA GLY D 9 -36.81 44.28 5.07
C GLY D 9 -36.36 43.88 6.44
N HIS D 10 -35.08 43.97 6.68
CA HIS D 10 -34.48 43.65 7.97
C HIS D 10 -33.33 44.56 8.26
N HIS D 11 -32.90 44.59 9.50
CA HIS D 11 -31.89 45.57 9.90
C HIS D 11 -30.51 45.13 9.47
N ALA D 12 -29.57 46.04 9.61
CA ALA D 12 -28.18 45.78 9.35
C ALA D 12 -27.37 46.84 10.08
N VAL D 13 -26.08 46.60 10.23
CA VAL D 13 -25.15 47.51 10.88
C VAL D 13 -23.98 47.76 9.94
N PRO D 14 -23.21 48.83 10.16
CA PRO D 14 -22.13 49.04 9.18
C PRO D 14 -20.99 48.01 9.33
N ASN D 15 -20.53 47.86 10.56
CA ASN D 15 -19.55 46.83 10.93
C ASN D 15 -20.19 45.75 11.83
N GLY D 16 -20.36 44.57 11.26
CA GLY D 16 -20.86 43.41 11.98
C GLY D 16 -19.70 42.56 12.43
N THR D 17 -19.96 41.32 12.83
CA THR D 17 -18.95 40.41 13.30
C THR D 17 -18.87 39.10 12.47
N ILE D 18 -17.65 38.59 12.30
CA ILE D 18 -17.38 37.41 11.49
C ILE D 18 -17.52 36.15 12.32
N VAL D 19 -18.32 35.20 11.89
CA VAL D 19 -18.36 33.96 12.63
C VAL D 19 -18.08 32.82 11.69
N LYS D 20 -17.98 31.64 12.30
CA LYS D 20 -17.75 30.38 11.60
C LYS D 20 -19.06 29.59 11.61
N THR D 21 -19.39 28.98 10.49
CA THR D 21 -20.57 28.14 10.44
C THR D 21 -20.16 26.77 9.91
N ILE D 22 -21.14 25.87 9.79
CA ILE D 22 -20.97 24.55 9.18
C ILE D 22 -20.41 24.64 7.73
N THR D 23 -20.82 25.67 6.97
CA THR D 23 -20.50 25.80 5.55
C THR D 23 -19.49 26.90 5.17
N ASP D 24 -19.33 27.93 6.01
CA ASP D 24 -18.35 28.98 5.79
C ASP D 24 -17.45 29.13 6.97
N ASP D 25 -16.15 29.25 6.78
CA ASP D 25 -15.34 29.63 7.94
C ASP D 25 -15.48 31.15 8.21
N GLN D 26 -16.06 31.90 7.30
CA GLN D 26 -16.18 33.33 7.56
C GLN D 26 -17.43 33.94 6.97
N ILE D 27 -18.35 34.33 7.82
CA ILE D 27 -19.56 34.95 7.37
C ILE D 27 -20.04 35.93 8.43
N GLU D 28 -20.59 37.03 7.98
CA GLU D 28 -20.72 38.17 8.84
C GLU D 28 -22.12 38.31 9.39
N VAL D 29 -22.26 38.35 10.72
CA VAL D 29 -23.55 38.57 11.36
C VAL D 29 -23.65 39.92 12.06
N THR D 30 -24.88 40.33 12.33
CA THR D 30 -25.13 41.61 12.97
C THR D 30 -24.49 41.72 14.35
N ASN D 31 -24.49 40.62 15.10
CA ASN D 31 -24.01 40.62 16.47
C ASN D 31 -23.60 39.19 16.89
N ALA D 32 -22.64 39.11 17.80
CA ALA D 32 -22.10 37.85 18.27
C ALA D 32 -21.65 37.99 19.72
N THR D 33 -21.43 36.86 20.39
CA THR D 33 -20.83 36.87 21.71
C THR D 33 -19.74 35.79 21.80
N GLU D 34 -18.71 36.08 22.59
CA GLU D 34 -17.56 35.23 22.77
C GLU D 34 -17.87 34.16 23.81
N LEU D 35 -17.53 32.93 23.45
CA LEU D 35 -17.74 31.77 24.33
C LEU D 35 -16.49 31.27 25.05
N VAL D 36 -15.34 31.80 24.69
CA VAL D 36 -14.14 31.49 25.37
C VAL D 36 -13.69 32.65 26.23
N GLN D 37 -13.53 32.39 27.50
CA GLN D 37 -12.86 33.30 28.41
C GLN D 37 -11.34 33.17 28.18
N SER D 38 -10.69 34.24 27.78
CA SER D 38 -9.26 34.19 27.57
C SER D 38 -8.50 35.26 28.36
N SER D 39 -9.18 35.97 29.24
CA SER D 39 -8.53 36.99 30.01
C SER D 39 -8.78 36.76 31.51
N SER D 40 -7.85 37.29 32.32
CA SER D 40 -7.91 37.29 33.76
C SER D 40 -7.33 38.61 34.28
N THR D 41 -7.79 39.09 35.43
CA THR D 41 -7.14 40.24 36.08
C THR D 41 -5.75 39.90 36.57
N GLY D 42 -5.48 38.61 36.75
CA GLY D 42 -4.19 38.13 37.27
C GLY D 42 -4.21 37.89 38.76
N LYS D 43 -5.33 38.16 39.40
CA LYS D 43 -5.47 38.06 40.85
C LYS D 43 -6.54 37.04 41.17
N ILE D 44 -6.31 36.35 42.29
CA ILE D 44 -7.21 35.40 42.87
C ILE D 44 -8.12 36.05 43.90
N CYS D 45 -9.41 36.05 43.57
CA CYS D 45 -10.40 36.63 44.39
C CYS D 45 -10.63 35.84 45.66
N ASN D 46 -10.72 36.51 46.79
CA ASN D 46 -10.85 35.82 48.08
C ASN D 46 -12.24 35.57 48.56
N ASN D 47 -13.24 35.88 47.74
CA ASN D 47 -14.56 35.32 47.93
C ASN D 47 -15.06 34.66 46.66
N PRO D 48 -16.02 33.73 46.77
CA PRO D 48 -16.73 33.19 47.93
C PRO D 48 -16.02 31.99 48.59
N HIS D 49 -14.90 31.52 48.01
CA HIS D 49 -14.14 30.38 48.53
C HIS D 49 -13.14 30.87 49.61
N ARG D 50 -12.89 30.03 50.58
CA ARG D 50 -11.85 30.30 51.57
C ARG D 50 -10.49 29.99 50.97
N ILE D 51 -9.74 31.07 50.70
CA ILE D 51 -8.44 30.98 50.09
C ILE D 51 -7.39 31.10 51.15
N LEU D 52 -6.48 30.16 51.16
CA LEU D 52 -5.42 30.23 52.15
C LEU D 52 -4.10 30.32 51.38
N ASP D 53 -3.36 31.41 51.60
CA ASP D 53 -2.08 31.68 50.94
C ASP D 53 -1.01 30.95 51.71
N GLY D 54 -0.38 29.99 51.05
CA GLY D 54 0.66 29.18 51.65
C GLY D 54 1.91 29.99 51.91
N ARG D 55 2.01 31.15 51.23
CA ARG D 55 3.17 32.02 51.34
C ARG D 55 4.41 31.19 51.15
N ASP D 56 5.31 31.16 52.11
CA ASP D 56 6.54 30.42 51.89
C ASP D 56 6.52 29.02 52.46
N CYS D 57 5.32 28.50 52.67
CA CYS D 57 5.09 27.17 53.23
C CYS D 57 4.40 26.24 52.24
N LYS D 58 5.12 25.18 51.83
CA LYS D 58 4.50 24.09 51.14
C LYS D 58 3.49 23.52 52.11
N LEU D 59 2.39 22.97 51.62
CA LEU D 59 1.41 22.30 52.51
C LEU D 59 2.09 21.24 53.36
N MET D 60 3.08 20.53 52.83
CA MET D 60 3.77 19.45 53.64
C MET D 60 4.42 20.03 54.87
N ASP D 61 4.95 21.25 54.75
CA ASP D 61 5.68 21.90 55.82
C ASP D 61 4.68 22.52 56.80
N ALA D 62 3.57 23.04 56.30
CA ALA D 62 2.50 23.43 57.24
C ALA D 62 1.96 22.23 58.00
N LEU D 63 1.84 21.08 57.30
CA LEU D 63 1.26 19.85 57.92
C LEU D 63 2.18 19.37 59.04
N LEU D 64 3.43 19.11 58.71
CA LEU D 64 4.41 18.65 59.70
C LEU D 64 4.73 19.68 60.75
N GLY D 65 4.61 20.96 60.43
CA GLY D 65 4.90 22.04 61.41
C GLY D 65 6.34 22.51 61.39
N ASP D 66 6.84 22.75 60.18
CA ASP D 66 8.12 23.44 59.97
C ASP D 66 8.04 24.76 60.76
N PRO D 67 9.06 25.10 61.55
CA PRO D 67 8.88 26.25 62.42
C PRO D 67 8.44 27.54 61.69
N HIS D 68 8.85 27.72 60.44
CA HIS D 68 8.45 28.90 59.66
C HIS D 68 6.96 28.88 59.30
N CYS D 69 6.27 27.82 59.69
CA CYS D 69 4.93 27.55 59.21
C CYS D 69 3.90 27.46 60.34
N ASP D 70 4.28 27.92 61.54
CA ASP D 70 3.45 27.88 62.72
C ASP D 70 2.09 28.58 62.58
N VAL D 71 2.05 29.62 61.79
CA VAL D 71 0.82 30.38 61.59
C VAL D 71 -0.29 29.54 60.93
N PHE D 72 0.09 28.45 60.27
CA PHE D 72 -0.87 27.57 59.66
C PHE D 72 -1.50 26.51 60.57
N GLN D 73 -1.11 26.47 61.84
CA GLN D 73 -1.68 25.51 62.79
C GLN D 73 -3.21 25.59 62.82
N ASP D 74 -3.86 24.43 62.63
CA ASP D 74 -5.34 24.28 62.66
C ASP D 74 -6.08 25.10 61.61
N GLU D 75 -5.38 25.56 60.58
CA GLU D 75 -6.00 26.29 59.49
C GLU D 75 -6.88 25.42 58.62
N THR D 76 -7.79 26.10 57.91
CA THR D 76 -8.70 25.45 56.99
C THR D 76 -8.73 26.23 55.69
N TRP D 77 -9.21 25.58 54.63
CA TRP D 77 -9.25 26.16 53.32
C TRP D 77 -10.21 25.41 52.39
N ASP D 78 -10.72 26.15 51.42
CA ASP D 78 -11.35 25.58 50.26
C ASP D 78 -10.25 25.36 49.25
N LEU D 79 -9.38 26.33 49.12
CA LEU D 79 -8.24 26.18 48.25
C LEU D 79 -6.93 26.69 48.93
N TYR D 80 -5.95 25.81 49.01
CA TYR D 80 -4.61 26.17 49.53
C TYR D 80 -3.76 26.54 48.36
N VAL D 81 -3.25 27.77 48.36
CA VAL D 81 -2.42 28.25 47.28
C VAL D 81 -0.97 28.05 47.64
N GLU D 82 -0.24 27.29 46.83
CA GLU D 82 1.11 26.94 47.18
C GLU D 82 2.00 27.74 46.23
N ARG D 83 2.94 28.53 46.77
CA ARG D 83 3.87 29.36 45.98
C ARG D 83 5.13 28.61 45.63
N SER D 84 5.74 28.95 44.51
CA SER D 84 6.92 28.17 44.07
C SER D 84 8.19 28.63 44.76
N SER D 85 8.20 29.81 45.34
CA SER D 85 9.36 30.26 46.12
C SER D 85 9.41 29.59 47.51
N ALA D 86 8.34 28.91 47.86
CA ALA D 86 8.22 28.32 49.16
C ALA D 86 9.28 27.26 49.37
N SER D 87 9.78 27.20 50.61
CA SER D 87 10.90 26.35 50.92
C SER D 87 10.83 25.80 52.31
N SER D 88 11.63 24.76 52.53
CA SER D 88 11.63 24.02 53.78
C SER D 88 12.84 24.47 54.58
N ASN D 89 12.68 24.65 55.89
CA ASN D 89 13.79 25.06 56.76
C ASN D 89 13.83 24.28 58.06
N CYS D 90 13.74 22.96 57.94
CA CYS D 90 13.69 22.10 59.09
C CYS D 90 14.65 20.90 58.82
N TYR D 91 14.58 19.85 59.63
CA TYR D 91 15.39 18.63 59.33
C TYR D 91 15.08 18.12 57.95
N PRO D 92 16.10 17.77 57.16
CA PRO D 92 15.74 17.34 55.81
C PRO D 92 14.97 15.98 55.80
N TYR D 93 13.98 15.92 54.95
CA TYR D 93 13.01 14.82 54.97
C TYR D 93 12.64 14.36 53.59
N ASP D 94 12.09 13.17 53.52
CA ASP D 94 11.51 12.70 52.28
C ASP D 94 10.27 11.94 52.63
N VAL D 95 9.36 11.88 51.68
CA VAL D 95 8.06 11.32 51.93
C VAL D 95 7.70 10.36 50.83
N PRO D 96 7.90 9.08 51.05
CA PRO D 96 7.49 8.22 49.96
C PRO D 96 6.00 8.43 49.74
N ASP D 97 5.62 8.49 48.49
CA ASP D 97 4.23 8.85 48.13
C ASP D 97 3.80 10.23 48.63
N TYR D 98 4.78 11.14 48.64
CA TYR D 98 4.58 12.57 48.86
C TYR D 98 3.27 13.06 48.29
N ALA D 99 3.04 12.77 47.02
CA ALA D 99 1.94 13.39 46.33
C ALA D 99 0.57 12.89 46.83
N SER D 100 0.50 11.67 47.35
CA SER D 100 -0.75 11.21 47.91
C SER D 100 -1.01 11.87 49.26
N LEU D 101 0.03 12.02 50.08
CA LEU D 101 -0.13 12.68 51.40
C LEU D 101 -0.56 14.12 51.20
N ARG D 102 0.07 14.77 50.22
CA ARG D 102 -0.28 16.14 49.85
C ARG D 102 -1.68 16.20 49.27
N SER D 103 -2.04 15.24 48.45
CA SER D 103 -3.38 15.21 47.85
C SER D 103 -4.46 14.99 48.90
N LEU D 104 -4.28 13.99 49.75
CA LEU D 104 -5.32 13.63 50.65
C LEU D 104 -5.54 14.70 51.73
N VAL D 105 -4.46 15.37 52.14
CA VAL D 105 -4.56 16.53 53.04
C VAL D 105 -5.24 17.68 52.32
N ALA D 106 -4.81 17.96 51.10
CA ALA D 106 -5.42 19.04 50.32
C ALA D 106 -6.90 18.87 50.29
N SER D 107 -7.32 17.65 49.95
CA SER D 107 -8.75 17.32 49.78
C SER D 107 -9.53 17.39 51.09
N SER D 108 -8.90 17.00 52.19
CA SER D 108 -9.51 17.07 53.52
C SER D 108 -9.82 18.51 53.93
N GLY D 109 -8.95 19.44 53.53
CA GLY D 109 -9.20 20.88 53.73
C GLY D 109 -8.94 21.48 55.10
N THR D 110 -8.17 20.79 55.94
CA THR D 110 -7.90 21.24 57.33
C THR D 110 -6.62 20.67 57.91
N LEU D 111 -5.98 21.46 58.77
CA LEU D 111 -4.85 20.98 59.57
C LEU D 111 -5.20 20.86 61.06
N GLU D 112 -6.48 20.86 61.42
CA GLU D 112 -6.84 20.74 62.82
C GLU D 112 -6.16 19.51 63.39
N PHE D 113 -5.34 19.75 64.41
CA PHE D 113 -4.53 18.75 65.10
C PHE D 113 -4.98 18.58 66.54
N ILE D 114 -5.13 17.32 66.92
CA ILE D 114 -5.58 16.98 68.22
C ILE D 114 -4.47 16.22 68.90
N THR D 115 -3.86 16.82 69.92
CA THR D 115 -2.78 16.22 70.66
C THR D 115 -3.35 15.18 71.53
N GLU D 116 -2.61 14.08 71.68
CA GLU D 116 -3.09 12.87 72.33
C GLU D 116 -2.10 12.30 73.33
N GLY D 117 -2.60 11.38 74.16
CA GLY D 117 -1.90 11.02 75.35
C GLY D 117 -0.88 9.92 75.16
N PHE D 118 0.10 10.11 74.28
CA PHE D 118 1.21 9.12 74.17
C PHE D 118 2.16 9.22 75.36
N THR D 119 2.48 8.06 75.90
CA THR D 119 3.30 7.93 77.08
C THR D 119 4.61 7.35 76.64
N TRP D 120 5.67 8.17 76.63
CA TRP D 120 6.96 7.65 76.20
C TRP D 120 7.85 7.36 77.38
N THR D 121 7.77 6.16 77.93
CA THR D 121 8.54 5.87 79.13
C THR D 121 9.94 5.38 78.76
N GLY D 122 10.89 5.93 79.48
CA GLY D 122 12.29 5.57 79.35
C GLY D 122 13.10 6.43 78.42
N VAL D 123 12.42 7.26 77.62
CA VAL D 123 13.03 8.03 76.55
C VAL D 123 12.85 9.54 76.74
N THR D 124 13.82 10.30 76.20
CA THR D 124 13.79 11.74 76.16
C THR D 124 12.99 12.20 74.96
N GLN D 125 12.08 13.16 75.19
CA GLN D 125 11.19 13.71 74.16
C GLN D 125 11.69 15.02 73.65
N ASN D 126 11.03 15.54 72.61
CA ASN D 126 11.29 16.90 72.15
C ASN D 126 12.69 17.15 71.63
N GLY D 127 13.25 16.14 70.95
CA GLY D 127 14.52 16.28 70.25
C GLY D 127 14.49 17.46 69.30
N GLU D 128 15.60 18.17 69.21
CA GLU D 128 15.70 19.31 68.31
C GLU D 128 16.94 19.23 67.43
N SER D 129 17.05 20.18 66.52
CA SER D 129 18.15 20.19 65.56
C SER D 129 18.49 21.60 65.07
N GLY D 130 19.77 21.79 64.79
CA GLY D 130 20.28 23.00 64.18
C GLY D 130 19.79 23.18 62.77
N ALA D 131 19.31 22.11 62.17
CA ALA D 131 18.74 22.22 60.81
C ALA D 131 17.33 22.82 60.83
N CYS D 132 16.74 22.97 61.99
CA CYS D 132 15.35 23.33 62.11
C CYS D 132 15.24 24.39 63.20
N LYS D 133 15.83 25.54 62.93
CA LYS D 133 15.92 26.63 63.93
C LYS D 133 14.55 27.26 64.14
N ARG D 134 14.24 27.55 65.43
CA ARG D 134 13.05 28.27 65.88
C ARG D 134 13.58 29.59 66.48
N GLY D 135 13.69 30.61 65.62
CA GLY D 135 14.39 31.82 65.94
C GLY D 135 15.85 31.51 66.14
N PRO D 136 16.39 31.84 67.34
CA PRO D 136 17.81 31.63 67.64
C PRO D 136 18.09 30.19 68.05
N ALA D 137 17.03 29.50 68.50
CA ALA D 137 17.14 28.17 69.14
C ALA D 137 17.06 27.01 68.15
N ASN D 138 17.80 25.95 68.45
CA ASN D 138 17.51 24.65 67.85
C ASN D 138 16.02 24.31 68.02
N GLY D 139 15.47 23.61 67.05
CA GLY D 139 14.04 23.24 67.13
C GLY D 139 13.69 22.05 66.25
N PHE D 140 12.41 21.90 66.01
CA PHE D 140 11.90 20.73 65.31
C PHE D 140 10.46 20.90 64.87
N PHE D 141 10.01 20.06 63.95
CA PHE D 141 8.62 20.03 63.53
C PHE D 141 7.71 19.96 64.76
N SER D 142 6.66 20.79 64.77
CA SER D 142 5.78 20.91 65.94
C SER D 142 4.94 19.67 66.11
N ARG D 143 4.59 19.02 65.02
CA ARG D 143 3.66 17.87 65.08
C ARG D 143 4.39 16.55 65.28
N LEU D 144 5.70 16.60 65.32
CA LEU D 144 6.46 15.40 65.53
C LEU D 144 7.24 15.49 66.81
N ASN D 145 7.63 14.34 67.30
CA ASN D 145 8.27 14.28 68.54
C ASN D 145 9.48 13.34 68.44
N TRP D 146 10.67 13.97 68.39
CA TRP D 146 11.91 13.26 68.21
C TRP D 146 12.31 12.65 69.54
N LEU D 147 12.27 11.30 69.58
CA LEU D 147 12.58 10.53 70.79
C LEU D 147 14.02 10.03 70.73
N THR D 148 14.76 10.22 71.85
CA THR D 148 16.12 9.73 72.00
C THR D 148 16.25 9.07 73.38
N LYS D 149 17.40 8.48 73.66
CA LYS D 149 17.60 7.83 74.95
C LYS D 149 17.49 8.77 76.18
N SER D 150 17.29 8.13 77.31
CA SER D 150 17.29 8.79 78.61
C SER D 150 18.34 8.08 79.47
N GLY D 151 19.29 8.87 79.98
CA GLY D 151 20.56 8.33 80.45
C GLY D 151 21.19 7.45 79.39
N SER D 152 21.32 6.17 79.72
CA SER D 152 22.00 5.21 78.88
C SER D 152 21.06 4.17 78.28
N VAL D 153 19.75 4.36 78.47
CA VAL D 153 18.73 3.43 78.00
C VAL D 153 17.77 4.07 77.00
N TYR D 154 17.45 3.32 75.95
CA TYR D 154 16.32 3.62 75.10
C TYR D 154 15.52 2.32 75.00
N PRO D 155 14.37 2.26 75.68
CA PRO D 155 13.73 0.95 75.81
C PRO D 155 12.85 0.61 74.64
N LEU D 156 12.36 -0.59 74.65
CA LEU D 156 11.37 -0.96 73.65
C LEU D 156 10.07 -0.22 73.95
N LEU D 157 9.70 0.71 73.07
CA LEU D 157 8.51 1.50 73.20
C LEU D 157 7.34 0.75 72.65
N ASN D 158 6.23 0.74 73.36
CA ASN D 158 5.07 -0.03 72.93
C ASN D 158 3.83 0.64 73.47
N VAL D 159 3.21 1.51 72.68
CA VAL D 159 2.06 2.28 73.12
C VAL D 159 0.88 2.03 72.20
N THR D 160 -0.28 2.50 72.66
CA THR D 160 -1.51 2.42 71.88
C THR D 160 -2.34 3.65 72.02
N MET D 161 -3.14 3.90 71.00
CA MET D 161 -4.08 4.98 71.00
C MET D 161 -5.36 4.58 70.28
N PRO D 162 -6.42 4.30 71.03
CA PRO D 162 -7.67 3.84 70.41
C PRO D 162 -8.46 4.97 69.77
N ASN D 163 -9.13 4.68 68.68
CA ASN D 163 -10.10 5.62 68.14
C ASN D 163 -11.50 5.25 68.61
N ASN D 164 -11.97 6.01 69.60
CA ASN D 164 -13.28 5.90 70.19
C ASN D 164 -14.25 7.01 69.75
N ASP D 165 -13.89 7.74 68.69
CA ASP D 165 -14.72 8.84 68.20
C ASP D 165 -15.46 8.33 66.99
N ASN D 166 -16.19 9.22 66.35
CA ASN D 166 -17.03 8.85 65.21
C ASN D 166 -16.45 9.41 63.90
N PHE D 167 -15.18 9.85 63.90
CA PHE D 167 -14.50 10.36 62.70
C PHE D 167 -13.20 9.61 62.46
N ASP D 168 -12.64 9.76 61.26
CA ASP D 168 -11.31 9.22 60.95
C ASP D 168 -10.19 10.10 61.47
N LYS D 169 -9.08 9.47 61.81
CA LYS D 169 -7.89 10.16 62.30
C LYS D 169 -6.66 9.91 61.45
N LEU D 170 -5.94 10.99 61.17
CA LEU D 170 -4.75 10.92 60.37
C LEU D 170 -3.55 11.04 61.25
N TYR D 171 -2.71 10.00 61.23
CA TYR D 171 -1.47 10.03 62.00
C TYR D 171 -0.28 10.17 61.04
N VAL D 172 0.55 11.20 61.25
CA VAL D 172 1.74 11.44 60.44
C VAL D 172 2.94 11.32 61.34
N TRP D 173 3.87 10.49 60.91
CA TRP D 173 4.97 10.07 61.74
C TRP D 173 6.15 9.76 60.88
N GLY D 174 7.26 9.37 61.48
CA GLY D 174 8.56 9.39 60.79
C GLY D 174 9.57 8.43 61.41
N VAL D 175 10.65 8.24 60.66
CA VAL D 175 11.76 7.42 61.08
C VAL D 175 13.03 8.15 60.74
N HIS D 176 13.95 8.20 61.69
CA HIS D 176 15.18 8.91 61.47
C HIS D 176 16.26 7.97 61.02
N HIS D 177 16.95 8.35 59.95
CA HIS D 177 18.06 7.59 59.38
C HIS D 177 19.35 8.34 59.71
N PRO D 178 20.12 7.84 60.67
CA PRO D 178 21.33 8.64 60.93
C PRO D 178 22.43 8.46 59.89
N SER D 179 23.43 9.35 60.01
CA SER D 179 24.49 9.47 59.06
C SER D 179 25.57 8.44 59.33
N THR D 180 25.79 8.08 60.60
CA THR D 180 26.84 7.17 61.05
C THR D 180 26.34 6.25 62.16
N ASN D 181 27.13 5.21 62.41
CA ASN D 181 26.82 4.30 63.51
C ASN D 181 26.91 4.94 64.86
N GLN D 182 27.89 5.82 64.98
CA GLN D 182 28.10 6.63 66.16
C GLN D 182 26.80 7.31 66.49
N GLU D 183 26.26 8.04 65.52
CA GLU D 183 25.02 8.83 65.73
C GLU D 183 23.85 7.91 66.14
N GLN D 184 23.66 6.79 65.43
CA GLN D 184 22.66 5.81 65.79
C GLN D 184 22.66 5.46 67.27
N THR D 185 23.82 5.13 67.79
CA THR D 185 23.91 4.71 69.20
C THR D 185 23.93 5.83 70.21
N ASN D 186 24.53 6.98 69.89
CA ASN D 186 24.39 8.11 70.81
C ASN D 186 22.93 8.45 71.04
N LEU D 187 22.11 8.31 69.99
CA LEU D 187 20.70 8.73 70.03
C LEU D 187 19.81 7.67 70.66
N TYR D 188 19.96 6.43 70.18
CA TYR D 188 19.00 5.40 70.42
C TYR D 188 19.57 4.14 71.08
N VAL D 189 20.88 4.11 71.32
CA VAL D 189 21.56 2.98 72.01
C VAL D 189 21.59 1.69 71.18
N GLN D 190 20.46 1.21 70.69
CA GLN D 190 20.50 0.09 69.75
C GLN D 190 21.25 0.43 68.45
N ALA D 191 21.96 -0.56 67.91
CA ALA D 191 22.75 -0.38 66.70
C ALA D 191 21.91 -0.30 65.47
N SER D 192 20.74 -0.91 65.54
CA SER D 192 19.77 -0.73 64.50
C SER D 192 18.38 -0.75 65.11
N GLY D 193 17.62 0.29 64.78
CA GLY D 193 16.28 0.50 65.31
C GLY D 193 15.24 -0.11 64.38
N ARG D 194 14.01 0.28 64.65
CA ARG D 194 12.87 -0.25 63.96
C ARG D 194 11.64 0.49 64.43
N VAL D 195 10.75 0.83 63.50
CA VAL D 195 9.49 1.44 63.79
C VAL D 195 8.34 0.66 63.16
N THR D 196 7.43 0.14 64.00
CA THR D 196 6.26 -0.57 63.54
C THR D 196 5.02 0.16 64.02
N VAL D 197 4.28 0.68 63.05
CA VAL D 197 3.03 1.38 63.29
C VAL D 197 1.91 0.59 62.67
N SER D 198 0.93 0.27 63.48
CA SER D 198 -0.08 -0.70 63.05
C SER D 198 -1.46 -0.37 63.58
N THR D 199 -2.43 -0.94 62.91
CA THR D 199 -3.82 -0.94 63.27
C THR D 199 -4.25 -2.41 63.11
N ARG D 200 -5.54 -2.70 63.27
CA ARG D 200 -6.07 -4.00 62.95
C ARG D 200 -5.99 -4.32 61.48
N ARG D 201 -6.05 -3.30 60.63
CA ARG D 201 -6.10 -3.54 59.19
C ARG D 201 -4.78 -3.12 58.45
N SER D 202 -3.72 -2.78 59.15
CA SER D 202 -2.52 -2.31 58.47
C SER D 202 -1.31 -2.40 59.37
N GLN D 203 -0.16 -2.60 58.77
CA GLN D 203 1.08 -2.54 59.51
C GLN D 203 2.15 -1.99 58.62
N GLN D 204 2.89 -0.99 59.09
CA GLN D 204 4.07 -0.57 58.38
C GLN D 204 5.24 -0.76 59.32
N THR D 205 6.29 -1.44 58.87
CA THR D 205 7.54 -1.55 59.65
C THR D 205 8.69 -1.04 58.82
N ILE D 206 9.37 -0.05 59.34
CA ILE D 206 10.46 0.64 58.63
C ILE D 206 11.76 0.44 59.42
N ILE D 207 12.80 -0.01 58.74
CA ILE D 207 14.09 -0.22 59.31
C ILE D 207 14.94 0.93 58.81
N PRO D 208 15.52 1.74 59.72
CA PRO D 208 16.37 2.85 59.30
C PRO D 208 17.65 2.36 58.60
N ASN D 209 18.13 3.14 57.65
CA ASN D 209 19.32 2.83 56.91
C ASN D 209 20.37 3.88 57.24
N ILE D 210 21.41 3.48 57.98
CA ILE D 210 22.42 4.40 58.40
C ILE D 210 23.28 4.82 57.23
N GLY D 211 23.70 6.08 57.21
CA GLY D 211 24.61 6.49 56.16
C GLY D 211 24.46 7.93 55.77
N SER D 212 25.52 8.46 55.18
CA SER D 212 25.50 9.83 54.73
C SER D 212 24.64 9.97 53.45
N ARG D 213 23.77 11.00 53.47
CA ARG D 213 23.17 11.59 52.32
C ARG D 213 23.73 13.00 52.15
N PRO D 214 23.43 13.66 51.02
CA PRO D 214 23.95 15.02 50.81
C PRO D 214 23.55 15.98 51.88
N LEU D 215 24.50 16.81 52.30
CA LEU D 215 24.21 17.80 53.34
C LEU D 215 23.09 18.73 52.91
N VAL D 216 22.07 18.78 53.76
CA VAL D 216 20.99 19.75 53.64
C VAL D 216 20.93 20.51 54.98
N ARG D 217 21.00 21.84 54.93
CA ARG D 217 21.09 22.70 56.16
C ARG D 217 21.88 22.09 57.29
N GLY D 218 23.08 21.64 56.91
CA GLY D 218 24.09 21.16 57.84
C GLY D 218 23.87 19.74 58.35
N GLN D 219 23.01 18.97 57.66
CA GLN D 219 22.68 17.60 58.12
C GLN D 219 22.74 16.56 57.02
N SER D 220 23.37 15.44 57.37
CA SER D 220 23.60 14.38 56.40
C SER D 220 22.60 13.22 56.58
N GLY D 221 21.92 13.18 57.72
CA GLY D 221 20.85 12.22 57.94
C GLY D 221 19.56 12.69 57.28
N ARG D 222 18.53 11.87 57.38
CA ARG D 222 17.21 12.16 56.84
C ARG D 222 16.13 11.54 57.75
N ILE D 223 14.95 12.14 57.74
CA ILE D 223 13.80 11.53 58.33
C ILE D 223 12.87 11.16 57.17
N SER D 224 12.22 10.00 57.28
CA SER D 224 11.23 9.54 56.31
C SER D 224 9.85 9.63 56.92
N ILE D 225 8.94 10.32 56.22
CA ILE D 225 7.59 10.52 56.70
C ILE D 225 6.63 9.51 56.14
N TYR D 226 5.73 9.02 56.98
CA TYR D 226 4.72 8.03 56.64
C TYR D 226 3.43 8.44 57.31
N TRP D 227 2.34 7.78 56.92
CA TRP D 227 1.05 8.11 57.51
C TRP D 227 0.18 6.86 57.68
N THR D 228 -0.79 6.98 58.58
CA THR D 228 -1.68 5.89 58.96
C THR D 228 -2.99 6.50 59.40
N ILE D 229 -4.08 5.95 58.89
CA ILE D 229 -5.42 6.42 59.14
C ILE D 229 -6.06 5.40 60.06
N VAL D 230 -6.66 5.88 61.15
CA VAL D 230 -7.32 5.03 62.13
C VAL D 230 -8.83 5.33 62.07
N LYS D 231 -9.62 4.33 61.69
CA LYS D 231 -11.07 4.54 61.58
C LYS D 231 -11.70 4.35 62.95
N PRO D 232 -12.96 4.78 63.10
CA PRO D 232 -13.59 4.58 64.39
C PRO D 232 -13.68 3.10 64.79
N GLY D 233 -13.37 2.80 66.05
CA GLY D 233 -13.33 1.42 66.55
C GLY D 233 -12.00 0.72 66.33
N ASP D 234 -11.12 1.32 65.54
CA ASP D 234 -9.80 0.70 65.31
C ASP D 234 -8.82 1.35 66.33
N ILE D 235 -7.61 0.83 66.36
CA ILE D 235 -6.58 1.14 67.39
C ILE D 235 -5.22 1.41 66.76
N LEU D 236 -4.55 2.51 67.14
CA LEU D 236 -3.17 2.71 66.66
C LEU D 236 -2.25 2.07 67.70
N MET D 237 -1.25 1.33 67.22
CA MET D 237 -0.12 0.95 68.06
C MET D 237 1.14 1.41 67.46
N ILE D 238 2.08 1.78 68.32
CA ILE D 238 3.43 2.07 67.83
C ILE D 238 4.42 1.28 68.66
N ASN D 239 5.29 0.55 67.96
CA ASN D 239 6.29 -0.24 68.63
C ASN D 239 7.67 0.10 68.04
N SER D 240 8.65 0.41 68.87
CA SER D 240 9.95 0.89 68.40
C SER D 240 11.03 0.73 69.43
N ASN D 241 12.20 0.31 68.98
CA ASN D 241 13.36 0.25 69.86
C ASN D 241 14.49 1.16 69.36
N GLY D 242 14.08 2.09 68.51
CA GLY D 242 14.93 3.20 68.12
C GLY D 242 14.44 3.83 66.84
N ASN D 243 14.78 5.13 66.71
CA ASN D 243 14.71 5.86 65.46
C ASN D 243 13.31 6.31 65.08
N LEU D 244 12.38 6.15 66.03
CA LEU D 244 11.01 6.65 65.92
C LEU D 244 10.96 8.18 66.09
N VAL D 245 10.37 8.88 65.11
CA VAL D 245 9.93 10.24 65.22
C VAL D 245 8.42 10.21 65.34
N ALA D 246 7.97 10.28 66.59
CA ALA D 246 6.61 9.94 66.95
C ALA D 246 5.58 11.03 66.62
N PRO D 247 4.34 10.63 66.35
CA PRO D 247 3.29 11.63 66.19
C PRO D 247 2.91 12.12 67.51
N ARG D 248 2.41 13.36 67.59
CA ARG D 248 2.02 13.92 68.90
C ARG D 248 0.52 13.72 69.13
N GLY D 249 -0.16 13.28 68.09
CA GLY D 249 -1.62 13.20 68.03
C GLY D 249 -2.04 13.02 66.58
N TYR D 250 -3.25 13.43 66.21
CA TYR D 250 -3.71 13.24 64.84
C TYR D 250 -4.30 14.49 64.22
N PHE D 251 -4.42 14.49 62.89
CA PHE D 251 -5.12 15.51 62.13
C PHE D 251 -6.53 15.04 61.85
N LYS D 252 -7.52 15.92 62.06
CA LYS D 252 -8.90 15.57 61.82
C LYS D 252 -9.08 15.43 60.34
N MET D 253 -9.86 14.46 59.91
CA MET D 253 -10.06 14.30 58.49
C MET D 253 -11.47 14.67 58.13
N ARG D 254 -11.62 15.32 57.00
CA ARG D 254 -12.92 15.64 56.52
C ARG D 254 -12.97 15.34 55.05
N THR D 255 -14.20 15.32 54.56
CA THR D 255 -14.45 15.22 53.14
C THR D 255 -15.14 16.53 52.82
N GLY D 256 -15.11 16.87 51.54
CA GLY D 256 -15.77 18.03 51.00
C GLY D 256 -15.04 18.57 49.80
N LYS D 257 -15.12 19.88 49.61
CA LYS D 257 -14.74 20.51 48.35
C LYS D 257 -13.35 21.14 48.34
N SER D 258 -12.47 20.78 49.26
CA SER D 258 -11.17 21.45 49.33
C SER D 258 -10.16 20.95 48.33
N SER D 259 -9.19 21.81 48.04
CA SER D 259 -8.11 21.42 47.17
C SER D 259 -6.88 22.24 47.42
N ILE D 260 -5.91 22.06 46.51
CA ILE D 260 -4.65 22.80 46.54
C ILE D 260 -4.30 23.17 45.11
N MET D 261 -3.61 24.29 44.96
CA MET D 261 -3.25 24.79 43.65
C MET D 261 -1.89 25.43 43.75
N ARG D 262 -1.08 25.22 42.70
CA ARG D 262 0.18 25.91 42.55
C ARG D 262 -0.03 27.23 41.77
N SER D 263 0.27 28.36 42.40
CA SER D 263 0.15 29.64 41.72
C SER D 263 0.97 30.75 42.37
N ASN D 264 1.47 31.64 41.56
CA ASN D 264 2.11 32.85 42.09
C ASN D 264 1.22 34.10 41.96
N ALA D 265 -0.07 33.90 41.68
CA ALA D 265 -1.00 35.00 41.53
C ALA D 265 -1.31 35.63 42.89
N PRO D 266 -1.32 36.96 42.97
CA PRO D 266 -1.76 37.58 44.24
C PRO D 266 -3.21 37.29 44.54
N ILE D 267 -3.58 37.28 45.80
CA ILE D 267 -4.94 37.13 46.23
C ILE D 267 -5.41 38.53 46.59
N ASP D 268 -6.68 38.84 46.38
CA ASP D 268 -7.18 40.16 46.66
C ASP D 268 -8.68 40.11 46.74
N THR D 269 -9.27 41.24 47.12
CA THR D 269 -10.67 41.28 47.43
C THR D 269 -11.45 41.48 46.12
N CYS D 270 -12.24 40.46 45.82
CA CYS D 270 -13.25 40.44 44.78
C CYS D 270 -14.00 39.12 44.95
N ILE D 271 -14.95 38.88 44.06
CA ILE D 271 -15.73 37.68 44.04
C ILE D 271 -15.57 36.97 42.70
N SER D 272 -15.07 35.74 42.75
CA SER D 272 -15.07 34.88 41.56
C SER D 272 -15.24 33.39 41.96
N GLU D 273 -16.18 32.71 41.34
CA GLU D 273 -16.40 31.28 41.58
C GLU D 273 -15.23 30.46 41.05
N CYS D 274 -14.57 30.92 39.99
CA CYS D 274 -13.59 30.12 39.27
C CYS D 274 -12.16 30.61 39.46
N ILE D 275 -11.27 29.72 39.92
CA ILE D 275 -9.87 30.09 40.12
C ILE D 275 -8.97 29.33 39.15
N THR D 276 -8.03 30.05 38.52
CA THR D 276 -6.93 29.41 37.77
C THR D 276 -5.59 29.84 38.34
N PRO D 277 -4.53 29.12 37.99
CA PRO D 277 -3.31 29.63 38.58
C PRO D 277 -2.89 31.02 38.05
N ASN D 278 -3.48 31.46 36.94
CA ASN D 278 -3.20 32.73 36.37
C ASN D 278 -4.03 33.85 37.09
N GLY D 279 -4.95 33.45 37.96
CA GLY D 279 -5.87 34.41 38.58
C GLY D 279 -7.28 33.88 38.36
N SER D 280 -8.24 34.50 39.02
CA SER D 280 -9.60 34.15 38.89
C SER D 280 -10.09 34.54 37.50
N ILE D 281 -11.17 33.89 37.03
CA ILE D 281 -11.80 34.25 35.78
C ILE D 281 -13.33 34.22 35.89
N PRO D 282 -14.02 35.07 35.12
CA PRO D 282 -15.46 34.96 35.08
C PRO D 282 -15.86 33.59 34.57
N ASN D 283 -17.08 33.17 34.92
CA ASN D 283 -17.65 31.95 34.42
C ASN D 283 -18.97 32.15 33.69
N ASP D 284 -19.10 33.30 33.04
CA ASP D 284 -20.31 33.58 32.22
C ASP D 284 -20.25 32.83 30.89
N LYS D 285 -19.06 32.58 30.41
CA LYS D 285 -18.86 31.86 29.15
C LYS D 285 -18.73 30.36 29.48
N PRO D 286 -19.11 29.49 28.54
CA PRO D 286 -19.06 28.08 28.84
C PRO D 286 -17.67 27.47 28.72
N PHE D 287 -16.76 28.14 27.97
CA PHE D 287 -15.40 27.66 27.72
C PHE D 287 -14.34 28.67 28.09
N GLN D 288 -13.11 28.18 28.33
CA GLN D 288 -11.97 29.04 28.54
C GLN D 288 -10.66 28.47 28.03
N ASN D 289 -9.72 29.39 27.78
CA ASN D 289 -8.38 29.10 27.22
C ASN D 289 -7.26 29.48 28.14
N VAL D 290 -7.61 29.83 29.36
CA VAL D 290 -6.64 30.43 30.27
C VAL D 290 -5.72 29.40 30.88
N ASN D 291 -6.30 28.32 31.43
CA ASN D 291 -5.52 27.21 32.00
C ASN D 291 -6.39 26.00 32.19
N LYS D 292 -5.85 24.83 31.91
CA LYS D 292 -6.59 23.57 32.18
C LYS D 292 -6.73 23.25 33.70
N ILE D 293 -5.86 23.91 34.48
CA ILE D 293 -5.90 23.85 35.92
C ILE D 293 -6.88 24.91 36.41
N THR D 294 -7.94 24.44 37.01
CA THR D 294 -9.01 25.26 37.55
C THR D 294 -9.60 24.69 38.85
N TYR D 295 -10.21 25.57 39.62
CA TYR D 295 -10.94 25.20 40.85
C TYR D 295 -12.24 26.01 40.89
N GLY D 296 -13.34 25.33 41.18
CA GLY D 296 -14.64 25.99 41.32
C GLY D 296 -15.51 25.80 40.08
N ALA D 297 -16.60 26.57 40.05
CA ALA D 297 -17.56 26.57 38.96
C ALA D 297 -16.98 27.36 37.80
N CYS D 298 -16.43 26.65 36.81
CA CYS D 298 -15.68 27.29 35.77
C CYS D 298 -16.07 26.88 34.38
N PRO D 299 -15.75 27.73 33.40
CA PRO D 299 -15.82 27.29 32.04
C PRO D 299 -14.84 26.14 31.81
N LYS D 300 -15.16 25.28 30.85
CA LYS D 300 -14.42 24.12 30.54
C LYS D 300 -13.26 24.54 29.68
N TYR D 301 -12.07 24.00 29.97
CA TYR D 301 -10.86 24.33 29.19
C TYR D 301 -10.98 23.69 27.81
N VAL D 302 -10.74 24.50 26.78
CA VAL D 302 -10.64 24.05 25.38
C VAL D 302 -9.42 24.71 24.77
N LYS D 303 -9.00 24.18 23.62
CA LYS D 303 -7.78 24.65 22.99
C LYS D 303 -7.92 25.97 22.24
N GLN D 304 -9.13 26.30 21.81
CA GLN D 304 -9.33 27.46 20.92
C GLN D 304 -9.26 28.74 21.74
N SER D 305 -8.70 29.80 21.15
CA SER D 305 -8.57 31.11 21.85
C SER D 305 -9.81 31.99 21.73
N THR D 306 -10.66 31.70 20.75
CA THR D 306 -11.92 32.42 20.53
C THR D 306 -12.90 31.52 19.77
N LEU D 307 -14.17 31.65 20.14
CA LEU D 307 -15.26 31.01 19.42
C LEU D 307 -16.47 31.96 19.52
N LYS D 308 -16.83 32.50 18.37
CA LYS D 308 -17.85 33.49 18.32
C LYS D 308 -19.18 32.83 17.99
N LEU D 309 -20.15 33.04 18.90
CA LEU D 309 -21.53 32.57 18.76
C LEU D 309 -22.39 33.71 18.18
N ALA D 310 -23.05 33.46 17.05
CA ALA D 310 -23.95 34.42 16.48
C ALA D 310 -25.14 34.71 17.35
N THR D 311 -25.42 36.00 17.55
CA THR D 311 -26.63 36.44 18.26
C THR D 311 -27.52 37.31 17.41
N GLY D 312 -27.29 37.23 16.11
CA GLY D 312 -28.00 38.04 15.16
C GLY D 312 -27.99 37.40 13.80
N MET D 313 -28.83 37.95 12.92
CA MET D 313 -28.93 37.52 11.55
C MET D 313 -27.71 37.92 10.76
N ARG D 314 -27.65 37.42 9.55
CA ARG D 314 -26.63 37.80 8.62
C ARG D 314 -26.62 39.32 8.35
N ASN D 315 -25.44 39.91 8.29
CA ASN D 315 -25.32 41.38 8.08
C ASN D 315 -25.04 41.71 6.62
N VAL D 316 -25.97 42.41 5.99
CA VAL D 316 -25.85 42.81 4.57
C VAL D 316 -26.06 44.33 4.49
N PRO D 317 -24.96 45.12 4.57
CA PRO D 317 -25.02 46.60 4.65
C PRO D 317 -25.45 47.27 3.35
N GLY D 323 -29.02 31.86 3.39
CA GLY D 323 -29.78 30.93 4.23
C GLY D 323 -30.64 29.96 3.40
N LEU D 324 -31.15 28.94 4.07
CA LEU D 324 -32.02 27.94 3.44
C LEU D 324 -33.21 28.59 2.72
N PHE D 325 -33.64 29.76 3.19
CA PHE D 325 -34.85 30.37 2.69
C PHE D 325 -34.69 31.38 1.54
N GLY D 326 -33.50 31.95 1.38
CA GLY D 326 -33.21 32.81 0.22
C GLY D 326 -33.78 34.23 0.28
N ALA D 327 -34.26 34.64 1.45
CA ALA D 327 -34.71 36.04 1.69
C ALA D 327 -33.53 36.91 2.02
N ILE D 328 -32.88 36.64 3.16
CA ILE D 328 -31.82 37.52 3.65
C ILE D 328 -30.57 37.21 2.83
N ALA D 329 -29.86 38.22 2.34
CA ALA D 329 -28.78 38.04 1.38
C ALA D 329 -29.26 37.14 0.23
N GLY D 330 -30.49 37.43 -0.19
CA GLY D 330 -31.17 36.69 -1.22
C GLY D 330 -32.08 37.66 -1.93
N PHE D 331 -33.36 37.37 -2.01
CA PHE D 331 -34.28 38.25 -2.73
C PHE D 331 -34.50 39.63 -2.05
N ILE D 332 -34.18 39.73 -0.77
CA ILE D 332 -33.98 41.04 -0.21
C ILE D 332 -32.51 41.33 -0.40
N GLU D 333 -32.18 42.28 -1.29
CA GLU D 333 -30.78 42.56 -1.69
C GLU D 333 -29.86 42.87 -0.51
N ASN D 334 -30.42 43.23 0.65
CA ASN D 334 -29.82 44.28 1.34
C ASN D 334 -30.55 44.64 2.67
N GLY D 335 -29.83 44.74 3.77
CA GLY D 335 -30.47 45.19 5.03
C GLY D 335 -30.58 46.71 5.17
N TRP D 336 -31.29 47.18 6.17
CA TRP D 336 -31.50 48.59 6.35
C TRP D 336 -30.85 49.12 7.62
N GLU D 337 -29.77 49.91 7.46
CA GLU D 337 -29.03 50.43 8.63
C GLU D 337 -29.89 51.37 9.48
N GLY D 338 -30.79 52.07 8.83
CA GLY D 338 -31.66 53.00 9.51
C GLY D 338 -32.78 52.42 10.33
N MET D 339 -32.97 51.11 10.28
CA MET D 339 -33.98 50.45 11.12
C MET D 339 -33.40 50.03 12.47
N ILE D 340 -33.67 50.81 13.51
CA ILE D 340 -33.04 50.57 14.81
C ILE D 340 -34.00 50.01 15.86
N ASP D 341 -35.28 49.96 15.58
CA ASP D 341 -36.26 49.53 16.61
C ASP D 341 -36.97 48.22 16.26
N GLY D 342 -36.42 47.49 15.30
CA GLY D 342 -36.82 46.12 15.00
C GLY D 342 -35.73 45.40 14.23
N TRP D 343 -35.81 44.09 14.18
CA TRP D 343 -34.95 43.30 13.30
C TRP D 343 -35.59 43.21 11.91
N TYR D 344 -36.92 43.19 11.87
CA TYR D 344 -37.64 43.13 10.61
C TYR D 344 -38.68 44.19 10.57
N GLY D 345 -38.98 44.65 9.36
CA GLY D 345 -40.05 45.61 9.25
C GLY D 345 -40.41 46.03 7.85
N PHE D 346 -41.06 47.21 7.76
CA PHE D 346 -41.72 47.63 6.52
C PHE D 346 -41.36 49.07 6.13
N ARG D 347 -41.05 49.28 4.85
CA ARG D 347 -41.07 50.60 4.28
C ARG D 347 -42.19 50.73 3.26
N HIS D 348 -42.63 51.94 3.03
CA HIS D 348 -43.62 52.19 1.99
C HIS D 348 -43.49 53.54 1.33
N LYS D 349 -44.19 53.66 0.21
CA LYS D 349 -44.34 54.86 -0.59
C LYS D 349 -45.78 54.88 -1.09
N ASN D 350 -46.52 55.94 -0.77
CA ASN D 350 -47.91 56.09 -1.24
C ASN D 350 -48.20 57.56 -1.58
N SER D 351 -49.45 57.97 -1.71
CA SER D 351 -49.75 59.38 -1.92
C SER D 351 -49.26 60.36 -0.85
N GLU D 352 -49.35 59.98 0.43
CA GLU D 352 -48.91 60.82 1.55
C GLU D 352 -47.38 60.80 1.75
N GLY D 353 -46.65 60.09 0.88
CA GLY D 353 -45.18 59.99 0.95
C GLY D 353 -44.67 58.65 1.48
N THR D 354 -43.41 58.67 1.92
CA THR D 354 -42.73 57.50 2.40
C THR D 354 -42.87 57.35 3.92
N GLY D 355 -42.54 56.14 4.40
CA GLY D 355 -42.48 55.82 5.83
C GLY D 355 -41.78 54.48 6.15
N GLN D 356 -41.72 54.13 7.43
CA GLN D 356 -40.98 52.96 7.92
C GLN D 356 -41.52 52.50 9.27
N ALA D 357 -41.58 51.20 9.51
CA ALA D 357 -42.02 50.73 10.84
C ALA D 357 -41.49 49.33 11.10
N ALA D 358 -41.07 49.12 12.33
CA ALA D 358 -40.58 47.80 12.67
C ALA D 358 -41.77 46.87 12.93
N ASP D 359 -41.59 45.59 12.60
CA ASP D 359 -42.52 44.55 13.00
C ASP D 359 -42.07 43.89 14.31
N LEU D 360 -42.94 43.93 15.31
CA LEU D 360 -42.66 43.47 16.66
C LEU D 360 -42.65 41.96 16.78
N LYS D 361 -43.73 41.34 16.32
CA LYS D 361 -43.89 39.88 16.49
C LYS D 361 -42.73 39.11 15.92
N SER D 362 -42.37 39.43 14.69
CA SER D 362 -41.32 38.71 13.98
C SER D 362 -39.94 39.00 14.56
N THR D 363 -39.74 40.22 15.03
CA THR D 363 -38.51 40.59 15.71
C THR D 363 -38.36 39.79 17.01
N GLN D 364 -39.43 39.72 17.77
CA GLN D 364 -39.49 38.98 19.03
C GLN D 364 -39.24 37.48 18.86
N ALA D 365 -39.81 36.91 17.81
CA ALA D 365 -39.67 35.48 17.62
C ALA D 365 -38.23 35.12 17.30
N ALA D 366 -37.55 35.95 16.51
CA ALA D 366 -36.09 35.79 16.30
C ALA D 366 -35.30 35.94 17.58
N ILE D 367 -35.59 36.99 18.31
CA ILE D 367 -34.93 37.26 19.59
C ILE D 367 -35.18 36.14 20.60
N ASP D 368 -36.42 35.74 20.76
CA ASP D 368 -36.75 34.63 21.67
C ASP D 368 -35.98 33.36 21.33
N GLN D 369 -35.89 33.01 20.05
CA GLN D 369 -35.20 31.77 19.74
C GLN D 369 -33.70 31.86 19.99
N ILE D 370 -33.12 33.03 19.77
CA ILE D 370 -31.71 33.19 20.03
C ILE D 370 -31.43 33.26 21.54
N ASN D 371 -32.34 33.88 22.27
CA ASN D 371 -32.23 33.84 23.72
C ASN D 371 -32.27 32.43 24.25
N GLY D 372 -33.09 31.59 23.61
CA GLY D 372 -33.25 30.21 24.06
C GLY D 372 -31.98 29.39 23.91
N LYS D 373 -31.34 29.50 22.76
CA LYS D 373 -30.08 28.75 22.60
C LYS D 373 -28.98 29.42 23.40
N LEU D 374 -29.04 30.74 23.57
CA LEU D 374 -28.11 31.38 24.46
C LEU D 374 -28.19 30.84 25.88
N ASN D 375 -29.40 30.71 26.39
CA ASN D 375 -29.52 30.24 27.76
C ASN D 375 -29.07 28.78 27.87
N ARG D 376 -29.35 27.96 26.85
CA ARG D 376 -28.82 26.62 26.79
C ARG D 376 -27.30 26.59 26.89
N VAL D 377 -26.67 27.39 26.09
CA VAL D 377 -25.22 27.37 25.94
C VAL D 377 -24.46 27.97 27.11
N ILE D 378 -24.91 29.11 27.64
CA ILE D 378 -24.19 29.79 28.73
C ILE D 378 -24.62 29.35 30.13
N GLU D 379 -25.59 28.45 30.20
CA GLU D 379 -25.95 27.82 31.47
C GLU D 379 -24.72 27.13 32.09
N LYS D 380 -24.13 27.78 33.09
CA LYS D 380 -22.96 27.25 33.85
C LYS D 380 -23.28 25.90 34.54
N THR D 381 -22.63 24.81 34.12
CA THR D 381 -22.97 23.48 34.61
C THR D 381 -21.73 22.63 35.01
N ASN D 382 -20.56 23.26 35.07
CA ASN D 382 -19.30 22.61 35.37
C ASN D 382 -18.72 23.17 36.69
N GLU D 383 -18.85 22.40 37.78
CA GLU D 383 -18.26 22.77 39.06
C GLU D 383 -17.36 21.67 39.57
N LYS D 384 -16.05 21.87 39.54
CA LYS D 384 -15.10 20.87 40.01
C LYS D 384 -14.21 21.48 41.07
N PHE D 385 -13.80 20.64 41.99
CA PHE D 385 -12.93 21.01 43.07
C PHE D 385 -11.61 20.26 43.01
N HIS D 386 -11.40 19.30 43.90
CA HIS D 386 -10.15 18.52 43.83
C HIS D 386 -10.18 17.51 42.69
N GLN D 387 -9.13 17.53 41.89
CA GLN D 387 -9.04 16.76 40.68
C GLN D 387 -7.73 15.98 40.68
N ILE D 388 -7.13 15.84 39.52
CA ILE D 388 -5.80 15.29 39.42
C ILE D 388 -4.84 16.41 39.10
N GLU D 389 -3.57 16.15 39.31
CA GLU D 389 -2.55 17.13 38.99
C GLU D 389 -2.35 17.10 37.48
N LYS D 390 -1.95 18.24 36.94
CA LYS D 390 -1.78 18.40 35.49
C LYS D 390 -0.50 19.04 35.06
N GLU D 391 0.39 19.40 35.99
CA GLU D 391 1.74 19.83 35.65
C GLU D 391 2.71 19.12 36.63
N PHE D 392 3.96 18.93 36.24
CA PHE D 392 4.83 18.06 37.02
C PHE D 392 6.24 18.57 37.01
N LEU D 393 6.94 18.43 38.14
CA LEU D 393 8.34 18.91 38.18
C LEU D 393 9.34 17.79 37.92
N GLU D 394 8.96 16.55 38.17
CA GLU D 394 9.86 15.42 38.05
C GLU D 394 9.35 14.53 36.96
N VAL D 395 10.26 13.86 36.30
CA VAL D 395 9.93 12.82 35.36
C VAL D 395 9.59 11.55 36.16
N GLU D 396 8.58 10.81 35.72
CA GLU D 396 8.09 9.66 36.51
C GLU D 396 7.76 8.38 35.74
N GLY D 397 7.31 8.53 34.53
CA GLY D 397 6.93 7.34 33.83
C GLY D 397 5.47 7.10 33.85
N ARG D 398 5.14 5.83 34.03
CA ARG D 398 3.80 5.24 33.74
C ARG D 398 2.63 6.06 34.23
N ILE D 399 2.73 6.51 35.45
CA ILE D 399 1.61 7.11 36.13
C ILE D 399 1.41 8.57 35.67
N GLN D 400 2.51 9.31 35.50
CA GLN D 400 2.44 10.65 34.92
C GLN D 400 2.00 10.61 33.45
N ASP D 401 2.47 9.61 32.71
CA ASP D 401 2.03 9.48 31.31
C ASP D 401 0.52 9.40 31.26
N LEU D 402 -0.03 8.62 32.15
CA LEU D 402 -1.43 8.35 32.15
C LEU D 402 -2.20 9.57 32.57
N GLU D 403 -1.71 10.25 33.59
CA GLU D 403 -2.31 11.57 34.01
C GLU D 403 -2.37 12.57 32.88
N LYS D 404 -1.28 12.68 32.14
CA LYS D 404 -1.24 13.65 31.06
C LYS D 404 -2.20 13.26 30.00
N TYR D 405 -2.26 11.97 29.73
CA TYR D 405 -3.06 11.43 28.63
C TYR D 405 -4.57 11.58 28.93
N VAL D 406 -4.94 11.40 30.19
CA VAL D 406 -6.33 11.62 30.57
C VAL D 406 -6.72 13.07 30.38
N GLU D 407 -5.89 14.04 30.79
CA GLU D 407 -6.34 15.42 30.65
C GLU D 407 -6.31 15.81 29.17
N ASP D 408 -5.30 15.36 28.44
CA ASP D 408 -5.18 15.71 27.03
C ASP D 408 -6.34 15.10 26.26
N THR D 409 -6.73 13.88 26.57
CA THR D 409 -7.91 13.31 25.96
C THR D 409 -9.16 14.15 26.18
N LYS D 410 -9.37 14.52 27.43
CA LYS D 410 -10.54 15.33 27.81
C LYS D 410 -10.59 16.62 27.04
N ILE D 411 -9.45 17.30 26.98
CA ILE D 411 -9.40 18.61 26.36
C ILE D 411 -9.78 18.55 24.89
N ASP D 412 -9.23 17.58 24.19
CA ASP D 412 -9.49 17.47 22.76
C ASP D 412 -10.97 17.18 22.54
N LEU D 413 -11.56 16.32 23.38
CA LEU D 413 -12.99 16.07 23.25
C LEU D 413 -13.81 17.30 23.52
N TRP D 414 -13.53 18.03 24.59
CA TRP D 414 -14.30 19.28 24.82
C TRP D 414 -14.04 20.32 23.72
N SER D 415 -12.81 20.43 23.23
CA SER D 415 -12.51 21.40 22.18
C SER D 415 -13.36 21.06 20.97
N TYR D 416 -13.54 19.78 20.71
CA TYR D 416 -14.36 19.34 19.56
C TYR D 416 -15.80 19.72 19.76
N ASN D 417 -16.34 19.44 20.93
CA ASN D 417 -17.73 19.77 21.24
C ASN D 417 -17.93 21.25 21.08
N ALA D 418 -16.97 22.05 21.56
CA ALA D 418 -17.08 23.50 21.40
C ALA D 418 -17.07 23.94 19.94
N GLU D 419 -16.22 23.33 19.12
CA GLU D 419 -16.06 23.71 17.72
C GLU D 419 -17.32 23.37 16.96
N LEU D 420 -17.82 22.15 17.18
CA LEU D 420 -19.06 21.74 16.50
C LEU D 420 -20.28 22.56 16.93
N LEU D 421 -20.33 22.84 18.21
CA LEU D 421 -21.48 23.49 18.78
C LEU D 421 -21.72 24.84 18.17
N VAL D 422 -20.66 25.63 18.06
CA VAL D 422 -20.79 27.01 17.58
C VAL D 422 -21.05 26.97 16.09
N ALA D 423 -20.39 26.05 15.40
CA ALA D 423 -20.58 25.93 13.99
C ALA D 423 -22.02 25.61 13.70
N LEU D 424 -22.57 24.62 14.45
CA LEU D 424 -24.00 24.23 14.28
C LEU D 424 -24.91 25.37 14.62
N GLU D 425 -24.74 25.94 15.80
CA GLU D 425 -25.70 26.94 16.23
C GLU D 425 -25.64 28.14 15.30
N ASN D 426 -24.46 28.46 14.80
CA ASN D 426 -24.38 29.55 13.86
C ASN D 426 -25.11 29.34 12.55
N GLN D 427 -24.94 28.18 11.97
CA GLN D 427 -25.68 27.82 10.72
C GLN D 427 -27.14 27.95 10.99
N HIS D 428 -27.57 27.43 12.14
CA HIS D 428 -28.98 27.44 12.50
C HIS D 428 -29.52 28.88 12.78
N THR D 429 -28.70 29.77 13.33
CA THR D 429 -29.15 31.14 13.64
C THR D 429 -29.36 31.94 12.37
N ILE D 430 -28.42 31.85 11.47
CA ILE D 430 -28.56 32.46 10.17
C ILE D 430 -29.85 31.96 9.51
N ASP D 431 -30.08 30.64 9.53
CA ASP D 431 -31.27 30.08 8.85
C ASP D 431 -32.56 30.43 9.51
N LEU D 432 -32.62 30.40 10.85
CA LEU D 432 -33.84 30.77 11.54
C LEU D 432 -34.10 32.27 11.34
N THR D 433 -33.08 33.12 11.24
CA THR D 433 -33.36 34.58 10.96
C THR D 433 -33.84 34.81 9.55
N ASP D 434 -33.24 34.12 8.59
CA ASP D 434 -33.75 34.10 7.22
C ASP D 434 -35.22 33.63 7.21
N SER D 435 -35.53 32.56 7.93
CA SER D 435 -36.88 32.02 7.98
C SER D 435 -37.88 33.03 8.46
N GLU D 436 -37.54 33.73 9.55
CA GLU D 436 -38.47 34.72 10.13
C GLU D 436 -38.77 35.84 9.11
N MET D 437 -37.77 36.20 8.31
CA MET D 437 -37.91 37.18 7.25
C MET D 437 -38.91 36.68 6.24
N ASN D 438 -38.64 35.50 5.75
CA ASN D 438 -39.50 34.88 4.78
C ASN D 438 -40.92 34.70 5.32
N LYS D 439 -41.05 34.29 6.56
CA LYS D 439 -42.40 34.11 7.12
C LYS D 439 -43.17 35.39 7.15
N LEU D 440 -42.50 36.51 7.36
CA LEU D 440 -43.21 37.79 7.39
C LEU D 440 -43.63 38.22 6.00
N PHE D 441 -42.75 38.02 5.03
CA PHE D 441 -43.05 38.25 3.62
C PHE D 441 -44.29 37.49 3.25
N GLU D 442 -44.32 36.22 3.63
CA GLU D 442 -45.40 35.35 3.19
C GLU D 442 -46.69 35.76 3.86
N LYS D 443 -46.59 36.17 5.12
CA LYS D 443 -47.75 36.60 5.88
C LYS D 443 -48.36 37.81 5.16
N THR D 444 -47.49 38.69 4.69
CA THR D 444 -47.89 39.93 4.02
C THR D 444 -48.53 39.64 2.67
N ARG D 445 -47.84 38.84 1.88
CA ARG D 445 -48.39 38.38 0.62
C ARG D 445 -49.81 37.81 0.81
N ARG D 446 -49.99 36.99 1.83
CA ARG D 446 -51.24 36.28 2.04
C ARG D 446 -52.35 37.27 2.34
N GLN D 447 -52.06 38.34 3.07
CA GLN D 447 -53.06 39.34 3.34
C GLN D 447 -53.47 40.10 2.08
N LEU D 448 -52.52 40.33 1.20
CA LEU D 448 -52.76 41.14 0.01
C LEU D 448 -53.63 40.48 -1.02
N ARG D 449 -53.76 39.16 -0.94
CA ARG D 449 -54.56 38.39 -1.88
C ARG D 449 -54.30 38.82 -3.29
N GLU D 450 -55.31 39.25 -4.03
CA GLU D 450 -55.16 39.59 -5.44
C GLU D 450 -54.89 41.09 -5.67
N ASN D 451 -54.56 41.83 -4.59
CA ASN D 451 -54.45 43.31 -4.71
C ASN D 451 -53.02 43.73 -4.88
N ALA D 452 -52.09 42.77 -4.95
CA ALA D 452 -50.67 43.12 -5.10
C ALA D 452 -49.89 42.05 -5.85
N GLU D 453 -48.71 42.45 -6.34
CA GLU D 453 -47.81 41.53 -7.01
C GLU D 453 -46.42 41.66 -6.40
N ASP D 454 -45.72 40.53 -6.28
CA ASP D 454 -44.37 40.51 -5.77
C ASP D 454 -43.43 41.08 -6.82
N MET D 455 -42.72 42.14 -6.49
CA MET D 455 -41.84 42.74 -7.49
C MET D 455 -40.50 42.02 -7.58
N GLY D 456 -40.27 41.03 -6.70
CA GLY D 456 -39.08 40.17 -6.79
C GLY D 456 -37.93 40.51 -5.85
N ASN D 457 -38.07 41.63 -5.16
CA ASN D 457 -37.00 42.20 -4.35
C ASN D 457 -37.48 42.50 -2.93
N GLY D 458 -38.49 41.77 -2.46
CA GLY D 458 -39.03 41.93 -1.13
C GLY D 458 -40.14 42.95 -1.03
N CYS D 459 -40.40 43.63 -2.12
CA CYS D 459 -41.45 44.63 -2.20
C CYS D 459 -42.63 44.14 -2.98
N PHE D 460 -43.79 44.65 -2.57
CA PHE D 460 -45.05 44.47 -3.28
C PHE D 460 -45.50 45.72 -3.98
N LYS D 461 -45.94 45.59 -5.23
CA LYS D 461 -46.69 46.62 -5.87
C LYS D 461 -48.12 46.38 -5.49
N ILE D 462 -48.69 47.38 -4.80
CA ILE D 462 -50.07 47.35 -4.37
C ILE D 462 -50.87 48.07 -5.43
N TYR D 463 -51.77 47.37 -6.09
CA TYR D 463 -52.41 47.95 -7.26
C TYR D 463 -53.66 48.81 -6.92
N HIS D 464 -53.60 49.61 -5.85
CA HIS D 464 -54.68 50.51 -5.47
C HIS D 464 -54.26 51.65 -4.58
N LYS D 465 -55.09 52.70 -4.56
CA LYS D 465 -54.86 53.81 -3.64
C LYS D 465 -54.74 53.21 -2.26
N CYS D 466 -53.59 53.39 -1.59
CA CYS D 466 -53.39 52.82 -0.23
C CYS D 466 -52.70 53.83 0.67
N ASP D 467 -53.52 54.58 1.37
CA ASP D 467 -53.07 55.67 2.24
C ASP D 467 -52.41 55.12 3.51
N ASN D 468 -51.95 55.99 4.40
CA ASN D 468 -51.20 55.53 5.57
C ASN D 468 -52.05 54.56 6.43
N ALA D 469 -53.32 54.86 6.61
CA ALA D 469 -54.23 53.97 7.33
C ALA D 469 -54.35 52.58 6.69
N CYS D 470 -54.49 52.57 5.37
CA CYS D 470 -54.52 51.33 4.62
C CYS D 470 -53.22 50.55 4.85
N ILE D 471 -52.09 51.24 4.74
CA ILE D 471 -50.77 50.63 5.01
C ILE D 471 -50.74 50.06 6.42
N GLU D 472 -51.14 50.85 7.41
CA GLU D 472 -51.10 50.38 8.78
C GLU D 472 -51.99 49.14 8.91
N SER D 473 -53.10 49.07 8.19
CA SER D 473 -53.97 47.86 8.30
C SER D 473 -53.22 46.62 7.87
N ILE D 474 -52.28 46.79 6.96
CA ILE D 474 -51.45 45.68 6.53
C ILE D 474 -50.43 45.32 7.59
N ARG D 475 -49.73 46.32 8.08
CA ARG D 475 -48.75 46.12 9.12
C ARG D 475 -49.34 45.55 10.40
N ASN D 476 -50.56 45.90 10.78
CA ASN D 476 -51.14 45.30 11.99
C ASN D 476 -51.99 44.09 11.72
N GLY D 477 -52.07 43.64 10.48
CA GLY D 477 -52.74 42.38 10.17
C GLY D 477 -54.25 42.40 10.03
N THR D 478 -54.83 43.58 9.80
CA THR D 478 -56.28 43.73 9.66
C THR D 478 -56.74 44.20 8.26
N TYR D 479 -55.81 44.37 7.33
CA TYR D 479 -56.14 44.82 5.96
C TYR D 479 -57.22 43.92 5.41
N ASP D 480 -58.26 44.54 4.83
CA ASP D 480 -59.43 43.86 4.26
C ASP D 480 -59.34 43.94 2.74
N HIS D 481 -59.03 42.83 2.10
CA HIS D 481 -58.69 42.85 0.70
C HIS D 481 -59.91 43.04 -0.18
N ASP D 482 -61.09 42.70 0.34
CA ASP D 482 -62.35 42.82 -0.42
C ASP D 482 -62.72 44.28 -0.69
N ILE D 483 -62.36 45.17 0.25
CA ILE D 483 -62.56 46.62 0.05
C ILE D 483 -61.91 47.07 -1.26
N TYR D 484 -60.70 46.58 -1.51
CA TYR D 484 -59.86 47.06 -2.62
C TYR D 484 -59.86 46.23 -3.91
N ARG D 485 -60.49 45.05 -3.89
CA ARG D 485 -60.20 43.99 -4.89
C ARG D 485 -60.50 44.41 -6.31
N ASP D 486 -61.68 44.97 -6.51
CA ASP D 486 -62.14 45.34 -7.85
C ASP D 486 -61.21 46.40 -8.44
N GLU D 487 -60.91 47.42 -7.64
CA GLU D 487 -59.97 48.46 -8.07
C GLU D 487 -58.65 47.85 -8.50
N ALA D 488 -58.09 46.97 -7.67
CA ALA D 488 -56.77 46.42 -7.95
C ALA D 488 -56.74 45.47 -9.15
N LEU D 489 -57.75 44.61 -9.31
CA LEU D 489 -57.82 43.79 -10.52
C LEU D 489 -57.89 44.68 -11.76
N ASN D 490 -58.59 45.78 -11.64
CA ASN D 490 -58.68 46.74 -12.74
C ASN D 490 -57.30 47.35 -13.06
N ASN D 491 -56.44 47.64 -12.11
CA ASN D 491 -55.11 48.19 -12.48
C ASN D 491 -54.10 47.14 -12.90
N ARG D 492 -54.27 45.91 -12.39
CA ARG D 492 -53.38 44.81 -12.78
C ARG D 492 -53.71 44.36 -14.19
N PHE D 493 -54.99 44.24 -14.50
CA PHE D 493 -55.37 43.66 -15.79
C PHE D 493 -56.02 44.64 -16.78
N GLN D 494 -56.81 45.57 -16.22
CA GLN D 494 -57.91 46.31 -16.92
C GLN D 494 -59.17 45.40 -17.18
N ILE D 495 -59.66 44.77 -16.10
CA ILE D 495 -60.45 43.51 -16.19
C ILE D 495 -61.84 43.35 -15.57
N LYS D 496 -62.08 43.86 -14.35
CA LYS D 496 -63.22 43.42 -13.53
C LYS D 496 -64.54 44.07 -13.93
N ASN E 1 44.88 -30.69 31.20
CA ASN E 1 45.77 -29.50 30.94
C ASN E 1 46.99 -29.80 30.03
N ASN E 2 46.99 -30.93 29.32
CA ASN E 2 48.11 -31.32 28.45
C ASN E 2 47.90 -31.04 26.95
N THR E 3 46.64 -30.91 26.57
CA THR E 3 46.25 -30.67 25.19
C THR E 3 45.07 -29.71 25.14
N ALA E 4 44.69 -29.33 23.91
CA ALA E 4 43.48 -28.56 23.68
C ALA E 4 42.80 -29.03 22.38
N THR E 5 41.55 -28.62 22.21
CA THR E 5 40.78 -28.85 21.00
C THR E 5 40.35 -27.48 20.44
N LEU E 6 40.43 -27.30 19.13
CA LEU E 6 39.91 -26.10 18.50
C LEU E 6 39.16 -26.54 17.29
N CYS E 7 37.90 -26.16 17.24
CA CYS E 7 37.00 -26.59 16.18
C CYS E 7 36.55 -25.36 15.44
N LEU E 8 36.48 -25.47 14.12
CA LEU E 8 35.97 -24.45 13.25
C LEU E 8 34.53 -24.77 12.94
N GLY E 9 33.68 -23.73 12.88
CA GLY E 9 32.28 -23.89 12.59
C GLY E 9 31.70 -22.66 11.92
N HIS E 10 30.40 -22.74 11.66
CA HIS E 10 29.64 -21.72 10.98
C HIS E 10 28.25 -21.64 11.58
N HIS E 11 27.53 -20.57 11.33
CA HIS E 11 26.23 -20.41 12.01
C HIS E 11 25.16 -21.26 11.35
N ALA E 12 24.01 -21.35 12.00
CA ALA E 12 22.79 -21.92 11.44
C ALA E 12 21.62 -21.19 12.14
N VAL E 13 20.41 -21.34 11.61
CA VAL E 13 19.24 -20.68 12.15
C VAL E 13 18.09 -21.68 12.30
N PRO E 14 17.20 -21.45 13.27
CA PRO E 14 16.13 -22.43 13.52
C PRO E 14 15.18 -22.60 12.33
N ASN E 15 14.72 -21.47 11.75
CA ASN E 15 13.90 -21.45 10.54
C ASN E 15 14.70 -20.92 9.31
N GLY E 16 15.11 -21.80 8.41
CA GLY E 16 15.84 -21.36 7.23
C GLY E 16 14.87 -21.13 6.09
N THR E 17 15.41 -20.80 4.93
CA THR E 17 14.56 -20.69 3.74
C THR E 17 15.01 -21.66 2.64
N ILE E 18 14.06 -22.38 2.02
CA ILE E 18 14.30 -23.27 0.88
C ILE E 18 14.44 -22.44 -0.40
N VAL E 19 15.52 -22.67 -1.14
CA VAL E 19 15.78 -22.02 -2.40
C VAL E 19 16.11 -23.10 -3.44
N LYS E 20 16.22 -22.68 -4.69
CA LYS E 20 16.48 -23.53 -5.82
C LYS E 20 17.92 -23.26 -6.30
N THR E 21 18.66 -24.31 -6.68
CA THR E 21 20.00 -24.15 -7.25
C THR E 21 20.07 -24.85 -8.57
N ILE E 22 21.25 -24.81 -9.19
CA ILE E 22 21.56 -25.57 -10.40
C ILE E 22 21.36 -27.09 -10.26
N THR E 23 21.63 -27.61 -9.07
CA THR E 23 21.59 -29.05 -8.81
C THR E 23 20.45 -29.56 -7.92
N ASP E 24 19.89 -28.70 -7.08
CA ASP E 24 18.81 -29.04 -6.15
C ASP E 24 17.63 -28.13 -6.36
N ASP E 25 16.42 -28.63 -6.43
CA ASP E 25 15.33 -27.68 -6.42
C ASP E 25 14.93 -27.29 -5.00
N GLN E 26 15.47 -27.97 -4.00
CA GLN E 26 15.03 -27.73 -2.62
C GLN E 26 16.20 -27.87 -1.72
N ILE E 27 16.85 -26.76 -1.42
CA ILE E 27 17.96 -26.73 -0.52
C ILE E 27 17.76 -25.59 0.46
N GLU E 28 18.12 -25.82 1.71
CA GLU E 28 17.80 -24.86 2.77
C GLU E 28 18.96 -23.93 3.05
N VAL E 29 18.73 -22.64 2.96
CA VAL E 29 19.77 -21.65 3.29
C VAL E 29 19.38 -20.81 4.51
N THR E 30 20.36 -20.16 5.12
CA THR E 30 20.09 -19.41 6.34
C THR E 30 19.14 -18.24 6.09
N ASN E 31 19.25 -17.61 4.93
CA ASN E 31 18.49 -16.42 4.60
C ASN E 31 18.36 -16.23 3.08
N ALA E 32 17.29 -15.58 2.65
CA ALA E 32 17.05 -15.28 1.27
C ALA E 32 16.23 -13.99 1.10
N THR E 33 16.10 -13.51 -0.13
CA THR E 33 15.22 -12.38 -0.44
C THR E 33 14.36 -12.76 -1.66
N GLU E 34 13.18 -12.14 -1.74
CA GLU E 34 12.24 -12.36 -2.85
C GLU E 34 12.50 -11.38 -3.95
N LEU E 35 12.65 -11.90 -5.17
CA LEU E 35 12.94 -11.05 -6.33
C LEU E 35 11.73 -10.77 -7.24
N VAL E 36 10.59 -11.40 -6.98
CA VAL E 36 9.40 -11.15 -7.75
C VAL E 36 8.40 -10.38 -6.87
N GLN E 37 8.01 -9.21 -7.35
CA GLN E 37 6.85 -8.49 -6.78
C GLN E 37 5.57 -9.17 -7.27
N SER E 38 4.76 -9.64 -6.35
CA SER E 38 3.54 -10.39 -6.73
C SER E 38 2.26 -9.82 -6.15
N SER E 39 2.34 -8.63 -5.54
CA SER E 39 1.18 -7.99 -4.97
C SER E 39 1.13 -6.52 -5.31
N SER E 40 -0.08 -5.97 -5.24
CA SER E 40 -0.34 -4.55 -5.44
C SER E 40 -1.24 -4.03 -4.34
N THR E 41 -1.12 -2.74 -3.99
CA THR E 41 -2.09 -2.10 -3.09
C THR E 41 -3.49 -2.06 -3.70
N GLY E 42 -3.58 -2.15 -5.04
CA GLY E 42 -4.84 -2.21 -5.76
C GLY E 42 -5.31 -0.86 -6.26
N LYS E 43 -4.46 0.17 -6.07
CA LYS E 43 -4.80 1.56 -6.33
C LYS E 43 -3.64 2.23 -7.05
N ILE E 44 -3.96 3.22 -7.87
CA ILE E 44 -2.98 3.90 -8.72
C ILE E 44 -2.55 5.21 -8.08
N CYS E 45 -1.28 5.28 -7.66
CA CYS E 45 -0.75 6.47 -7.02
C CYS E 45 -0.65 7.63 -7.98
N ASN E 46 -1.11 8.80 -7.55
CA ASN E 46 -1.23 9.99 -8.38
C ASN E 46 0.04 10.80 -8.50
N ASN E 47 1.11 10.40 -7.81
CA ASN E 47 2.43 10.94 -8.09
C ASN E 47 3.41 9.82 -8.32
N PRO E 48 4.53 10.10 -8.99
CA PRO E 48 4.99 11.39 -9.50
C PRO E 48 4.47 11.75 -10.88
N HIS E 49 3.81 10.80 -11.56
CA HIS E 49 3.35 10.94 -12.94
C HIS E 49 1.98 11.63 -12.96
N ARG E 50 1.72 12.44 -13.97
CA ARG E 50 0.45 13.15 -14.02
C ARG E 50 -0.62 12.24 -14.55
N ILE E 51 -1.55 11.89 -13.68
CA ILE E 51 -2.59 10.94 -14.00
C ILE E 51 -3.86 11.69 -14.33
N LEU E 52 -4.45 11.39 -15.48
CA LEU E 52 -5.77 11.89 -15.80
C LEU E 52 -6.71 10.70 -15.90
N ASP E 53 -7.71 10.70 -15.04
CA ASP E 53 -8.75 9.69 -14.97
C ASP E 53 -9.79 10.05 -16.03
N GLY E 54 -9.94 9.21 -17.04
CA GLY E 54 -10.87 9.53 -18.13
C GLY E 54 -12.30 9.41 -17.72
N ARG E 55 -12.52 8.69 -16.63
CA ARG E 55 -13.84 8.42 -16.11
C ARG E 55 -14.70 7.84 -17.19
N ASP E 56 -15.80 8.49 -17.61
CA ASP E 56 -16.69 7.90 -18.60
C ASP E 56 -16.40 8.38 -20.02
N CYS E 57 -15.19 8.91 -20.20
CA CYS E 57 -14.69 9.39 -21.48
C CYS E 57 -13.48 8.61 -21.95
N LYS E 58 -13.67 7.85 -23.04
CA LYS E 58 -12.58 7.28 -23.81
C LYS E 58 -11.77 8.45 -24.30
N LEU E 59 -10.45 8.32 -24.41
CA LEU E 59 -9.60 9.38 -24.99
C LEU E 59 -10.16 9.85 -26.30
N MET E 60 -10.64 8.94 -27.12
CA MET E 60 -11.17 9.32 -28.44
C MET E 60 -12.32 10.28 -28.35
N ASP E 61 -13.17 10.07 -27.35
CA ASP E 61 -14.36 10.89 -27.18
C ASP E 61 -14.00 12.23 -26.57
N ALA E 62 -13.04 12.22 -25.65
CA ALA E 62 -12.45 13.46 -25.19
C ALA E 62 -11.87 14.27 -26.31
N LEU E 63 -11.18 13.57 -27.22
CA LEU E 63 -10.50 14.20 -28.34
C LEU E 63 -11.50 14.85 -29.29
N LEU E 64 -12.49 14.09 -29.77
CA LEU E 64 -13.53 14.59 -30.66
C LEU E 64 -14.40 15.66 -30.00
N GLY E 65 -14.58 15.52 -28.69
CA GLY E 65 -15.38 16.43 -27.90
C GLY E 65 -16.85 16.03 -27.82
N ASP E 66 -17.07 14.78 -27.47
CA ASP E 66 -18.38 14.30 -27.12
C ASP E 66 -18.90 15.21 -25.99
N PRO E 67 -20.16 15.71 -26.09
CA PRO E 67 -20.57 16.71 -25.10
C PRO E 67 -20.30 16.31 -23.67
N HIS E 68 -20.47 15.01 -23.36
CA HIS E 68 -20.30 14.58 -21.98
C HIS E 68 -18.81 14.56 -21.57
N CYS E 69 -17.92 15.07 -22.41
CA CYS E 69 -16.50 15.06 -22.14
C CYS E 69 -15.87 16.46 -22.20
N ASP E 70 -16.69 17.50 -22.11
CA ASP E 70 -16.19 18.91 -22.25
C ASP E 70 -15.18 19.33 -21.18
N VAL E 71 -15.24 18.71 -20.02
CA VAL E 71 -14.32 18.98 -18.90
C VAL E 71 -12.88 18.59 -19.26
N PHE E 72 -12.72 17.68 -20.25
CA PHE E 72 -11.38 17.27 -20.72
C PHE E 72 -10.75 18.18 -21.78
N GLN E 73 -11.44 19.21 -22.20
CA GLN E 73 -10.82 20.20 -23.10
C GLN E 73 -9.48 20.71 -22.62
N ASP E 74 -8.48 20.63 -23.48
CA ASP E 74 -7.12 21.11 -23.21
C ASP E 74 -6.37 20.38 -22.10
N GLU E 75 -6.84 19.22 -21.70
CA GLU E 75 -6.16 18.48 -20.64
C GLU E 75 -4.83 17.86 -21.09
N THR E 76 -4.00 17.51 -20.09
CA THR E 76 -2.69 16.92 -20.32
C THR E 76 -2.50 15.74 -19.40
N TRP E 77 -1.53 14.89 -19.74
CA TRP E 77 -1.30 13.71 -18.94
C TRP E 77 0.03 13.07 -19.23
N ASP E 78 0.56 12.42 -18.21
CA ASP E 78 1.63 11.45 -18.44
C ASP E 78 0.92 10.13 -18.69
N LEU E 79 -0.11 9.86 -17.91
CA LEU E 79 -0.92 8.71 -18.11
C LEU E 79 -2.42 9.00 -18.09
N TYR E 80 -3.08 8.77 -19.22
CA TYR E 80 -4.55 8.76 -19.30
C TYR E 80 -5.01 7.37 -18.88
N VAL E 81 -5.90 7.33 -17.91
CA VAL E 81 -6.46 6.06 -17.49
C VAL E 81 -7.84 5.93 -18.08
N GLU E 82 -8.04 4.91 -18.92
CA GLU E 82 -9.29 4.78 -19.61
C GLU E 82 -10.09 3.69 -18.89
N ARG E 83 -11.33 3.99 -18.52
CA ARG E 83 -12.17 3.04 -17.79
C ARG E 83 -13.07 2.26 -18.75
N SER E 84 -13.44 1.05 -18.40
CA SER E 84 -14.20 0.19 -19.29
C SER E 84 -15.68 0.49 -19.29
N SER E 85 -16.17 1.15 -18.23
CA SER E 85 -17.57 1.58 -18.19
C SER E 85 -17.83 2.77 -19.12
N ALA E 86 -16.77 3.41 -19.61
CA ALA E 86 -16.89 4.61 -20.39
C ALA E 86 -17.62 4.32 -21.68
N SER E 87 -18.44 5.26 -22.12
CA SER E 87 -19.18 5.07 -23.36
C SER E 87 -19.34 6.34 -24.13
N SER E 88 -19.78 6.21 -25.39
CA SER E 88 -19.87 7.31 -26.34
C SER E 88 -21.31 7.78 -26.37
N ASN E 89 -21.49 9.09 -26.46
CA ASN E 89 -22.84 9.66 -26.44
C ASN E 89 -23.08 10.73 -27.45
N CYS E 90 -22.51 10.58 -28.64
CA CYS E 90 -22.61 11.59 -29.67
C CYS E 90 -22.98 10.91 -30.97
N TYR E 91 -22.74 11.55 -32.11
CA TYR E 91 -23.13 10.93 -33.39
C TYR E 91 -22.32 9.63 -33.55
N PRO E 92 -22.93 8.59 -34.05
CA PRO E 92 -22.15 7.37 -34.18
C PRO E 92 -20.96 7.49 -35.16
N TYR E 93 -19.80 7.00 -34.78
CA TYR E 93 -18.62 7.10 -35.66
C TYR E 93 -17.78 5.88 -35.62
N ASP E 94 -16.86 5.83 -36.56
CA ASP E 94 -15.82 4.84 -36.52
C ASP E 94 -14.55 5.53 -36.88
N VAL E 95 -13.47 4.86 -36.57
CA VAL E 95 -12.18 5.40 -36.91
C VAL E 95 -11.36 4.36 -37.57
N PRO E 96 -11.23 4.45 -38.89
CA PRO E 96 -10.24 3.60 -39.53
C PRO E 96 -8.90 3.86 -38.83
N ASP E 97 -8.20 2.81 -38.45
CA ASP E 97 -6.95 2.99 -37.69
C ASP E 97 -7.17 3.63 -36.29
N TYR E 98 -8.32 3.38 -35.69
CA TYR E 98 -8.61 3.84 -34.33
C TYR E 98 -7.42 3.71 -33.41
N ALA E 99 -6.79 2.52 -33.40
CA ALA E 99 -5.68 2.19 -32.44
C ALA E 99 -4.50 3.15 -32.59
N SER E 100 -4.23 3.53 -33.85
CA SER E 100 -3.13 4.45 -34.13
C SER E 100 -3.42 5.85 -33.64
N LEU E 101 -4.63 6.30 -33.88
CA LEU E 101 -4.96 7.66 -33.49
C LEU E 101 -5.03 7.77 -31.98
N ARG E 102 -5.55 6.74 -31.34
CA ARG E 102 -5.56 6.63 -29.89
C ARG E 102 -4.11 6.56 -29.35
N SER E 103 -3.26 5.82 -30.03
CA SER E 103 -1.87 5.72 -29.63
C SER E 103 -1.12 7.06 -29.76
N LEU E 104 -1.23 7.70 -30.91
CA LEU E 104 -0.47 8.91 -31.18
C LEU E 104 -0.95 10.10 -30.31
N VAL E 105 -2.22 10.13 -29.97
CA VAL E 105 -2.73 11.15 -29.06
C VAL E 105 -2.30 10.78 -27.63
N ALA E 106 -2.45 9.51 -27.27
CA ALA E 106 -2.01 9.02 -25.97
C ALA E 106 -0.57 9.44 -25.73
N SER E 107 0.24 9.18 -26.74
CA SER E 107 1.66 9.42 -26.71
C SER E 107 2.03 10.91 -26.68
N SER E 108 1.27 11.72 -27.38
CA SER E 108 1.50 13.15 -27.42
C SER E 108 1.23 13.81 -26.05
N GLY E 109 0.27 13.23 -25.30
CA GLY E 109 0.00 13.65 -23.92
C GLY E 109 -0.80 14.91 -23.70
N THR E 110 -1.55 15.36 -24.71
CA THR E 110 -2.31 16.62 -24.61
C THR E 110 -3.45 16.72 -25.58
N LEU E 111 -4.52 17.39 -25.13
CA LEU E 111 -5.67 17.78 -25.96
C LEU E 111 -5.71 19.30 -26.21
N GLU E 112 -4.63 20.01 -25.99
CA GLU E 112 -4.59 21.42 -26.26
C GLU E 112 -5.03 21.69 -27.68
N PHE E 113 -6.11 22.45 -27.83
CA PHE E 113 -6.76 22.69 -29.12
C PHE E 113 -6.91 24.18 -29.45
N ILE E 114 -6.46 24.57 -30.62
CA ILE E 114 -6.52 25.94 -31.06
C ILE E 114 -7.52 26.02 -32.21
N THR E 115 -8.57 26.80 -32.03
CA THR E 115 -9.55 27.14 -33.05
C THR E 115 -8.88 28.02 -34.08
N GLU E 116 -9.19 27.77 -35.36
CA GLU E 116 -8.72 28.62 -36.48
C GLU E 116 -9.90 29.07 -37.36
N GLY E 117 -9.72 30.14 -38.09
CA GLY E 117 -10.85 30.72 -38.78
C GLY E 117 -10.95 30.18 -40.18
N PHE E 118 -11.28 28.90 -40.30
CA PHE E 118 -11.62 28.35 -41.62
C PHE E 118 -12.79 29.14 -42.24
N THR E 119 -12.65 29.63 -43.47
CA THR E 119 -13.66 30.49 -44.07
C THR E 119 -14.62 29.64 -44.91
N TRP E 120 -15.76 29.18 -44.38
CA TRP E 120 -16.64 28.22 -45.09
C TRP E 120 -17.81 28.93 -45.75
N THR E 121 -17.62 29.33 -46.99
CA THR E 121 -18.61 30.08 -47.68
C THR E 121 -19.62 29.15 -48.38
N GLY E 122 -20.91 29.45 -48.21
CA GLY E 122 -21.97 28.88 -49.10
C GLY E 122 -22.60 27.57 -48.60
N VAL E 123 -22.21 27.20 -47.37
CA VAL E 123 -22.76 26.14 -46.59
C VAL E 123 -23.34 26.65 -45.26
N THR E 124 -24.26 25.86 -44.73
CA THR E 124 -24.76 25.97 -43.36
C THR E 124 -23.76 25.21 -42.48
N GLN E 125 -23.34 25.82 -41.39
CA GLN E 125 -22.35 25.18 -40.52
C GLN E 125 -23.05 24.76 -39.26
N ASN E 126 -22.29 24.08 -38.40
CA ASN E 126 -22.77 23.72 -37.07
C ASN E 126 -23.97 22.75 -37.10
N GLY E 127 -23.99 21.87 -38.12
CA GLY E 127 -24.94 20.77 -38.19
C GLY E 127 -24.91 19.96 -36.91
N GLU E 128 -26.09 19.55 -36.46
CA GLU E 128 -26.30 18.90 -35.20
C GLU E 128 -27.26 17.72 -35.33
N SER E 129 -27.32 16.91 -34.26
CA SER E 129 -28.15 15.73 -34.30
C SER E 129 -28.67 15.28 -32.95
N GLY E 130 -29.80 14.58 -33.04
CA GLY E 130 -30.49 13.91 -31.94
C GLY E 130 -29.62 12.90 -31.26
N ALA E 131 -28.63 12.38 -31.99
CA ALA E 131 -27.73 11.35 -31.44
C ALA E 131 -26.66 11.92 -30.54
N CYS E 132 -26.51 13.23 -30.53
CA CYS E 132 -25.45 13.87 -29.77
C CYS E 132 -26.05 15.02 -29.01
N LYS E 133 -26.88 14.64 -28.05
CA LYS E 133 -27.73 15.57 -27.32
C LYS E 133 -26.95 16.45 -26.38
N ARG E 134 -27.37 17.70 -26.30
CA ARG E 134 -26.98 18.60 -25.21
C ARG E 134 -28.24 18.92 -24.45
N GLY E 135 -28.45 18.15 -23.40
CA GLY E 135 -29.68 18.29 -22.64
C GLY E 135 -30.81 17.73 -23.48
N PRO E 136 -31.84 18.54 -23.73
CA PRO E 136 -32.89 18.03 -24.60
C PRO E 136 -32.61 18.29 -26.08
N ALA E 137 -31.61 19.10 -26.37
CA ALA E 137 -31.38 19.62 -27.72
C ALA E 137 -30.41 18.77 -28.54
N ASN E 138 -30.63 18.84 -29.84
CA ASN E 138 -29.65 18.41 -30.82
C ASN E 138 -28.31 19.13 -30.58
N GLY E 139 -27.21 18.39 -30.80
CA GLY E 139 -25.82 18.87 -30.64
C GLY E 139 -24.84 18.09 -31.50
N PHE E 140 -23.55 18.35 -31.25
CA PHE E 140 -22.47 17.70 -31.99
C PHE E 140 -21.15 17.77 -31.24
N PHE E 141 -20.17 16.97 -31.72
CA PHE E 141 -18.78 17.05 -31.29
C PHE E 141 -18.31 18.50 -31.31
N SER E 142 -17.66 18.92 -30.24
CA SER E 142 -17.30 20.31 -30.08
C SER E 142 -16.27 20.70 -31.07
N ARG E 143 -15.38 19.77 -31.42
CA ARG E 143 -14.22 20.11 -32.24
C ARG E 143 -14.46 19.92 -33.70
N LEU E 144 -15.69 19.61 -34.08
CA LEU E 144 -15.95 19.44 -35.49
C LEU E 144 -17.15 20.27 -35.88
N ASN E 145 -17.23 20.54 -37.19
CA ASN E 145 -18.18 21.45 -37.77
C ASN E 145 -18.86 20.78 -38.98
N TRP E 146 -20.08 20.33 -38.76
CA TRP E 146 -20.80 19.59 -39.75
C TRP E 146 -21.43 20.54 -40.72
N LEU E 147 -21.01 20.48 -41.96
CA LEU E 147 -21.49 21.40 -42.98
C LEU E 147 -22.52 20.75 -43.88
N THR E 148 -23.56 21.52 -44.20
CA THR E 148 -24.58 21.12 -45.16
C THR E 148 -24.87 22.26 -46.11
N LYS E 149 -25.75 22.02 -47.07
CA LYS E 149 -26.08 23.01 -48.07
C LYS E 149 -26.67 24.34 -47.46
N SER E 150 -26.51 25.45 -48.20
CA SER E 150 -27.26 26.69 -47.95
C SER E 150 -28.22 26.94 -49.09
N GLY E 151 -29.50 27.14 -48.76
CA GLY E 151 -30.52 27.17 -49.78
C GLY E 151 -30.54 25.85 -50.57
N SER E 152 -30.27 25.96 -51.86
CA SER E 152 -30.28 24.82 -52.76
C SER E 152 -28.88 24.46 -53.29
N VAL E 153 -27.87 25.10 -52.71
CA VAL E 153 -26.50 25.00 -53.23
C VAL E 153 -25.54 24.49 -52.13
N TYR E 154 -24.67 23.55 -52.50
CA TYR E 154 -23.49 23.21 -51.70
C TYR E 154 -22.33 23.34 -52.67
N PRO E 155 -21.50 24.35 -52.44
CA PRO E 155 -20.50 24.64 -53.45
C PRO E 155 -19.27 23.84 -53.29
N LEU E 156 -18.38 23.95 -54.25
CA LEU E 156 -17.07 23.38 -54.13
C LEU E 156 -16.30 24.13 -53.06
N LEU E 157 -16.02 23.48 -51.93
CA LEU E 157 -15.26 24.09 -50.85
C LEU E 157 -13.80 23.89 -51.11
N ASN E 158 -13.06 24.94 -50.87
CA ASN E 158 -11.67 24.92 -51.18
C ASN E 158 -10.95 25.88 -50.29
N VAL E 159 -10.48 25.41 -49.14
CA VAL E 159 -9.82 26.30 -48.21
C VAL E 159 -8.50 25.74 -47.79
N THR E 160 -7.68 26.62 -47.25
CA THR E 160 -6.33 26.34 -46.88
C THR E 160 -6.05 26.89 -45.48
N MET E 161 -5.06 26.33 -44.82
CA MET E 161 -4.64 26.80 -43.50
C MET E 161 -3.16 26.53 -43.33
N PRO E 162 -2.33 27.57 -43.43
CA PRO E 162 -0.89 27.41 -43.34
C PRO E 162 -0.42 27.19 -41.90
N ASN E 163 0.57 26.34 -41.73
CA ASN E 163 1.19 26.19 -40.44
C ASN E 163 2.45 27.02 -40.41
N ASN E 164 2.36 28.15 -39.71
CA ASN E 164 3.49 29.03 -39.59
C ASN E 164 4.10 29.02 -38.20
N ASP E 165 3.76 28.04 -37.36
CA ASP E 165 4.43 27.91 -36.05
C ASP E 165 5.55 26.90 -36.23
N ASN E 166 6.26 26.59 -35.16
CA ASN E 166 7.30 25.57 -35.23
C ASN E 166 7.01 24.41 -34.27
N PHE E 167 5.72 24.09 -34.17
CA PHE E 167 5.31 22.77 -33.71
C PHE E 167 4.41 22.13 -34.76
N ASP E 168 4.23 20.81 -34.63
CA ASP E 168 3.35 20.06 -35.54
C ASP E 168 1.88 20.22 -35.18
N LYS E 169 1.00 20.39 -36.14
CA LYS E 169 -0.43 20.49 -35.89
C LYS E 169 -1.13 19.16 -36.20
N LEU E 170 -2.01 18.71 -35.32
CA LEU E 170 -2.82 17.54 -35.54
C LEU E 170 -4.22 17.98 -35.90
N TYR E 171 -4.66 17.76 -37.13
CA TYR E 171 -6.05 18.04 -37.49
C TYR E 171 -6.84 16.72 -37.49
N VAL E 172 -8.05 16.82 -36.97
CA VAL E 172 -8.95 15.68 -36.87
C VAL E 172 -10.25 16.10 -37.52
N TRP E 173 -10.63 15.49 -38.63
CA TRP E 173 -11.81 15.87 -39.37
C TRP E 173 -12.59 14.57 -39.58
N GLY E 174 -13.66 14.61 -40.36
CA GLY E 174 -14.33 13.38 -40.74
C GLY E 174 -15.14 13.49 -42.03
N VAL E 175 -15.76 12.37 -42.42
CA VAL E 175 -16.68 12.32 -43.57
C VAL E 175 -18.00 11.75 -43.10
N HIS E 176 -19.09 12.36 -43.57
CA HIS E 176 -20.39 11.86 -43.21
C HIS E 176 -20.89 10.87 -44.26
N HIS E 177 -21.37 9.72 -43.78
CA HIS E 177 -21.95 8.62 -44.59
C HIS E 177 -23.42 8.55 -44.47
N PRO E 178 -24.14 9.12 -45.43
CA PRO E 178 -25.60 9.13 -45.31
C PRO E 178 -26.27 7.77 -45.49
N SER E 179 -27.53 7.72 -45.13
CA SER E 179 -28.32 6.50 -45.08
C SER E 179 -28.87 6.13 -46.44
N THR E 180 -29.27 7.13 -47.19
CA THR E 180 -29.89 6.91 -48.49
C THR E 180 -29.39 7.95 -49.50
N ASN E 181 -29.70 7.75 -50.78
CA ASN E 181 -29.37 8.75 -51.83
C ASN E 181 -30.17 10.03 -51.61
N GLN E 182 -31.42 9.86 -51.19
CA GLN E 182 -32.29 10.96 -50.85
C GLN E 182 -31.60 11.86 -49.83
N GLU E 183 -31.11 11.28 -48.75
CA GLU E 183 -30.41 12.02 -47.71
C GLU E 183 -29.13 12.72 -48.23
N GLN E 184 -28.29 12.00 -48.99
CA GLN E 184 -27.09 12.61 -49.61
C GLN E 184 -27.41 13.91 -50.32
N THR E 185 -28.46 13.89 -51.18
CA THR E 185 -28.84 15.10 -51.95
C THR E 185 -29.59 16.15 -51.15
N ASN E 186 -30.42 15.76 -50.22
CA ASN E 186 -31.08 16.75 -49.37
C ASN E 186 -30.05 17.59 -48.61
N LEU E 187 -28.96 16.95 -48.17
CA LEU E 187 -28.00 17.62 -47.31
C LEU E 187 -26.93 18.36 -48.06
N TYR E 188 -26.37 17.68 -49.08
CA TYR E 188 -25.20 18.15 -49.80
C TYR E 188 -25.44 18.48 -51.27
N VAL E 189 -26.67 18.27 -51.75
CA VAL E 189 -27.06 18.52 -53.15
C VAL E 189 -26.38 17.60 -54.17
N GLN E 190 -25.06 17.54 -54.18
CA GLN E 190 -24.39 16.60 -55.12
C GLN E 190 -24.63 15.13 -54.72
N ALA E 191 -24.74 14.29 -55.73
CA ALA E 191 -25.18 12.90 -55.58
C ALA E 191 -24.06 12.02 -55.07
N SER E 192 -22.83 12.40 -55.39
CA SER E 192 -21.63 11.77 -54.85
C SER E 192 -20.75 12.88 -54.29
N GLY E 193 -20.43 12.78 -53.00
CA GLY E 193 -19.52 13.73 -52.40
C GLY E 193 -18.11 13.20 -52.46
N ARG E 194 -17.20 14.02 -51.97
CA ARG E 194 -15.84 13.62 -51.80
C ARG E 194 -15.17 14.63 -50.91
N VAL E 195 -14.15 14.13 -50.23
CA VAL E 195 -13.37 14.92 -49.33
C VAL E 195 -11.90 14.64 -49.57
N THR E 196 -11.16 15.68 -49.92
CA THR E 196 -9.75 15.57 -50.19
C THR E 196 -9.05 16.53 -49.26
N VAL E 197 -8.26 15.94 -48.34
CA VAL E 197 -7.53 16.70 -47.38
C VAL E 197 -6.05 16.39 -47.58
N SER E 198 -5.25 17.43 -47.74
CA SER E 198 -3.90 17.29 -48.19
C SER E 198 -2.95 18.33 -47.60
N THR E 199 -1.66 18.01 -47.70
CA THR E 199 -0.53 18.86 -47.42
C THR E 199 0.28 18.88 -48.72
N ARG E 200 1.45 19.51 -48.69
CA ARG E 200 2.33 19.44 -49.84
C ARG E 200 2.93 18.05 -50.02
N ARG E 201 3.04 17.25 -48.98
CA ARG E 201 3.63 15.93 -49.22
C ARG E 201 2.73 14.79 -48.78
N SER E 202 1.41 14.99 -48.84
CA SER E 202 0.50 13.93 -48.43
C SER E 202 -0.91 14.28 -48.78
N GLN E 203 -1.72 13.23 -48.95
CA GLN E 203 -3.11 13.42 -49.16
C GLN E 203 -3.92 12.32 -48.57
N GLN E 204 -5.20 12.60 -48.49
CA GLN E 204 -6.21 11.63 -48.13
C GLN E 204 -7.44 11.93 -48.93
N THR E 205 -8.01 10.92 -49.50
CA THR E 205 -9.03 11.13 -50.46
C THR E 205 -10.18 10.16 -50.20
N ILE E 206 -11.37 10.65 -49.82
CA ILE E 206 -12.42 9.81 -49.26
C ILE E 206 -13.72 9.96 -50.01
N ILE E 207 -14.35 8.86 -50.38
CA ILE E 207 -15.70 8.94 -50.91
C ILE E 207 -16.66 8.48 -49.82
N PRO E 208 -17.75 9.23 -49.66
CA PRO E 208 -18.78 8.85 -48.69
C PRO E 208 -19.47 7.55 -49.03
N ASN E 209 -20.02 6.94 -48.00
CA ASN E 209 -20.63 5.62 -48.02
C ASN E 209 -22.12 5.68 -47.75
N ILE E 210 -22.88 4.98 -48.55
CA ILE E 210 -24.33 5.08 -48.45
C ILE E 210 -24.97 3.76 -48.08
N GLY E 211 -25.93 3.81 -47.15
CA GLY E 211 -26.81 2.69 -46.85
C GLY E 211 -27.49 2.82 -45.49
N SER E 212 -28.59 2.09 -45.31
CA SER E 212 -29.26 2.09 -44.00
C SER E 212 -28.52 1.20 -43.00
N ARG E 213 -28.36 1.68 -41.77
CA ARG E 213 -27.58 0.94 -40.78
C ARG E 213 -28.40 0.87 -39.47
N PRO E 214 -27.95 0.14 -38.46
CA PRO E 214 -28.76 0.16 -37.26
C PRO E 214 -28.74 1.50 -36.53
N LEU E 215 -29.89 1.93 -36.03
CA LEU E 215 -30.00 3.14 -35.23
C LEU E 215 -29.06 3.06 -34.01
N VAL E 216 -28.16 4.04 -33.93
CA VAL E 216 -27.53 4.41 -32.68
C VAL E 216 -28.07 5.79 -32.29
N ARG E 217 -28.51 5.90 -31.05
CA ARG E 217 -29.25 7.06 -30.55
C ARG E 217 -30.13 7.74 -31.59
N GLY E 218 -30.91 6.93 -32.30
CA GLY E 218 -31.90 7.40 -33.26
C GLY E 218 -31.42 7.59 -34.68
N GLN E 219 -30.16 7.34 -34.96
CA GLN E 219 -29.61 7.66 -36.29
C GLN E 219 -28.93 6.48 -36.97
N SER E 220 -29.14 6.39 -38.28
CA SER E 220 -28.55 5.32 -39.10
C SER E 220 -27.31 5.82 -39.87
N GLY E 221 -27.16 7.14 -39.96
CA GLY E 221 -25.97 7.72 -40.55
C GLY E 221 -24.77 7.55 -39.67
N ARG E 222 -23.60 7.73 -40.28
CA ARG E 222 -22.36 7.62 -39.53
C ARG E 222 -21.35 8.62 -40.02
N ILE E 223 -20.27 8.73 -39.24
CA ILE E 223 -19.13 9.50 -39.65
C ILE E 223 -17.88 8.68 -39.50
N SER E 224 -16.97 8.71 -40.48
CA SER E 224 -15.65 8.11 -40.26
C SER E 224 -14.64 9.24 -39.99
N ILE E 225 -13.82 9.07 -38.96
CA ILE E 225 -12.87 10.07 -38.53
C ILE E 225 -11.50 9.83 -39.17
N TYR E 226 -10.84 10.94 -39.49
CA TYR E 226 -9.58 10.88 -40.19
C TYR E 226 -8.68 11.95 -39.54
N TRP E 227 -7.36 11.84 -39.73
CA TRP E 227 -6.46 12.80 -39.14
C TRP E 227 -5.30 13.09 -40.05
N THR E 228 -4.68 14.26 -39.84
CA THR E 228 -3.65 14.80 -40.71
C THR E 228 -2.71 15.62 -39.86
N ILE E 229 -1.40 15.40 -40.03
CA ILE E 229 -0.38 16.14 -39.31
C ILE E 229 0.22 17.15 -40.25
N VAL E 230 0.23 18.42 -39.86
CA VAL E 230 0.81 19.47 -40.73
C VAL E 230 2.05 20.03 -40.08
N LYS E 231 3.18 19.87 -40.74
CA LYS E 231 4.47 20.27 -40.22
C LYS E 231 4.65 21.78 -40.42
N PRO E 232 5.62 22.37 -39.73
CA PRO E 232 6.00 23.78 -39.92
C PRO E 232 6.34 24.09 -41.37
N GLY E 233 5.78 25.14 -41.93
CA GLY E 233 6.05 25.52 -43.33
C GLY E 233 5.15 24.80 -44.33
N ASP E 234 4.36 23.85 -43.84
CA ASP E 234 3.44 23.12 -44.69
C ASP E 234 2.08 23.79 -44.52
N ILE E 235 1.08 23.26 -45.21
CA ILE E 235 -0.26 23.81 -45.17
C ILE E 235 -1.33 22.75 -45.37
N LEU E 236 -2.44 22.94 -44.68
CA LEU E 236 -3.59 22.08 -44.84
C LEU E 236 -4.42 22.61 -45.96
N MET E 237 -4.90 21.76 -46.84
CA MET E 237 -5.88 22.11 -47.81
C MET E 237 -7.04 21.13 -47.69
N ILE E 238 -8.25 21.65 -47.83
CA ILE E 238 -9.43 20.84 -47.75
C ILE E 238 -10.31 21.19 -48.91
N ASN E 239 -10.76 20.16 -49.58
CA ASN E 239 -11.49 20.38 -50.79
C ASN E 239 -12.64 19.38 -50.81
N SER E 240 -13.84 19.87 -51.07
CA SER E 240 -15.00 19.01 -50.93
C SER E 240 -16.23 19.58 -51.56
N ASN E 241 -17.00 18.66 -52.18
CA ASN E 241 -18.26 19.00 -52.82
C ASN E 241 -19.44 18.40 -52.05
N GLY E 242 -19.18 18.03 -50.81
CA GLY E 242 -20.19 17.38 -49.95
C GLY E 242 -19.56 16.40 -48.98
N ASN E 243 -20.18 16.32 -47.80
CA ASN E 243 -19.97 15.28 -46.78
C ASN E 243 -18.87 15.58 -45.81
N LEU E 244 -18.16 16.68 -46.05
CA LEU E 244 -17.13 17.14 -45.11
C LEU E 244 -17.70 17.40 -43.75
N VAL E 245 -17.00 16.91 -42.74
CA VAL E 245 -17.25 17.23 -41.38
C VAL E 245 -15.96 17.94 -40.92
N ALA E 246 -15.94 19.28 -40.98
CA ALA E 246 -14.67 20.03 -40.93
C ALA E 246 -14.05 20.11 -39.55
N PRO E 247 -12.72 20.19 -39.49
CA PRO E 247 -12.06 20.45 -38.22
C PRO E 247 -12.33 21.89 -37.88
N ARG E 248 -12.21 22.23 -36.60
CA ARG E 248 -12.41 23.62 -36.15
C ARG E 248 -11.12 24.28 -35.88
N GLY E 249 -10.03 23.50 -36.00
CA GLY E 249 -8.73 23.93 -35.51
C GLY E 249 -7.76 22.76 -35.42
N TYR E 250 -6.72 22.92 -34.63
CA TYR E 250 -5.78 21.85 -34.46
C TYR E 250 -5.53 21.50 -33.01
N PHE E 251 -5.05 20.27 -32.80
CA PHE E 251 -4.49 19.88 -31.53
C PHE E 251 -2.98 20.08 -31.59
N LYS E 252 -2.41 20.49 -30.49
CA LYS E 252 -0.95 20.62 -30.42
C LYS E 252 -0.40 19.24 -30.23
N MET E 253 0.75 18.99 -30.83
CA MET E 253 1.49 17.74 -30.67
C MET E 253 2.69 17.98 -29.81
N ARG E 254 2.96 17.03 -28.92
CA ARG E 254 4.15 17.03 -28.14
C ARG E 254 4.77 15.64 -28.22
N THR E 255 6.01 15.56 -27.79
CA THR E 255 6.71 14.32 -27.64
C THR E 255 7.08 14.24 -26.19
N GLY E 256 7.32 13.05 -25.70
CA GLY E 256 7.55 12.87 -24.28
C GLY E 256 7.17 11.48 -23.86
N LYS E 257 6.92 11.38 -22.57
CA LYS E 257 6.72 10.09 -21.93
C LYS E 257 5.27 9.72 -21.71
N SER E 258 4.33 10.33 -22.44
CA SER E 258 2.90 10.09 -22.15
C SER E 258 2.36 8.78 -22.70
N SER E 259 1.31 8.28 -22.08
CA SER E 259 0.70 7.05 -22.53
C SER E 259 -0.73 6.93 -22.06
N ILE E 260 -1.28 5.73 -22.27
CA ILE E 260 -2.64 5.41 -21.92
C ILE E 260 -2.70 4.01 -21.38
N MET E 261 -3.56 3.79 -20.37
CA MET E 261 -3.75 2.46 -19.80
C MET E 261 -5.23 2.26 -19.49
N ARG E 262 -5.68 1.05 -19.78
CA ARG E 262 -7.01 0.50 -19.42
C ARG E 262 -7.01 -0.06 -18.01
N SER E 263 -7.70 0.60 -17.09
CA SER E 263 -7.76 0.16 -15.72
C SER E 263 -8.99 0.67 -15.00
N ASN E 264 -9.53 -0.16 -14.11
CA ASN E 264 -10.61 0.27 -13.23
C ASN E 264 -10.15 0.47 -11.79
N ALA E 265 -8.84 0.53 -11.60
CA ALA E 265 -8.29 0.73 -10.27
C ALA E 265 -8.45 2.18 -9.86
N PRO E 266 -8.86 2.41 -8.62
CA PRO E 266 -9.04 3.81 -8.20
C PRO E 266 -7.72 4.55 -8.11
N ILE E 267 -7.78 5.87 -8.28
CA ILE E 267 -6.60 6.73 -8.15
C ILE E 267 -6.57 7.13 -6.71
N ASP E 268 -5.36 7.25 -6.18
CA ASP E 268 -5.16 7.55 -4.78
C ASP E 268 -4.01 8.50 -4.68
N THR E 269 -3.87 9.09 -3.51
CA THR E 269 -2.76 9.99 -3.27
C THR E 269 -1.62 9.21 -2.66
N CYS E 270 -0.57 9.00 -3.44
CA CYS E 270 0.62 8.33 -2.93
C CYS E 270 1.71 8.45 -3.99
N ILE E 271 2.88 7.91 -3.72
CA ILE E 271 3.98 7.97 -4.68
C ILE E 271 4.33 6.53 -5.14
N SER E 272 4.19 6.28 -6.42
CA SER E 272 4.79 5.08 -6.99
C SER E 272 5.22 5.35 -8.43
N GLU E 273 6.49 5.03 -8.72
CA GLU E 273 7.09 5.17 -10.06
C GLU E 273 6.40 4.23 -11.06
N CYS E 274 5.96 3.07 -10.59
CA CYS E 274 5.48 2.05 -11.46
C CYS E 274 3.96 1.83 -11.37
N ILE E 275 3.26 1.89 -12.50
CA ILE E 275 1.82 1.65 -12.53
C ILE E 275 1.44 0.44 -13.35
N THR E 276 0.50 -0.34 -12.85
CA THR E 276 -0.12 -1.41 -13.63
C THR E 276 -1.65 -1.22 -13.62
N PRO E 277 -2.36 -1.95 -14.49
CA PRO E 277 -3.83 -1.88 -14.40
C PRO E 277 -4.39 -2.35 -13.07
N ASN E 278 -3.62 -3.16 -12.35
CA ASN E 278 -4.03 -3.70 -11.02
C ASN E 278 -3.70 -2.73 -9.92
N GLY E 279 -3.07 -1.61 -10.24
CA GLY E 279 -2.64 -0.66 -9.23
C GLY E 279 -1.16 -0.46 -9.34
N SER E 280 -0.66 0.50 -8.58
CA SER E 280 0.74 0.79 -8.50
C SER E 280 1.44 -0.35 -7.78
N ILE E 281 2.74 -0.52 -8.07
CA ILE E 281 3.51 -1.50 -7.37
C ILE E 281 4.91 -0.96 -7.03
N PRO E 282 5.49 -1.49 -5.94
CA PRO E 282 6.88 -1.23 -5.63
C PRO E 282 7.79 -1.70 -6.75
N ASN E 283 8.92 -1.02 -6.93
CA ASN E 283 9.95 -1.43 -7.87
C ASN E 283 11.29 -1.64 -7.15
N ASP E 284 11.24 -2.10 -5.90
CA ASP E 284 12.49 -2.51 -5.25
C ASP E 284 12.99 -3.83 -5.86
N LYS E 285 12.06 -4.67 -6.33
CA LYS E 285 12.43 -5.96 -6.90
C LYS E 285 12.66 -5.81 -8.41
N PRO E 286 13.52 -6.68 -8.96
CA PRO E 286 13.88 -6.75 -10.36
C PRO E 286 12.79 -7.38 -11.23
N PHE E 287 11.93 -8.19 -10.65
CA PHE E 287 10.87 -8.84 -11.43
C PHE E 287 9.51 -8.69 -10.82
N GLN E 288 8.49 -8.94 -11.63
CA GLN E 288 7.13 -8.94 -11.11
C GLN E 288 6.19 -9.83 -11.92
N ASN E 289 5.14 -10.24 -11.24
CA ASN E 289 4.16 -11.17 -11.75
C ASN E 289 2.76 -10.54 -11.71
N VAL E 290 2.67 -9.22 -11.47
CA VAL E 290 1.38 -8.59 -11.35
C VAL E 290 0.70 -8.43 -12.68
N ASN E 291 1.42 -7.88 -13.66
CA ASN E 291 0.84 -7.60 -14.97
C ASN E 291 1.90 -7.28 -15.99
N LYS E 292 1.76 -7.85 -17.19
CA LYS E 292 2.65 -7.49 -18.32
C LYS E 292 2.47 -6.06 -18.85
N ILE E 293 1.35 -5.44 -18.48
CA ILE E 293 1.05 -4.05 -18.82
C ILE E 293 1.63 -3.19 -17.69
N THR E 294 2.70 -2.47 -17.98
CA THR E 294 3.15 -1.48 -17.00
C THR E 294 3.43 -0.10 -17.60
N TYR E 295 3.45 0.90 -16.72
CA TYR E 295 3.95 2.22 -17.07
C TYR E 295 4.94 2.65 -16.02
N GLY E 296 6.11 3.11 -16.46
CA GLY E 296 7.10 3.70 -15.55
C GLY E 296 8.26 2.77 -15.24
N ALA E 297 8.99 3.09 -14.18
CA ALA E 297 10.18 2.33 -13.71
C ALA E 297 9.69 1.12 -12.95
N CYS E 298 9.67 -0.02 -13.63
CA CYS E 298 9.00 -1.20 -13.09
C CYS E 298 9.89 -2.40 -13.14
N PRO E 299 9.62 -3.36 -12.25
CA PRO E 299 10.27 -4.64 -12.47
C PRO E 299 9.80 -5.21 -13.79
N LYS E 300 10.60 -6.12 -14.31
CA LYS E 300 10.32 -6.77 -15.55
C LYS E 300 9.38 -7.91 -15.29
N TYR E 301 8.33 -8.00 -16.10
CA TYR E 301 7.32 -9.04 -15.91
C TYR E 301 7.94 -10.35 -16.30
N VAL E 302 7.72 -11.34 -15.43
CA VAL E 302 8.17 -12.72 -15.58
C VAL E 302 6.98 -13.63 -15.20
N LYS E 303 6.95 -14.88 -15.66
CA LYS E 303 5.79 -15.71 -15.35
C LYS E 303 5.81 -16.31 -13.96
N GLN E 304 6.96 -16.38 -13.30
CA GLN E 304 7.10 -17.02 -11.99
C GLN E 304 6.46 -16.17 -10.94
N SER E 305 5.84 -16.79 -9.94
CA SER E 305 5.21 -16.07 -8.83
C SER E 305 6.16 -15.82 -7.64
N THR E 306 7.25 -16.59 -7.59
CA THR E 306 8.31 -16.40 -6.57
C THR E 306 9.63 -16.90 -7.08
N LEU E 307 10.68 -16.13 -6.77
CA LEU E 307 12.08 -16.50 -7.09
C LEU E 307 12.94 -16.04 -5.94
N LYS E 308 13.43 -17.03 -5.19
CA LYS E 308 14.13 -16.74 -3.95
C LYS E 308 15.61 -16.70 -4.22
N LEU E 309 16.21 -15.55 -3.91
CA LEU E 309 17.62 -15.34 -4.03
C LEU E 309 18.30 -15.56 -2.68
N ALA E 310 19.31 -16.43 -2.68
CA ALA E 310 19.93 -16.82 -1.44
C ALA E 310 20.85 -15.69 -0.94
N THR E 311 20.74 -15.37 0.34
CA THR E 311 21.57 -14.31 0.92
C THR E 311 22.44 -14.81 2.07
N GLY E 312 22.54 -16.13 2.20
CA GLY E 312 23.31 -16.72 3.28
C GLY E 312 23.82 -18.09 2.88
N MET E 313 24.59 -18.70 3.76
CA MET E 313 25.13 -20.01 3.47
C MET E 313 24.06 -21.07 3.70
N ARG E 314 24.39 -22.31 3.37
CA ARG E 314 23.48 -23.37 3.62
C ARG E 314 23.18 -23.55 5.10
N ASN E 315 21.95 -23.89 5.43
CA ASN E 315 21.51 -24.13 6.82
C ASN E 315 21.62 -25.59 7.20
N VAL E 316 22.42 -25.86 8.23
CA VAL E 316 22.58 -27.20 8.80
C VAL E 316 22.42 -27.11 10.31
N PRO E 317 21.20 -27.38 10.83
CA PRO E 317 20.84 -27.02 12.23
C PRO E 317 21.36 -28.00 13.29
N GLY E 323 28.65 -28.62 -0.69
CA GLY E 323 29.22 -27.75 -1.72
C GLY E 323 30.47 -28.32 -2.36
N LEU E 324 31.05 -27.60 -3.31
CA LEU E 324 32.24 -28.06 -3.99
C LEU E 324 33.40 -28.39 -3.03
N PHE E 325 33.45 -27.72 -1.88
CA PHE E 325 34.61 -27.92 -0.97
C PHE E 325 34.40 -28.92 0.16
N GLY E 326 33.17 -29.31 0.48
CA GLY E 326 32.98 -30.48 1.38
C GLY E 326 33.12 -30.16 2.88
N ALA E 327 33.06 -28.88 3.21
CA ALA E 327 33.19 -28.46 4.59
C ALA E 327 31.84 -28.30 5.23
N ILE E 328 31.07 -27.31 4.76
CA ILE E 328 29.72 -27.11 5.24
C ILE E 328 28.87 -28.27 4.76
N ALA E 329 28.02 -28.81 5.64
CA ALA E 329 27.24 -30.00 5.33
C ALA E 329 28.17 -31.09 4.81
N GLY E 330 29.34 -31.17 5.43
CA GLY E 330 30.37 -32.10 5.02
C GLY E 330 31.16 -32.45 6.26
N PHE E 331 32.48 -32.24 6.21
CA PHE E 331 33.34 -32.60 7.35
C PHE E 331 33.06 -31.74 8.62
N ILE E 332 32.47 -30.55 8.47
CA ILE E 332 31.85 -29.87 9.61
C ILE E 332 30.44 -30.36 9.63
N GLU E 333 30.10 -31.16 10.64
CA GLU E 333 28.89 -31.97 10.58
C GLU E 333 27.58 -31.18 10.53
N ASN E 334 27.63 -29.88 10.75
CA ASN E 334 26.66 -29.26 11.58
C ASN E 334 26.95 -27.76 11.81
N GLY E 335 25.97 -26.90 11.64
CA GLY E 335 26.09 -25.49 12.05
C GLY E 335 25.87 -25.25 13.53
N TRP E 336 26.23 -24.04 13.97
CA TRP E 336 26.08 -23.62 15.38
C TRP E 336 24.98 -22.58 15.50
N GLU E 337 23.80 -22.95 16.00
CA GLU E 337 22.69 -21.97 16.17
C GLU E 337 23.04 -20.89 17.18
N GLY E 338 23.86 -21.25 18.16
CA GLY E 338 24.28 -20.31 19.22
C GLY E 338 25.37 -19.33 18.81
N MET E 339 25.84 -19.39 17.57
CA MET E 339 26.73 -18.33 17.08
C MET E 339 25.91 -17.23 16.37
N ILE E 340 25.74 -16.14 17.08
CA ILE E 340 24.87 -15.10 16.59
C ILE E 340 25.58 -13.79 16.31
N ASP E 341 26.91 -13.76 16.35
CA ASP E 341 27.67 -12.54 16.02
C ASP E 341 28.70 -12.76 14.89
N GLY E 342 28.53 -13.85 14.16
CA GLY E 342 29.34 -14.12 13.01
C GLY E 342 28.79 -15.28 12.21
N TRP E 343 29.29 -15.40 10.97
CA TRP E 343 28.95 -16.52 10.10
C TRP E 343 29.86 -17.70 10.34
N TYR E 344 31.11 -17.37 10.66
CA TYR E 344 32.16 -18.38 10.82
C TYR E 344 32.88 -18.09 12.13
N GLY E 345 33.34 -19.12 12.81
CA GLY E 345 34.31 -18.90 13.87
C GLY E 345 34.88 -20.14 14.53
N PHE E 346 35.19 -20.02 15.82
CA PHE E 346 36.00 -20.99 16.56
C PHE E 346 35.35 -21.38 17.88
N ARG E 347 35.27 -22.68 18.18
CA ARG E 347 35.00 -23.14 19.54
C ARG E 347 36.25 -23.82 20.08
N HIS E 348 36.60 -23.54 21.35
CA HIS E 348 37.74 -24.19 22.00
C HIS E 348 37.36 -24.88 23.28
N LYS E 349 38.25 -25.78 23.69
CA LYS E 349 38.21 -26.51 24.95
C LYS E 349 39.65 -26.64 25.43
N ASN E 350 39.96 -26.15 26.62
CA ASN E 350 41.30 -26.26 27.18
C ASN E 350 41.23 -26.37 28.70
N SER E 351 42.38 -26.31 29.37
CA SER E 351 42.47 -26.29 30.85
C SER E 351 41.57 -25.24 31.53
N GLU E 352 41.54 -24.00 30.98
CA GLU E 352 40.76 -22.89 31.54
C GLU E 352 39.26 -22.93 31.20
N GLY E 353 38.81 -23.96 30.49
CA GLY E 353 37.42 -24.10 30.07
C GLY E 353 37.17 -23.79 28.60
N THR E 354 35.89 -23.90 28.21
CA THR E 354 35.43 -23.78 26.83
C THR E 354 34.98 -22.38 26.49
N GLY E 355 34.79 -22.14 25.18
CA GLY E 355 34.47 -20.78 24.67
C GLY E 355 34.15 -20.74 23.17
N GLN E 356 33.78 -19.57 22.68
CA GLN E 356 33.39 -19.42 21.25
C GLN E 356 33.66 -18.05 20.72
N ALA E 357 34.22 -17.93 19.52
CA ALA E 357 34.53 -16.61 18.95
C ALA E 357 34.17 -16.57 17.48
N ALA E 358 33.48 -15.50 17.08
CA ALA E 358 33.29 -15.21 15.69
C ALA E 358 34.62 -14.88 15.05
N ASP E 359 34.77 -15.27 13.79
CA ASP E 359 35.80 -14.76 12.92
C ASP E 359 35.24 -13.66 12.01
N LEU E 360 35.82 -12.49 12.10
CA LEU E 360 35.28 -11.32 11.41
C LEU E 360 35.70 -11.32 9.94
N LYS E 361 36.96 -11.58 9.63
CA LYS E 361 37.41 -11.46 8.26
C LYS E 361 36.67 -12.41 7.32
N SER E 362 36.48 -13.66 7.73
CA SER E 362 35.76 -14.62 6.93
C SER E 362 34.27 -14.32 6.84
N THR E 363 33.72 -13.80 7.93
CA THR E 363 32.32 -13.43 7.94
C THR E 363 32.05 -12.28 6.93
N GLN E 364 32.90 -11.27 6.99
CA GLN E 364 32.79 -10.11 6.11
C GLN E 364 33.00 -10.47 4.64
N ALA E 365 33.93 -11.40 4.36
CA ALA E 365 34.25 -11.77 2.97
C ALA E 365 33.03 -12.42 2.32
N ALA E 366 32.37 -13.31 3.06
CA ALA E 366 31.11 -13.89 2.58
C ALA E 366 30.03 -12.82 2.37
N ILE E 367 29.82 -12.00 3.38
CA ILE E 367 28.79 -10.96 3.31
C ILE E 367 29.10 -9.97 2.17
N ASP E 368 30.34 -9.47 2.06
CA ASP E 368 30.72 -8.59 0.94
C ASP E 368 30.37 -9.19 -0.43
N GLN E 369 30.72 -10.46 -0.62
CA GLN E 369 30.50 -11.07 -1.93
C GLN E 369 29.01 -11.23 -2.25
N ILE E 370 28.21 -11.53 -1.24
CA ILE E 370 26.78 -11.65 -1.43
C ILE E 370 26.15 -10.28 -1.60
N ASN E 371 26.65 -9.27 -0.90
CA ASN E 371 26.21 -7.91 -1.17
C ASN E 371 26.49 -7.49 -2.58
N GLY E 372 27.60 -7.94 -3.13
CA GLY E 372 27.98 -7.61 -4.52
C GLY E 372 26.97 -8.14 -5.53
N LYS E 373 26.58 -9.40 -5.39
CA LYS E 373 25.57 -9.96 -6.29
C LYS E 373 24.18 -9.39 -5.98
N LEU E 374 23.95 -9.06 -4.73
CA LEU E 374 22.73 -8.30 -4.39
C LEU E 374 22.67 -6.93 -5.08
N ASN E 375 23.76 -6.20 -5.09
CA ASN E 375 23.74 -4.90 -5.69
C ASN E 375 23.56 -5.00 -7.22
N ARG E 376 24.23 -5.95 -7.86
CA ARG E 376 24.05 -6.14 -9.30
C ARG E 376 22.57 -6.42 -9.59
N VAL E 377 21.99 -7.36 -8.82
CA VAL E 377 20.67 -7.85 -9.13
C VAL E 377 19.53 -6.89 -8.80
N ILE E 378 19.61 -6.20 -7.69
CA ILE E 378 18.52 -5.33 -7.24
C ILE E 378 18.57 -3.93 -7.89
N GLU E 379 19.76 -3.55 -8.35
CA GLU E 379 19.93 -2.28 -9.05
C GLU E 379 19.05 -2.23 -10.31
N LYS E 380 17.90 -1.54 -10.21
CA LYS E 380 16.89 -1.47 -11.25
C LYS E 380 17.29 -0.64 -12.47
N THR E 381 17.03 -1.22 -13.62
CA THR E 381 17.45 -0.62 -14.90
C THR E 381 16.30 -0.51 -15.93
N ASN E 382 15.05 -0.68 -15.50
CA ASN E 382 13.91 -0.81 -16.42
C ASN E 382 12.87 0.33 -16.25
N GLU E 383 12.90 1.29 -17.15
CA GLU E 383 11.91 2.38 -17.18
C GLU E 383 11.36 2.52 -18.59
N LYS E 384 10.08 2.20 -18.75
CA LYS E 384 9.43 2.22 -20.07
C LYS E 384 8.08 2.93 -19.93
N PHE E 385 7.72 3.63 -21.00
CA PHE E 385 6.59 4.49 -21.01
C PHE E 385 5.56 3.99 -22.02
N HIS E 386 5.39 4.70 -23.12
CA HIS E 386 4.43 4.24 -24.13
C HIS E 386 4.99 3.05 -24.93
N GLN E 387 4.21 2.00 -25.02
CA GLN E 387 4.69 0.73 -25.59
C GLN E 387 3.65 0.18 -26.52
N ILE E 388 3.35 -1.10 -26.45
CA ILE E 388 2.31 -1.61 -27.32
C ILE E 388 1.13 -2.01 -26.51
N GLU E 389 -0.01 -2.10 -27.16
CA GLU E 389 -1.16 -2.73 -26.49
C GLU E 389 -0.83 -4.18 -26.23
N LYS E 390 -1.34 -4.72 -25.13
CA LYS E 390 -1.09 -6.12 -24.74
C LYS E 390 -2.36 -6.93 -24.43
N GLU E 391 -3.50 -6.27 -24.28
CA GLU E 391 -4.80 -6.97 -24.33
C GLU E 391 -5.64 -6.28 -25.41
N PHE E 392 -6.65 -6.99 -25.89
CA PHE E 392 -7.43 -6.57 -27.07
C PHE E 392 -8.91 -6.91 -26.86
N LEU E 393 -9.79 -6.03 -27.32
CA LEU E 393 -11.21 -6.18 -27.14
C LEU E 393 -11.92 -6.78 -28.35
N GLU E 394 -11.31 -6.70 -29.50
CA GLU E 394 -11.89 -7.28 -30.70
C GLU E 394 -10.87 -8.24 -31.26
N VAL E 395 -11.37 -9.21 -31.99
CA VAL E 395 -10.59 -10.09 -32.77
C VAL E 395 -10.18 -9.34 -34.05
N GLU E 396 -8.90 -9.49 -34.48
CA GLU E 396 -8.37 -8.76 -35.64
C GLU E 396 -7.51 -9.61 -36.61
N GLY E 397 -6.77 -10.61 -36.09
CA GLY E 397 -5.93 -11.41 -36.98
C GLY E 397 -4.49 -10.93 -36.97
N ARG E 398 -3.94 -10.70 -38.14
CA ARG E 398 -2.49 -10.65 -38.36
C ARG E 398 -1.71 -9.75 -37.43
N ILE E 399 -2.22 -8.55 -37.27
CA ILE E 399 -1.55 -7.51 -36.53
C ILE E 399 -1.57 -7.78 -35.02
N GLN E 400 -2.72 -8.18 -34.52
CA GLN E 400 -2.88 -8.58 -33.11
C GLN E 400 -2.05 -9.86 -32.82
N ASP E 401 -2.02 -10.81 -33.78
CA ASP E 401 -1.24 -12.05 -33.60
C ASP E 401 0.23 -11.69 -33.32
N LEU E 402 0.73 -10.76 -34.10
CA LEU E 402 2.12 -10.38 -34.00
C LEU E 402 2.35 -9.62 -32.72
N GLU E 403 1.44 -8.74 -32.33
CA GLU E 403 1.56 -8.01 -31.05
C GLU E 403 1.63 -8.97 -29.85
N LYS E 404 0.75 -9.96 -29.83
CA LYS E 404 0.79 -10.90 -28.73
C LYS E 404 2.04 -11.68 -28.76
N TYR E 405 2.49 -12.06 -29.95
CA TYR E 405 3.64 -12.95 -30.06
C TYR E 405 4.92 -12.25 -29.69
N VAL E 406 5.03 -10.98 -30.01
CA VAL E 406 6.14 -10.20 -29.51
C VAL E 406 6.21 -10.20 -28.00
N GLU E 407 5.11 -9.93 -27.36
CA GLU E 407 5.14 -9.86 -25.92
C GLU E 407 5.36 -11.22 -25.30
N ASP E 408 4.71 -12.23 -25.84
CA ASP E 408 4.83 -13.61 -25.34
C ASP E 408 6.28 -14.05 -25.46
N THR E 409 6.90 -13.77 -26.60
CA THR E 409 8.33 -14.04 -26.79
C THR E 409 9.19 -13.41 -25.71
N LYS E 410 8.95 -12.12 -25.46
CA LYS E 410 9.72 -11.35 -24.50
C LYS E 410 9.60 -11.88 -23.10
N ILE E 411 8.39 -12.19 -22.70
CA ILE E 411 8.15 -12.64 -21.34
C ILE E 411 8.86 -13.96 -21.08
N ASP E 412 8.80 -14.91 -22.06
CA ASP E 412 9.48 -16.18 -21.88
C ASP E 412 10.98 -15.95 -21.76
N LEU E 413 11.54 -15.08 -22.55
CA LEU E 413 12.99 -14.80 -22.46
C LEU E 413 13.34 -14.20 -21.10
N TRP E 414 12.60 -13.19 -20.62
CA TRP E 414 12.90 -12.68 -19.30
C TRP E 414 12.69 -13.76 -18.18
N SER E 415 11.60 -14.52 -18.28
CA SER E 415 11.31 -15.53 -17.26
C SER E 415 12.49 -16.46 -17.18
N TYR E 416 13.04 -16.80 -18.32
CA TYR E 416 14.14 -17.74 -18.33
C TYR E 416 15.38 -17.15 -17.68
N ASN E 417 15.74 -15.93 -18.07
CA ASN E 417 16.90 -15.25 -17.47
C ASN E 417 16.72 -15.22 -15.96
N ALA E 418 15.53 -14.88 -15.48
CA ALA E 418 15.32 -14.86 -14.03
C ALA E 418 15.49 -16.21 -13.38
N GLU E 419 14.97 -17.27 -14.01
CA GLU E 419 15.07 -18.65 -13.48
C GLU E 419 16.51 -19.08 -13.43
N LEU E 420 17.23 -18.86 -14.51
CA LEU E 420 18.65 -19.22 -14.55
C LEU E 420 19.49 -18.47 -13.54
N LEU E 421 19.24 -17.16 -13.46
CA LEU E 421 20.05 -16.31 -12.64
C LEU E 421 20.03 -16.76 -11.18
N VAL E 422 18.85 -17.05 -10.66
CA VAL E 422 18.68 -17.45 -9.28
C VAL E 422 19.31 -18.81 -9.06
N ALA E 423 19.11 -19.72 -10.02
CA ALA E 423 19.68 -21.05 -9.84
C ALA E 423 21.20 -20.96 -9.85
N LEU E 424 21.76 -20.17 -10.76
CA LEU E 424 23.22 -19.97 -10.74
C LEU E 424 23.70 -19.29 -9.51
N GLU E 425 23.10 -18.13 -9.20
CA GLU E 425 23.61 -17.33 -8.12
C GLU E 425 23.54 -18.15 -6.85
N ASN E 426 22.46 -18.94 -6.70
CA ASN E 426 22.32 -19.73 -5.52
C ASN E 426 23.36 -20.80 -5.37
N GLN E 427 23.65 -21.52 -6.44
CA GLN E 427 24.66 -22.54 -6.38
C GLN E 427 25.97 -21.88 -5.97
N HIS E 428 26.26 -20.78 -6.59
CA HIS E 428 27.50 -20.08 -6.33
C HIS E 428 27.59 -19.53 -4.87
N THR E 429 26.47 -19.09 -4.28
CA THR E 429 26.48 -18.56 -2.89
C THR E 429 26.76 -19.69 -1.87
N ILE E 430 26.08 -20.78 -2.05
CA ILE E 430 26.35 -22.00 -1.27
C ILE E 430 27.84 -22.35 -1.37
N ASP E 431 28.37 -22.35 -2.58
CA ASP E 431 29.75 -22.81 -2.75
C ASP E 431 30.78 -21.82 -2.28
N LEU E 432 30.55 -20.54 -2.48
CA LEU E 432 31.48 -19.61 -1.99
C LEU E 432 31.42 -19.56 -0.45
N THR E 433 30.26 -19.79 0.16
CA THR E 433 30.22 -19.88 1.60
C THR E 433 30.93 -21.10 2.16
N ASP E 434 30.77 -22.22 1.49
CA ASP E 434 31.54 -23.42 1.78
C ASP E 434 33.05 -23.15 1.66
N SER E 435 33.46 -22.46 0.60
CA SER E 435 34.85 -22.11 0.37
C SER E 435 35.43 -21.31 1.51
N GLU E 436 34.71 -20.28 1.95
CA GLU E 436 35.25 -19.40 3.02
C GLU E 436 35.46 -20.16 4.31
N MET E 437 34.59 -21.14 4.57
CA MET E 437 34.72 -21.98 5.74
C MET E 437 36.00 -22.78 5.59
N ASN E 438 36.11 -23.45 4.46
CA ASN E 438 37.30 -24.21 4.19
C ASN E 438 38.54 -23.36 4.28
N LYS E 439 38.52 -22.20 3.67
CA LYS E 439 39.69 -21.35 3.67
C LYS E 439 40.14 -21.00 5.08
N LEU E 440 39.19 -20.83 6.00
CA LEU E 440 39.52 -20.54 7.38
C LEU E 440 40.13 -21.70 8.10
N PHE E 441 39.55 -22.86 7.88
CA PHE E 441 40.10 -24.05 8.43
C PHE E 441 41.52 -24.24 7.98
N GLU E 442 41.76 -24.06 6.69
CA GLU E 442 43.08 -24.31 6.16
C GLU E 442 44.06 -23.32 6.72
N LYS E 443 43.60 -22.08 6.87
CA LYS E 443 44.44 -21.03 7.38
C LYS E 443 44.90 -21.41 8.80
N THR E 444 43.98 -22.02 9.55
CA THR E 444 44.26 -22.46 10.90
C THR E 444 45.21 -23.65 10.92
N ARG E 445 44.91 -24.66 10.12
CA ARG E 445 45.83 -25.81 9.94
C ARG E 445 47.25 -25.31 9.65
N ARG E 446 47.37 -24.33 8.77
CA ARG E 446 48.69 -23.84 8.40
C ARG E 446 49.38 -23.15 9.54
N GLN E 447 48.66 -22.51 10.43
CA GLN E 447 49.32 -21.93 11.60
C GLN E 447 49.84 -22.98 12.56
N LEU E 448 49.13 -24.10 12.68
CA LEU E 448 49.48 -25.11 13.68
C LEU E 448 50.70 -25.91 13.31
N ARG E 449 51.11 -25.89 12.02
CA ARG E 449 52.26 -26.67 11.55
C ARG E 449 52.18 -28.09 12.16
N GLU E 450 53.19 -28.53 12.90
CA GLU E 450 53.28 -29.89 13.42
C GLU E 450 52.76 -30.03 14.84
N ASN E 451 52.08 -29.02 15.36
CA ASN E 451 51.66 -29.04 16.77
C ASN E 451 50.23 -29.54 16.92
N ALA E 452 49.59 -29.90 15.81
CA ALA E 452 48.23 -30.35 15.90
C ALA E 452 47.85 -31.35 14.84
N GLU E 453 46.75 -32.07 15.06
CA GLU E 453 46.25 -32.97 14.06
C GLU E 453 44.80 -32.70 13.76
N ASP E 454 44.43 -32.82 12.48
CA ASP E 454 43.05 -32.66 12.08
C ASP E 454 42.27 -33.90 12.52
N MET E 455 41.26 -33.69 13.36
CA MET E 455 40.49 -34.81 13.90
C MET E 455 39.47 -35.33 12.92
N GLY E 456 39.25 -34.61 11.82
CA GLY E 456 38.34 -35.08 10.75
C GLY E 456 36.94 -34.48 10.78
N ASN E 457 36.68 -33.64 11.77
CA ASN E 457 35.35 -33.12 11.99
C ASN E 457 35.35 -31.59 12.15
N GLY E 458 36.35 -30.95 11.58
CA GLY E 458 36.44 -29.53 11.66
C GLY E 458 37.26 -29.05 12.85
N CYS E 459 37.67 -29.99 13.71
CA CYS E 459 38.46 -29.73 14.91
C CYS E 459 39.88 -30.23 14.78
N PHE E 460 40.80 -29.50 15.40
CA PHE E 460 42.16 -29.88 15.59
C PHE E 460 42.46 -30.23 17.04
N LYS E 461 43.17 -31.32 17.29
CA LYS E 461 43.73 -31.61 18.61
C LYS E 461 45.10 -31.02 18.61
N ILE E 462 45.28 -30.02 19.47
CA ILE E 462 46.52 -29.32 19.61
C ILE E 462 47.27 -30.06 20.71
N TYR E 463 48.44 -30.61 20.40
CA TYR E 463 49.20 -31.47 21.29
C TYR E 463 50.07 -30.72 22.33
N HIS E 464 49.53 -29.66 22.94
CA HIS E 464 50.24 -28.98 24.03
C HIS E 464 49.33 -28.10 24.87
N LYS E 465 49.81 -27.75 26.05
CA LYS E 465 49.10 -26.84 26.93
C LYS E 465 48.82 -25.56 26.12
N CYS E 466 47.55 -25.22 25.92
CA CYS E 466 47.17 -24.03 25.13
C CYS E 466 46.05 -23.30 25.83
N ASP E 467 46.43 -22.34 26.67
CA ASP E 467 45.48 -21.56 27.43
C ASP E 467 44.73 -20.55 26.55
N ASN E 468 43.85 -19.77 27.18
CA ASN E 468 43.00 -18.84 26.47
C ASN E 468 43.82 -17.85 25.61
N ALA E 469 44.91 -17.33 26.15
CA ALA E 469 45.81 -16.42 25.40
C ALA E 469 46.47 -17.13 24.18
N CYS E 470 46.91 -18.38 24.38
CA CYS E 470 47.42 -19.21 23.29
C CYS E 470 46.33 -19.37 22.21
N ILE E 471 45.13 -19.71 22.63
CA ILE E 471 44.02 -19.88 21.70
C ILE E 471 43.72 -18.57 20.95
N GLU E 472 43.67 -17.45 21.66
CA GLU E 472 43.49 -16.15 21.01
C GLU E 472 44.55 -15.94 19.96
N SER E 473 45.79 -16.34 20.25
CA SER E 473 46.89 -16.13 19.30
C SER E 473 46.61 -16.86 17.98
N ILE E 474 45.86 -17.96 18.08
CA ILE E 474 45.47 -18.72 16.88
C ILE E 474 44.38 -18.01 16.13
N ARG E 475 43.35 -17.57 16.85
CA ARG E 475 42.27 -16.82 16.26
C ARG E 475 42.72 -15.55 15.59
N ASN E 476 43.67 -14.82 16.16
CA ASN E 476 44.10 -13.52 15.54
C ASN E 476 45.30 -13.70 14.61
N GLY E 477 45.76 -14.94 14.40
CA GLY E 477 46.76 -15.19 13.37
C GLY E 477 48.22 -14.98 13.79
N THR E 478 48.50 -14.94 15.10
CA THR E 478 49.87 -14.68 15.58
C THR E 478 50.49 -15.82 16.36
N TYR E 479 49.78 -16.96 16.45
CA TYR E 479 50.35 -18.19 17.03
C TYR E 479 51.73 -18.39 16.52
N ASP E 480 52.65 -18.68 17.42
CA ASP E 480 54.03 -18.94 17.03
C ASP E 480 54.32 -20.41 17.34
N HIS E 481 54.42 -21.22 16.30
CA HIS E 481 54.41 -22.68 16.48
C HIS E 481 55.72 -23.17 17.07
N ASP E 482 56.80 -22.40 16.89
CA ASP E 482 58.11 -22.74 17.38
C ASP E 482 58.18 -22.83 18.88
N ILE E 483 57.48 -21.92 19.52
CA ILE E 483 57.47 -21.90 20.97
C ILE E 483 56.99 -23.25 21.52
N TYR E 484 55.99 -23.86 20.88
CA TYR E 484 55.33 -25.07 21.38
C TYR E 484 55.79 -26.40 20.72
N ARG E 485 56.64 -26.34 19.70
CA ARG E 485 56.95 -27.51 18.89
C ARG E 485 57.47 -28.68 19.66
N ASP E 486 58.48 -28.45 20.48
CA ASP E 486 59.16 -29.49 21.23
C ASP E 486 58.13 -30.25 22.09
N GLU E 487 57.34 -29.48 22.84
CA GLU E 487 56.29 -30.05 23.68
C GLU E 487 55.32 -30.91 22.90
N ALA E 488 54.85 -30.36 21.78
CA ALA E 488 53.83 -30.98 20.96
C ALA E 488 54.32 -32.25 20.29
N LEU E 489 55.52 -32.19 19.70
CA LEU E 489 56.08 -33.36 19.04
C LEU E 489 56.31 -34.47 20.03
N ASN E 490 56.63 -34.10 21.27
CA ASN E 490 56.75 -35.10 22.31
C ASN E 490 55.46 -35.81 22.60
N ASN E 491 54.37 -35.07 22.71
CA ASN E 491 53.06 -35.72 22.96
C ASN E 491 52.50 -36.46 21.76
N ARG E 492 52.81 -35.93 20.60
CA ARG E 492 52.30 -36.40 19.36
C ARG E 492 53.00 -37.70 18.95
N PHE E 493 54.32 -37.74 19.10
CA PHE E 493 55.12 -38.88 18.64
C PHE E 493 56.05 -39.49 19.68
N GLN E 494 55.97 -39.08 20.95
CA GLN E 494 56.95 -39.50 21.99
C GLN E 494 58.43 -39.16 21.68
N ILE E 495 58.68 -38.04 21.02
CA ILE E 495 59.99 -37.67 20.49
C ILE E 495 61.16 -37.70 21.48
N LYS E 496 61.10 -36.95 22.58
CA LYS E 496 62.22 -36.95 23.57
C LYS E 496 61.77 -37.60 24.89
N ASN F 1 54.84 -57.23 3.89
CA ASN F 1 53.72 -57.79 4.73
C ASN F 1 53.43 -56.99 6.03
N ASN F 2 54.11 -55.88 6.22
CA ASN F 2 53.87 -55.07 7.39
C ASN F 2 53.20 -53.71 7.07
N THR F 3 52.87 -53.50 5.79
CA THR F 3 52.17 -52.30 5.33
C THR F 3 51.15 -52.70 4.26
N ALA F 4 50.38 -51.72 3.81
CA ALA F 4 49.43 -51.94 2.74
C ALA F 4 49.25 -50.66 1.92
N THR F 5 48.59 -50.81 0.78
CA THR F 5 48.34 -49.71 -0.14
C THR F 5 46.84 -49.57 -0.37
N LEU F 6 46.32 -48.35 -0.34
CA LEU F 6 44.90 -48.13 -0.60
C LEU F 6 44.80 -46.96 -1.55
N CYS F 7 44.29 -47.19 -2.77
CA CYS F 7 44.19 -46.16 -3.80
C CYS F 7 42.76 -45.85 -4.02
N LEU F 8 42.49 -44.56 -4.20
CA LEU F 8 41.18 -44.11 -4.60
C LEU F 8 41.17 -43.88 -6.08
N GLY F 9 40.02 -44.10 -6.69
CA GLY F 9 39.88 -43.99 -8.13
C GLY F 9 38.46 -43.72 -8.55
N HIS F 10 38.27 -43.60 -9.85
CA HIS F 10 36.97 -43.31 -10.43
C HIS F 10 36.82 -44.08 -11.73
N HIS F 11 35.61 -44.15 -12.26
CA HIS F 11 35.40 -44.98 -13.45
C HIS F 11 35.89 -44.30 -14.70
N ALA F 12 35.95 -45.08 -15.75
CA ALA F 12 36.15 -44.56 -17.06
C ALA F 12 35.57 -45.62 -18.04
N VAL F 13 35.39 -45.22 -19.29
CA VAL F 13 34.92 -46.13 -20.35
C VAL F 13 35.86 -46.00 -21.54
N PRO F 14 35.93 -47.03 -22.39
CA PRO F 14 36.93 -46.95 -23.47
C PRO F 14 36.63 -45.81 -24.45
N ASN F 15 35.38 -45.76 -24.92
CA ASN F 15 34.89 -44.66 -25.74
C ASN F 15 33.86 -43.79 -25.01
N GLY F 16 34.29 -42.57 -24.67
CA GLY F 16 33.41 -41.58 -24.04
C GLY F 16 32.84 -40.66 -25.08
N THR F 17 32.29 -39.52 -24.64
CA THR F 17 31.68 -38.54 -25.50
C THR F 17 32.30 -37.14 -25.35
N ILE F 18 32.47 -36.44 -26.48
CA ILE F 18 33.07 -35.13 -26.52
C ILE F 18 32.03 -34.04 -26.24
N VAL F 19 32.31 -33.13 -25.35
CA VAL F 19 31.40 -32.01 -25.17
C VAL F 19 32.16 -30.71 -25.24
N LYS F 20 31.37 -29.65 -25.35
CA LYS F 20 31.85 -28.28 -25.30
C LYS F 20 31.72 -27.79 -23.85
N THR F 21 32.74 -27.10 -23.34
CA THR F 21 32.64 -26.41 -22.05
C THR F 21 32.99 -24.96 -22.24
N ILE F 22 32.93 -24.20 -21.14
CA ILE F 22 33.37 -22.79 -21.10
C ILE F 22 34.80 -22.60 -21.66
N THR F 23 35.68 -23.55 -21.34
CA THR F 23 37.12 -23.43 -21.60
C THR F 23 37.68 -24.32 -22.71
N ASP F 24 36.99 -25.42 -23.01
CA ASP F 24 37.40 -26.28 -24.12
C ASP F 24 36.28 -26.46 -25.09
N ASP F 25 36.57 -26.30 -26.38
CA ASP F 25 35.57 -26.58 -27.38
C ASP F 25 35.41 -28.12 -27.52
N GLN F 26 36.35 -28.92 -27.00
CA GLN F 26 36.28 -30.38 -27.09
C GLN F 26 36.97 -31.07 -25.92
N ILE F 27 36.18 -31.72 -25.08
CA ILE F 27 36.73 -32.46 -23.97
C ILE F 27 35.81 -33.66 -23.72
N GLU F 28 36.41 -34.78 -23.37
CA GLU F 28 35.71 -36.05 -23.35
C GLU F 28 35.17 -36.40 -21.98
N VAL F 29 33.88 -36.64 -21.87
CA VAL F 29 33.25 -37.14 -20.64
C VAL F 29 32.74 -38.60 -20.78
N THR F 30 32.48 -39.24 -19.66
CA THR F 30 32.01 -40.62 -19.62
C THR F 30 30.70 -40.82 -20.38
N ASN F 31 29.82 -39.83 -20.31
CA ASN F 31 28.48 -39.94 -20.78
C ASN F 31 27.83 -38.53 -20.93
N ALA F 32 26.92 -38.40 -21.88
CA ALA F 32 26.23 -37.17 -22.18
C ALA F 32 24.85 -37.48 -22.79
N THR F 33 24.01 -36.47 -22.94
CA THR F 33 22.72 -36.63 -23.59
C THR F 33 22.53 -35.41 -24.53
N GLU F 34 21.79 -35.65 -25.63
CA GLU F 34 21.57 -34.65 -26.67
C GLU F 34 20.39 -33.79 -26.26
N LEU F 35 20.59 -32.49 -26.40
CA LEU F 35 19.53 -31.56 -26.06
C LEU F 35 18.80 -30.94 -27.26
N VAL F 36 19.27 -31.21 -28.45
CA VAL F 36 18.56 -30.83 -29.64
C VAL F 36 17.92 -32.04 -30.27
N GLN F 37 16.60 -32.01 -30.40
CA GLN F 37 15.88 -32.92 -31.24
C GLN F 37 16.12 -32.52 -32.71
N SER F 38 16.67 -33.43 -33.51
CA SER F 38 16.88 -33.13 -34.94
C SER F 38 16.22 -34.14 -35.85
N SER F 39 15.61 -35.17 -35.30
CA SER F 39 14.95 -36.11 -36.16
C SER F 39 13.43 -36.02 -35.97
N SER F 40 12.70 -36.43 -37.01
CA SER F 40 11.27 -36.67 -36.95
C SER F 40 10.99 -38.00 -37.66
N THR F 41 9.90 -38.69 -37.33
CA THR F 41 9.51 -39.86 -38.17
C THR F 41 9.02 -39.41 -39.53
N GLY F 42 8.63 -38.14 -39.63
CA GLY F 42 8.07 -37.60 -40.88
C GLY F 42 6.57 -37.59 -40.89
N LYS F 43 5.96 -38.07 -39.82
CA LYS F 43 4.51 -38.25 -39.76
C LYS F 43 3.96 -37.51 -38.59
N ILE F 44 2.75 -36.97 -38.79
CA ILE F 44 2.06 -36.20 -37.81
C ILE F 44 1.09 -37.10 -37.04
N CYS F 45 1.34 -37.14 -35.74
CA CYS F 45 0.60 -37.98 -34.87
C CYS F 45 -0.80 -37.46 -34.61
N ASN F 46 -1.80 -38.32 -34.71
CA ASN F 46 -3.16 -37.87 -34.59
C ASN F 46 -3.74 -37.86 -33.19
N ASN F 47 -2.92 -38.23 -32.21
CA ASN F 47 -3.23 -37.86 -30.83
C ASN F 47 -2.04 -37.14 -30.18
N PRO F 48 -2.28 -36.42 -29.09
CA PRO F 48 -3.53 -36.14 -28.37
C PRO F 48 -4.36 -34.99 -28.94
N HIS F 49 -3.86 -34.31 -29.97
CA HIS F 49 -4.51 -33.13 -30.53
C HIS F 49 -5.46 -33.55 -31.64
N ARG F 50 -6.50 -32.77 -31.83
CA ARG F 50 -7.45 -33.07 -32.91
C ARG F 50 -6.91 -32.49 -34.21
N ILE F 51 -6.40 -33.37 -35.08
CA ILE F 51 -5.79 -32.97 -36.33
C ILE F 51 -6.79 -33.14 -37.44
N LEU F 52 -6.95 -32.13 -38.24
CA LEU F 52 -7.89 -32.21 -39.35
C LEU F 52 -7.12 -32.00 -40.63
N ASP F 53 -7.19 -33.01 -41.51
CA ASP F 53 -6.45 -33.02 -42.77
C ASP F 53 -7.26 -32.24 -43.79
N GLY F 54 -6.75 -31.09 -44.22
CA GLY F 54 -7.45 -30.22 -45.14
C GLY F 54 -7.51 -30.82 -46.53
N ARG F 55 -6.66 -31.82 -46.78
CA ARG F 55 -6.54 -32.50 -48.04
C ARG F 55 -6.42 -31.48 -49.14
N ASP F 56 -7.35 -31.44 -50.09
CA ASP F 56 -7.22 -30.53 -51.22
C ASP F 56 -7.98 -29.24 -51.01
N CYS F 57 -8.32 -28.94 -49.76
CA CYS F 57 -9.06 -27.73 -49.39
C CYS F 57 -8.25 -26.80 -48.51
N LYS F 58 -7.97 -25.61 -49.01
CA LYS F 58 -7.45 -24.54 -48.18
C LYS F 58 -8.56 -24.26 -47.17
N LEU F 59 -8.20 -23.83 -45.98
CA LEU F 59 -9.23 -23.54 -44.96
C LEU F 59 -10.23 -22.52 -45.47
N MET F 60 -9.78 -21.56 -46.28
CA MET F 60 -10.68 -20.50 -46.81
C MET F 60 -11.80 -21.11 -47.66
N ASP F 61 -11.48 -22.17 -48.40
CA ASP F 61 -12.41 -22.80 -49.29
C ASP F 61 -13.35 -23.73 -48.50
N ALA F 62 -12.82 -24.40 -47.49
CA ALA F 62 -13.70 -25.08 -46.55
C ALA F 62 -14.68 -24.10 -45.87
N LEU F 63 -14.17 -22.90 -45.49
CA LEU F 63 -15.02 -21.92 -44.77
C LEU F 63 -16.14 -21.44 -45.68
N LEU F 64 -15.79 -20.91 -46.86
CA LEU F 64 -16.78 -20.45 -47.80
C LEU F 64 -17.66 -21.56 -48.35
N GLY F 65 -17.13 -22.77 -48.43
CA GLY F 65 -17.89 -23.93 -48.86
C GLY F 65 -17.81 -24.22 -50.34
N ASP F 66 -16.58 -24.26 -50.84
CA ASP F 66 -16.25 -24.72 -52.18
C ASP F 66 -16.83 -26.16 -52.31
N PRO F 67 -17.55 -26.47 -53.37
CA PRO F 67 -18.20 -27.80 -53.43
C PRO F 67 -17.33 -29.00 -53.11
N HIS F 68 -16.07 -28.91 -53.47
CA HIS F 68 -15.11 -29.96 -53.19
C HIS F 68 -14.80 -30.09 -51.69
N CYS F 69 -15.38 -29.21 -50.87
CA CYS F 69 -15.01 -29.09 -49.48
C CYS F 69 -16.20 -29.31 -48.52
N ASP F 70 -17.28 -29.88 -49.04
CA ASP F 70 -18.49 -30.16 -48.26
C ASP F 70 -18.27 -31.05 -47.02
N VAL F 71 -17.28 -31.93 -47.08
CA VAL F 71 -16.97 -32.80 -45.97
C VAL F 71 -16.43 -32.03 -44.76
N PHE F 72 -15.98 -30.80 -44.94
CA PHE F 72 -15.55 -29.98 -43.81
C PHE F 72 -16.66 -29.16 -43.15
N GLN F 73 -17.90 -29.31 -43.59
CA GLN F 73 -18.99 -28.57 -42.96
C GLN F 73 -19.08 -28.84 -41.46
N ASP F 74 -19.10 -27.74 -40.66
CA ASP F 74 -19.15 -27.81 -39.19
C ASP F 74 -18.03 -28.55 -38.50
N GLU F 75 -16.91 -28.73 -39.20
CA GLU F 75 -15.76 -29.42 -38.60
C GLU F 75 -15.06 -28.59 -37.54
N THR F 76 -14.29 -29.30 -36.70
CA THR F 76 -13.49 -28.64 -35.67
C THR F 76 -12.08 -29.18 -35.73
N TRP F 77 -11.16 -28.45 -35.12
CA TRP F 77 -9.78 -28.88 -35.08
C TRP F 77 -9.01 -28.16 -33.97
N ASP F 78 -7.98 -28.83 -33.49
CA ASP F 78 -6.95 -28.20 -32.73
C ASP F 78 -5.95 -27.69 -33.75
N LEU F 79 -5.64 -28.54 -34.72
CA LEU F 79 -4.78 -28.11 -35.80
C LEU F 79 -5.33 -28.49 -37.16
N TYR F 80 -5.59 -27.47 -37.98
CA TYR F 80 -5.97 -27.66 -39.38
C TYR F 80 -4.74 -27.77 -40.20
N VAL F 81 -4.60 -28.83 -40.97
CA VAL F 81 -3.39 -29.05 -41.75
C VAL F 81 -3.68 -28.72 -43.20
N GLU F 82 -2.92 -27.75 -43.74
CA GLU F 82 -3.20 -27.23 -45.08
C GLU F 82 -2.10 -27.75 -46.01
N ARG F 83 -2.49 -28.50 -47.06
CA ARG F 83 -1.55 -29.06 -48.06
C ARG F 83 -1.31 -28.09 -49.22
N SER F 84 -0.11 -28.16 -49.81
CA SER F 84 0.31 -27.36 -50.98
C SER F 84 -0.48 -27.63 -52.22
N SER F 85 -0.90 -28.88 -52.38
CA SER F 85 -1.57 -29.27 -53.62
C SER F 85 -3.01 -28.78 -53.68
N ALA F 86 -3.51 -28.29 -52.55
CA ALA F 86 -4.87 -27.84 -52.42
C ALA F 86 -5.17 -26.71 -53.39
N SER F 87 -6.36 -26.76 -53.97
CA SER F 87 -6.79 -25.79 -54.95
C SER F 87 -8.25 -25.39 -54.79
N SER F 88 -8.60 -24.27 -55.41
CA SER F 88 -9.93 -23.72 -55.42
C SER F 88 -10.59 -24.15 -56.71
N ASN F 89 -11.87 -24.51 -56.63
CA ASN F 89 -12.63 -24.96 -57.79
C ASN F 89 -14.04 -24.36 -57.87
N CYS F 90 -14.16 -23.09 -57.54
CA CYS F 90 -15.43 -22.43 -57.44
C CYS F 90 -15.32 -21.06 -58.16
N TYR F 91 -16.28 -20.15 -58.00
CA TYR F 91 -16.17 -18.81 -58.67
C TYR F 91 -14.93 -18.10 -58.19
N PRO F 92 -14.14 -17.51 -59.09
CA PRO F 92 -12.89 -17.02 -58.52
C PRO F 92 -13.08 -15.78 -57.64
N TYR F 93 -12.31 -15.74 -56.56
CA TYR F 93 -12.51 -14.76 -55.52
C TYR F 93 -11.21 -14.14 -55.02
N ASP F 94 -11.32 -13.05 -54.30
CA ASP F 94 -10.18 -12.52 -53.59
C ASP F 94 -10.66 -12.05 -52.24
N VAL F 95 -9.74 -11.98 -51.30
CA VAL F 95 -10.09 -11.66 -49.94
C VAL F 95 -9.17 -10.58 -49.42
N PRO F 96 -9.60 -9.32 -49.44
CA PRO F 96 -8.71 -8.37 -48.83
C PRO F 96 -8.48 -8.81 -47.39
N ASP F 97 -7.24 -8.71 -46.96
CA ASP F 97 -6.79 -9.21 -45.65
C ASP F 97 -7.08 -10.71 -45.43
N TYR F 98 -6.96 -11.46 -46.54
CA TYR F 98 -7.05 -12.92 -46.56
C TYR F 98 -6.43 -13.53 -45.32
N ALA F 99 -5.20 -13.14 -45.01
CA ALA F 99 -4.44 -13.80 -43.99
C ALA F 99 -5.02 -13.60 -42.58
N SER F 100 -5.66 -12.46 -42.33
CA SER F 100 -6.29 -12.26 -41.04
C SER F 100 -7.54 -13.14 -40.93
N LEU F 101 -8.33 -13.21 -41.99
CA LEU F 101 -9.54 -14.03 -41.98
C LEU F 101 -9.18 -15.50 -41.77
N ARG F 102 -8.13 -15.94 -42.45
CA ARG F 102 -7.60 -17.29 -42.28
C ARG F 102 -7.03 -17.47 -40.88
N SER F 103 -6.36 -16.45 -40.36
CA SER F 103 -5.83 -16.50 -38.98
C SER F 103 -6.90 -16.65 -37.94
N LEU F 104 -7.89 -15.78 -38.02
CA LEU F 104 -8.87 -15.73 -37.00
C LEU F 104 -9.79 -16.97 -37.02
N VAL F 105 -10.04 -17.52 -38.20
CA VAL F 105 -10.79 -18.77 -38.29
C VAL F 105 -9.93 -19.93 -37.80
N ALA F 106 -8.67 -19.96 -38.22
CA ALA F 106 -7.76 -21.01 -37.74
C ALA F 106 -7.78 -21.05 -36.25
N SER F 107 -7.64 -19.87 -35.63
CA SER F 107 -7.57 -19.72 -34.16
C SER F 107 -8.87 -20.08 -33.47
N SER F 108 -9.99 -19.77 -34.10
CA SER F 108 -11.30 -20.11 -33.54
C SER F 108 -11.52 -21.58 -33.47
N GLY F 109 -10.99 -22.31 -34.45
CA GLY F 109 -10.96 -23.78 -34.41
C GLY F 109 -12.21 -24.53 -34.80
N THR F 110 -13.10 -23.87 -35.56
CA THR F 110 -14.41 -24.43 -35.91
C THR F 110 -15.03 -23.81 -37.16
N LEU F 111 -15.76 -24.63 -37.91
CA LEU F 111 -16.61 -24.15 -39.02
C LEU F 111 -18.10 -24.26 -38.69
N GLU F 112 -18.45 -24.46 -37.44
CA GLU F 112 -19.84 -24.57 -37.07
C GLU F 112 -20.58 -23.36 -37.62
N PHE F 113 -21.56 -23.64 -38.47
CA PHE F 113 -22.32 -22.64 -39.20
C PHE F 113 -23.81 -22.74 -38.85
N ILE F 114 -24.38 -21.59 -38.51
CA ILE F 114 -25.77 -21.51 -38.08
C ILE F 114 -26.48 -20.68 -39.14
N THR F 115 -27.40 -21.31 -39.87
CA THR F 115 -28.19 -20.65 -40.90
C THR F 115 -29.18 -19.77 -40.21
N GLU F 116 -29.45 -18.59 -40.77
CA GLU F 116 -30.37 -17.62 -40.17
C GLU F 116 -31.43 -17.11 -41.11
N GLY F 117 -32.39 -16.42 -40.51
CA GLY F 117 -33.59 -16.10 -41.20
C GLY F 117 -33.57 -14.85 -42.01
N PHE F 118 -32.64 -14.73 -42.95
CA PHE F 118 -32.64 -13.58 -43.88
C PHE F 118 -33.78 -13.73 -44.89
N THR F 119 -34.51 -12.65 -45.09
CA THR F 119 -35.68 -12.59 -45.96
C THR F 119 -35.28 -11.77 -47.18
N TRP F 120 -35.13 -12.45 -48.32
CA TRP F 120 -34.69 -11.75 -49.50
C TRP F 120 -35.86 -11.43 -50.42
N THR F 121 -36.55 -10.30 -50.19
CA THR F 121 -37.79 -10.05 -50.93
C THR F 121 -37.51 -9.32 -52.22
N GLY F 122 -38.09 -9.85 -53.30
CA GLY F 122 -38.02 -9.26 -54.62
C GLY F 122 -36.94 -9.85 -55.51
N VAL F 123 -36.00 -10.58 -54.90
CA VAL F 123 -34.89 -11.14 -55.63
C VAL F 123 -34.92 -12.67 -55.69
N THR F 124 -34.16 -13.19 -56.66
CA THR F 124 -33.91 -14.61 -56.81
C THR F 124 -32.66 -14.95 -56.01
N GLN F 125 -32.74 -16.07 -55.29
CA GLN F 125 -31.65 -16.64 -54.46
C GLN F 125 -30.92 -17.74 -55.20
N ASN F 126 -29.83 -18.21 -54.59
CA ASN F 126 -29.11 -19.42 -55.01
C ASN F 126 -28.54 -19.36 -56.42
N GLY F 127 -28.02 -18.20 -56.78
CA GLY F 127 -27.26 -18.05 -58.02
C GLY F 127 -26.17 -19.09 -58.08
N GLU F 128 -25.91 -19.61 -59.26
CA GLU F 128 -24.86 -20.59 -59.43
C GLU F 128 -23.94 -20.23 -60.59
N SER F 129 -22.87 -21.00 -60.73
CA SER F 129 -21.92 -20.75 -61.79
C SER F 129 -21.30 -22.04 -62.32
N GLY F 130 -21.00 -22.01 -63.62
CA GLY F 130 -20.28 -23.07 -64.28
C GLY F 130 -18.86 -23.19 -63.77
N ALA F 131 -18.37 -22.14 -63.12
CA ALA F 131 -17.03 -22.16 -62.57
C ALA F 131 -16.94 -22.85 -61.22
N CYS F 132 -18.07 -23.32 -60.68
CA CYS F 132 -18.15 -23.90 -59.35
C CYS F 132 -19.13 -25.07 -59.42
N LYS F 133 -18.79 -26.10 -60.21
CA LYS F 133 -19.70 -27.21 -60.43
C LYS F 133 -19.81 -28.11 -59.22
N ARG F 134 -21.03 -28.66 -59.05
CA ARG F 134 -21.27 -29.83 -58.18
C ARG F 134 -21.57 -30.99 -59.12
N GLY F 135 -20.54 -31.72 -59.54
CA GLY F 135 -20.70 -32.79 -60.48
C GLY F 135 -21.03 -32.22 -61.84
N PRO F 136 -22.17 -32.62 -62.43
CA PRO F 136 -22.57 -32.12 -63.74
C PRO F 136 -23.24 -30.74 -63.63
N ALA F 137 -23.76 -30.41 -62.44
CA ALA F 137 -24.61 -29.21 -62.28
C ALA F 137 -23.78 -27.96 -61.85
N ASN F 138 -24.18 -26.80 -62.37
CA ASN F 138 -23.65 -25.55 -61.87
C ASN F 138 -23.91 -25.45 -60.37
N GLY F 139 -23.01 -24.76 -59.68
CA GLY F 139 -23.12 -24.66 -58.22
C GLY F 139 -22.49 -23.39 -57.69
N PHE F 140 -22.35 -23.34 -56.37
CA PHE F 140 -21.84 -22.14 -55.71
C PHE F 140 -21.34 -22.45 -54.31
N PHE F 141 -20.58 -21.54 -53.70
CA PHE F 141 -20.22 -21.65 -52.30
C PHE F 141 -21.47 -21.94 -51.44
N SER F 142 -21.41 -22.94 -50.56
CA SER F 142 -22.58 -23.36 -49.78
C SER F 142 -22.98 -22.28 -48.80
N ARG F 143 -22.00 -21.55 -48.29
CA ARG F 143 -22.26 -20.59 -47.21
C ARG F 143 -22.73 -19.25 -47.72
N LEU F 144 -22.67 -19.06 -49.02
CA LEU F 144 -23.01 -17.81 -49.61
C LEU F 144 -24.26 -17.98 -50.47
N ASN F 145 -24.91 -16.88 -50.76
CA ASN F 145 -26.14 -16.89 -51.45
C ASN F 145 -26.13 -15.76 -52.49
N TRP F 146 -25.91 -16.15 -53.77
CA TRP F 146 -25.83 -15.24 -54.86
C TRP F 146 -27.22 -14.77 -55.22
N LEU F 147 -27.49 -13.48 -54.99
CA LEU F 147 -28.77 -12.85 -55.28
C LEU F 147 -28.73 -12.16 -56.63
N THR F 148 -29.82 -12.33 -57.38
CA THR F 148 -30.01 -11.72 -58.71
C THR F 148 -31.47 -11.25 -58.81
N LYS F 149 -31.80 -10.56 -59.89
CA LYS F 149 -33.17 -10.06 -60.03
C LYS F 149 -34.25 -11.17 -60.11
N SER F 150 -35.47 -10.74 -59.86
CA SER F 150 -36.66 -11.57 -59.98
C SER F 150 -37.58 -10.89 -60.97
N GLY F 151 -37.96 -11.64 -62.02
CA GLY F 151 -38.54 -11.04 -63.21
C GLY F 151 -37.67 -9.91 -63.73
N SER F 152 -38.19 -8.69 -63.66
CA SER F 152 -37.54 -7.52 -64.24
C SER F 152 -37.05 -6.53 -63.16
N VAL F 153 -37.10 -6.95 -61.90
CA VAL F 153 -36.83 -6.07 -60.76
C VAL F 153 -35.82 -6.67 -59.79
N TYR F 154 -34.92 -5.83 -59.30
CA TYR F 154 -34.06 -6.17 -58.16
C TYR F 154 -34.16 -4.99 -57.22
N PRO F 155 -34.85 -5.16 -56.08
CA PRO F 155 -35.13 -3.97 -55.26
C PRO F 155 -34.04 -3.64 -54.28
N LEU F 156 -34.20 -2.53 -53.61
CA LEU F 156 -33.25 -2.16 -52.57
C LEU F 156 -33.48 -3.08 -51.37
N LEU F 157 -32.51 -3.95 -51.10
CA LEU F 157 -32.60 -4.96 -50.05
C LEU F 157 -32.16 -4.34 -48.73
N ASN F 158 -32.91 -4.58 -47.68
CA ASN F 158 -32.65 -3.95 -46.42
C ASN F 158 -33.13 -4.86 -45.29
N VAL F 159 -32.22 -5.64 -44.74
CA VAL F 159 -32.56 -6.64 -43.74
C VAL F 159 -31.68 -6.47 -42.51
N THR F 160 -32.13 -7.08 -41.43
CA THR F 160 -31.38 -7.16 -40.18
C THR F 160 -31.40 -8.53 -39.61
N MET F 161 -30.36 -8.79 -38.81
CA MET F 161 -30.27 -9.98 -38.00
C MET F 161 -29.64 -9.64 -36.66
N PRO F 162 -30.47 -9.56 -35.60
CA PRO F 162 -29.93 -9.23 -34.30
C PRO F 162 -29.17 -10.38 -33.67
N ASN F 163 -28.16 -10.07 -32.89
CA ASN F 163 -27.51 -11.05 -32.05
C ASN F 163 -28.05 -10.96 -30.62
N ASN F 164 -28.93 -11.90 -30.31
CA ASN F 164 -29.54 -12.09 -29.02
C ASN F 164 -28.94 -13.26 -28.23
N ASP F 165 -27.79 -13.73 -28.64
CA ASP F 165 -27.12 -14.84 -27.95
C ASP F 165 -26.04 -14.27 -27.09
N ASN F 166 -25.31 -15.13 -26.39
CA ASN F 166 -24.30 -14.65 -25.45
C ASN F 166 -22.88 -14.89 -25.97
N PHE F 167 -22.74 -15.20 -27.27
CA PHE F 167 -21.44 -15.40 -27.97
C PHE F 167 -21.35 -14.49 -29.16
N ASP F 168 -20.15 -14.41 -29.73
CA ASP F 168 -19.90 -13.66 -30.92
C ASP F 168 -20.26 -14.46 -32.18
N LYS F 169 -20.67 -13.75 -33.23
CA LYS F 169 -20.97 -14.35 -34.50
C LYS F 169 -20.11 -13.79 -35.64
N LEU F 170 -19.62 -14.68 -36.50
CA LEU F 170 -18.83 -14.32 -37.64
C LEU F 170 -19.64 -14.39 -38.88
N TYR F 171 -19.78 -13.24 -39.55
CA TYR F 171 -20.51 -13.19 -40.81
C TYR F 171 -19.55 -13.03 -41.96
N VAL F 172 -19.65 -13.92 -42.97
CA VAL F 172 -18.76 -13.88 -44.13
C VAL F 172 -19.59 -13.71 -45.36
N TRP F 173 -19.30 -12.65 -46.12
CA TRP F 173 -20.15 -12.26 -47.20
C TRP F 173 -19.27 -11.69 -48.31
N GLY F 174 -19.88 -11.37 -49.44
CA GLY F 174 -19.16 -11.05 -50.68
C GLY F 174 -19.88 -10.00 -51.52
N VAL F 175 -19.12 -9.52 -52.50
CA VAL F 175 -19.59 -8.56 -53.47
C VAL F 175 -19.15 -9.00 -54.83
N HIS F 176 -20.07 -9.06 -55.79
CA HIS F 176 -19.73 -9.55 -57.09
C HIS F 176 -19.40 -8.44 -58.02
N HIS F 177 -18.26 -8.57 -58.71
CA HIS F 177 -17.79 -7.59 -59.67
C HIS F 177 -17.98 -8.19 -61.05
N PRO F 178 -18.99 -7.74 -61.82
CA PRO F 178 -19.11 -8.33 -63.16
C PRO F 178 -18.04 -7.86 -64.14
N SER F 179 -17.94 -8.62 -65.25
CA SER F 179 -16.94 -8.43 -66.23
C SER F 179 -17.32 -7.28 -67.18
N THR F 180 -18.65 -7.07 -67.42
CA THR F 180 -19.17 -6.03 -68.29
C THR F 180 -20.40 -5.38 -67.70
N ASN F 181 -20.79 -4.26 -68.31
CA ASN F 181 -22.00 -3.56 -67.94
C ASN F 181 -23.25 -4.38 -68.22
N GLN F 182 -23.21 -5.08 -69.35
CA GLN F 182 -24.25 -6.00 -69.78
C GLN F 182 -24.54 -6.94 -68.63
N GLU F 183 -23.49 -7.61 -68.17
CA GLU F 183 -23.62 -8.60 -67.07
C GLU F 183 -24.23 -7.96 -65.82
N GLN F 184 -23.67 -6.81 -65.40
CA GLN F 184 -24.19 -6.06 -64.28
C GLN F 184 -25.71 -5.92 -64.30
N THR F 185 -26.24 -5.44 -65.40
CA THR F 185 -27.68 -5.20 -65.50
C THR F 185 -28.52 -6.45 -65.75
N ASN F 186 -28.03 -7.43 -66.49
CA ASN F 186 -28.77 -8.68 -66.57
C ASN F 186 -28.99 -9.29 -65.20
N LEU F 187 -28.01 -9.15 -64.31
CA LEU F 187 -28.03 -9.77 -62.97
C LEU F 187 -28.85 -8.96 -61.96
N TYR F 188 -28.51 -7.68 -61.89
CA TYR F 188 -28.90 -6.82 -60.79
C TYR F 188 -29.74 -5.63 -61.22
N VAL F 189 -29.94 -5.44 -62.54
CA VAL F 189 -30.80 -4.38 -63.04
C VAL F 189 -30.20 -2.96 -62.86
N GLN F 190 -29.78 -2.56 -61.66
CA GLN F 190 -29.03 -1.31 -61.52
C GLN F 190 -27.69 -1.36 -62.28
N ALA F 191 -27.28 -0.23 -62.84
CA ALA F 191 -26.00 -0.08 -63.53
C ALA F 191 -24.83 -0.10 -62.59
N SER F 192 -25.06 0.34 -61.37
CA SER F 192 -24.07 0.11 -60.35
C SER F 192 -24.73 -0.23 -59.06
N GLY F 193 -24.13 -1.24 -58.46
CA GLY F 193 -24.57 -1.82 -57.22
C GLY F 193 -23.93 -1.18 -56.03
N ARG F 194 -24.16 -1.81 -54.90
CA ARG F 194 -23.61 -1.33 -53.65
C ARG F 194 -23.98 -2.31 -52.59
N VAL F 195 -23.05 -2.61 -51.68
CA VAL F 195 -23.32 -3.44 -50.52
C VAL F 195 -22.81 -2.72 -49.26
N THR F 196 -23.73 -2.43 -48.33
CA THR F 196 -23.40 -1.87 -47.07
C THR F 196 -23.83 -2.83 -45.99
N VAL F 197 -22.83 -3.29 -45.26
CA VAL F 197 -23.03 -4.19 -44.14
C VAL F 197 -22.51 -3.52 -42.90
N SER F 198 -23.35 -3.50 -41.89
CA SER F 198 -23.08 -2.68 -40.75
C SER F 198 -23.58 -3.29 -39.46
N THR F 199 -23.03 -2.74 -38.37
CA THR F 199 -23.45 -2.98 -37.01
C THR F 199 -23.54 -1.58 -36.37
N ARG F 200 -23.79 -1.50 -35.09
CA ARG F 200 -23.68 -0.27 -34.35
C ARG F 200 -22.26 0.24 -34.29
N ARG F 201 -21.29 -0.67 -34.34
CA ARG F 201 -19.90 -0.28 -34.15
C ARG F 201 -19.05 -0.34 -35.44
N SER F 202 -19.65 -0.62 -36.59
CA SER F 202 -18.86 -0.78 -37.78
C SER F 202 -19.73 -0.63 -39.02
N GLN F 203 -19.13 -0.23 -40.12
CA GLN F 203 -19.85 -0.15 -41.38
C GLN F 203 -18.86 -0.44 -42.50
N GLN F 204 -19.26 -1.25 -43.47
CA GLN F 204 -18.42 -1.46 -44.63
C GLN F 204 -19.30 -1.28 -45.85
N THR F 205 -18.89 -0.43 -46.78
CA THR F 205 -19.65 -0.17 -47.99
C THR F 205 -18.75 -0.44 -49.18
N ILE F 206 -19.13 -1.39 -50.02
CA ILE F 206 -18.33 -1.79 -51.16
C ILE F 206 -19.09 -1.44 -52.44
N ILE F 207 -18.41 -0.78 -53.36
CA ILE F 207 -18.93 -0.52 -54.65
C ILE F 207 -18.25 -1.49 -55.59
N PRO F 208 -19.05 -2.32 -56.33
CA PRO F 208 -18.47 -3.22 -57.34
C PRO F 208 -17.75 -2.42 -58.44
N ASN F 209 -16.68 -2.97 -58.99
CA ASN F 209 -15.97 -2.34 -60.07
C ASN F 209 -16.08 -3.27 -61.27
N ILE F 210 -16.84 -2.84 -62.27
CA ILE F 210 -17.13 -3.67 -63.40
C ILE F 210 -15.92 -3.78 -64.30
N GLY F 211 -15.71 -4.95 -64.88
CA GLY F 211 -14.63 -5.07 -65.83
C GLY F 211 -13.98 -6.41 -65.84
N SER F 212 -13.23 -6.67 -66.90
CA SER F 212 -12.58 -7.94 -67.04
C SER F 212 -11.32 -8.03 -66.15
N ARG F 213 -11.22 -9.18 -65.49
CA ARG F 213 -9.99 -9.70 -64.93
C ARG F 213 -9.63 -10.98 -65.68
N PRO F 214 -8.42 -11.51 -65.50
CA PRO F 214 -8.01 -12.77 -66.18
C PRO F 214 -8.94 -13.93 -65.96
N LEU F 215 -9.29 -14.62 -67.03
CA LEU F 215 -10.15 -15.80 -66.96
C LEU F 215 -9.62 -16.81 -65.95
N VAL F 216 -10.47 -17.11 -64.95
CA VAL F 216 -10.28 -18.22 -64.02
C VAL F 216 -11.52 -19.14 -64.19
N ARG F 217 -11.29 -20.42 -64.46
CA ARG F 217 -12.38 -21.40 -64.71
C ARG F 217 -13.55 -20.85 -65.52
N GLY F 218 -13.19 -20.18 -66.62
CA GLY F 218 -14.16 -19.66 -67.58
C GLY F 218 -14.77 -18.31 -67.22
N GLN F 219 -14.27 -17.64 -66.17
CA GLN F 219 -14.91 -16.39 -65.70
C GLN F 219 -13.95 -15.25 -65.52
N SER F 220 -14.40 -14.10 -65.95
CA SER F 220 -13.56 -12.93 -65.94
C SER F 220 -13.97 -11.96 -64.79
N GLY F 221 -15.12 -12.18 -64.18
CA GLY F 221 -15.54 -11.47 -62.99
C GLY F 221 -14.85 -12.01 -61.76
N ARG F 222 -15.14 -11.38 -60.62
CA ARG F 222 -14.61 -11.82 -59.36
C ARG F 222 -15.58 -11.51 -58.24
N ILE F 223 -15.46 -12.24 -57.15
CA ILE F 223 -16.18 -11.89 -55.93
C ILE F 223 -15.17 -11.53 -54.87
N SER F 224 -15.47 -10.49 -54.11
CA SER F 224 -14.59 -10.07 -53.04
C SER F 224 -15.24 -10.43 -51.71
N ILE F 225 -14.44 -11.00 -50.83
CA ILE F 225 -14.94 -11.57 -49.60
C ILE F 225 -14.57 -10.64 -48.42
N TYR F 226 -15.57 -10.35 -47.57
CA TYR F 226 -15.44 -9.52 -46.41
C TYR F 226 -16.06 -10.23 -45.24
N TRP F 227 -15.75 -9.75 -44.03
CA TRP F 227 -16.23 -10.37 -42.78
C TRP F 227 -16.65 -9.27 -41.79
N THR F 228 -17.53 -9.63 -40.86
CA THR F 228 -18.08 -8.72 -39.86
C THR F 228 -18.41 -9.59 -38.64
N ILE F 229 -18.01 -9.13 -37.47
CA ILE F 229 -18.23 -9.84 -36.22
C ILE F 229 -19.33 -9.09 -35.49
N VAL F 230 -20.36 -9.82 -35.05
CA VAL F 230 -21.46 -9.19 -34.33
C VAL F 230 -21.49 -9.68 -32.90
N LYS F 231 -21.34 -8.76 -31.97
CA LYS F 231 -21.23 -9.14 -30.57
C LYS F 231 -22.62 -9.26 -29.99
N PRO F 232 -22.74 -9.84 -28.81
CA PRO F 232 -24.05 -9.90 -28.21
C PRO F 232 -24.66 -8.53 -27.93
N GLY F 233 -25.95 -8.38 -28.25
CA GLY F 233 -26.65 -7.11 -28.15
C GLY F 233 -26.56 -6.25 -29.39
N ASP F 234 -25.63 -6.59 -30.28
CA ASP F 234 -25.46 -5.78 -31.50
C ASP F 234 -26.33 -6.40 -32.60
N ILE F 235 -26.36 -5.72 -33.75
CA ILE F 235 -27.34 -5.98 -34.82
C ILE F 235 -26.66 -5.94 -36.19
N LEU F 236 -26.80 -7.00 -37.02
CA LEU F 236 -26.26 -6.94 -38.39
C LEU F 236 -27.35 -6.34 -39.27
N MET F 237 -26.96 -5.39 -40.13
CA MET F 237 -27.83 -4.94 -41.22
C MET F 237 -27.11 -5.17 -42.50
N ILE F 238 -27.87 -5.51 -43.53
CA ILE F 238 -27.31 -5.63 -44.88
C ILE F 238 -28.22 -4.87 -45.82
N ASN F 239 -27.61 -3.95 -46.58
CA ASN F 239 -28.35 -3.02 -47.43
C ASN F 239 -27.69 -2.96 -48.81
N SER F 240 -28.46 -3.17 -49.86
CA SER F 240 -27.90 -3.41 -51.17
C SER F 240 -28.91 -3.25 -52.26
N ASN F 241 -28.49 -2.66 -53.35
CA ASN F 241 -29.36 -2.59 -54.51
C ASN F 241 -28.70 -3.24 -55.71
N GLY F 242 -27.75 -4.11 -55.42
CA GLY F 242 -27.13 -4.95 -56.43
C GLY F 242 -25.79 -5.47 -55.98
N ASN F 243 -25.46 -6.68 -56.45
CA ASN F 243 -24.10 -7.21 -56.41
C ASN F 243 -23.76 -7.87 -55.09
N LEU F 244 -24.75 -7.98 -54.20
CA LEU F 244 -24.57 -8.66 -52.91
C LEU F 244 -24.57 -10.18 -53.08
N VAL F 245 -23.52 -10.80 -52.53
CA VAL F 245 -23.37 -12.21 -52.35
C VAL F 245 -23.53 -12.49 -50.87
N ALA F 246 -24.73 -12.79 -50.44
CA ALA F 246 -25.06 -12.66 -49.03
C ALA F 246 -24.68 -13.87 -48.19
N PRO F 247 -24.56 -13.65 -46.88
CA PRO F 247 -24.33 -14.78 -46.01
C PRO F 247 -25.63 -15.49 -45.77
N ARG F 248 -25.53 -16.75 -45.41
CA ARG F 248 -26.73 -17.56 -45.20
C ARG F 248 -27.06 -17.71 -43.74
N GLY F 249 -26.22 -17.08 -42.90
CA GLY F 249 -26.09 -17.37 -41.48
C GLY F 249 -24.71 -16.91 -41.01
N TYR F 250 -24.20 -17.50 -39.93
CA TYR F 250 -22.92 -17.14 -39.36
C TYR F 250 -22.11 -18.31 -38.89
N PHE F 251 -20.84 -18.09 -38.63
CA PHE F 251 -20.00 -19.12 -38.07
C PHE F 251 -19.80 -18.83 -36.59
N LYS F 252 -19.90 -19.86 -35.74
CA LYS F 252 -19.76 -19.72 -34.30
C LYS F 252 -18.29 -19.39 -34.03
N MET F 253 -18.02 -18.47 -33.11
CA MET F 253 -16.61 -18.16 -32.82
C MET F 253 -16.23 -18.67 -31.49
N ARG F 254 -15.01 -19.12 -31.37
CA ARG F 254 -14.51 -19.62 -30.10
C ARG F 254 -13.12 -19.10 -29.89
N THR F 255 -12.71 -19.18 -28.63
CA THR F 255 -11.37 -18.93 -28.23
C THR F 255 -10.82 -20.28 -27.84
N GLY F 256 -9.50 -20.39 -27.83
CA GLY F 256 -8.84 -21.58 -27.36
C GLY F 256 -7.56 -21.84 -28.12
N LYS F 257 -7.20 -23.11 -28.19
CA LYS F 257 -5.86 -23.52 -28.56
C LYS F 257 -5.70 -23.91 -30.04
N SER F 258 -6.64 -23.57 -30.90
CA SER F 258 -6.58 -24.01 -32.27
C SER F 258 -5.61 -23.24 -33.15
N SER F 259 -5.15 -23.87 -34.23
CA SER F 259 -4.37 -23.15 -35.19
C SER F 259 -4.45 -23.81 -36.55
N ILE F 260 -3.61 -23.32 -37.47
CA ILE F 260 -3.51 -23.92 -38.78
C ILE F 260 -2.02 -24.09 -39.12
N MET F 261 -1.68 -25.13 -39.85
CA MET F 261 -0.31 -25.38 -40.21
C MET F 261 -0.25 -25.82 -41.65
N ARG F 262 0.77 -25.33 -42.36
CA ARG F 262 1.06 -25.75 -43.72
C ARG F 262 2.06 -26.90 -43.69
N SER F 263 1.65 -28.08 -44.18
CA SER F 263 2.51 -29.25 -44.24
C SER F 263 2.03 -30.32 -45.23
N ASN F 264 2.98 -31.02 -45.81
CA ASN F 264 2.68 -32.20 -46.63
C ASN F 264 2.99 -33.52 -45.93
N ALA F 265 3.17 -33.48 -44.61
CA ALA F 265 3.45 -34.70 -43.87
C ALA F 265 2.19 -35.53 -43.70
N PRO F 266 2.30 -36.84 -43.87
CA PRO F 266 1.14 -37.70 -43.63
C PRO F 266 0.71 -37.68 -42.17
N ILE F 267 -0.57 -37.92 -41.91
CA ILE F 267 -1.11 -38.01 -40.57
C ILE F 267 -1.26 -39.49 -40.30
N ASP F 268 -1.05 -39.91 -39.05
CA ASP F 268 -1.06 -41.30 -38.74
C ASP F 268 -1.19 -41.51 -37.29
N THR F 269 -1.38 -42.77 -36.88
CA THR F 269 -1.70 -43.05 -35.50
C THR F 269 -0.42 -43.21 -34.71
N CYS F 270 -0.32 -42.31 -33.76
CA CYS F 270 0.70 -42.26 -32.72
C CYS F 270 0.26 -41.11 -31.79
N ILE F 271 1.11 -40.88 -30.78
CA ILE F 271 0.94 -39.86 -29.82
C ILE F 271 2.19 -38.95 -29.80
N SER F 272 1.97 -37.66 -30.08
CA SER F 272 3.02 -36.64 -29.91
C SER F 272 2.39 -35.30 -29.53
N GLU F 273 2.92 -34.66 -28.51
CA GLU F 273 2.38 -33.36 -28.13
C GLU F 273 2.81 -32.30 -29.15
N CYS F 274 3.96 -32.48 -29.79
CA CYS F 274 4.57 -31.40 -30.60
C CYS F 274 4.54 -31.68 -32.08
N ILE F 275 3.99 -30.77 -32.86
CA ILE F 275 3.90 -30.99 -34.31
C ILE F 275 4.73 -29.96 -35.06
N THR F 276 5.50 -30.41 -36.05
CA THR F 276 6.17 -29.54 -37.00
C THR F 276 5.69 -29.81 -38.42
N PRO F 277 5.96 -28.92 -39.37
CA PRO F 277 5.48 -29.31 -40.68
C PRO F 277 6.23 -30.54 -41.27
N ASN F 278 7.37 -30.91 -40.68
CA ASN F 278 8.14 -32.03 -41.11
C ASN F 278 7.55 -33.34 -40.49
N GLY F 279 6.60 -33.22 -39.57
CA GLY F 279 6.11 -34.42 -38.83
C GLY F 279 6.18 -34.07 -37.36
N SER F 280 5.62 -34.92 -36.52
CA SER F 280 5.68 -34.66 -35.09
C SER F 280 7.10 -34.90 -34.62
N ILE F 281 7.44 -34.35 -33.46
CA ILE F 281 8.73 -34.69 -32.86
C ILE F 281 8.56 -34.95 -31.37
N PRO F 282 9.45 -35.78 -30.79
CA PRO F 282 9.43 -35.92 -29.34
C PRO F 282 9.64 -34.57 -28.67
N ASN F 283 9.18 -34.44 -27.43
CA ASN F 283 9.45 -33.24 -26.68
C ASN F 283 10.17 -33.52 -25.37
N ASP F 284 10.97 -34.58 -25.32
CA ASP F 284 11.82 -34.88 -24.15
C ASP F 284 13.01 -33.94 -24.08
N LYS F 285 13.46 -33.46 -25.22
CA LYS F 285 14.58 -32.56 -25.28
C LYS F 285 14.07 -31.11 -25.21
N PRO F 286 14.89 -30.19 -24.69
CA PRO F 286 14.44 -28.84 -24.46
C PRO F 286 14.62 -27.92 -25.67
N PHE F 287 15.48 -28.33 -26.62
CA PHE F 287 15.63 -27.63 -27.91
C PHE F 287 15.45 -28.55 -29.09
N GLN F 288 15.19 -27.90 -30.25
CA GLN F 288 15.06 -28.61 -31.51
C GLN F 288 15.51 -27.79 -32.70
N ASN F 289 15.93 -28.51 -33.75
CA ASN F 289 16.49 -27.91 -34.99
C ASN F 289 15.64 -28.27 -36.20
N VAL F 290 14.48 -28.86 -35.95
CA VAL F 290 13.71 -29.41 -37.05
C VAL F 290 12.99 -28.31 -37.84
N ASN F 291 12.30 -27.39 -37.13
CA ASN F 291 11.57 -26.30 -37.79
C ASN F 291 11.11 -25.28 -36.79
N LYS F 292 11.29 -24.01 -37.12
CA LYS F 292 10.78 -22.90 -36.28
C LYS F 292 9.24 -22.82 -36.20
N ILE F 293 8.59 -23.48 -37.17
CA ILE F 293 7.16 -23.65 -37.20
C ILE F 293 6.80 -24.87 -36.41
N THR F 294 6.13 -24.66 -35.27
CA THR F 294 5.67 -25.72 -34.41
C THR F 294 4.28 -25.46 -33.79
N TYR F 295 3.61 -26.54 -33.38
CA TYR F 295 2.34 -26.49 -32.65
C TYR F 295 2.41 -27.47 -31.48
N GLY F 296 2.02 -27.00 -30.30
CA GLY F 296 1.94 -27.86 -29.13
C GLY F 296 3.12 -27.64 -28.19
N ALA F 297 3.26 -28.54 -27.23
CA ALA F 297 4.32 -28.47 -26.24
C ALA F 297 5.60 -28.98 -26.84
N CYS F 298 6.45 -28.04 -27.23
CA CYS F 298 7.58 -28.37 -28.05
C CYS F 298 8.88 -27.87 -27.47
N PRO F 299 9.98 -28.57 -27.80
CA PRO F 299 11.28 -28.00 -27.61
C PRO F 299 11.38 -26.69 -28.40
N LYS F 300 12.20 -25.78 -27.93
CA LYS F 300 12.30 -24.46 -28.51
C LYS F 300 13.25 -24.55 -29.67
N TYR F 301 12.90 -23.88 -30.76
CA TYR F 301 13.73 -23.90 -31.97
C TYR F 301 14.98 -23.11 -31.76
N VAL F 302 16.12 -23.71 -32.08
CA VAL F 302 17.45 -23.11 -32.04
C VAL F 302 18.22 -23.46 -33.29
N LYS F 303 19.31 -22.76 -33.56
CA LYS F 303 20.02 -22.93 -34.83
C LYS F 303 20.96 -24.14 -34.84
N GLN F 304 21.39 -24.58 -33.67
CA GLN F 304 22.42 -25.61 -33.58
C GLN F 304 21.79 -26.95 -33.87
N SER F 305 22.56 -27.83 -34.54
CA SER F 305 22.09 -29.21 -34.84
C SER F 305 22.31 -30.18 -33.70
N THR F 306 23.29 -29.87 -32.85
CA THR F 306 23.60 -30.70 -31.69
C THR F 306 24.17 -29.83 -30.56
N LEU F 307 23.78 -30.19 -29.34
CA LEU F 307 24.29 -29.64 -28.11
C LEU F 307 24.32 -30.77 -27.06
N LYS F 308 25.53 -31.21 -26.75
CA LYS F 308 25.67 -32.34 -25.87
C LYS F 308 25.90 -31.89 -24.46
N LEU F 309 25.02 -32.36 -23.57
CA LEU F 309 25.05 -32.06 -22.15
C LEU F 309 25.70 -33.22 -21.40
N ALA F 310 26.78 -32.92 -20.67
CA ALA F 310 27.46 -33.90 -19.90
C ALA F 310 26.61 -34.46 -18.79
N THR F 311 26.62 -35.78 -18.69
CA THR F 311 25.93 -36.48 -17.59
C THR F 311 26.91 -37.28 -16.76
N GLY F 312 28.19 -37.00 -16.93
CA GLY F 312 29.22 -37.77 -16.31
C GLY F 312 30.50 -37.01 -16.23
N MET F 313 31.43 -37.58 -15.45
CA MET F 313 32.73 -36.99 -15.22
C MET F 313 33.59 -37.08 -16.44
N ARG F 314 34.70 -36.35 -16.37
CA ARG F 314 35.74 -36.38 -17.36
C ARG F 314 36.21 -37.83 -17.58
N ASN F 315 36.41 -38.23 -18.83
CA ASN F 315 36.82 -39.62 -19.10
C ASN F 315 38.32 -39.72 -19.34
N VAL F 316 39.00 -40.48 -18.47
CA VAL F 316 40.46 -40.69 -18.57
C VAL F 316 40.74 -42.20 -18.59
N PRO F 317 40.84 -42.81 -19.79
CA PRO F 317 41.10 -44.28 -19.93
C PRO F 317 42.55 -44.66 -19.64
N GLY F 323 40.09 -30.30 -13.90
CA GLY F 323 39.08 -29.63 -13.08
C GLY F 323 39.66 -28.66 -12.08
N LEU F 324 38.80 -27.79 -11.53
CA LEU F 324 39.21 -26.84 -10.50
C LEU F 324 39.95 -27.53 -9.35
N PHE F 325 39.62 -28.81 -9.11
CA PHE F 325 40.09 -29.53 -7.94
C PHE F 325 41.37 -30.36 -8.13
N GLY F 326 41.74 -30.70 -9.36
CA GLY F 326 43.04 -31.33 -9.62
C GLY F 326 43.16 -32.83 -9.29
N ALA F 327 42.04 -33.49 -9.05
CA ALA F 327 42.03 -34.97 -8.77
C ALA F 327 41.84 -35.74 -10.05
N ILE F 328 40.67 -35.54 -10.69
CA ILE F 328 40.35 -36.27 -11.92
C ILE F 328 41.18 -35.66 -13.04
N ALA F 329 41.80 -36.51 -13.86
CA ALA F 329 42.76 -36.09 -14.87
C ALA F 329 43.77 -35.14 -14.27
N GLY F 330 44.20 -35.46 -13.05
CA GLY F 330 45.10 -34.66 -12.26
C GLY F 330 45.91 -35.65 -11.44
N PHE F 331 45.90 -35.54 -10.10
CA PHE F 331 46.72 -36.46 -9.30
C PHE F 331 46.27 -37.93 -9.32
N ILE F 332 45.02 -38.19 -9.69
CA ILE F 332 44.64 -39.53 -10.11
C ILE F 332 44.90 -39.56 -11.59
N GLU F 333 45.92 -40.33 -11.99
CA GLU F 333 46.43 -40.29 -13.40
C GLU F 333 45.37 -40.57 -14.45
N ASN F 334 44.23 -41.13 -14.08
CA ASN F 334 43.73 -42.20 -14.85
C ASN F 334 42.51 -42.89 -14.20
N GLY F 335 41.43 -43.11 -14.93
CA GLY F 335 40.27 -43.82 -14.39
C GLY F 335 40.35 -45.34 -14.52
N TRP F 336 39.39 -46.04 -13.94
CA TRP F 336 39.37 -47.49 -13.95
C TRP F 336 38.22 -48.05 -14.76
N GLU F 337 38.53 -48.61 -15.94
CA GLU F 337 37.46 -49.16 -16.80
C GLU F 337 36.77 -50.37 -16.19
N GLY F 338 37.50 -51.10 -15.36
CA GLY F 338 36.97 -52.27 -14.69
C GLY F 338 36.04 -52.00 -13.52
N MET F 339 35.84 -50.73 -13.16
CA MET F 339 34.96 -50.38 -12.04
C MET F 339 33.55 -50.08 -12.54
N ILE F 340 32.67 -51.06 -12.37
CA ILE F 340 31.39 -51.01 -13.08
C ILE F 340 30.18 -50.72 -12.20
N ASP F 341 30.34 -50.76 -10.88
CA ASP F 341 29.18 -50.66 -10.00
C ASP F 341 29.19 -49.41 -9.10
N GLY F 342 30.03 -48.43 -9.47
CA GLY F 342 30.01 -47.09 -8.93
C GLY F 342 30.91 -46.16 -9.72
N TRP F 343 30.87 -44.89 -9.39
CA TRP F 343 31.63 -43.87 -10.11
C TRP F 343 32.99 -43.63 -9.47
N TYR F 344 33.04 -43.80 -8.15
CA TYR F 344 34.25 -43.67 -7.37
C TYR F 344 34.42 -44.85 -6.47
N GLY F 345 35.65 -45.20 -6.16
CA GLY F 345 35.88 -46.30 -5.23
C GLY F 345 37.30 -46.53 -4.82
N PHE F 346 37.55 -47.74 -4.31
CA PHE F 346 38.80 -48.10 -3.66
C PHE F 346 39.43 -49.37 -4.24
N ARG F 347 40.74 -49.32 -4.46
CA ARG F 347 41.53 -50.54 -4.66
C ARG F 347 42.54 -50.67 -3.53
N HIS F 348 42.90 -51.90 -3.23
CA HIS F 348 43.94 -52.14 -2.26
C HIS F 348 44.79 -53.33 -2.58
N LYS F 349 45.92 -53.40 -1.87
CA LYS F 349 46.84 -54.53 -1.87
C LYS F 349 47.30 -54.70 -0.41
N ASN F 350 47.05 -55.88 0.17
CA ASN F 350 47.50 -56.18 1.54
C ASN F 350 48.04 -57.63 1.60
N SER F 351 48.24 -58.18 2.78
CA SER F 351 48.66 -59.57 2.91
C SER F 351 47.77 -60.64 2.27
N GLU F 352 46.44 -60.46 2.35
CA GLU F 352 45.45 -61.38 1.75
C GLU F 352 45.31 -61.24 0.23
N GLY F 353 46.05 -60.29 -0.35
CA GLY F 353 46.02 -60.01 -1.80
C GLY F 353 45.44 -58.63 -2.14
N THR F 354 44.97 -58.49 -3.37
CA THR F 354 44.35 -57.29 -3.88
C THR F 354 42.84 -57.33 -3.75
N GLY F 355 42.20 -56.18 -4.02
CA GLY F 355 40.76 -56.11 -4.32
C GLY F 355 40.25 -54.74 -4.74
N GLN F 356 38.93 -54.61 -4.91
CA GLN F 356 38.32 -53.36 -5.37
C GLN F 356 36.87 -53.23 -4.85
N ALA F 357 36.43 -52.02 -4.53
CA ALA F 357 35.06 -51.83 -4.08
C ALA F 357 34.57 -50.41 -4.38
N ALA F 358 33.31 -50.29 -4.77
CA ALA F 358 32.76 -49.00 -5.09
C ALA F 358 32.46 -48.23 -3.81
N ASP F 359 32.61 -46.90 -3.88
CA ASP F 359 32.06 -46.03 -2.84
C ASP F 359 30.68 -45.50 -3.25
N LEU F 360 29.67 -45.83 -2.46
CA LEU F 360 28.30 -45.56 -2.82
C LEU F 360 27.88 -44.12 -2.51
N LYS F 361 28.25 -43.62 -1.33
CA LYS F 361 27.87 -42.24 -0.91
C LYS F 361 28.30 -41.20 -1.91
N SER F 362 29.57 -41.28 -2.27
CA SER F 362 30.16 -40.29 -3.16
C SER F 362 29.65 -40.44 -4.60
N THR F 363 29.39 -41.69 -5.00
CA THR F 363 28.83 -41.98 -6.33
C THR F 363 27.43 -41.39 -6.44
N GLN F 364 26.61 -41.62 -5.43
CA GLN F 364 25.25 -41.08 -5.34
C GLN F 364 25.22 -39.55 -5.36
N ALA F 365 26.14 -38.92 -4.63
CA ALA F 365 26.14 -37.45 -4.55
C ALA F 365 26.40 -36.84 -5.89
N ALA F 366 27.35 -37.39 -6.63
CA ALA F 366 27.60 -36.94 -8.01
C ALA F 366 26.38 -37.13 -8.89
N ILE F 367 25.86 -38.36 -8.88
CA ILE F 367 24.69 -38.72 -9.66
C ILE F 367 23.51 -37.82 -9.33
N ASP F 368 23.19 -37.72 -8.05
CA ASP F 368 22.09 -36.88 -7.62
C ASP F 368 22.20 -35.48 -8.16
N GLN F 369 23.38 -34.87 -8.02
CA GLN F 369 23.49 -33.48 -8.44
C GLN F 369 23.31 -33.32 -9.93
N ILE F 370 23.78 -34.27 -10.70
CA ILE F 370 23.60 -34.21 -12.14
C ILE F 370 22.17 -34.48 -12.53
N ASN F 371 21.51 -35.42 -11.83
CA ASN F 371 20.09 -35.62 -12.03
C ASN F 371 19.30 -34.36 -11.79
N GLY F 372 19.74 -33.60 -10.80
CA GLY F 372 19.06 -32.35 -10.45
C GLY F 372 19.13 -31.31 -11.54
N LYS F 373 20.31 -31.11 -12.11
CA LYS F 373 20.42 -30.17 -13.23
C LYS F 373 19.80 -30.74 -14.50
N LEU F 374 19.82 -32.05 -14.63
CA LEU F 374 19.04 -32.69 -15.70
C LEU F 374 17.56 -32.38 -15.60
N ASN F 375 16.99 -32.46 -14.41
CA ASN F 375 15.58 -32.16 -14.26
C ASN F 375 15.30 -30.70 -14.52
N ARG F 376 16.16 -29.80 -14.08
CA ARG F 376 15.97 -28.39 -14.42
C ARG F 376 15.93 -28.19 -15.92
N VAL F 377 16.90 -28.77 -16.59
CA VAL F 377 17.10 -28.56 -18.03
C VAL F 377 16.02 -29.17 -18.90
N ILE F 378 15.66 -30.43 -18.65
CA ILE F 378 14.73 -31.14 -19.54
C ILE F 378 13.27 -30.96 -19.15
N GLU F 379 13.03 -30.28 -18.03
CA GLU F 379 11.66 -29.92 -17.60
C GLU F 379 10.97 -29.15 -18.73
N LYS F 380 10.09 -29.85 -19.47
CA LYS F 380 9.28 -29.29 -20.58
C LYS F 380 8.41 -28.10 -20.10
N THR F 381 8.67 -26.90 -20.61
CA THR F 381 8.00 -25.71 -20.10
C THR F 381 7.44 -24.80 -21.22
N ASN F 382 7.46 -25.26 -22.46
CA ASN F 382 7.12 -24.41 -23.59
C ASN F 382 5.94 -24.97 -24.40
N GLU F 383 4.74 -24.43 -24.18
CA GLU F 383 3.54 -24.91 -24.91
C GLU F 383 2.89 -23.76 -25.63
N LYS F 384 2.94 -23.81 -26.97
CA LYS F 384 2.38 -22.75 -27.79
C LYS F 384 1.49 -23.36 -28.85
N PHE F 385 0.50 -22.59 -29.23
CA PHE F 385 -0.49 -22.97 -30.19
C PHE F 385 -0.49 -22.03 -31.38
N HIS F 386 -1.50 -21.15 -31.47
CA HIS F 386 -1.54 -20.17 -32.56
C HIS F 386 -0.50 -19.07 -32.36
N GLN F 387 0.30 -18.85 -33.39
CA GLN F 387 1.38 -17.90 -33.30
C GLN F 387 1.32 -16.98 -34.50
N ILE F 388 2.47 -16.69 -35.09
CA ILE F 388 2.53 -15.90 -36.28
C ILE F 388 3.05 -16.75 -37.39
N GLU F 389 2.74 -16.35 -38.62
CA GLU F 389 3.21 -17.12 -39.76
C GLU F 389 4.73 -16.90 -39.83
N LYS F 390 5.43 -17.92 -40.33
CA LYS F 390 6.90 -17.86 -40.38
C LYS F 390 7.51 -18.12 -41.74
N GLU F 391 6.69 -18.43 -42.74
CA GLU F 391 7.13 -18.58 -44.14
C GLU F 391 6.05 -17.89 -45.01
N PHE F 392 6.41 -17.37 -46.16
CA PHE F 392 5.53 -16.49 -46.93
C PHE F 392 5.67 -16.74 -48.40
N LEU F 393 4.57 -16.62 -49.12
CA LEU F 393 4.58 -16.96 -50.52
C LEU F 393 4.61 -15.75 -51.43
N GLU F 394 4.31 -14.57 -50.87
CA GLU F 394 4.37 -13.33 -51.60
C GLU F 394 5.31 -12.41 -50.89
N VAL F 395 5.83 -11.49 -51.67
CA VAL F 395 6.49 -10.36 -51.14
C VAL F 395 5.43 -9.37 -50.65
N GLU F 396 5.73 -8.70 -49.53
CA GLU F 396 4.78 -7.79 -48.91
C GLU F 396 5.34 -6.50 -48.31
N GLY F 397 6.57 -6.55 -47.85
CA GLY F 397 7.17 -5.37 -47.32
C GLY F 397 7.06 -5.31 -45.82
N ARG F 398 6.65 -4.14 -45.32
CA ARG F 398 6.83 -3.75 -43.92
C ARG F 398 6.45 -4.77 -42.90
N ILE F 399 5.28 -5.35 -43.09
CA ILE F 399 4.69 -6.27 -42.09
C ILE F 399 5.42 -7.58 -42.07
N GLN F 400 5.65 -8.13 -43.25
CA GLN F 400 6.42 -9.39 -43.36
C GLN F 400 7.88 -9.20 -42.88
N ASP F 401 8.47 -8.04 -43.16
CA ASP F 401 9.82 -7.75 -42.68
C ASP F 401 9.84 -7.88 -41.16
N LEU F 402 8.83 -7.33 -40.53
CA LEU F 402 8.77 -7.28 -39.07
C LEU F 402 8.53 -8.65 -38.52
N GLU F 403 7.61 -9.38 -39.13
CA GLU F 403 7.35 -10.76 -38.73
C GLU F 403 8.62 -11.63 -38.80
N LYS F 404 9.40 -11.49 -39.87
CA LYS F 404 10.61 -12.28 -39.98
C LYS F 404 11.59 -11.88 -38.96
N TYR F 405 11.68 -10.58 -38.71
CA TYR F 405 12.64 -10.01 -37.74
C TYR F 405 12.35 -10.45 -36.31
N VAL F 406 11.09 -10.47 -35.98
CA VAL F 406 10.66 -10.97 -34.68
C VAL F 406 11.08 -12.43 -34.48
N GLU F 407 10.83 -13.30 -35.45
CA GLU F 407 11.17 -14.73 -35.24
C GLU F 407 12.68 -14.89 -35.26
N ASP F 408 13.36 -14.17 -36.14
CA ASP F 408 14.81 -14.29 -36.22
C ASP F 408 15.47 -13.79 -34.97
N THR F 409 14.98 -12.69 -34.44
CA THR F 409 15.45 -12.23 -33.14
C THR F 409 15.30 -13.29 -32.06
N LYS F 410 14.13 -13.87 -31.97
CA LYS F 410 13.83 -14.84 -30.97
C LYS F 410 14.75 -16.06 -31.05
N ILE F 411 14.98 -16.54 -32.27
CA ILE F 411 15.80 -17.71 -32.46
C ILE F 411 17.25 -17.46 -31.99
N ASP F 412 17.79 -16.30 -32.34
CA ASP F 412 19.18 -16.02 -31.96
C ASP F 412 19.29 -15.88 -30.45
N LEU F 413 18.29 -15.29 -29.80
CA LEU F 413 18.34 -15.27 -28.36
C LEU F 413 18.26 -16.62 -27.75
N TRP F 414 17.31 -17.45 -28.19
CA TRP F 414 17.27 -18.83 -27.64
C TRP F 414 18.53 -19.62 -28.00
N SER F 415 19.06 -19.45 -29.19
CA SER F 415 20.22 -20.26 -29.56
C SER F 415 21.37 -19.85 -28.66
N TYR F 416 21.43 -18.58 -28.26
CA TYR F 416 22.46 -18.10 -27.35
C TYR F 416 22.30 -18.76 -25.97
N ASN F 417 21.09 -18.71 -25.45
CA ASN F 417 20.81 -19.31 -24.15
C ASN F 417 21.15 -20.78 -24.19
N ALA F 418 20.82 -21.49 -25.28
CA ALA F 418 21.18 -22.89 -25.37
C ALA F 418 22.69 -23.14 -25.39
N GLU F 419 23.43 -22.31 -26.11
CA GLU F 419 24.90 -22.44 -26.22
C GLU F 419 25.53 -22.19 -24.87
N LEU F 420 25.13 -21.12 -24.22
CA LEU F 420 25.69 -20.80 -22.89
C LEU F 420 25.38 -21.86 -21.84
N LEU F 421 24.15 -22.32 -21.88
CA LEU F 421 23.67 -23.28 -20.89
C LEU F 421 24.51 -24.55 -20.88
N VAL F 422 24.81 -25.08 -22.04
CA VAL F 422 25.52 -26.35 -22.12
C VAL F 422 26.99 -26.12 -21.76
N ALA F 423 27.53 -25.00 -22.20
CA ALA F 423 28.92 -24.72 -21.89
C ALA F 423 29.05 -24.53 -20.38
N LEU F 424 28.11 -23.81 -19.74
CA LEU F 424 28.12 -23.66 -18.28
C LEU F 424 27.93 -24.96 -17.56
N GLU F 425 26.86 -25.66 -17.91
CA GLU F 425 26.52 -26.84 -17.11
C GLU F 425 27.68 -27.84 -17.29
N ASN F 426 28.25 -27.90 -18.48
CA ASN F 426 29.32 -28.82 -18.66
C ASN F 426 30.56 -28.57 -17.85
N GLN F 427 30.98 -27.31 -17.81
CA GLN F 427 32.14 -26.91 -17.00
C GLN F 427 31.86 -27.30 -15.57
N HIS F 428 30.65 -27.00 -15.13
CA HIS F 428 30.24 -27.25 -13.78
C HIS F 428 30.17 -28.76 -13.41
N THR F 429 29.75 -29.61 -14.36
CA THR F 429 29.64 -31.06 -14.14
C THR F 429 30.99 -31.70 -13.96
N ILE F 430 31.87 -31.36 -14.86
CA ILE F 430 33.24 -31.82 -14.74
C ILE F 430 33.81 -31.39 -13.38
N ASP F 431 33.60 -30.14 -12.98
CA ASP F 431 34.15 -29.64 -11.69
C ASP F 431 33.56 -30.27 -10.48
N LEU F 432 32.24 -30.42 -10.46
CA LEU F 432 31.59 -31.07 -9.32
C LEU F 432 32.01 -32.55 -9.27
N THR F 433 32.22 -33.20 -10.40
CA THR F 433 32.69 -34.63 -10.34
C THR F 433 34.13 -34.75 -9.85
N ASP F 434 34.98 -33.83 -10.29
CA ASP F 434 36.32 -33.67 -9.72
C ASP F 434 36.26 -33.45 -8.21
N SER F 435 35.39 -32.55 -7.76
CA SER F 435 35.21 -32.23 -6.36
C SER F 435 34.86 -33.43 -5.54
N GLU F 436 33.89 -34.22 -6.02
CA GLU F 436 33.43 -35.38 -5.24
C GLU F 436 34.57 -36.37 -5.06
N MET F 437 35.43 -36.51 -6.08
CA MET F 437 36.59 -37.38 -6.01
C MET F 437 37.47 -36.89 -4.91
N ASN F 438 37.83 -35.61 -5.03
CA ASN F 438 38.69 -35.01 -4.06
C ASN F 438 38.10 -35.13 -2.65
N LYS F 439 36.81 -34.89 -2.49
CA LYS F 439 36.20 -34.99 -1.18
C LYS F 439 36.33 -36.37 -0.60
N LEU F 440 36.27 -37.40 -1.43
CA LEU F 440 36.45 -38.74 -0.93
C LEU F 440 37.87 -39.01 -0.47
N PHE F 441 38.80 -38.60 -1.29
CA PHE F 441 40.22 -38.65 -0.95
C PHE F 441 40.46 -37.99 0.39
N GLU F 442 39.87 -36.82 0.59
CA GLU F 442 40.13 -36.08 1.82
C GLU F 442 39.51 -36.74 3.00
N LYS F 443 38.34 -37.33 2.77
CA LYS F 443 37.63 -38.05 3.81
C LYS F 443 38.52 -39.19 4.28
N THR F 444 39.14 -39.86 3.31
CA THR F 444 39.97 -41.01 3.57
C THR F 444 41.23 -40.63 4.31
N ARG F 445 41.91 -39.61 3.78
CA ARG F 445 43.07 -39.05 4.43
C ARG F 445 42.77 -38.79 5.92
N ARG F 446 41.62 -38.16 6.16
CA ARG F 446 41.28 -37.71 7.48
C ARG F 446 41.10 -38.88 8.41
N GLN F 447 40.56 -40.00 7.94
CA GLN F 447 40.39 -41.13 8.84
C GLN F 447 41.73 -41.76 9.20
N LEU F 448 42.67 -41.76 8.25
CA LEU F 448 43.95 -42.43 8.45
C LEU F 448 44.84 -41.71 9.47
N ARG F 449 44.55 -40.46 9.76
CA ARG F 449 45.34 -39.69 10.69
C ARG F 449 46.82 -39.84 10.38
N GLU F 450 47.62 -40.25 11.39
CA GLU F 450 49.06 -40.41 11.25
C GLU F 450 49.48 -41.80 10.81
N ASN F 451 48.54 -42.64 10.37
CA ASN F 451 48.86 -44.06 10.08
C ASN F 451 49.15 -44.29 8.63
N ALA F 452 49.05 -43.24 7.81
CA ALA F 452 49.36 -43.33 6.39
C ALA F 452 49.96 -42.03 5.85
N GLU F 453 50.54 -42.16 4.64
CA GLU F 453 51.14 -41.05 3.91
C GLU F 453 50.61 -41.05 2.48
N ASP F 454 50.41 -39.85 1.93
CA ASP F 454 49.89 -39.71 0.57
C ASP F 454 50.99 -39.99 -0.42
N MET F 455 50.81 -40.99 -1.28
CA MET F 455 51.88 -41.33 -2.22
C MET F 455 51.92 -40.38 -3.41
N GLY F 456 50.95 -39.46 -3.53
CA GLY F 456 50.95 -38.42 -4.59
C GLY F 456 50.09 -38.72 -5.81
N ASN F 457 49.53 -39.91 -5.86
CA ASN F 457 48.86 -40.42 -7.03
C ASN F 457 47.50 -41.00 -6.72
N GLY F 458 46.88 -40.53 -5.64
CA GLY F 458 45.55 -41.01 -5.25
C GLY F 458 45.60 -42.17 -4.28
N CYS F 459 46.80 -42.68 -4.01
CA CYS F 459 46.95 -43.82 -3.08
C CYS F 459 47.61 -43.42 -1.82
N PHE F 460 47.27 -44.16 -0.78
CA PHE F 460 47.90 -44.05 0.52
C PHE F 460 48.76 -45.24 0.85
N LYS F 461 49.95 -44.98 1.39
CA LYS F 461 50.72 -46.05 1.97
C LYS F 461 50.32 -46.06 3.42
N ILE F 462 49.76 -47.22 3.80
CA ILE F 462 49.26 -47.46 5.13
C ILE F 462 50.38 -48.15 5.87
N TYR F 463 50.91 -47.51 6.90
CA TYR F 463 52.14 -48.02 7.51
C TYR F 463 51.89 -49.12 8.60
N HIS F 464 51.00 -50.05 8.34
CA HIS F 464 50.69 -51.13 9.30
C HIS F 464 50.00 -52.30 8.65
N LYS F 465 50.06 -53.46 9.29
CA LYS F 465 49.35 -54.64 8.80
C LYS F 465 47.89 -54.22 8.67
N CYS F 466 47.31 -54.28 7.47
CA CYS F 466 45.90 -53.88 7.30
C CYS F 466 45.15 -54.93 6.48
N ASP F 467 44.55 -55.89 7.19
CA ASP F 467 43.87 -57.04 6.55
C ASP F 467 42.53 -56.59 5.92
N ASN F 468 41.81 -57.50 5.30
CA ASN F 468 40.59 -57.12 4.59
C ASN F 468 39.58 -56.44 5.50
N ALA F 469 39.41 -56.95 6.71
CA ALA F 469 38.50 -56.31 7.69
C ALA F 469 38.94 -54.86 8.03
N CYS F 470 40.25 -54.69 8.25
CA CYS F 470 40.84 -53.38 8.47
C CYS F 470 40.53 -52.45 7.28
N ILE F 471 40.75 -52.95 6.07
CA ILE F 471 40.47 -52.19 4.88
C ILE F 471 38.99 -51.80 4.81
N GLU F 472 38.10 -52.77 5.04
CA GLU F 472 36.67 -52.49 5.00
C GLU F 472 36.34 -51.42 6.05
N SER F 473 37.02 -51.42 7.19
CA SER F 473 36.73 -50.39 8.22
C SER F 473 37.01 -48.99 7.71
N ILE F 474 37.97 -48.88 6.79
CA ILE F 474 38.25 -47.58 6.18
C ILE F 474 37.16 -47.23 5.18
N ARG F 475 36.84 -48.17 4.31
CA ARG F 475 35.79 -47.95 3.31
C ARG F 475 34.44 -47.66 3.91
N ASN F 476 34.09 -48.23 5.05
CA ASN F 476 32.78 -47.91 5.65
C ASN F 476 32.84 -46.84 6.72
N GLY F 477 34.01 -46.25 6.92
CA GLY F 477 34.15 -45.09 7.82
C GLY F 477 34.21 -45.37 9.31
N THR F 478 34.61 -46.59 9.67
CA THR F 478 34.74 -46.99 11.07
C THR F 478 36.16 -47.33 11.52
N TYR F 479 37.14 -47.16 10.64
CA TYR F 479 38.55 -47.39 10.98
C TYR F 479 38.87 -46.58 12.21
N ASP F 480 39.53 -47.25 13.16
CA ASP F 480 39.93 -46.67 14.45
C ASP F 480 41.44 -46.52 14.42
N HIS F 481 41.92 -45.29 14.29
CA HIS F 481 43.33 -45.07 14.03
C HIS F 481 44.19 -45.30 15.24
N ASP F 482 43.60 -45.24 16.41
CA ASP F 482 44.34 -45.40 17.67
C ASP F 482 44.81 -46.83 17.86
N ILE F 483 44.05 -47.81 17.34
CA ILE F 483 44.49 -49.21 17.36
C ILE F 483 45.90 -49.34 16.80
N TYR F 484 46.11 -48.69 15.67
CA TYR F 484 47.30 -48.88 14.84
C TYR F 484 48.41 -47.80 15.00
N ARG F 485 48.16 -46.73 15.76
CA ARG F 485 48.99 -45.50 15.66
C ARG F 485 50.48 -45.76 15.94
N ASP F 486 50.75 -46.44 17.04
CA ASP F 486 52.10 -46.70 17.46
C ASP F 486 52.86 -47.52 16.44
N GLU F 487 52.23 -48.60 16.00
CA GLU F 487 52.81 -49.45 14.97
C GLU F 487 53.18 -48.63 13.72
N ALA F 488 52.24 -47.80 13.27
CA ALA F 488 52.43 -47.04 12.04
C ALA F 488 53.50 -45.98 12.15
N LEU F 489 53.51 -45.23 13.25
CA LEU F 489 54.55 -44.24 13.51
C LEU F 489 55.91 -44.92 13.49
N ASN F 490 55.96 -46.11 14.04
CA ASN F 490 57.19 -46.88 14.06
C ASN F 490 57.67 -47.22 12.63
N ASN F 491 56.79 -47.57 11.71
CA ASN F 491 57.33 -47.86 10.37
C ASN F 491 57.56 -46.63 9.51
N ARG F 492 56.83 -45.56 9.79
CA ARG F 492 57.03 -44.29 9.09
C ARG F 492 58.35 -43.66 9.50
N PHE F 493 58.62 -43.63 10.80
CA PHE F 493 59.82 -42.94 11.30
C PHE F 493 60.94 -43.85 11.77
N GLN F 494 60.52 -44.94 12.43
CA GLN F 494 61.28 -45.85 13.34
C GLN F 494 61.27 -45.41 14.83
N ILE F 495 60.19 -44.75 15.32
CA ILE F 495 60.26 -44.08 16.64
C ILE F 495 59.19 -44.41 17.71
N LYS F 496 57.99 -43.86 17.59
CA LYS F 496 57.10 -43.81 18.78
C LYS F 496 57.57 -44.78 19.89
C1 NAG G . -3.25 29.35 -68.60
C2 NAG G . -1.89 29.02 -67.98
C3 NAG G . -2.34 28.03 -66.90
C4 NAG G . -3.00 28.87 -65.80
C5 NAG G . -4.22 29.63 -66.42
C6 NAG G . -4.97 30.64 -65.49
C7 NAG G . 0.45 28.34 -68.51
C8 NAG G . 1.48 27.90 -69.54
N2 NAG G . -0.82 28.59 -68.90
O1 NAG G . -3.15 29.88 -69.88
O3 NAG G . -1.39 27.04 -66.48
O4 NAG G . -3.33 28.03 -64.71
O5 NAG G . -3.87 30.24 -67.67
O6 NAG G . -4.21 31.69 -64.94
O7 NAG G . 0.83 28.42 -67.33
C1 GAL G . -1.89 25.74 -66.90
C2 GAL G . -0.72 24.79 -67.04
C3 GAL G . -1.10 23.32 -67.03
C4 GAL G . -2.12 23.06 -65.95
C5 GAL G . -3.30 23.99 -66.17
C6 GAL G . -4.38 23.74 -65.12
O2 GAL G . -0.05 24.95 -68.26
O3 GAL G . 0.14 22.70 -66.81
O4 GAL G . -1.54 23.27 -64.67
O5 GAL G . -2.85 25.29 -65.96
O6 GAL G . -5.68 23.84 -65.68
C1 SIA G . 1.48 20.88 -66.41
C2 SIA G . 0.24 21.30 -67.16
C3 SIA G . 0.49 21.29 -68.69
C4 SIA G . 0.59 19.87 -69.28
C5 SIA G . -0.53 18.98 -68.84
C6 SIA G . -0.72 19.02 -67.32
C7 SIA G . -1.95 18.23 -66.79
C8 SIA G . -2.16 18.54 -65.32
C9 SIA G . -3.12 17.59 -64.63
C10 SIA G . -1.07 16.73 -69.62
C11 SIA G . -0.51 15.41 -70.06
N5 SIA G . -0.16 17.64 -69.28
O1A SIA G . 2.50 21.51 -66.67
O1B SIA G . 1.41 19.99 -65.54
O4 SIA G . 0.52 19.89 -70.71
O6 SIA G . -0.80 20.39 -66.82
O7 SIA G . -3.15 18.57 -67.52
O8 SIA G . -0.91 18.41 -64.62
O9 SIA G . -3.36 18.02 -63.28
O10 SIA G . -2.27 16.97 -69.58
C1 NAG H . -9.81 -7.83 -72.02
C2 NAG H . -11.13 -8.47 -72.50
C3 NAG H . -11.19 -9.98 -72.27
C4 NAG H . -9.97 -10.65 -72.78
C5 NAG H . -8.72 -9.91 -72.38
C6 NAG H . -7.48 -10.56 -73.02
C7 NAG H . -13.20 -7.25 -72.87
C8 NAG H . -14.53 -6.79 -72.34
N2 NAG H . -12.43 -7.93 -72.07
O3 NAG H . -12.27 -10.49 -73.00
O4 NAG H . -9.99 -11.88 -72.10
O5 NAG H . -8.77 -8.52 -72.67
O6 NAG H . -7.30 -10.08 -74.33
O7 NAG H . -12.89 -6.95 -74.01
C1 NAG H . -9.85 -12.94 -73.05
C2 NAG H . -9.25 -14.12 -72.29
C3 NAG H . -9.16 -15.35 -73.20
C4 NAG H . -10.57 -15.72 -73.69
C5 NAG H . -11.04 -14.49 -74.47
C6 NAG H . -12.46 -14.73 -74.94
C7 NAG H . -7.69 -13.51 -70.46
C8 NAG H . -6.25 -13.28 -70.15
N2 NAG H . -7.94 -13.83 -71.73
O3 NAG H . -8.62 -16.38 -72.43
O4 NAG H . -10.65 -16.96 -74.41
O5 NAG H . -11.07 -13.29 -73.68
O6 NAG H . -12.85 -13.58 -75.65
O7 NAG H . -8.54 -13.40 -69.57
C1 NAG I . 33.01 -25.29 39.76
C2 NAG I . 32.29 -24.54 38.62
C3 NAG I . 31.12 -23.83 39.33
C4 NAG I . 30.18 -24.94 39.78
C5 NAG I . 30.95 -25.82 40.80
C6 NAG I . 30.12 -26.93 41.48
C7 NAG I . 32.93 -23.42 36.48
C8 NAG I . 33.87 -22.48 35.76
N2 NAG I . 33.13 -23.66 37.80
O1 NAG I . 34.26 -25.80 39.36
O3 NAG I . 30.55 -22.75 38.57
O4 NAG I . 28.98 -24.40 40.30
O5 NAG I . 32.14 -26.33 40.21
O6 NAG I . 29.57 -27.89 40.61
O7 NAG I . 32.02 -23.92 35.81
C1 GAL I . 30.80 -21.49 39.23
C2 GAL I . 30.84 -20.29 38.25
C3 GAL I . 30.38 -18.99 38.84
C4 GAL I . 29.31 -19.12 39.92
C5 GAL I . 29.64 -20.24 40.89
C6 GAL I . 28.49 -20.44 41.88
O2 GAL I . 32.12 -19.93 37.73
O3 GAL I . 29.89 -18.24 37.75
O4 GAL I . 28.04 -19.31 39.32
O5 GAL I . 29.73 -21.42 40.15
O6 GAL I . 29.05 -20.49 43.16
C1 SIA I . 29.35 -16.32 36.64
C2 SIA I . 30.20 -16.81 37.76
C3 SIA I . 31.66 -16.47 37.45
C4 SIA I . 32.10 -15.05 37.79
C5 SIA I . 31.50 -14.42 39.03
C6 SIA I . 30.01 -14.76 39.13
C7 SIA I . 29.31 -14.37 40.45
C8 SIA I . 27.84 -14.85 40.41
C9 SIA I . 26.98 -14.21 41.47
C10 SIA I . 31.98 -12.22 39.92
C11 SIA I . 32.22 -10.76 39.65
N5 SIA I . 31.74 -12.99 38.87
O1A SIA I . 29.62 -16.74 35.48
O1B SIA I . 28.39 -15.58 36.93
O4 SIA I . 33.49 -15.01 38.06
O6 SIA I . 29.83 -16.18 38.98
O7 SIA I . 29.96 -14.96 41.59
O8 SIA I . 27.18 -14.52 39.19
O9 SIA I . 25.79 -14.99 41.68
O10 SIA I . 31.98 -12.68 41.05
C1 NAG J . 30.45 10.77 52.21
C2 NAG J . 30.88 11.25 53.58
C3 NAG J . 30.31 12.63 53.78
C4 NAG J . 30.81 13.54 52.70
C5 NAG J . 30.51 12.97 51.34
C6 NAG J . 30.98 13.90 50.19
C7 NAG J . 31.31 9.85 55.55
C8 NAG J . 30.78 9.06 56.71
N2 NAG J . 30.47 10.45 54.72
O3 NAG J . 30.70 13.07 55.06
O4 NAG J . 29.87 14.58 52.82
O5 NAG J . 31.00 11.65 51.22
O6 NAG J . 32.38 13.94 50.02
O7 NAG J . 32.50 9.92 55.39
C1 NAG J . 30.55 15.83 52.98
C2 NAG J . 29.68 17.01 52.56
C3 NAG J . 30.48 18.32 52.63
C4 NAG J . 31.09 18.43 54.04
C5 NAG J . 32.01 17.20 54.06
C6 NAG J . 33.19 17.25 55.00
C7 NAG J . 28.02 16.35 50.84
C8 NAG J . 27.79 16.25 49.37
N2 NAG J . 29.22 16.82 51.20
O3 NAG J . 29.62 19.39 52.31
O4 NAG J . 31.71 19.65 54.40
O5 NAG J . 31.10 16.09 54.28
O6 NAG J . 32.77 16.78 56.25
O7 NAG J . 27.12 16.02 51.63
C1 NAG K . 0.74 -17.81 78.07
C2 NAG K . 0.23 -18.19 76.68
C3 NAG K . 0.08 -17.04 75.69
C4 NAG K . -0.26 -15.71 76.37
C5 NAG K . 0.60 -15.52 77.66
C6 NAG K . 0.46 -14.18 78.37
C7 NAG K . 1.08 -20.26 75.68
C8 NAG K . 2.25 -20.94 75.00
N2 NAG K . 1.24 -19.00 76.04
O1 NAG K . 0.29 -18.80 78.94
O3 NAG K . -0.75 -17.40 74.56
O4 NAG K . -0.03 -14.71 75.39
O5 NAG K . 0.28 -16.56 78.56
O6 NAG K . -0.88 -14.09 78.77
O7 NAG K . 0.02 -20.85 75.92
C1 GAL K . 0.02 -17.62 73.34
C2 GAL K . -0.82 -18.16 72.15
C3 GAL K . -0.10 -18.09 70.81
C4 GAL K . 0.72 -16.80 70.64
C5 GAL K . 1.57 -16.49 71.85
C6 GAL K . 2.20 -15.08 71.62
O2 GAL K . -1.18 -19.51 72.27
O3 GAL K . -1.10 -18.18 69.81
O4 GAL K . -0.13 -15.70 70.47
O5 GAL K . 0.67 -16.43 72.93
O6 GAL K . 2.87 -14.66 72.78
C1 SIA K . -2.00 -18.86 67.80
C2 SIA K . -0.76 -19.02 68.69
C3 SIA K . -0.51 -20.53 68.97
C4 SIA K . -0.20 -21.28 67.69
C5 SIA K . 1.02 -20.63 67.04
C6 SIA K . 0.79 -19.11 66.83
C7 SIA K . 1.94 -18.34 66.21
C8 SIA K . 1.70 -16.83 66.30
C9 SIA K . 2.65 -16.01 65.44
C10 SIA K . 2.30 -21.53 65.20
C11 SIA K . 2.20 -22.23 63.89
N5 SIA K . 1.13 -21.30 65.76
O1A SIA K . -1.90 -18.30 66.71
O1B SIA K . -3.12 -19.29 68.19
O4 SIA K . 0.01 -22.67 67.89
O6 SIA K . 0.39 -18.46 68.05
O7 SIA K . 3.15 -18.75 66.81
O8 SIA K . 0.41 -16.48 65.82
O9 SIA K . 2.39 -14.61 65.63
O10 SIA K . 3.37 -21.17 65.68
C1 NAG L . -45.50 7.56 21.00
C2 NAG L . -46.40 6.61 20.20
C3 NAG L . -46.02 5.10 20.38
C4 NAG L . -44.50 4.94 20.22
C5 NAG L . -43.72 6.04 20.92
C6 NAG L . -42.25 6.02 20.53
C7 NAG L . -48.50 7.34 19.14
C8 NAG L . -49.94 7.77 19.22
N2 NAG L . -47.83 7.00 20.28
O3 NAG L . -46.52 4.24 19.35
O4 NAG L . -44.08 3.64 20.63
O5 NAG L . -44.18 7.33 20.59
O6 NAG L . -42.06 5.93 19.14
O7 NAG L . -47.96 7.34 18.00
C1 NAG L . -43.63 2.81 19.54
C2 NAG L . -42.84 1.65 20.12
C3 NAG L . -42.41 0.65 19.05
C4 NAG L . -43.54 0.21 18.12
C5 NAG L . -44.23 1.50 17.65
C6 NAG L . -45.39 1.19 16.71
C7 NAG L . -41.58 2.60 22.00
C8 NAG L . -40.23 3.12 22.46
N2 NAG L . -41.64 2.19 20.73
O3 NAG L . -41.87 -0.48 19.69
O4 NAG L . -43.05 -0.63 17.06
O5 NAG L . -44.69 2.28 18.77
O6 NAG L . -46.37 0.49 17.45
O7 NAG L . -42.54 2.56 22.79
C1 NAG M . 17.58 -24.92 44.71
C2 NAG M . 19.06 -25.19 44.57
C3 NAG M . 19.57 -24.97 43.19
C4 NAG M . 18.76 -25.89 42.31
C5 NAG M . 17.24 -25.55 42.42
C6 NAG M . 16.27 -26.58 41.77
C7 NAG M . 20.61 -24.71 46.37
C8 NAG M . 21.30 -23.62 47.15
N2 NAG M . 19.81 -24.29 45.39
O3 NAG M . 20.93 -25.35 43.26
O4 NAG M . 19.35 -25.69 41.06
O5 NAG M . 16.78 -25.50 43.74
O6 NAG M . 16.71 -27.88 42.04
O7 NAG M . 20.79 -25.92 46.62
C1 NAG M . 18.97 -26.61 40.03
C2 NAG M . 18.86 -26.22 38.56
C3 NAG M . 19.31 -27.19 37.48
C4 NAG M . 20.71 -27.72 37.77
C5 NAG M . 20.73 -28.13 39.26
C6 NAG M . 22.11 -28.62 39.70
C7 NAG M . 17.11 -24.60 38.26
C8 NAG M . 15.69 -24.33 37.89
N2 NAG M . 17.49 -25.86 38.22
O3 NAG M . 19.21 -26.42 36.31
O4 NAG M . 21.07 -28.74 36.87
O5 NAG M . 20.36 -26.96 40.02
O6 NAG M . 23.00 -27.51 39.71
O7 NAG M . 17.89 -23.68 38.61
C1 NAG N . -25.57 41.43 21.12
C2 NAG N . -26.69 42.29 21.70
C3 NAG N . -26.57 42.41 23.22
C4 NAG N . -26.46 41.00 23.77
C5 NAG N . -25.37 40.19 23.07
C6 NAG N . -25.40 38.72 23.46
C7 NAG N . -27.52 44.00 20.18
C8 NAG N . -27.22 45.37 19.61
N2 NAG N . -26.62 43.58 21.06
O3 NAG N . -27.72 43.04 23.74
O4 NAG N . -26.16 41.06 25.14
O5 NAG N . -25.69 40.19 21.71
O6 NAG N . -26.72 38.19 23.34
O7 NAG N . -28.53 43.36 19.86
C1 NAG N . -27.09 40.30 25.94
C2 NAG N . -26.44 40.07 27.30
C3 NAG N . -27.47 39.43 28.22
C4 NAG N . -28.68 40.35 28.34
C5 NAG N . -29.27 40.62 26.95
C6 NAG N . -30.35 41.71 26.99
C7 NAG N . -24.02 39.85 27.07
C8 NAG N . -22.77 39.00 27.01
N2 NAG N . -25.22 39.28 27.22
O3 NAG N . -26.89 39.20 29.47
O4 NAG N . -29.66 39.82 29.23
O5 NAG N . -28.30 41.02 26.00
O6 NAG N . -29.70 42.96 27.22
O7 NAG N . -23.90 41.06 26.95
C1 BMA N . -29.51 40.34 30.58
C2 BMA N . -30.91 40.51 31.16
C3 BMA N . -30.73 40.99 32.59
C4 BMA N . -30.02 39.87 33.38
C5 BMA N . -28.59 39.66 32.84
C6 BMA N . -27.89 38.41 33.50
O2 BMA N . -31.64 39.30 31.09
O3 BMA N . -31.97 41.46 33.12
O4 BMA N . -29.98 40.15 34.76
O5 BMA N . -28.64 39.54 31.41
O6 BMA N . -26.48 38.43 33.77
C1 NAG O . 2.11 -3.68 73.61
C2 NAG O . 2.16 -4.90 74.50
C3 NAG O . 0.98 -5.78 74.21
C4 NAG O . -0.28 -4.98 74.41
C5 NAG O . -0.28 -3.67 73.60
C6 NAG O . -1.31 -2.68 74.09
C7 NAG O . 4.33 -5.86 75.18
C8 NAG O . 5.55 -6.65 74.84
N2 NAG O . 3.38 -5.67 74.25
O3 NAG O . 0.98 -6.85 75.13
O4 NAG O . -1.37 -5.85 74.12
O5 NAG O . 0.91 -2.96 73.78
O6 NAG O . -1.15 -2.50 75.49
O7 NAG O . 4.22 -5.39 76.29
C1 NAG O . -2.33 -5.88 75.20
C2 NAG O . -3.61 -6.04 74.39
C3 NAG O . -4.84 -6.62 75.09
C4 NAG O . -4.49 -7.93 75.78
C5 NAG O . -3.34 -7.59 76.74
C6 NAG O . -2.84 -8.84 77.46
C7 NAG O . -3.84 -4.81 72.36
C8 NAG O . -4.33 -3.53 71.73
N2 NAG O . -3.98 -4.83 73.68
O3 NAG O . -5.88 -6.73 74.14
O4 NAG O . -5.64 -8.51 76.40
O5 NAG O . -2.17 -6.95 76.14
O6 NAG O . -1.84 -9.48 76.68
O7 NAG O . -3.34 -5.78 71.68
C1 NAG P . -40.49 11.98 -39.68
C2 NAG P . -39.20 12.61 -39.12
C3 NAG P . -37.98 11.69 -39.20
C4 NAG P . -38.26 10.19 -39.20
C5 NAG P . -39.47 9.96 -40.08
C6 NAG P . -39.74 8.48 -40.33
C7 NAG P . -38.55 14.95 -39.59
C8 NAG P . -38.14 15.95 -40.66
N2 NAG P . -38.81 13.71 -39.99
O1 NAG P . -41.57 12.61 -39.05
O3 NAG P . -36.98 12.08 -38.26
O4 NAG P . -37.16 9.51 -39.76
O5 NAG P . -40.57 10.59 -39.44
O6 NAG P . -41.13 8.35 -40.45
O7 NAG P . -38.66 15.30 -38.41
C1 GAL P . -35.79 12.50 -38.99
C2 GAL P . -34.72 12.89 -37.97
C3 GAL P . -33.39 13.16 -38.62
C4 GAL P . -33.00 12.01 -39.55
C5 GAL P . -34.11 11.72 -40.56
C6 GAL P . -33.71 10.46 -41.33
O2 GAL P . -35.00 14.08 -37.31
O3 GAL P . -32.52 13.28 -37.51
O4 GAL P . -32.72 10.85 -38.80
O5 GAL P . -35.28 11.47 -39.85
O6 GAL P . -34.59 10.15 -42.38
C1 SIA P . -30.61 14.02 -36.48
C2 SIA P . -31.47 14.25 -37.67
C3 SIA P . -31.98 15.74 -37.73
C4 SIA P . -30.82 16.72 -37.85
C5 SIA P . -30.07 16.37 -39.13
C6 SIA P . -29.60 14.90 -39.14
C7 SIA P . -28.95 14.44 -40.45
C8 SIA P . -28.81 12.92 -40.44
C9 SIA P . -27.96 12.44 -41.62
C10 SIA P . -28.36 17.69 -40.15
C11 SIA P . -27.18 18.55 -39.93
N5 SIA P . -28.91 17.21 -39.06
O1A SIA P . -29.56 13.43 -36.66
O1B SIA P . -30.94 14.38 -35.34
O4 SIA P . -31.22 18.12 -37.80
O6 SIA P . -30.64 13.93 -38.81
O7 SIA P . -29.67 14.85 -41.61
O8 SIA P . -28.18 12.48 -39.22
O9 SIA P . -27.73 11.04 -41.43
O10 SIA P . -28.78 17.42 -41.26
C1 NAG Q . 18.49 -11.51 5.06
C2 NAG Q . 19.14 -10.53 6.05
C3 NAG Q . 18.73 -9.06 5.87
C4 NAG Q . 18.87 -8.66 4.43
C5 NAG Q . 18.34 -9.72 3.45
C6 NAG Q . 18.84 -9.45 2.04
C7 NAG Q . 20.09 -11.38 8.12
C8 NAG Q . 19.89 -11.96 9.49
N2 NAG Q . 19.00 -11.08 7.40
O3 NAG Q . 19.65 -8.21 6.52
O4 NAG Q . 18.20 -7.42 4.25
O5 NAG Q . 18.74 -11.06 3.74
O6 NAG Q . 20.22 -9.13 2.01
O7 NAG Q . 21.24 -11.17 7.69
C1 NAG Q . 19.08 -6.29 3.97
C2 NAG Q . 18.31 -5.13 3.31
C3 NAG Q . 19.32 -4.04 2.95
C4 NAG Q . 20.08 -3.58 4.22
C5 NAG Q . 20.74 -4.84 4.83
C6 NAG Q . 21.62 -4.58 6.05
C7 NAG Q . 16.59 -6.28 1.92
C8 NAG Q . 16.30 -6.76 0.52
N2 NAG Q . 17.78 -5.66 2.08
O3 NAG Q . 18.75 -2.96 2.23
O4 NAG Q . 20.98 -2.49 3.96
O5 NAG Q . 19.75 -5.82 5.13
O6 NAG Q . 20.93 -3.88 7.05
O7 NAG Q . 15.74 -6.50 2.80
C1 NAG R . -8.07 26.26 -53.89
C2 NAG R . -8.01 26.85 -55.28
C3 NAG R . -6.56 26.94 -55.69
C4 NAG R . -5.79 27.71 -54.65
C5 NAG R . -5.96 27.00 -53.30
C6 NAG R . -5.19 27.65 -52.16
C7 NAG R . -9.63 26.25 -56.96
C8 NAG R . -10.20 25.19 -57.88
N2 NAG R . -8.60 25.91 -56.20
O3 NAG R . -6.52 27.56 -56.96
O4 NAG R . -4.42 27.62 -55.00
O5 NAG R . -7.33 26.95 -52.95
O6 NAG R . -5.75 28.93 -52.02
O7 NAG R . -10.14 27.36 -56.90
C1 NAG R . -3.76 28.90 -55.02
C2 NAG R . -2.29 28.66 -54.75
C3 NAG R . -1.44 29.92 -55.03
C4 NAG R . -1.78 30.53 -56.41
C5 NAG R . -3.30 30.76 -56.49
C6 NAG R . -3.77 31.20 -57.87
C7 NAG R . -1.70 26.95 -53.14
C8 NAG R . -1.40 26.51 -51.74
N2 NAG R . -2.02 28.21 -53.38
O3 NAG R . -0.11 29.49 -54.92
O4 NAG R . -1.04 31.69 -56.72
O5 NAG R . -3.94 29.51 -56.28
O6 NAG R . -3.54 30.11 -58.76
O7 NAG R . -1.64 26.16 -54.07
C1 NAG S . 23.99 -41.60 -19.54
C2 NAG S . 23.44 -42.74 -18.69
C3 NAG S . 21.98 -43.03 -18.90
C4 NAG S . 21.23 -41.72 -18.81
C5 NAG S . 21.87 -40.58 -19.63
C6 NAG S . 21.22 -39.21 -19.36
C7 NAG S . 25.03 -44.42 -18.01
C8 NAG S . 25.74 -45.67 -18.42
N2 NAG S . 24.19 -43.96 -18.92
O3 NAG S . 21.53 -43.86 -17.85
O4 NAG S . 19.93 -42.00 -19.23
O5 NAG S . 23.21 -40.46 -19.26
O6 NAG S . 21.28 -38.89 -17.97
O7 NAG S . 25.21 -43.86 -16.91
C1 NAG S . 19.01 -41.53 -18.24
C2 NAG S . 17.66 -41.31 -18.93
C3 NAG S . 16.62 -41.00 -17.87
C4 NAG S . 16.56 -42.10 -16.84
C5 NAG S . 17.96 -42.23 -16.19
C6 NAG S . 18.04 -43.35 -15.15
C7 NAG S . 17.90 -40.54 -21.22
C8 NAG S . 18.03 -39.45 -22.25
N2 NAG S . 17.78 -40.24 -19.92
O3 NAG S . 15.33 -40.73 -18.39
O4 NAG S . 15.61 -41.63 -15.93
O5 NAG S . 18.98 -42.43 -17.14
O6 NAG S . 18.01 -44.59 -15.82
O7 NAG S . 17.89 -41.71 -21.59
C1 BMA S . 14.65 -42.60 -15.50
C2 BMA S . 14.42 -42.20 -14.04
C3 BMA S . 13.47 -43.23 -13.40
C4 BMA S . 12.23 -43.58 -14.27
C5 BMA S . 12.32 -43.32 -15.79
C6 BMA S . 11.07 -42.56 -16.26
O2 BMA S . 14.16 -40.79 -13.88
O3 BMA S . 13.12 -42.91 -12.05
O4 BMA S . 11.85 -44.94 -14.05
O5 BMA S . 13.47 -42.64 -16.31
O6 BMA S . 11.24 -42.18 -17.61
C1 NAG T . -33.98 -0.81 -43.09
C2 NAG T . -34.99 0.32 -42.99
C3 NAG T . -34.95 1.00 -41.64
C4 NAG T . -34.95 -0.05 -40.54
C5 NAG T . -33.92 -1.17 -40.77
C6 NAG T . -34.15 -2.37 -39.89
C7 NAG T . -35.64 1.50 -45.08
C8 NAG T . -35.37 2.55 -46.07
N2 NAG T . -34.79 1.32 -44.04
O3 NAG T . -36.14 1.76 -41.45
O4 NAG T . -34.81 0.63 -39.29
O5 NAG T . -34.08 -1.70 -42.03
O6 NAG T . -35.52 -2.70 -40.00
O7 NAG T . -36.67 0.85 -45.27
C1 NAG T . -35.94 0.39 -38.43
C2 NAG T . -35.26 0.51 -37.09
C3 NAG T . -36.21 0.73 -35.93
C4 NAG T . -37.08 1.95 -36.19
C5 NAG T . -37.86 1.65 -37.47
C6 NAG T . -38.72 2.86 -37.88
C7 NAG T . -33.02 -0.45 -36.85
C8 NAG T . -32.25 -1.70 -36.52
N2 NAG T . -34.35 -0.62 -36.83
O3 NAG T . -35.41 0.80 -34.78
O4 NAG T . -37.93 2.23 -35.07
O5 NAG T . -37.04 1.29 -38.61
O6 NAG T . -37.92 3.95 -38.35
O7 NAG T . -32.42 0.64 -37.13
C1 NAG U . 45.97 -9.39 -23.29
C2 NAG U . 47.27 -9.71 -24.02
C3 NAG U . 47.14 -9.62 -25.56
C4 NAG U . 46.06 -10.61 -26.09
C5 NAG U . 44.75 -10.22 -25.35
C6 NAG U . 43.72 -11.35 -25.54
C7 NAG U . 49.17 -9.32 -22.56
C8 NAG U . 50.10 -8.34 -21.91
N2 NAG U . 48.24 -8.84 -23.37
O3 NAG U . 48.36 -9.99 -26.09
O4 NAG U . 45.93 -10.82 -27.54
O5 NAG U . 44.85 -10.06 -23.91
O6 NAG U . 44.17 -12.59 -25.01
O7 NAG U . 49.29 -10.53 -22.33
C1 NAG V . 25.91 7.30 -34.23
C2 NAG V . 26.60 7.96 -33.01
C3 NAG V . 25.58 8.43 -31.94
C4 NAG V . 24.43 9.23 -32.57
C5 NAG V . 23.80 8.35 -33.66
C6 NAG V . 22.60 9.02 -34.34
C7 NAG V . 28.99 7.19 -32.74
C8 NAG V . 29.96 6.33 -31.94
N2 NAG V . 27.67 7.17 -32.36
O3 NAG V . 26.21 9.21 -30.95
O4 NAG V . 23.48 9.70 -31.63
O5 NAG V . 24.77 8.02 -34.65
O6 NAG V . 23.00 9.63 -35.55
O7 NAG V . 29.47 7.85 -33.66
C1 NAG W . -16.31 13.54 -5.01
C2 NAG W . -15.83 14.32 -6.23
C3 NAG W . -14.32 14.63 -6.27
C4 NAG W . -13.87 15.33 -4.97
C5 NAG W . -14.44 14.61 -3.74
C6 NAG W . -14.39 15.57 -2.55
C7 NAG W . -16.97 14.21 -8.42
C8 NAG W . -17.46 13.26 -9.49
N2 NAG W . -16.34 13.61 -7.40
O3 NAG W . -14.14 15.54 -7.33
O4 NAG W . -12.44 15.58 -4.82
O5 NAG W . -15.80 14.14 -3.83
O6 NAG W . -14.99 16.80 -2.93
O7 NAG W . -17.14 15.45 -8.53
C1 NAG X . -3.67 -4.08 12.77
C2 NAG X . -4.79 -4.77 11.94
C3 NAG X . -5.79 -5.54 12.81
C4 NAG X . -5.07 -6.36 13.88
C5 NAG X . -4.18 -5.39 14.68
C6 NAG X . -3.52 -5.99 15.94
C7 NAG X . -5.26 -3.74 9.71
C8 NAG X . -6.09 -2.79 8.85
N2 NAG X . -5.54 -3.86 11.05
O3 NAG X . -6.58 -6.36 11.97
O4 NAG X . -6.05 -7.01 14.69
O5 NAG X . -3.18 -4.87 13.83
O6 NAG X . -2.27 -6.52 15.64
O7 NAG X . -4.36 -4.34 9.12
C1 NAG Y . -28.41 3.65 43.52
C2 NAG Y . -29.46 4.77 43.75
C3 NAG Y . -28.79 6.07 44.21
C4 NAG Y . -28.11 5.78 45.53
C5 NAG Y . -27.11 4.63 45.38
C6 NAG Y . -26.84 4.05 46.76
C7 NAG Y . -31.57 4.51 42.44
C8 NAG Y . -32.38 4.99 41.25
N2 NAG Y . -30.38 5.09 42.65
O3 NAG Y . -29.77 7.05 44.39
O4 NAG Y . -27.51 6.95 46.06
O5 NAG Y . -27.52 3.51 44.61
O6 NAG Y . -25.78 3.15 46.61
O7 NAG Y . -32.03 3.62 43.15
C1 NAG Z . -1.40 31.21 32.11
C2 NAG Z . -1.22 31.97 30.77
C3 NAG Z . -0.53 31.09 29.71
C4 NAG Z . 0.69 30.41 30.33
C5 NAG Z . 0.10 29.56 31.47
C6 NAG Z . 0.97 28.43 31.97
C7 NAG Z . -2.79 33.93 30.43
C8 NAG Z . -4.13 34.44 29.97
N2 NAG Z . -2.49 32.60 30.31
O3 NAG Z . -0.12 31.83 28.59
O4 NAG Z . 1.47 29.71 29.36
O5 NAG Z . -0.27 30.47 32.50
O6 NAG Z . 1.41 28.72 33.29
O7 NAG Z . -2.02 34.78 30.91
C1 NAG AA . -3.98 -8.17 -12.52
C2 NAG AA . -4.11 -9.38 -11.58
C3 NAG AA . -4.31 -10.61 -12.47
C4 NAG AA . -5.60 -10.47 -13.28
C5 NAG AA . -5.61 -9.15 -14.08
C6 NAG AA . -7.04 -8.88 -14.56
C7 NAG AA . -3.06 -9.17 -9.27
C8 NAG AA . -1.85 -9.44 -8.44
N2 NAG AA . -3.01 -9.53 -10.57
O3 NAG AA . -4.33 -11.81 -11.73
O4 NAG AA . -5.80 -11.59 -14.15
O5 NAG AA . -5.11 -8.00 -13.37
O6 NAG AA . -7.20 -7.56 -15.02
O7 NAG AA . -4.03 -8.64 -8.70
C1 NAG BA . 12.09 -29.51 -42.43
C2 NAG BA . 13.50 -30.12 -42.70
C3 NAG BA . 14.43 -28.97 -43.16
C4 NAG BA . 13.82 -28.31 -44.40
C5 NAG BA . 12.47 -27.74 -43.92
C6 NAG BA . 11.75 -26.85 -44.93
C7 NAG BA . 14.16 -32.29 -41.60
C8 NAG BA . 14.64 -32.99 -40.36
N2 NAG BA . 14.00 -30.94 -41.56
O3 NAG BA . 15.73 -29.40 -43.45
O4 NAG BA . 14.72 -27.36 -44.99
O5 NAG BA . 11.60 -28.80 -43.56
O6 NAG BA . 10.48 -27.41 -45.18
O7 NAG BA . 13.95 -33.00 -42.58
#